data_3KQU
#
_entry.id   3KQU
#
_cell.length_a   116.534
_cell.length_b   116.467
_cell.length_c   71.114
_cell.angle_alpha   90.000
_cell.angle_beta   90.000
_cell.angle_gamma   119.970
#
_symmetry.space_group_name_H-M   'P 1'
#
loop_
_entity.id
_entity.type
_entity.pdbx_description
1 polymer 'Serine protease/NTPase/helicase NS3'
2 polymer "5'-D(*T*TP*TP*TP*TP*TP*TP*TP*TP*TP*TP*TP*TP*TP*TP*TP*TP*TP*T)-3'"
3 non-polymer 'BERYLLIUM TRIFLUORIDE ION'
4 non-polymer "ADENOSINE-5'-DIPHOSPHATE"
5 non-polymer 'MANGANESE (II) ION'
6 water water
#
loop_
_entity_poly.entity_id
_entity_poly.type
_entity_poly.pdbx_seq_one_letter_code
_entity_poly.pdbx_strand_id
1 'polypeptide(L)'
;SPPAVPQTFQVAHLHAPTGSGKSTKVPAAYAAQGYKVLVLNPSVAATLGFGAYMSKAHGIDPNIRTGVRTITTGAPITYS
TYGKFLADGGCSGGAYDIIICDECHSTDSTTILGIGTVLDQAETAGARLVVLATATPPGSVTVPHPNIEEVALSSTGEIP
FYGKAIPIETIKGGRHLIFCHSKKKCDELAAKLSGLGLNAVAYYRGLDVSVIPTSGDVIVVATDALMTGFTGDFDSVIDC
NTCVTQTVDFSLDPTFTIETTTVPQDAVSRSQRRGRTGRGRMGIYRFVTPGERPSGMFDSSVLCECYDAGCAWYELTPAE
TSVRLRAYLNTPGLPVCQDHLEFWESVFTGLTHIDAHFLSQTKQAGDNFPYLVAYQATVCARAQAPPPSWDQMWKCLIRL
KPTLHGPTPLLYRLGAVQNEVTTTHPITKYIMACMSA
;
A,B,C,D,E,F
2 'polydeoxyribonucleotide' (DT)(DT)(DT)(DT)(DT)(DT)(DT)(DT)(DT)(DT)(DT)(DT)(DT)(DT)(DT)(DT)(DT)(DT)(DT) M,N
#
# COMPACT_ATOMS: atom_id res chain seq x y z
N SER A 1 -16.58 -37.71 -62.35
CA SER A 1 -16.37 -37.21 -60.96
C SER A 1 -14.99 -36.56 -60.77
N PRO A 2 -13.91 -37.23 -61.20
CA PRO A 2 -12.55 -36.67 -61.05
C PRO A 2 -12.39 -35.30 -61.67
N PRO A 3 -11.80 -34.34 -60.91
CA PRO A 3 -11.59 -32.98 -61.38
C PRO A 3 -10.68 -32.95 -62.62
N ALA A 4 -11.05 -32.16 -63.61
CA ALA A 4 -10.24 -32.07 -64.83
C ALA A 4 -8.97 -31.27 -64.56
N VAL A 5 -7.87 -31.68 -65.18
CA VAL A 5 -6.61 -30.97 -64.98
C VAL A 5 -6.64 -29.62 -65.66
N PRO A 6 -6.66 -28.53 -64.89
CA PRO A 6 -6.68 -27.18 -65.44
C PRO A 6 -5.35 -26.74 -66.04
N GLN A 7 -5.36 -25.61 -66.74
CA GLN A 7 -4.14 -25.10 -67.37
C GLN A 7 -3.32 -24.29 -66.37
N THR A 8 -3.96 -23.89 -65.28
CA THR A 8 -3.31 -23.13 -64.22
C THR A 8 -3.66 -23.80 -62.90
N PHE A 9 -2.79 -23.65 -61.90
CA PHE A 9 -3.01 -24.25 -60.59
C PHE A 9 -4.44 -24.17 -60.06
N GLN A 10 -4.87 -25.24 -59.41
CA GLN A 10 -6.21 -25.30 -58.86
C GLN A 10 -6.37 -26.46 -57.88
N VAL A 11 -7.06 -26.20 -56.78
CA VAL A 11 -7.30 -27.20 -55.75
C VAL A 11 -8.76 -27.63 -55.84
N ALA A 12 -9.00 -28.91 -56.08
CA ALA A 12 -10.36 -29.42 -56.20
C ALA A 12 -10.64 -30.52 -55.18
N HIS A 13 -11.90 -30.88 -55.04
CA HIS A 13 -12.32 -31.93 -54.10
C HIS A 13 -12.86 -33.13 -54.84
N LEU A 14 -12.72 -34.29 -54.23
CA LEU A 14 -13.21 -35.54 -54.79
C LEU A 14 -13.84 -36.30 -53.62
N HIS A 15 -15.15 -36.52 -53.70
CA HIS A 15 -15.90 -37.23 -52.66
C HIS A 15 -16.61 -38.43 -53.26
N ALA A 16 -16.31 -39.62 -52.75
CA ALA A 16 -16.93 -40.83 -53.22
C ALA A 16 -16.88 -41.85 -52.09
N PRO A 17 -17.89 -42.72 -52.00
CA PRO A 17 -17.96 -43.75 -50.96
C PRO A 17 -16.70 -44.59 -50.77
N THR A 18 -16.58 -45.25 -49.61
CA THR A 18 -15.43 -46.09 -49.36
C THR A 18 -15.42 -47.27 -50.31
N GLY A 19 -14.24 -47.54 -50.87
CA GLY A 19 -14.08 -48.65 -51.78
C GLY A 19 -14.42 -48.34 -53.23
N SER A 20 -14.84 -47.10 -53.54
CA SER A 20 -15.21 -46.78 -54.91
C SER A 20 -13.99 -46.74 -55.85
N GLY A 21 -12.82 -46.43 -55.31
CA GLY A 21 -11.61 -46.40 -56.12
C GLY A 21 -10.89 -45.07 -56.22
N LYS A 22 -11.11 -44.19 -55.26
CA LYS A 22 -10.48 -42.87 -55.27
C LYS A 22 -8.97 -42.95 -55.20
N SER A 23 -8.45 -43.99 -54.55
CA SER A 23 -7.01 -44.14 -54.39
C SER A 23 -6.36 -45.04 -55.42
N THR A 24 -7.17 -45.68 -56.27
CA THR A 24 -6.62 -46.57 -57.28
C THR A 24 -7.05 -46.23 -58.70
N LYS A 25 -8.33 -46.34 -59.01
CA LYS A 25 -8.82 -46.04 -60.34
C LYS A 25 -8.49 -44.59 -60.75
N VAL A 26 -8.90 -43.64 -59.93
CA VAL A 26 -8.67 -42.23 -60.22
C VAL A 26 -7.23 -41.91 -60.60
N PRO A 27 -6.26 -42.18 -59.70
CA PRO A 27 -4.88 -41.86 -60.08
C PRO A 27 -4.43 -42.59 -61.34
N ALA A 28 -5.01 -43.74 -61.62
CA ALA A 28 -4.65 -44.48 -62.83
C ALA A 28 -5.17 -43.69 -64.04
N ALA A 29 -6.44 -43.34 -64.02
CA ALA A 29 -7.04 -42.59 -65.11
C ALA A 29 -6.24 -41.32 -65.44
N TYR A 30 -5.68 -40.67 -64.42
CA TYR A 30 -4.91 -39.46 -64.67
C TYR A 30 -3.60 -39.83 -65.37
N ALA A 31 -3.00 -40.93 -64.94
CA ALA A 31 -1.75 -41.37 -65.53
C ALA A 31 -2.01 -41.69 -67.01
N ALA A 32 -3.16 -42.28 -67.29
CA ALA A 32 -3.52 -42.63 -68.64
C ALA A 32 -3.55 -41.41 -69.56
N GLN A 33 -3.77 -40.22 -69.00
CA GLN A 33 -3.81 -39.00 -69.80
C GLN A 33 -2.41 -38.40 -69.93
N GLY A 34 -1.40 -39.17 -69.56
CA GLY A 34 -0.03 -38.69 -69.65
C GLY A 34 0.42 -37.74 -68.55
N TYR A 35 -0.20 -37.89 -67.37
CA TYR A 35 0.14 -37.06 -66.22
C TYR A 35 0.96 -37.82 -65.17
N LYS A 36 1.80 -37.07 -64.45
CA LYS A 36 2.60 -37.66 -63.37
C LYS A 36 1.81 -37.39 -62.07
N VAL A 37 1.45 -38.47 -61.37
CA VAL A 37 0.64 -38.32 -60.16
C VAL A 37 1.26 -38.81 -58.84
N LEU A 38 1.13 -37.99 -57.81
CA LEU A 38 1.62 -38.33 -56.45
C LEU A 38 0.38 -38.53 -55.58
N VAL A 39 0.31 -39.66 -54.89
CA VAL A 39 -0.82 -39.95 -54.01
C VAL A 39 -0.32 -40.06 -52.57
N LEU A 40 -0.73 -39.12 -51.73
CA LEU A 40 -0.34 -39.11 -50.33
C LEU A 40 -1.43 -39.74 -49.47
N ASN A 41 -1.06 -40.75 -48.69
CA ASN A 41 -2.00 -41.46 -47.84
C ASN A 41 -1.46 -41.53 -46.41
N PRO A 42 -2.32 -41.38 -45.41
CA PRO A 42 -1.81 -41.44 -44.04
C PRO A 42 -1.41 -42.84 -43.55
N SER A 43 -1.94 -43.89 -44.16
CA SER A 43 -1.66 -45.26 -43.76
C SER A 43 -0.47 -45.93 -44.41
N VAL A 44 0.39 -46.55 -43.58
CA VAL A 44 1.55 -47.26 -44.12
C VAL A 44 1.04 -48.56 -44.70
N ALA A 45 0.09 -49.17 -44.00
CA ALA A 45 -0.48 -50.42 -44.48
C ALA A 45 -1.16 -50.22 -45.85
N ALA A 46 -1.91 -49.15 -46.02
CA ALA A 46 -2.58 -48.91 -47.29
C ALA A 46 -1.59 -48.62 -48.42
N THR A 47 -0.66 -47.70 -48.17
CA THR A 47 0.35 -47.34 -49.15
C THR A 47 1.05 -48.57 -49.70
N LEU A 48 1.59 -49.42 -48.83
CA LEU A 48 2.27 -50.63 -49.30
C LEU A 48 1.29 -51.49 -50.08
N GLY A 49 0.03 -51.48 -49.64
CA GLY A 49 -1.01 -52.26 -50.29
C GLY A 49 -1.28 -51.84 -51.72
N PHE A 50 -1.13 -50.55 -52.02
CA PHE A 50 -1.34 -50.09 -53.37
C PHE A 50 -0.28 -50.66 -54.31
N GLY A 51 0.93 -50.86 -53.78
CA GLY A 51 2.01 -51.39 -54.58
C GLY A 51 1.65 -52.69 -55.25
N ALA A 52 1.31 -53.68 -54.44
CA ALA A 52 0.93 -54.98 -54.95
C ALA A 52 -0.33 -54.93 -55.81
N TYR A 53 -1.39 -54.31 -55.28
CA TYR A 53 -2.65 -54.26 -56.02
C TYR A 53 -2.58 -53.56 -57.37
N MET A 54 -2.04 -52.36 -57.42
CA MET A 54 -1.94 -51.64 -58.67
C MET A 54 -1.14 -52.48 -59.68
N SER A 55 -0.24 -53.30 -59.15
CA SER A 55 0.60 -54.15 -59.98
C SER A 55 -0.23 -55.18 -60.73
N LYS A 56 -0.89 -56.08 -60.00
CA LYS A 56 -1.68 -57.13 -60.64
C LYS A 56 -3.11 -56.77 -61.01
N ALA A 57 -3.50 -55.52 -60.92
CA ALA A 57 -4.87 -55.17 -61.26
C ALA A 57 -4.95 -53.98 -62.20
N HIS A 58 -3.84 -53.28 -62.34
CA HIS A 58 -3.79 -52.12 -63.22
C HIS A 58 -2.51 -52.13 -64.02
N GLY A 59 -1.80 -53.26 -63.95
CA GLY A 59 -0.55 -53.41 -64.67
C GLY A 59 0.36 -52.20 -64.64
N ILE A 60 0.65 -51.70 -63.46
CA ILE A 60 1.52 -50.55 -63.33
C ILE A 60 2.18 -50.55 -61.97
N ASP A 61 3.48 -50.89 -61.92
CA ASP A 61 4.18 -50.88 -60.66
C ASP A 61 4.53 -49.44 -60.30
N PRO A 62 3.80 -48.90 -59.31
CA PRO A 62 4.07 -47.52 -58.92
C PRO A 62 5.25 -47.43 -57.98
N ASN A 63 5.73 -46.21 -57.81
CA ASN A 63 6.80 -45.92 -56.91
C ASN A 63 6.14 -45.93 -55.53
N ILE A 64 6.83 -46.50 -54.55
CA ILE A 64 6.30 -46.55 -53.19
C ILE A 64 7.29 -45.88 -52.24
N ARG A 65 6.77 -45.02 -51.38
CA ARG A 65 7.59 -44.33 -50.40
C ARG A 65 6.92 -44.38 -49.01
N THR A 66 7.58 -45.06 -48.07
CA THR A 66 7.12 -45.17 -46.69
C THR A 66 8.36 -45.30 -45.83
N GLY A 67 8.18 -45.26 -44.52
CA GLY A 67 9.31 -45.37 -43.61
C GLY A 67 9.93 -46.76 -43.70
N VAL A 68 9.07 -47.75 -43.87
CA VAL A 68 9.48 -49.15 -43.95
C VAL A 68 10.09 -49.55 -45.30
N ARG A 69 9.47 -49.15 -46.41
CA ARG A 69 10.01 -49.53 -47.70
C ARG A 69 9.99 -48.44 -48.76
N THR A 70 10.85 -48.58 -49.75
CA THR A 70 10.95 -47.63 -50.84
C THR A 70 11.16 -48.37 -52.17
N ILE A 71 10.33 -48.09 -53.17
CA ILE A 71 10.49 -48.74 -54.45
C ILE A 71 10.41 -47.74 -55.59
N THR A 72 11.53 -47.47 -56.24
CA THR A 72 11.54 -46.54 -57.35
C THR A 72 11.57 -47.31 -58.66
N THR A 73 10.44 -47.37 -59.33
CA THR A 73 10.30 -48.07 -60.59
C THR A 73 10.37 -47.08 -61.74
N GLY A 74 9.95 -45.86 -61.48
CA GLY A 74 9.97 -44.84 -62.52
C GLY A 74 8.61 -44.66 -63.17
N ALA A 75 7.60 -45.31 -62.60
CA ALA A 75 6.24 -45.20 -63.14
C ALA A 75 5.71 -43.79 -62.96
N PRO A 76 4.63 -43.45 -63.68
CA PRO A 76 4.01 -42.12 -63.60
C PRO A 76 3.16 -41.92 -62.33
N ILE A 77 3.06 -42.94 -61.49
CA ILE A 77 2.30 -42.83 -60.25
C ILE A 77 3.18 -43.15 -59.05
N THR A 78 3.05 -42.34 -58.00
CA THR A 78 3.81 -42.56 -56.78
C THR A 78 2.89 -42.50 -55.57
N TYR A 79 2.98 -43.53 -54.74
CA TYR A 79 2.19 -43.61 -53.52
C TYR A 79 3.15 -43.38 -52.37
N SER A 80 2.78 -42.47 -51.48
CA SER A 80 3.62 -42.16 -50.34
C SER A 80 2.78 -41.83 -49.12
N THR A 81 3.31 -42.07 -47.93
CA THR A 81 2.58 -41.71 -46.72
C THR A 81 2.90 -40.24 -46.52
N TYR A 82 2.05 -39.56 -45.76
CA TYR A 82 2.28 -38.14 -45.49
C TYR A 82 3.58 -38.02 -44.71
N GLY A 83 3.78 -38.95 -43.77
CA GLY A 83 5.00 -38.94 -42.97
C GLY A 83 6.25 -38.98 -43.81
N LYS A 84 6.31 -39.93 -44.74
CA LYS A 84 7.47 -40.05 -45.62
C LYS A 84 7.61 -38.81 -46.51
N PHE A 85 6.48 -38.24 -46.92
CA PHE A 85 6.49 -37.04 -47.76
C PHE A 85 7.17 -35.90 -47.01
N LEU A 86 6.80 -35.70 -45.74
CA LEU A 86 7.41 -34.64 -44.95
C LEU A 86 8.89 -34.88 -44.68
N ALA A 87 9.24 -36.12 -44.33
CA ALA A 87 10.64 -36.43 -44.07
C ALA A 87 11.52 -36.29 -45.32
N ASP A 88 10.93 -36.20 -46.50
CA ASP A 88 11.73 -36.06 -47.73
C ASP A 88 11.87 -34.61 -48.16
N GLY A 89 11.34 -33.69 -47.35
CA GLY A 89 11.44 -32.27 -47.70
C GLY A 89 10.23 -31.66 -48.39
N GLY A 90 9.19 -32.45 -48.61
CA GLY A 90 8.01 -31.92 -49.26
C GLY A 90 8.03 -32.06 -50.77
N CYS A 91 7.48 -31.05 -51.45
CA CYS A 91 7.40 -31.06 -52.91
C CYS A 91 8.72 -30.91 -53.64
N SER A 92 8.83 -31.65 -54.73
CA SER A 92 10.01 -31.61 -55.59
C SER A 92 9.71 -30.73 -56.79
N GLY A 93 10.73 -30.02 -57.27
CA GLY A 93 10.55 -29.15 -58.42
C GLY A 93 10.16 -29.89 -59.68
N GLY A 94 8.97 -29.57 -60.19
CA GLY A 94 8.48 -30.20 -61.41
C GLY A 94 8.50 -31.71 -61.35
N ALA A 95 8.25 -32.25 -60.16
CA ALA A 95 8.23 -33.70 -59.96
C ALA A 95 6.90 -34.32 -60.37
N TYR A 96 5.80 -33.59 -60.15
CA TYR A 96 4.46 -34.09 -60.47
C TYR A 96 3.50 -33.03 -61.04
N ASP A 97 2.53 -33.48 -61.84
CA ASP A 97 1.55 -32.57 -62.43
C ASP A 97 0.35 -32.51 -61.51
N ILE A 98 0.05 -33.63 -60.89
CA ILE A 98 -1.08 -33.72 -59.98
C ILE A 98 -0.66 -34.36 -58.65
N ILE A 99 -1.15 -33.75 -57.58
CA ILE A 99 -0.90 -34.25 -56.24
C ILE A 99 -2.27 -34.51 -55.64
N ILE A 100 -2.48 -35.75 -55.23
CA ILE A 100 -3.74 -36.15 -54.63
C ILE A 100 -3.57 -36.35 -53.13
N CYS A 101 -4.18 -35.45 -52.34
CA CYS A 101 -4.16 -35.55 -50.89
C CYS A 101 -5.27 -36.50 -50.48
N ASP A 102 -4.93 -37.77 -50.40
CA ASP A 102 -5.87 -38.81 -50.05
C ASP A 102 -6.25 -38.80 -48.55
N GLU A 103 -7.43 -39.33 -48.27
CA GLU A 103 -7.99 -39.43 -46.93
C GLU A 103 -7.84 -38.12 -46.16
N CYS A 104 -8.17 -37.01 -46.82
CA CYS A 104 -8.07 -35.69 -46.23
C CYS A 104 -9.07 -35.42 -45.10
N HIS A 105 -9.62 -36.48 -44.52
CA HIS A 105 -10.54 -36.32 -43.39
C HIS A 105 -9.70 -36.58 -42.14
N SER A 106 -8.53 -37.19 -42.33
CA SER A 106 -7.64 -37.50 -41.21
C SER A 106 -7.20 -36.26 -40.44
N THR A 107 -7.43 -36.28 -39.13
CA THR A 107 -7.05 -35.16 -38.31
C THR A 107 -5.83 -35.42 -37.45
N ASP A 108 -4.92 -36.25 -37.91
CA ASP A 108 -3.71 -36.48 -37.14
C ASP A 108 -2.72 -35.43 -37.61
N SER A 109 -1.84 -35.00 -36.71
CA SER A 109 -0.88 -33.97 -37.02
C SER A 109 -0.12 -34.17 -38.34
N THR A 110 0.35 -35.38 -38.61
CA THR A 110 1.10 -35.64 -39.85
C THR A 110 0.30 -35.40 -41.13
N THR A 111 -0.96 -35.81 -41.14
CA THR A 111 -1.80 -35.58 -42.30
C THR A 111 -2.07 -34.07 -42.46
N ILE A 112 -2.39 -33.39 -41.34
CA ILE A 112 -2.64 -31.96 -41.38
C ILE A 112 -1.41 -31.22 -41.89
N LEU A 113 -0.26 -31.53 -41.30
CA LEU A 113 1.01 -30.93 -41.68
C LEU A 113 1.34 -31.21 -43.15
N GLY A 114 1.06 -32.45 -43.57
CA GLY A 114 1.33 -32.86 -44.92
C GLY A 114 0.49 -32.13 -45.93
N ILE A 115 -0.83 -32.11 -45.72
CA ILE A 115 -1.73 -31.42 -46.64
C ILE A 115 -1.42 -29.92 -46.66
N GLY A 116 -1.10 -29.35 -45.51
CA GLY A 116 -0.79 -27.93 -45.48
C GLY A 116 0.42 -27.66 -46.33
N THR A 117 1.42 -28.54 -46.20
CA THR A 117 2.65 -28.42 -46.95
C THR A 117 2.32 -28.43 -48.44
N VAL A 118 1.52 -29.40 -48.86
CA VAL A 118 1.13 -29.47 -50.26
C VAL A 118 0.45 -28.18 -50.70
N LEU A 119 -0.58 -27.75 -49.98
CA LEU A 119 -1.30 -26.54 -50.36
C LEU A 119 -0.43 -25.30 -50.36
N ASP A 120 0.78 -25.41 -49.84
CA ASP A 120 1.68 -24.27 -49.78
C ASP A 120 2.85 -24.31 -50.78
N GLN A 121 3.16 -25.50 -51.31
CA GLN A 121 4.28 -25.62 -52.23
C GLN A 121 3.88 -26.13 -53.61
N ALA A 122 2.70 -26.74 -53.71
CA ALA A 122 2.22 -27.31 -54.95
C ALA A 122 2.37 -26.45 -56.21
N GLU A 123 1.75 -25.28 -56.22
CA GLU A 123 1.83 -24.43 -57.39
C GLU A 123 3.28 -24.07 -57.71
N THR A 124 3.99 -23.58 -56.70
CA THR A 124 5.39 -23.19 -56.85
C THR A 124 6.23 -24.35 -57.37
N ALA A 125 5.84 -25.57 -57.00
CA ALA A 125 6.56 -26.77 -57.43
C ALA A 125 6.22 -27.14 -58.87
N GLY A 126 5.22 -26.48 -59.43
CA GLY A 126 4.85 -26.76 -60.81
C GLY A 126 3.69 -27.70 -61.03
N ALA A 127 2.93 -27.96 -59.97
CA ALA A 127 1.79 -28.84 -60.08
C ALA A 127 0.60 -28.06 -60.61
N ARG A 128 -0.20 -28.69 -61.44
CA ARG A 128 -1.35 -28.00 -62.01
C ARG A 128 -2.62 -28.30 -61.24
N LEU A 129 -2.66 -29.46 -60.60
CA LEU A 129 -3.84 -29.86 -59.87
C LEU A 129 -3.61 -30.55 -58.52
N VAL A 130 -4.21 -30.01 -57.47
CA VAL A 130 -4.13 -30.64 -56.15
C VAL A 130 -5.53 -31.16 -55.88
N VAL A 131 -5.63 -32.41 -55.49
CA VAL A 131 -6.93 -33.03 -55.20
C VAL A 131 -7.08 -33.46 -53.73
N LEU A 132 -8.17 -33.05 -53.11
CA LEU A 132 -8.45 -33.43 -51.72
C LEU A 132 -9.51 -34.54 -51.75
N ALA A 133 -9.10 -35.79 -51.59
CA ALA A 133 -10.05 -36.91 -51.67
C ALA A 133 -10.41 -37.57 -50.33
N THR A 134 -11.66 -37.98 -50.20
CA THR A 134 -12.17 -38.64 -49.00
C THR A 134 -13.60 -39.11 -49.21
N ALA A 135 -14.01 -40.10 -48.43
CA ALA A 135 -15.37 -40.62 -48.52
C ALA A 135 -16.20 -39.97 -47.43
N THR A 136 -15.56 -39.20 -46.56
CA THR A 136 -16.25 -38.55 -45.47
C THR A 136 -15.81 -37.11 -45.28
N PRO A 137 -16.32 -36.20 -46.12
CA PRO A 137 -15.99 -34.77 -46.06
C PRO A 137 -16.38 -34.15 -44.72
N PRO A 138 -15.70 -33.07 -44.32
CA PRO A 138 -15.92 -32.34 -43.06
C PRO A 138 -17.33 -32.39 -42.43
N GLY A 139 -18.30 -31.71 -43.04
CA GLY A 139 -19.62 -31.75 -42.44
C GLY A 139 -20.52 -32.77 -43.10
N SER A 140 -20.26 -34.05 -42.90
CA SER A 140 -21.09 -35.07 -43.52
C SER A 140 -21.55 -36.13 -42.53
N VAL A 141 -22.76 -36.62 -42.74
CA VAL A 141 -23.35 -37.62 -41.87
C VAL A 141 -23.15 -39.01 -42.49
N THR A 142 -23.16 -40.03 -41.64
CA THR A 142 -22.98 -41.39 -42.12
C THR A 142 -24.13 -41.77 -43.03
N VAL A 143 -23.81 -42.19 -44.24
CA VAL A 143 -24.84 -42.59 -45.19
C VAL A 143 -24.72 -44.09 -45.46
N PRO A 144 -25.83 -44.75 -45.77
CA PRO A 144 -25.85 -46.20 -46.04
C PRO A 144 -24.89 -46.59 -47.16
N HIS A 145 -24.23 -47.72 -46.99
CA HIS A 145 -23.31 -48.22 -47.99
C HIS A 145 -23.96 -49.43 -48.67
N PRO A 146 -24.07 -49.40 -50.00
CA PRO A 146 -24.69 -50.51 -50.74
C PRO A 146 -24.15 -51.92 -50.53
N ASN A 147 -22.87 -52.05 -50.19
CA ASN A 147 -22.29 -53.38 -49.99
C ASN A 147 -22.24 -53.84 -48.55
N ILE A 148 -22.67 -53.00 -47.61
CA ILE A 148 -22.56 -53.34 -46.21
C ILE A 148 -23.84 -53.48 -45.37
N GLU A 149 -24.06 -54.67 -44.86
CA GLU A 149 -25.21 -54.91 -44.01
C GLU A 149 -24.74 -54.57 -42.59
N GLU A 150 -25.50 -53.73 -41.88
CA GLU A 150 -25.15 -53.33 -40.53
C GLU A 150 -25.97 -54.09 -39.50
N VAL A 151 -25.31 -54.99 -38.79
CA VAL A 151 -25.97 -55.81 -37.78
C VAL A 151 -25.43 -55.54 -36.39
N ALA A 152 -26.28 -55.04 -35.50
CA ALA A 152 -25.86 -54.78 -34.13
C ALA A 152 -25.52 -56.08 -33.41
N LEU A 153 -24.64 -55.98 -32.41
CA LEU A 153 -24.26 -57.12 -31.59
C LEU A 153 -25.20 -57.14 -30.39
N SER A 154 -25.35 -58.31 -29.77
CA SER A 154 -26.22 -58.44 -28.60
C SER A 154 -25.39 -58.95 -27.43
N SER A 155 -26.08 -59.41 -26.39
CA SER A 155 -25.40 -59.92 -25.20
C SER A 155 -25.11 -61.41 -25.36
N THR A 156 -25.67 -62.02 -26.41
CA THR A 156 -25.44 -63.43 -26.67
C THR A 156 -24.09 -63.62 -27.36
N GLY A 157 -23.27 -64.50 -26.80
CA GLY A 157 -21.96 -64.72 -27.38
C GLY A 157 -21.00 -65.13 -26.29
N GLU A 158 -20.02 -65.94 -26.67
CA GLU A 158 -19.05 -66.42 -25.71
C GLU A 158 -17.88 -65.46 -25.50
N ILE A 159 -17.72 -64.49 -26.39
CA ILE A 159 -16.63 -63.55 -26.26
C ILE A 159 -17.12 -62.19 -25.83
N PRO A 160 -16.72 -61.74 -24.63
CA PRO A 160 -17.13 -60.44 -24.10
C PRO A 160 -16.55 -59.33 -24.97
N PHE A 161 -17.30 -58.27 -25.21
CA PHE A 161 -16.82 -57.20 -26.07
C PHE A 161 -17.50 -55.86 -25.76
N TYR A 162 -16.77 -54.99 -25.07
CA TYR A 162 -17.27 -53.67 -24.73
C TYR A 162 -18.70 -53.62 -24.27
N GLY A 163 -19.08 -54.53 -23.37
CA GLY A 163 -20.43 -54.52 -22.87
C GLY A 163 -21.34 -55.49 -23.56
N LYS A 164 -21.04 -55.81 -24.82
CA LYS A 164 -21.83 -56.76 -25.60
C LYS A 164 -21.05 -58.04 -25.74
N ALA A 165 -21.37 -58.83 -26.76
CA ALA A 165 -20.65 -60.09 -26.96
C ALA A 165 -20.55 -60.47 -28.43
N ILE A 166 -19.53 -61.25 -28.75
CA ILE A 166 -19.34 -61.69 -30.11
C ILE A 166 -19.55 -63.19 -30.18
N PRO A 167 -20.48 -63.64 -31.04
CA PRO A 167 -20.74 -65.09 -31.17
C PRO A 167 -19.63 -65.71 -32.01
N ILE A 168 -19.04 -66.78 -31.51
CA ILE A 168 -17.96 -67.43 -32.24
C ILE A 168 -18.31 -67.79 -33.68
N GLU A 169 -19.50 -68.34 -33.92
CA GLU A 169 -19.85 -68.74 -35.27
C GLU A 169 -19.89 -67.54 -36.22
N THR A 170 -19.77 -66.34 -35.66
CA THR A 170 -19.82 -65.13 -36.46
C THR A 170 -18.45 -64.79 -37.05
N ILE A 171 -17.40 -65.39 -36.51
CA ILE A 171 -16.03 -65.13 -36.96
C ILE A 171 -15.23 -66.42 -37.17
N LYS A 172 -15.89 -67.57 -37.03
CA LYS A 172 -15.27 -68.88 -37.20
C LYS A 172 -15.24 -69.21 -38.69
N GLY A 173 -14.12 -68.90 -39.33
CA GLY A 173 -14.00 -69.15 -40.74
C GLY A 173 -14.21 -67.84 -41.47
N GLY A 174 -13.40 -67.58 -42.49
CA GLY A 174 -13.52 -66.34 -43.23
C GLY A 174 -12.52 -65.31 -42.73
N ARG A 175 -12.55 -64.11 -43.32
CA ARG A 175 -11.64 -63.05 -42.93
C ARG A 175 -12.45 -61.97 -42.20
N HIS A 176 -11.99 -61.57 -41.02
CA HIS A 176 -12.67 -60.56 -40.20
C HIS A 176 -11.73 -59.58 -39.53
N LEU A 177 -12.18 -58.34 -39.40
CA LEU A 177 -11.41 -57.30 -38.77
C LEU A 177 -12.15 -56.76 -37.54
N ILE A 178 -11.48 -56.79 -36.37
CA ILE A 178 -12.11 -56.28 -35.15
C ILE A 178 -11.38 -55.05 -34.61
N PHE A 179 -12.12 -53.94 -34.54
CA PHE A 179 -11.54 -52.70 -34.04
C PHE A 179 -11.64 -52.54 -32.52
N CYS A 180 -10.49 -52.27 -31.90
CA CYS A 180 -10.40 -52.04 -30.47
C CYS A 180 -9.71 -50.70 -30.26
N HIS A 181 -10.24 -49.90 -29.35
CA HIS A 181 -9.69 -48.58 -29.09
C HIS A 181 -8.23 -48.52 -28.59
N SER A 182 -7.70 -49.61 -28.04
CA SER A 182 -6.32 -49.58 -27.53
C SER A 182 -5.51 -50.84 -27.81
N LYS A 183 -4.19 -50.72 -27.85
CA LYS A 183 -3.35 -51.89 -28.13
C LYS A 183 -3.51 -52.97 -27.06
N LYS A 184 -3.72 -52.54 -25.82
CA LYS A 184 -3.88 -53.47 -24.73
C LYS A 184 -5.04 -54.42 -25.01
N LYS A 185 -6.21 -53.89 -25.39
CA LYS A 185 -7.32 -54.78 -25.68
C LYS A 185 -7.05 -55.62 -26.93
N CYS A 186 -6.38 -55.03 -27.92
CA CYS A 186 -6.06 -55.78 -29.14
C CYS A 186 -5.30 -57.04 -28.78
N ASP A 187 -4.35 -56.90 -27.86
CA ASP A 187 -3.53 -58.03 -27.42
C ASP A 187 -4.35 -59.08 -26.69
N GLU A 188 -5.13 -58.66 -25.71
CA GLU A 188 -5.95 -59.58 -24.94
C GLU A 188 -6.96 -60.31 -25.83
N LEU A 189 -7.70 -59.55 -26.63
CA LEU A 189 -8.70 -60.16 -27.51
C LEU A 189 -8.06 -61.18 -28.45
N ALA A 190 -7.02 -60.75 -29.15
CA ALA A 190 -6.34 -61.66 -30.08
C ALA A 190 -5.97 -62.95 -29.33
N ALA A 191 -5.48 -62.79 -28.10
CA ALA A 191 -5.09 -63.95 -27.30
C ALA A 191 -6.32 -64.79 -27.03
N LYS A 192 -7.35 -64.16 -26.46
CA LYS A 192 -8.59 -64.84 -26.15
C LYS A 192 -9.04 -65.69 -27.35
N LEU A 193 -9.00 -65.10 -28.54
CA LEU A 193 -9.42 -65.80 -29.75
C LEU A 193 -8.48 -66.92 -30.16
N SER A 194 -7.19 -66.68 -30.12
CA SER A 194 -6.24 -67.74 -30.50
C SER A 194 -6.41 -68.94 -29.59
N GLY A 195 -6.65 -68.65 -28.31
CA GLY A 195 -6.85 -69.71 -27.34
C GLY A 195 -8.24 -70.29 -27.47
N LEU A 196 -8.76 -70.32 -28.69
CA LEU A 196 -10.09 -70.86 -28.95
C LEU A 196 -10.02 -71.73 -30.19
N GLY A 197 -8.92 -71.60 -30.93
CA GLY A 197 -8.75 -72.37 -32.14
C GLY A 197 -8.88 -71.52 -33.39
N LEU A 198 -8.87 -70.21 -33.20
CA LEU A 198 -9.00 -69.28 -34.32
C LEU A 198 -7.67 -68.66 -34.71
N ASN A 199 -7.48 -68.45 -36.00
CA ASN A 199 -6.25 -67.84 -36.47
C ASN A 199 -6.37 -66.34 -36.24
N ALA A 200 -6.06 -65.88 -35.04
CA ALA A 200 -6.14 -64.47 -34.69
C ALA A 200 -4.80 -63.79 -34.62
N VAL A 201 -4.78 -62.50 -34.94
CA VAL A 201 -3.55 -61.71 -34.92
C VAL A 201 -3.89 -60.26 -34.58
N ALA A 202 -3.01 -59.59 -33.85
CA ALA A 202 -3.24 -58.20 -33.49
C ALA A 202 -2.37 -57.28 -34.33
N TYR A 203 -2.85 -56.06 -34.59
CA TYR A 203 -2.08 -55.11 -35.40
C TYR A 203 -2.31 -53.66 -35.00
N TYR A 204 -1.22 -52.91 -34.90
CA TYR A 204 -1.26 -51.49 -34.57
C TYR A 204 0.07 -50.84 -34.91
N ARG A 205 0.12 -49.52 -34.77
CA ARG A 205 1.34 -48.76 -35.05
C ARG A 205 2.48 -49.39 -34.23
N GLY A 206 3.51 -49.86 -34.92
CA GLY A 206 4.63 -50.46 -34.23
C GLY A 206 4.88 -51.89 -34.69
N LEU A 207 3.81 -52.61 -35.02
CA LEU A 207 3.98 -53.99 -35.48
C LEU A 207 4.24 -53.97 -36.98
N ASP A 208 4.51 -55.14 -37.57
CA ASP A 208 4.80 -55.24 -38.99
C ASP A 208 3.60 -55.70 -39.82
N VAL A 209 3.27 -54.95 -40.86
CA VAL A 209 2.14 -55.24 -41.73
C VAL A 209 2.09 -56.69 -42.24
N SER A 210 3.24 -57.37 -42.19
CA SER A 210 3.32 -58.75 -42.67
C SER A 210 2.51 -59.73 -41.82
N VAL A 211 2.21 -59.31 -40.60
CA VAL A 211 1.44 -60.16 -39.69
C VAL A 211 0.07 -60.47 -40.26
N ILE A 212 -0.39 -59.66 -41.21
CA ILE A 212 -1.70 -59.91 -41.81
C ILE A 212 -1.59 -60.74 -43.09
N PRO A 213 -2.05 -62.01 -43.03
CA PRO A 213 -1.99 -62.87 -44.22
C PRO A 213 -2.77 -62.31 -45.40
N THR A 214 -2.23 -62.50 -46.61
CA THR A 214 -2.87 -62.00 -47.82
C THR A 214 -4.16 -62.77 -48.07
N SER A 215 -4.21 -64.00 -47.60
CA SER A 215 -5.41 -64.80 -47.80
C SER A 215 -5.55 -65.85 -46.70
N GLY A 216 -6.65 -66.60 -46.77
CA GLY A 216 -6.92 -67.62 -45.78
C GLY A 216 -7.75 -67.02 -44.64
N ASP A 217 -8.39 -67.87 -43.86
CA ASP A 217 -9.20 -67.40 -42.74
C ASP A 217 -8.27 -66.66 -41.77
N VAL A 218 -8.74 -65.54 -41.23
CA VAL A 218 -7.98 -64.78 -40.27
C VAL A 218 -8.85 -63.77 -39.55
N ILE A 219 -8.48 -63.46 -38.32
CA ILE A 219 -9.19 -62.48 -37.54
C ILE A 219 -8.14 -61.51 -37.05
N VAL A 220 -8.20 -60.29 -37.58
CA VAL A 220 -7.29 -59.25 -37.22
C VAL A 220 -7.93 -58.32 -36.17
N VAL A 221 -7.25 -58.11 -35.05
CA VAL A 221 -7.73 -57.21 -34.00
C VAL A 221 -6.81 -56.02 -34.05
N ALA A 222 -7.34 -54.86 -34.44
CA ALA A 222 -6.50 -53.69 -34.57
C ALA A 222 -7.06 -52.38 -34.08
N THR A 223 -6.21 -51.37 -34.06
CA THR A 223 -6.59 -50.03 -33.66
C THR A 223 -6.89 -49.23 -34.95
N ASP A 224 -7.02 -47.92 -34.82
CA ASP A 224 -7.28 -47.10 -35.99
C ASP A 224 -6.12 -47.14 -36.99
N ALA A 225 -5.17 -48.03 -36.75
CA ALA A 225 -4.04 -48.19 -37.64
C ALA A 225 -4.59 -48.72 -38.97
N LEU A 226 -5.67 -49.48 -38.90
CA LEU A 226 -6.30 -50.02 -40.09
C LEU A 226 -7.64 -49.33 -40.35
N MET A 227 -7.77 -48.08 -39.91
CA MET A 227 -9.04 -47.38 -40.09
C MET A 227 -9.27 -46.82 -41.47
N THR A 228 -8.24 -46.24 -42.07
CA THR A 228 -8.41 -45.63 -43.38
C THR A 228 -7.52 -46.18 -44.48
N GLY A 229 -8.05 -46.10 -45.70
CA GLY A 229 -7.30 -46.52 -46.88
C GLY A 229 -7.08 -47.99 -47.13
N PHE A 230 -6.88 -48.75 -46.07
CA PHE A 230 -6.57 -50.18 -46.18
C PHE A 230 -7.66 -51.10 -46.69
N THR A 231 -7.25 -52.09 -47.51
CA THR A 231 -8.16 -53.10 -48.05
C THR A 231 -7.57 -54.42 -47.61
N GLY A 232 -8.30 -55.17 -46.79
CA GLY A 232 -7.80 -56.44 -46.33
C GLY A 232 -8.68 -57.59 -46.75
N ASP A 233 -9.63 -57.33 -47.65
CA ASP A 233 -10.54 -58.34 -48.15
C ASP A 233 -11.29 -59.00 -46.98
N PHE A 234 -11.85 -58.20 -46.09
CA PHE A 234 -12.58 -58.73 -44.94
C PHE A 234 -14.04 -59.02 -45.24
N ASP A 235 -14.54 -60.15 -44.74
CA ASP A 235 -15.94 -60.48 -44.95
C ASP A 235 -16.79 -59.66 -43.98
N SER A 236 -16.21 -59.24 -42.87
CA SER A 236 -16.94 -58.45 -41.88
C SER A 236 -16.02 -57.56 -41.04
N VAL A 237 -16.65 -56.63 -40.33
CA VAL A 237 -15.97 -55.72 -39.42
C VAL A 237 -16.81 -55.63 -38.15
N ILE A 238 -16.15 -55.67 -37.00
CA ILE A 238 -16.79 -55.56 -35.70
C ILE A 238 -16.12 -54.34 -35.10
N ASP A 239 -16.94 -53.34 -34.78
CA ASP A 239 -16.48 -52.06 -34.28
C ASP A 239 -16.93 -51.78 -32.82
N CYS A 240 -15.97 -51.44 -31.96
CA CYS A 240 -16.24 -51.14 -30.56
C CYS A 240 -16.90 -49.77 -30.46
N ASN A 241 -16.82 -49.00 -31.53
CA ASN A 241 -17.43 -47.69 -31.58
C ASN A 241 -16.82 -46.65 -30.65
N THR A 242 -15.69 -46.99 -30.03
CA THR A 242 -15.02 -46.03 -29.15
C THR A 242 -13.65 -45.71 -29.76
N CYS A 243 -13.11 -44.53 -29.43
CA CYS A 243 -11.82 -44.12 -29.94
C CYS A 243 -11.05 -43.30 -28.90
N VAL A 244 -9.74 -43.22 -29.07
CA VAL A 244 -8.91 -42.45 -28.16
C VAL A 244 -8.60 -41.10 -28.80
N THR A 245 -8.85 -40.02 -28.08
CA THR A 245 -8.60 -38.67 -28.59
C THR A 245 -7.85 -37.86 -27.54
N GLN A 246 -7.42 -36.67 -27.92
CA GLN A 246 -6.70 -35.79 -27.02
C GLN A 246 -7.31 -34.44 -26.95
N THR A 247 -7.23 -33.83 -25.79
CA THR A 247 -7.81 -32.50 -25.59
C THR A 247 -6.82 -31.62 -24.87
N VAL A 248 -6.93 -30.32 -25.10
CA VAL A 248 -6.06 -29.42 -24.39
C VAL A 248 -6.92 -28.54 -23.51
N ASP A 249 -6.50 -28.39 -22.27
CA ASP A 249 -7.22 -27.55 -21.33
C ASP A 249 -6.30 -26.47 -20.80
N PHE A 250 -6.70 -25.22 -20.99
CA PHE A 250 -5.93 -24.09 -20.53
C PHE A 250 -6.34 -23.80 -19.08
N SER A 251 -5.94 -24.72 -18.20
CA SER A 251 -6.24 -24.67 -16.78
C SER A 251 -5.38 -23.75 -15.93
N LEU A 252 -4.44 -23.04 -16.55
CA LEU A 252 -3.55 -22.11 -15.87
C LEU A 252 -3.10 -22.62 -14.50
N ASP A 253 -2.57 -23.85 -14.46
CA ASP A 253 -2.15 -24.46 -13.21
C ASP A 253 -0.86 -25.25 -13.35
N PRO A 254 0.23 -24.60 -13.79
CA PRO A 254 0.33 -23.19 -14.15
C PRO A 254 -0.04 -22.78 -15.57
N THR A 255 0.09 -23.70 -16.53
CA THR A 255 -0.18 -23.37 -17.94
C THR A 255 -1.34 -24.12 -18.58
N PHE A 256 -1.07 -25.16 -19.36
CA PHE A 256 -2.16 -25.91 -19.97
C PHE A 256 -2.04 -27.37 -19.59
N THR A 257 -3.04 -28.15 -19.95
CA THR A 257 -3.05 -29.57 -19.64
C THR A 257 -3.50 -30.33 -20.88
N ILE A 258 -2.74 -31.35 -21.24
CA ILE A 258 -3.10 -32.15 -22.40
C ILE A 258 -3.54 -33.47 -21.84
N GLU A 259 -4.83 -33.75 -22.02
CA GLU A 259 -5.42 -34.97 -21.51
C GLU A 259 -5.88 -35.90 -22.62
N THR A 260 -5.57 -37.18 -22.44
CA THR A 260 -5.98 -38.20 -23.39
C THR A 260 -7.24 -38.81 -22.81
N THR A 261 -8.28 -38.93 -23.63
CA THR A 261 -9.55 -39.51 -23.20
C THR A 261 -10.13 -40.50 -24.21
N THR A 262 -10.91 -41.46 -23.71
CA THR A 262 -11.57 -42.45 -24.55
C THR A 262 -13.02 -42.00 -24.73
N VAL A 263 -13.42 -41.75 -25.97
CA VAL A 263 -14.78 -41.29 -26.22
C VAL A 263 -15.48 -42.01 -27.35
N PRO A 264 -16.77 -41.71 -27.58
CA PRO A 264 -17.56 -42.34 -28.65
C PRO A 264 -17.04 -41.85 -30.00
N GLN A 265 -16.96 -42.75 -30.99
CA GLN A 265 -16.44 -42.38 -32.30
C GLN A 265 -17.38 -41.41 -32.98
N ASP A 266 -16.81 -40.57 -33.84
CA ASP A 266 -17.58 -39.61 -34.61
C ASP A 266 -17.97 -40.28 -35.93
N ALA A 267 -18.77 -39.57 -36.72
CA ALA A 267 -19.24 -40.07 -37.99
C ALA A 267 -18.10 -40.51 -38.90
N VAL A 268 -17.10 -39.66 -39.06
CA VAL A 268 -15.97 -40.01 -39.90
C VAL A 268 -15.41 -41.37 -39.52
N SER A 269 -15.12 -41.56 -38.24
CA SER A 269 -14.58 -42.83 -37.76
C SER A 269 -15.49 -44.01 -38.07
N ARG A 270 -16.80 -43.85 -37.85
CA ARG A 270 -17.73 -44.94 -38.08
C ARG A 270 -17.79 -45.34 -39.54
N SER A 271 -17.85 -44.36 -40.43
CA SER A 271 -17.88 -44.65 -41.86
C SER A 271 -16.57 -45.25 -42.36
N GLN A 272 -15.45 -44.72 -41.89
CA GLN A 272 -14.16 -45.25 -42.31
C GLN A 272 -13.95 -46.67 -41.78
N ARG A 273 -14.23 -46.90 -40.50
CA ARG A 273 -14.05 -48.25 -39.95
C ARG A 273 -14.97 -49.23 -40.64
N ARG A 274 -16.21 -48.80 -40.85
CA ARG A 274 -17.18 -49.65 -41.51
C ARG A 274 -16.63 -49.95 -42.90
N GLY A 275 -16.10 -48.91 -43.53
CA GLY A 275 -15.55 -49.04 -44.87
C GLY A 275 -14.40 -50.01 -45.07
N ARG A 276 -13.96 -50.73 -44.03
CA ARG A 276 -12.86 -51.67 -44.22
C ARG A 276 -13.40 -52.96 -44.83
N THR A 277 -14.71 -53.12 -44.76
CA THR A 277 -15.36 -54.30 -45.35
C THR A 277 -16.21 -53.75 -46.50
N GLY A 278 -16.85 -54.64 -47.25
CA GLY A 278 -17.68 -54.20 -48.37
C GLY A 278 -16.89 -53.46 -49.44
N ARG A 279 -15.69 -53.93 -49.71
CA ARG A 279 -14.83 -53.30 -50.71
C ARG A 279 -14.76 -54.19 -51.96
N GLY A 280 -15.64 -53.93 -52.92
CA GLY A 280 -15.66 -54.73 -54.12
C GLY A 280 -16.52 -55.97 -53.97
N ARG A 281 -17.30 -56.03 -52.89
CA ARG A 281 -18.19 -57.15 -52.63
C ARG A 281 -18.96 -56.91 -51.35
N MET A 282 -20.07 -57.62 -51.16
CA MET A 282 -20.88 -57.41 -49.97
C MET A 282 -20.15 -57.79 -48.69
N GLY A 283 -20.46 -57.08 -47.61
CA GLY A 283 -19.83 -57.33 -46.34
C GLY A 283 -20.77 -57.02 -45.19
N ILE A 284 -20.37 -57.47 -44.00
CA ILE A 284 -21.16 -57.24 -42.80
C ILE A 284 -20.41 -56.31 -41.84
N TYR A 285 -21.17 -55.48 -41.13
CA TYR A 285 -20.60 -54.56 -40.15
C TYR A 285 -21.37 -54.75 -38.84
N ARG A 286 -20.69 -55.22 -37.80
CA ARG A 286 -21.32 -55.41 -36.49
C ARG A 286 -20.78 -54.35 -35.55
N PHE A 287 -21.67 -53.77 -34.75
CA PHE A 287 -21.30 -52.70 -33.83
C PHE A 287 -21.86 -52.90 -32.42
N VAL A 288 -21.31 -52.14 -31.48
CA VAL A 288 -21.72 -52.18 -30.09
C VAL A 288 -22.77 -51.10 -29.83
N THR A 289 -22.44 -49.87 -30.21
CA THR A 289 -23.33 -48.74 -30.03
C THR A 289 -23.72 -48.11 -31.35
N PRO A 290 -24.99 -47.73 -31.48
CA PRO A 290 -25.43 -47.11 -32.73
C PRO A 290 -25.12 -45.63 -32.72
N GLY A 291 -25.47 -44.95 -33.81
CA GLY A 291 -25.25 -43.53 -33.90
C GLY A 291 -23.83 -43.07 -33.64
N GLU A 292 -23.63 -41.76 -33.61
CA GLU A 292 -22.32 -41.17 -33.42
C GLU A 292 -22.38 -39.65 -33.37
N ARG A 293 -21.26 -39.02 -33.02
CA ARG A 293 -21.19 -37.57 -32.95
C ARG A 293 -20.72 -36.96 -34.28
N PRO A 294 -21.17 -35.73 -34.57
CA PRO A 294 -20.80 -35.03 -35.81
C PRO A 294 -19.31 -34.72 -35.88
N SER A 295 -18.84 -34.51 -37.11
CA SER A 295 -17.44 -34.21 -37.36
C SER A 295 -17.28 -32.80 -37.94
N GLY A 296 -16.15 -32.55 -38.59
CA GLY A 296 -15.91 -31.24 -39.18
C GLY A 296 -15.00 -30.32 -38.39
N MET A 297 -14.85 -30.59 -37.09
CA MET A 297 -13.99 -29.75 -36.25
C MET A 297 -13.07 -30.57 -35.35
N PHE A 298 -11.83 -30.12 -35.19
CA PHE A 298 -10.88 -30.84 -34.34
C PHE A 298 -10.29 -29.94 -33.25
N ASP A 299 -9.88 -30.56 -32.15
CA ASP A 299 -9.35 -29.80 -31.02
C ASP A 299 -8.01 -29.11 -31.24
N SER A 300 -7.85 -27.98 -30.57
CA SER A 300 -6.64 -27.19 -30.64
C SER A 300 -5.41 -28.03 -30.28
N SER A 301 -5.63 -29.16 -29.62
CA SER A 301 -4.52 -30.03 -29.24
C SER A 301 -3.85 -30.62 -30.47
N VAL A 302 -4.61 -30.73 -31.55
CA VAL A 302 -4.05 -31.26 -32.76
C VAL A 302 -3.01 -30.28 -33.28
N LEU A 303 -3.31 -28.98 -33.24
CA LEU A 303 -2.33 -28.00 -33.69
C LEU A 303 -1.07 -28.13 -32.84
N CYS A 304 -1.25 -28.23 -31.52
CA CYS A 304 -0.11 -28.37 -30.62
C CYS A 304 0.72 -29.56 -31.08
N GLU A 305 0.03 -30.64 -31.40
CA GLU A 305 0.66 -31.86 -31.87
C GLU A 305 1.46 -31.62 -33.17
N CYS A 306 0.99 -30.75 -34.06
CA CYS A 306 1.73 -30.47 -35.31
C CYS A 306 3.06 -29.79 -35.07
N TYR A 307 3.09 -28.79 -34.20
CA TYR A 307 4.32 -28.08 -33.90
C TYR A 307 5.29 -29.07 -33.30
N ASP A 308 4.79 -29.86 -32.36
CA ASP A 308 5.61 -30.87 -31.70
C ASP A 308 6.22 -31.84 -32.72
N ALA A 309 5.43 -32.28 -33.70
CA ALA A 309 5.90 -33.21 -34.73
C ALA A 309 6.91 -32.51 -35.63
N GLY A 310 6.62 -31.26 -35.94
CA GLY A 310 7.51 -30.48 -36.79
C GLY A 310 8.87 -30.37 -36.16
N CYS A 311 8.88 -30.13 -34.85
CA CYS A 311 10.14 -30.00 -34.12
C CYS A 311 10.81 -31.32 -33.87
N ALA A 312 10.04 -32.36 -33.59
CA ALA A 312 10.64 -33.65 -33.29
C ALA A 312 10.96 -34.56 -34.46
N TRP A 313 10.17 -34.52 -35.52
CA TRP A 313 10.38 -35.42 -36.65
C TRP A 313 10.72 -34.83 -38.01
N TYR A 314 10.18 -33.66 -38.34
CA TYR A 314 10.38 -33.11 -39.67
C TYR A 314 11.30 -31.91 -39.84
N GLU A 315 12.15 -31.69 -38.84
CA GLU A 315 13.08 -30.57 -38.84
C GLU A 315 12.46 -29.27 -39.34
N LEU A 316 11.28 -28.95 -38.82
CA LEU A 316 10.57 -27.73 -39.17
C LEU A 316 10.55 -26.79 -37.97
N THR A 317 10.87 -25.53 -38.22
CA THR A 317 10.86 -24.54 -37.16
C THR A 317 9.39 -24.15 -36.94
N PRO A 318 9.05 -23.73 -35.72
CA PRO A 318 7.68 -23.32 -35.42
C PRO A 318 7.14 -22.39 -36.50
N ALA A 319 7.94 -21.42 -36.91
CA ALA A 319 7.53 -20.47 -37.94
C ALA A 319 7.17 -21.18 -39.25
N GLU A 320 7.99 -22.15 -39.61
CA GLU A 320 7.78 -22.90 -40.84
C GLU A 320 6.49 -23.72 -40.71
N THR A 321 6.27 -24.29 -39.54
CA THR A 321 5.06 -25.08 -39.30
C THR A 321 3.83 -24.19 -39.44
N SER A 322 3.93 -22.95 -38.98
CA SER A 322 2.82 -22.01 -39.05
C SER A 322 2.41 -21.72 -40.48
N VAL A 323 3.40 -21.54 -41.34
CA VAL A 323 3.13 -21.25 -42.73
C VAL A 323 2.36 -22.39 -43.36
N ARG A 324 2.62 -23.61 -42.93
CA ARG A 324 1.94 -24.77 -43.49
C ARG A 324 0.53 -24.95 -42.93
N LEU A 325 0.37 -24.78 -41.62
CA LEU A 325 -0.95 -24.94 -41.00
C LEU A 325 -1.87 -23.83 -41.49
N ARG A 326 -1.28 -22.67 -41.77
CA ARG A 326 -2.04 -21.53 -42.24
C ARG A 326 -2.67 -21.84 -43.59
N ALA A 327 -1.89 -22.46 -44.47
CA ALA A 327 -2.39 -22.83 -45.79
C ALA A 327 -3.56 -23.79 -45.62
N TYR A 328 -3.44 -24.70 -44.65
CA TYR A 328 -4.49 -25.68 -44.39
C TYR A 328 -5.78 -25.00 -43.90
N LEU A 329 -5.67 -24.26 -42.80
CA LEU A 329 -6.82 -23.57 -42.22
C LEU A 329 -7.49 -22.56 -43.16
N ASN A 330 -6.75 -22.04 -44.13
CA ASN A 330 -7.31 -21.07 -45.07
C ASN A 330 -7.93 -21.72 -46.32
N THR A 331 -7.84 -23.03 -46.42
CA THR A 331 -8.40 -23.72 -47.58
C THR A 331 -9.78 -24.30 -47.27
N PRO A 332 -10.79 -23.87 -48.03
CA PRO A 332 -12.18 -24.32 -47.85
C PRO A 332 -12.35 -25.80 -48.15
N GLY A 333 -13.27 -26.45 -47.42
CA GLY A 333 -13.55 -27.86 -47.65
C GLY A 333 -12.83 -28.85 -46.75
N LEU A 334 -12.02 -28.32 -45.84
CA LEU A 334 -11.29 -29.17 -44.92
C LEU A 334 -11.82 -29.03 -43.52
N PRO A 335 -11.36 -29.87 -42.59
CA PRO A 335 -11.83 -29.79 -41.20
C PRO A 335 -11.37 -28.45 -40.61
N VAL A 336 -12.23 -27.81 -39.84
CA VAL A 336 -11.88 -26.52 -39.22
C VAL A 336 -11.42 -26.67 -37.78
N CYS A 337 -10.78 -25.63 -37.27
CA CYS A 337 -10.28 -25.68 -35.91
C CYS A 337 -9.99 -24.25 -35.46
N GLN A 338 -10.06 -24.01 -34.14
CA GLN A 338 -9.78 -22.68 -33.58
C GLN A 338 -8.40 -22.19 -34.05
N ASP A 339 -8.31 -20.94 -34.47
CA ASP A 339 -7.03 -20.41 -34.94
C ASP A 339 -6.11 -20.06 -33.78
N HIS A 340 -5.35 -21.04 -33.31
CA HIS A 340 -4.44 -20.84 -32.20
C HIS A 340 -2.98 -20.94 -32.64
N LEU A 341 -2.74 -20.78 -33.94
CA LEU A 341 -1.39 -20.86 -34.49
C LEU A 341 -0.40 -19.97 -33.75
N GLU A 342 -0.70 -18.67 -33.70
CA GLU A 342 0.15 -17.70 -33.01
C GLU A 342 0.52 -18.21 -31.61
N PHE A 343 -0.50 -18.58 -30.85
CA PHE A 343 -0.25 -19.07 -29.52
C PHE A 343 0.72 -20.26 -29.53
N TRP A 344 0.34 -21.37 -30.17
CA TRP A 344 1.21 -22.53 -30.18
C TRP A 344 2.60 -22.24 -30.73
N GLU A 345 2.68 -21.41 -31.77
CA GLU A 345 3.97 -21.07 -32.34
C GLU A 345 4.84 -20.37 -31.30
N SER A 346 4.27 -19.40 -30.57
CA SER A 346 5.05 -18.69 -29.57
C SER A 346 5.47 -19.64 -28.45
N VAL A 347 4.65 -20.64 -28.15
CA VAL A 347 4.99 -21.59 -27.11
C VAL A 347 6.24 -22.38 -27.52
N PHE A 348 6.17 -23.07 -28.64
CA PHE A 348 7.30 -23.87 -29.07
C PHE A 348 8.54 -23.06 -29.40
N THR A 349 8.37 -21.83 -29.84
CA THR A 349 9.53 -21.00 -30.13
C THR A 349 10.42 -20.83 -28.89
N GLY A 350 9.81 -20.93 -27.71
CA GLY A 350 10.55 -20.80 -26.48
C GLY A 350 11.31 -22.05 -26.07
N LEU A 351 10.82 -23.22 -26.47
CA LEU A 351 11.45 -24.49 -26.11
C LEU A 351 12.71 -24.79 -26.94
N THR A 352 13.84 -24.21 -26.56
CA THR A 352 15.08 -24.40 -27.31
C THR A 352 16.13 -25.18 -26.55
N HIS A 353 17.09 -25.72 -27.29
CA HIS A 353 18.19 -26.47 -26.68
C HIS A 353 17.71 -27.67 -25.90
N ILE A 354 16.84 -28.47 -26.51
CA ILE A 354 16.32 -29.66 -25.86
C ILE A 354 17.42 -30.72 -25.82
N ASP A 355 17.36 -31.64 -24.86
CA ASP A 355 18.38 -32.68 -24.81
C ASP A 355 18.09 -33.75 -25.88
N ALA A 356 18.99 -33.87 -26.85
CA ALA A 356 18.83 -34.82 -27.96
C ALA A 356 18.66 -36.25 -27.50
N HIS A 357 19.38 -36.62 -26.45
CA HIS A 357 19.29 -37.97 -25.92
C HIS A 357 17.88 -38.27 -25.41
N PHE A 358 17.24 -37.26 -24.80
CA PHE A 358 15.89 -37.41 -24.27
C PHE A 358 14.87 -37.41 -25.41
N LEU A 359 15.04 -36.51 -26.37
CA LEU A 359 14.14 -36.43 -27.49
C LEU A 359 14.12 -37.77 -28.19
N SER A 360 15.31 -38.24 -28.50
CA SER A 360 15.46 -39.51 -29.17
C SER A 360 14.72 -40.60 -28.42
N GLN A 361 14.81 -40.61 -27.10
CA GLN A 361 14.15 -41.65 -26.30
C GLN A 361 12.62 -41.60 -26.32
N THR A 362 12.04 -40.41 -26.27
CA THR A 362 10.59 -40.31 -26.29
C THR A 362 10.03 -40.60 -27.69
N LYS A 363 10.83 -40.37 -28.72
CA LYS A 363 10.36 -40.67 -30.06
C LYS A 363 10.29 -42.18 -30.25
N GLN A 364 11.35 -42.86 -29.85
CA GLN A 364 11.40 -44.31 -29.98
C GLN A 364 10.48 -45.03 -29.05
N ALA A 365 10.00 -44.35 -28.03
CA ALA A 365 9.09 -44.96 -27.09
C ALA A 365 7.65 -44.82 -27.57
N GLY A 366 7.46 -44.03 -28.63
CA GLY A 366 6.13 -43.82 -29.17
C GLY A 366 5.28 -42.84 -28.36
N ASP A 367 5.90 -42.12 -27.43
CA ASP A 367 5.18 -41.16 -26.59
C ASP A 367 4.44 -40.11 -27.43
N ASN A 368 3.29 -39.67 -26.92
CA ASN A 368 2.54 -38.63 -27.60
C ASN A 368 3.28 -37.36 -27.20
N PHE A 369 3.32 -36.37 -28.09
CA PHE A 369 4.03 -35.14 -27.77
C PHE A 369 5.45 -35.45 -27.30
N PRO A 370 6.23 -36.19 -28.11
CA PRO A 370 7.60 -36.51 -27.68
C PRO A 370 8.46 -35.29 -27.39
N TYR A 371 8.25 -34.21 -28.11
CA TYR A 371 9.04 -33.02 -27.86
C TYR A 371 8.71 -32.41 -26.49
N LEU A 372 7.43 -32.17 -26.20
CA LEU A 372 7.06 -31.60 -24.91
C LEU A 372 7.52 -32.51 -23.77
N VAL A 373 7.33 -33.82 -23.91
CA VAL A 373 7.77 -34.71 -22.84
C VAL A 373 9.27 -34.54 -22.63
N ALA A 374 10.04 -34.70 -23.70
CA ALA A 374 11.49 -34.58 -23.60
C ALA A 374 11.91 -33.19 -23.12
N TYR A 375 11.21 -32.15 -23.53
CA TYR A 375 11.64 -30.84 -23.09
C TYR A 375 11.51 -30.69 -21.57
N GLN A 376 10.40 -31.18 -21.02
CA GLN A 376 10.17 -31.14 -19.58
C GLN A 376 11.26 -31.97 -18.89
N ALA A 377 11.67 -33.06 -19.51
CA ALA A 377 12.71 -33.90 -18.92
C ALA A 377 14.02 -33.12 -18.89
N THR A 378 14.27 -32.37 -19.97
CA THR A 378 15.47 -31.56 -20.09
C THR A 378 15.55 -30.52 -19.01
N VAL A 379 14.46 -29.80 -18.83
CA VAL A 379 14.39 -28.76 -17.85
C VAL A 379 14.65 -29.33 -16.45
N CYS A 380 14.01 -30.45 -16.16
CA CYS A 380 14.18 -31.12 -14.86
C CYS A 380 15.65 -31.45 -14.60
N ALA A 381 16.26 -32.20 -15.52
CA ALA A 381 17.66 -32.58 -15.38
C ALA A 381 18.55 -31.36 -15.14
N ARG A 382 18.34 -30.30 -15.91
CA ARG A 382 19.15 -29.10 -15.76
C ARG A 382 18.96 -28.43 -14.39
N ALA A 383 17.84 -28.71 -13.74
CA ALA A 383 17.55 -28.16 -12.43
C ALA A 383 17.78 -29.23 -11.36
N GLN A 384 18.27 -30.39 -11.81
CA GLN A 384 18.53 -31.50 -10.90
C GLN A 384 17.26 -31.79 -10.12
N ALA A 385 16.12 -31.60 -10.78
CA ALA A 385 14.83 -31.84 -10.16
C ALA A 385 14.21 -33.09 -10.74
N PRO A 386 13.34 -33.75 -9.97
CA PRO A 386 12.68 -34.97 -10.46
C PRO A 386 11.55 -34.61 -11.41
N PRO A 387 11.10 -35.58 -12.22
CA PRO A 387 10.01 -35.34 -13.17
C PRO A 387 8.68 -35.26 -12.42
N PRO A 388 7.59 -34.88 -13.10
CA PRO A 388 6.27 -34.77 -12.48
C PRO A 388 5.86 -35.99 -11.66
N SER A 389 6.30 -37.16 -12.10
CA SER A 389 6.00 -38.41 -11.42
C SER A 389 7.07 -39.41 -11.86
N TRP A 390 6.91 -40.67 -11.44
CA TRP A 390 7.86 -41.68 -11.82
C TRP A 390 7.26 -42.79 -12.66
N ASP A 391 6.32 -42.43 -13.53
CA ASP A 391 5.71 -43.44 -14.37
C ASP A 391 6.49 -43.57 -15.69
N GLN A 392 6.15 -44.58 -16.47
CA GLN A 392 6.82 -44.87 -17.74
C GLN A 392 7.23 -43.64 -18.56
N MET A 393 6.31 -42.70 -18.69
CA MET A 393 6.52 -41.48 -19.45
C MET A 393 7.85 -40.76 -19.15
N TRP A 394 8.31 -40.85 -17.91
CA TRP A 394 9.55 -40.19 -17.50
C TRP A 394 10.73 -41.12 -17.22
N LYS A 395 10.67 -42.35 -17.71
CA LYS A 395 11.75 -43.32 -17.47
C LYS A 395 13.12 -42.81 -17.90
N CYS A 396 13.18 -41.95 -18.90
CA CYS A 396 14.47 -41.43 -19.38
C CYS A 396 15.24 -40.67 -18.32
N LEU A 397 14.60 -40.40 -17.18
CA LEU A 397 15.26 -39.68 -16.08
C LEU A 397 15.58 -40.56 -14.87
N ILE A 398 15.01 -41.76 -14.83
CA ILE A 398 15.22 -42.67 -13.71
C ILE A 398 16.72 -42.81 -13.43
N ARG A 399 17.49 -42.79 -14.50
CA ARG A 399 18.95 -42.90 -14.43
C ARG A 399 19.61 -41.79 -13.60
N LEU A 400 18.91 -40.69 -13.35
CA LEU A 400 19.48 -39.59 -12.57
C LEU A 400 18.86 -39.50 -11.19
N LYS A 401 17.86 -40.34 -10.95
CA LYS A 401 17.14 -40.37 -9.67
C LYS A 401 17.96 -40.02 -8.42
N PRO A 402 19.15 -40.63 -8.26
CA PRO A 402 20.00 -40.34 -7.09
C PRO A 402 20.44 -38.88 -6.92
N THR A 403 20.50 -38.15 -8.03
CA THR A 403 20.93 -36.75 -7.99
C THR A 403 19.77 -35.76 -7.99
N LEU A 404 18.66 -36.14 -8.61
CA LEU A 404 17.51 -35.26 -8.68
C LEU A 404 16.87 -35.09 -7.31
N HIS A 405 16.45 -33.87 -7.02
CA HIS A 405 15.83 -33.58 -5.73
C HIS A 405 15.09 -32.24 -5.79
N GLY A 406 14.14 -32.07 -4.87
CA GLY A 406 13.38 -30.84 -4.81
C GLY A 406 12.07 -30.88 -5.57
N PRO A 407 11.45 -29.70 -5.78
CA PRO A 407 10.18 -29.67 -6.52
C PRO A 407 10.39 -29.76 -8.03
N THR A 408 9.34 -30.15 -8.74
CA THR A 408 9.42 -30.26 -10.19
C THR A 408 9.09 -28.93 -10.84
N PRO A 409 9.92 -28.49 -11.81
CA PRO A 409 9.69 -27.24 -12.52
C PRO A 409 8.63 -27.56 -13.58
N LEU A 410 7.38 -27.68 -13.16
CA LEU A 410 6.28 -28.02 -14.07
C LEU A 410 6.10 -27.00 -15.18
N LEU A 411 6.24 -27.45 -16.43
CA LEU A 411 6.07 -26.56 -17.59
C LEU A 411 4.64 -26.56 -18.07
N TYR A 412 3.99 -27.70 -17.91
CA TYR A 412 2.60 -27.92 -18.32
C TYR A 412 2.27 -29.31 -17.80
N ARG A 413 1.02 -29.72 -17.92
CA ARG A 413 0.60 -31.04 -17.45
C ARG A 413 0.33 -31.98 -18.60
N LEU A 414 1.10 -33.07 -18.65
CA LEU A 414 0.97 -34.06 -19.70
C LEU A 414 0.40 -35.34 -19.14
N GLY A 415 0.26 -35.35 -17.82
CA GLY A 415 -0.28 -36.51 -17.14
C GLY A 415 -0.39 -36.23 -15.66
N ALA A 416 -0.42 -37.29 -14.86
CA ALA A 416 -0.54 -37.16 -13.43
C ALA A 416 0.73 -36.56 -12.83
N VAL A 417 0.56 -35.69 -11.84
CA VAL A 417 1.69 -35.09 -11.17
C VAL A 417 1.65 -35.52 -9.71
N GLN A 418 2.70 -36.21 -9.27
CA GLN A 418 2.73 -36.70 -7.91
C GLN A 418 3.72 -35.95 -7.01
N ASN A 419 4.84 -35.54 -7.58
CA ASN A 419 5.86 -34.83 -6.83
C ASN A 419 5.49 -33.37 -6.54
N GLU A 420 6.17 -32.72 -5.61
CA GLU A 420 5.88 -31.32 -5.33
C GLU A 420 6.20 -30.53 -6.59
N VAL A 421 5.59 -29.37 -6.72
CA VAL A 421 5.76 -28.55 -7.90
C VAL A 421 6.11 -27.09 -7.67
N THR A 422 7.00 -26.57 -8.51
CA THR A 422 7.39 -25.17 -8.46
C THR A 422 6.99 -24.60 -9.83
N THR A 423 6.44 -23.39 -9.83
CA THR A 423 5.97 -22.75 -11.07
C THR A 423 6.80 -21.52 -11.43
N THR A 424 8.01 -21.42 -10.91
CA THR A 424 8.86 -20.25 -11.16
C THR A 424 9.90 -20.36 -12.28
N HIS A 425 9.96 -21.51 -12.97
CA HIS A 425 10.93 -21.67 -14.05
C HIS A 425 10.63 -20.71 -15.21
N PRO A 426 11.68 -20.08 -15.76
CA PRO A 426 11.58 -19.11 -16.87
C PRO A 426 10.63 -19.57 -17.97
N ILE A 427 10.77 -20.83 -18.38
CA ILE A 427 9.91 -21.33 -19.43
C ILE A 427 8.45 -21.33 -18.96
N THR A 428 8.21 -21.77 -17.74
CA THR A 428 6.83 -21.76 -17.23
C THR A 428 6.24 -20.35 -17.27
N LYS A 429 7.01 -19.38 -16.78
CA LYS A 429 6.57 -17.99 -16.78
C LYS A 429 6.33 -17.53 -18.21
N TYR A 430 7.20 -17.97 -19.13
CA TYR A 430 7.04 -17.60 -20.54
C TYR A 430 5.75 -18.16 -21.12
N ILE A 431 5.46 -19.44 -20.84
CA ILE A 431 4.23 -20.04 -21.34
C ILE A 431 3.02 -19.31 -20.76
N MET A 432 3.01 -19.03 -19.46
CA MET A 432 1.88 -18.34 -18.86
C MET A 432 1.63 -17.01 -19.56
N ALA A 433 2.72 -16.31 -19.85
CA ALA A 433 2.63 -15.02 -20.52
C ALA A 433 2.11 -15.18 -21.95
N CYS A 434 2.41 -16.30 -22.59
CA CYS A 434 1.90 -16.52 -23.94
C CYS A 434 0.39 -16.68 -23.89
N MET A 435 -0.11 -17.14 -22.73
CA MET A 435 -1.55 -17.36 -22.53
C MET A 435 -2.32 -16.13 -22.07
N SER A 436 -1.66 -15.28 -21.29
CA SER A 436 -2.26 -14.06 -20.76
C SER A 436 -2.65 -13.10 -21.88
N ALA A 437 -1.92 -13.17 -22.99
CA ALA A 437 -2.19 -12.31 -24.15
C ALA A 437 -1.30 -12.66 -25.34
N SER B 1 -8.11 -78.34 6.32
CA SER B 1 -8.89 -77.08 6.34
C SER B 1 -9.53 -76.76 4.97
N PRO B 2 -8.76 -76.82 3.87
CA PRO B 2 -9.29 -76.52 2.53
C PRO B 2 -10.49 -77.38 2.16
N PRO B 3 -11.57 -76.74 1.67
CA PRO B 3 -12.80 -77.44 1.28
C PRO B 3 -12.53 -78.44 0.16
N ALA B 4 -13.09 -79.64 0.27
CA ALA B 4 -12.88 -80.67 -0.75
C ALA B 4 -13.69 -80.34 -2.00
N VAL B 5 -13.12 -80.60 -3.17
CA VAL B 5 -13.82 -80.32 -4.42
C VAL B 5 -14.98 -81.28 -4.61
N PRO B 6 -16.21 -80.76 -4.53
CA PRO B 6 -17.42 -81.59 -4.69
C PRO B 6 -17.67 -81.99 -6.15
N GLN B 7 -18.61 -82.91 -6.35
CA GLN B 7 -18.95 -83.38 -7.69
C GLN B 7 -19.93 -82.44 -8.37
N THR B 8 -20.58 -81.61 -7.55
CA THR B 8 -21.55 -80.62 -8.05
C THR B 8 -21.19 -79.28 -7.41
N PHE B 9 -21.56 -78.19 -8.08
CA PHE B 9 -21.26 -76.85 -7.59
C PHE B 9 -21.49 -76.65 -6.10
N GLN B 10 -20.61 -75.88 -5.48
CA GLN B 10 -20.70 -75.60 -4.06
C GLN B 10 -19.79 -74.45 -3.63
N VAL B 11 -20.31 -73.59 -2.77
CA VAL B 11 -19.57 -72.43 -2.28
C VAL B 11 -19.17 -72.73 -0.84
N ALA B 12 -17.88 -72.70 -0.56
CA ALA B 12 -17.39 -72.99 0.79
C ALA B 12 -16.55 -71.84 1.33
N HIS B 13 -16.26 -71.88 2.63
CA HIS B 13 -15.47 -70.84 3.28
C HIS B 13 -14.14 -71.40 3.76
N LEU B 14 -13.14 -70.55 3.80
CA LEU B 14 -11.81 -70.91 4.28
C LEU B 14 -11.35 -69.75 5.16
N HIS B 15 -11.16 -70.04 6.45
CA HIS B 15 -10.71 -69.05 7.43
C HIS B 15 -9.42 -69.50 8.09
N ALA B 16 -8.39 -68.69 7.96
CA ALA B 16 -7.10 -69.01 8.58
C ALA B 16 -6.36 -67.70 8.81
N PRO B 17 -5.57 -67.62 9.88
CA PRO B 17 -4.81 -66.41 10.22
C PRO B 17 -3.98 -65.81 9.08
N THR B 18 -3.62 -64.53 9.23
CA THR B 18 -2.82 -63.90 8.20
C THR B 18 -1.44 -64.55 8.09
N GLY B 19 -1.03 -64.81 6.85
CA GLY B 19 0.26 -65.41 6.61
C GLY B 19 0.27 -66.92 6.65
N SER B 20 -0.86 -67.55 6.92
CA SER B 20 -0.89 -69.02 6.99
C SER B 20 -0.69 -69.69 5.62
N GLY B 21 -1.07 -68.99 4.54
CA GLY B 21 -0.88 -69.54 3.21
C GLY B 21 -2.13 -69.79 2.40
N LYS B 22 -3.22 -69.08 2.72
CA LYS B 22 -4.49 -69.25 2.01
C LYS B 22 -4.38 -68.88 0.55
N SER B 23 -3.52 -67.92 0.25
CA SER B 23 -3.36 -67.45 -1.12
C SER B 23 -2.24 -68.12 -1.89
N THR B 24 -1.46 -68.95 -1.23
CA THR B 24 -0.33 -69.63 -1.89
C THR B 24 -0.36 -71.14 -1.77
N LYS B 25 -0.21 -71.66 -0.55
CA LYS B 25 -0.23 -73.11 -0.36
C LYS B 25 -1.54 -73.74 -0.85
N VAL B 26 -2.66 -73.23 -0.35
CA VAL B 26 -3.96 -73.77 -0.73
C VAL B 26 -4.16 -73.91 -2.24
N PRO B 27 -4.06 -72.82 -3.00
CA PRO B 27 -4.25 -72.97 -4.44
C PRO B 27 -3.26 -73.93 -5.07
N ALA B 28 -2.07 -74.06 -4.47
CA ALA B 28 -1.09 -74.99 -5.00
C ALA B 28 -1.59 -76.42 -4.77
N ALA B 29 -1.99 -76.72 -3.54
CA ALA B 29 -2.49 -78.04 -3.21
C ALA B 29 -3.62 -78.48 -4.14
N TYR B 30 -4.48 -77.53 -4.55
CA TYR B 30 -5.58 -77.87 -5.45
C TYR B 30 -5.03 -78.21 -6.83
N ALA B 31 -4.03 -77.44 -7.26
CA ALA B 31 -3.44 -77.67 -8.56
C ALA B 31 -2.81 -79.06 -8.56
N ALA B 32 -2.20 -79.43 -7.44
CA ALA B 32 -1.57 -80.72 -7.32
C ALA B 32 -2.55 -81.87 -7.55
N GLN B 33 -3.83 -81.62 -7.31
CA GLN B 33 -4.85 -82.65 -7.51
C GLN B 33 -5.37 -82.64 -8.94
N GLY B 34 -4.67 -81.91 -9.82
CA GLY B 34 -5.09 -81.84 -11.21
C GLY B 34 -6.23 -80.89 -11.51
N TYR B 35 -6.38 -79.86 -10.67
CA TYR B 35 -7.44 -78.87 -10.85
C TYR B 35 -6.91 -77.54 -11.39
N LYS B 36 -7.77 -76.84 -12.13
CA LYS B 36 -7.44 -75.53 -12.67
C LYS B 36 -7.98 -74.50 -11.68
N VAL B 37 -7.11 -73.66 -11.13
CA VAL B 37 -7.55 -72.70 -10.12
C VAL B 37 -7.35 -71.22 -10.45
N LEU B 38 -8.39 -70.43 -10.17
CA LEU B 38 -8.33 -68.98 -10.37
C LEU B 38 -8.38 -68.33 -8.99
N VAL B 39 -7.43 -67.43 -8.72
CA VAL B 39 -7.38 -66.75 -7.43
C VAL B 39 -7.57 -65.25 -7.64
N LEU B 40 -8.68 -64.74 -7.14
CA LEU B 40 -8.99 -63.31 -7.26
C LEU B 40 -8.60 -62.58 -5.98
N ASN B 41 -7.78 -61.55 -6.12
CA ASN B 41 -7.31 -60.78 -4.99
C ASN B 41 -7.55 -59.29 -5.25
N PRO B 42 -7.93 -58.53 -4.23
CA PRO B 42 -8.16 -57.11 -4.48
C PRO B 42 -6.91 -56.25 -4.68
N SER B 43 -5.78 -56.73 -4.18
CA SER B 43 -4.52 -55.98 -4.30
C SER B 43 -3.68 -56.22 -5.55
N VAL B 44 -3.24 -55.14 -6.19
CA VAL B 44 -2.40 -55.29 -7.37
C VAL B 44 -1.00 -55.66 -6.90
N ALA B 45 -0.59 -55.04 -5.80
CA ALA B 45 0.72 -55.35 -5.23
C ALA B 45 0.81 -56.83 -4.84
N ALA B 46 -0.22 -57.36 -4.21
CA ALA B 46 -0.18 -58.75 -3.80
C ALA B 46 -0.19 -59.70 -5.02
N THR B 47 -1.11 -59.46 -5.95
CA THR B 47 -1.23 -60.29 -7.15
C THR B 47 0.13 -60.41 -7.86
N LEU B 48 0.76 -59.30 -8.18
CA LEU B 48 2.07 -59.35 -8.83
C LEU B 48 3.05 -60.12 -7.96
N GLY B 49 2.91 -59.95 -6.64
CA GLY B 49 3.79 -60.61 -5.70
C GLY B 49 3.69 -62.13 -5.74
N PHE B 50 2.51 -62.66 -6.02
CA PHE B 50 2.35 -64.09 -6.09
C PHE B 50 3.15 -64.65 -7.26
N GLY B 51 3.27 -63.86 -8.33
CA GLY B 51 3.97 -64.30 -9.51
C GLY B 51 5.38 -64.74 -9.18
N ALA B 52 6.16 -63.81 -8.64
CA ALA B 52 7.55 -64.09 -8.26
C ALA B 52 7.65 -65.18 -7.18
N TYR B 53 6.90 -65.02 -6.10
CA TYR B 53 6.97 -65.98 -5.01
C TYR B 53 6.61 -67.42 -5.37
N MET B 54 5.45 -67.61 -6.00
CA MET B 54 5.04 -68.94 -6.38
C MET B 54 6.09 -69.58 -7.30
N SER B 55 6.80 -68.72 -8.03
CA SER B 55 7.84 -69.15 -8.94
C SER B 55 8.99 -69.83 -8.20
N LYS B 56 9.68 -69.06 -7.35
CA LYS B 56 10.83 -69.60 -6.62
C LYS B 56 10.52 -70.31 -5.32
N ALA B 57 9.26 -70.58 -5.00
CA ALA B 57 8.97 -71.24 -3.74
C ALA B 57 8.02 -72.41 -3.94
N HIS B 58 7.40 -72.47 -5.10
CA HIS B 58 6.47 -73.55 -5.39
C HIS B 58 6.70 -74.07 -6.79
N GLY B 59 7.79 -73.62 -7.39
CA GLY B 59 8.14 -74.02 -8.75
C GLY B 59 6.98 -74.08 -9.73
N ILE B 60 6.24 -72.99 -9.82
CA ILE B 60 5.11 -72.94 -10.72
C ILE B 60 4.81 -71.51 -11.11
N ASP B 61 5.17 -71.14 -12.34
CA ASP B 61 4.90 -69.79 -12.81
C ASP B 61 3.42 -69.69 -13.16
N PRO B 62 2.65 -69.00 -12.31
CA PRO B 62 1.23 -68.87 -12.60
C PRO B 62 0.97 -67.76 -13.58
N ASN B 63 -0.25 -67.77 -14.10
CA ASN B 63 -0.70 -66.74 -15.01
C ASN B 63 -1.00 -65.56 -14.10
N ILE B 64 -0.66 -64.36 -14.56
CA ILE B 64 -0.92 -63.16 -13.79
C ILE B 64 -1.76 -62.19 -14.62
N ARG B 65 -2.82 -61.65 -14.02
CA ARG B 65 -3.69 -60.70 -14.69
C ARG B 65 -3.97 -59.50 -13.78
N THR B 66 -3.50 -58.33 -14.21
CA THR B 66 -3.72 -57.07 -13.47
C THR B 66 -3.74 -55.97 -14.51
N GLY B 67 -4.09 -54.77 -14.09
CA GLY B 67 -4.14 -53.65 -15.02
C GLY B 67 -2.76 -53.31 -15.55
N VAL B 68 -1.77 -53.43 -14.67
CA VAL B 68 -0.38 -53.13 -14.98
C VAL B 68 0.33 -54.21 -15.82
N ARG B 69 0.16 -55.47 -15.46
CA ARG B 69 0.84 -56.53 -16.19
C ARG B 69 0.01 -57.78 -16.44
N THR B 70 0.40 -58.53 -17.47
CA THR B 70 -0.29 -59.77 -17.82
C THR B 70 0.73 -60.83 -18.24
N ILE B 71 0.65 -62.02 -17.64
CA ILE B 71 1.58 -63.08 -17.99
C ILE B 71 0.87 -64.39 -18.17
N THR B 72 0.78 -64.85 -19.41
CA THR B 72 0.12 -66.11 -19.69
C THR B 72 1.17 -67.20 -19.92
N THR B 73 1.33 -68.05 -18.93
CA THR B 73 2.30 -69.12 -18.97
C THR B 73 1.61 -70.43 -19.34
N GLY B 74 0.34 -70.53 -18.96
CA GLY B 74 -0.41 -71.74 -19.25
C GLY B 74 -0.48 -72.66 -18.04
N ALA B 75 0.00 -72.17 -16.90
CA ALA B 75 -0.02 -72.97 -15.68
C ALA B 75 -1.46 -73.21 -15.22
N PRO B 76 -1.66 -74.19 -14.33
CA PRO B 76 -3.00 -74.51 -13.80
C PRO B 76 -3.49 -73.51 -12.74
N ILE B 77 -2.69 -72.51 -12.42
CA ILE B 77 -3.08 -71.50 -11.45
C ILE B 77 -3.03 -70.10 -12.07
N THR B 78 -4.05 -69.30 -11.79
CA THR B 78 -4.09 -67.93 -12.30
C THR B 78 -4.43 -66.98 -11.16
N TYR B 79 -3.62 -65.93 -11.04
CA TYR B 79 -3.83 -64.91 -10.03
C TYR B 79 -4.29 -63.68 -10.76
N SER B 80 -5.38 -63.09 -10.29
CA SER B 80 -5.92 -61.89 -10.91
C SER B 80 -6.54 -60.98 -9.89
N THR B 81 -6.55 -59.68 -10.18
CA THR B 81 -7.19 -58.75 -9.26
C THR B 81 -8.68 -58.80 -9.63
N TYR B 82 -9.53 -58.40 -8.71
CA TYR B 82 -10.96 -58.41 -8.98
C TYR B 82 -11.23 -57.40 -10.12
N GLY B 83 -10.52 -56.28 -10.09
CA GLY B 83 -10.69 -55.28 -11.11
C GLY B 83 -10.42 -55.83 -12.50
N LYS B 84 -9.29 -56.51 -12.67
CA LYS B 84 -8.95 -57.07 -13.96
C LYS B 84 -9.95 -58.17 -14.35
N PHE B 85 -10.44 -58.90 -13.36
CA PHE B 85 -11.40 -59.96 -13.62
C PHE B 85 -12.68 -59.36 -14.22
N LEU B 86 -13.16 -58.26 -13.64
CA LEU B 86 -14.36 -57.60 -14.16
C LEU B 86 -14.14 -57.00 -15.54
N ALA B 87 -13.00 -56.34 -15.73
CA ALA B 87 -12.72 -55.74 -17.02
C ALA B 87 -12.57 -56.78 -18.14
N ASP B 88 -12.41 -58.05 -17.80
CA ASP B 88 -12.24 -59.10 -18.81
C ASP B 88 -13.56 -59.80 -19.13
N GLY B 89 -14.64 -59.34 -18.52
CA GLY B 89 -15.94 -59.96 -18.78
C GLY B 89 -16.40 -60.99 -17.78
N GLY B 90 -15.62 -61.21 -16.74
CA GLY B 90 -16.02 -62.19 -15.73
C GLY B 90 -15.55 -63.60 -16.04
N CYS B 91 -16.39 -64.57 -15.69
CA CYS B 91 -16.06 -65.98 -15.88
C CYS B 91 -16.01 -66.45 -17.32
N SER B 92 -15.04 -67.32 -17.58
CA SER B 92 -14.86 -67.92 -18.90
C SER B 92 -15.46 -69.31 -18.89
N GLY B 93 -16.01 -69.73 -20.02
CA GLY B 93 -16.62 -71.05 -20.13
C GLY B 93 -15.62 -72.17 -19.94
N GLY B 94 -15.84 -72.96 -18.89
CA GLY B 94 -14.97 -74.09 -18.59
C GLY B 94 -13.51 -73.71 -18.49
N ALA B 95 -13.26 -72.50 -17.99
CA ALA B 95 -11.89 -72.01 -17.84
C ALA B 95 -11.22 -72.52 -16.56
N TYR B 96 -12.02 -72.70 -15.49
CA TYR B 96 -11.50 -73.16 -14.20
C TYR B 96 -12.43 -74.11 -13.44
N ASP B 97 -11.84 -74.98 -12.61
CA ASP B 97 -12.62 -75.93 -11.82
C ASP B 97 -12.92 -75.30 -10.47
N ILE B 98 -11.97 -74.52 -9.99
CA ILE B 98 -12.12 -73.86 -8.72
C ILE B 98 -11.79 -72.37 -8.83
N ILE B 99 -12.62 -71.56 -8.19
CA ILE B 99 -12.42 -70.13 -8.14
C ILE B 99 -12.34 -69.78 -6.68
N ILE B 100 -11.24 -69.16 -6.30
CA ILE B 100 -11.01 -68.75 -4.92
C ILE B 100 -11.14 -67.24 -4.81
N CYS B 101 -12.20 -66.79 -4.12
CA CYS B 101 -12.43 -65.37 -3.88
C CYS B 101 -11.63 -65.00 -2.64
N ASP B 102 -10.40 -64.57 -2.87
CA ASP B 102 -9.51 -64.21 -1.81
C ASP B 102 -9.85 -62.87 -1.16
N GLU B 103 -9.43 -62.72 0.09
CA GLU B 103 -9.65 -61.52 0.90
C GLU B 103 -11.09 -61.04 0.82
N CYS B 104 -12.03 -61.98 0.93
CA CYS B 104 -13.44 -61.68 0.86
C CYS B 104 -13.98 -60.86 2.04
N HIS B 105 -13.10 -60.17 2.74
CA HIS B 105 -13.53 -59.32 3.84
C HIS B 105 -13.52 -57.89 3.27
N SER B 106 -12.86 -57.70 2.12
CA SER B 106 -12.79 -56.39 1.49
C SER B 106 -14.16 -55.85 1.12
N THR B 107 -14.44 -54.63 1.58
CA THR B 107 -15.71 -54.02 1.28
C THR B 107 -15.62 -52.88 0.28
N ASP B 108 -14.68 -52.96 -0.64
CA ASP B 108 -14.59 -51.93 -1.66
C ASP B 108 -15.48 -52.41 -2.80
N SER B 109 -16.07 -51.47 -3.53
CA SER B 109 -16.99 -51.79 -4.61
C SER B 109 -16.49 -52.87 -5.57
N THR B 110 -15.24 -52.78 -6.02
CA THR B 110 -14.67 -53.76 -6.95
C THR B 110 -14.66 -55.19 -6.42
N THR B 111 -14.29 -55.37 -5.15
CA THR B 111 -14.27 -56.70 -4.56
C THR B 111 -15.71 -57.21 -4.44
N ILE B 112 -16.63 -56.36 -3.98
CA ILE B 112 -18.03 -56.76 -3.82
C ILE B 112 -18.61 -57.15 -5.17
N LEU B 113 -18.40 -56.30 -6.17
CA LEU B 113 -18.87 -56.54 -7.53
C LEU B 113 -18.25 -57.81 -8.10
N GLY B 114 -16.97 -58.00 -7.82
CA GLY B 114 -16.25 -59.16 -8.31
C GLY B 114 -16.77 -60.44 -7.72
N ILE B 115 -16.88 -60.49 -6.40
CA ILE B 115 -17.36 -61.70 -5.74
C ILE B 115 -18.80 -62.00 -6.14
N GLY B 116 -19.60 -60.95 -6.30
CA GLY B 116 -20.99 -61.17 -6.69
C GLY B 116 -21.02 -61.81 -8.06
N THR B 117 -20.19 -61.28 -8.95
CA THR B 117 -20.09 -61.79 -10.31
C THR B 117 -19.75 -63.28 -10.24
N VAL B 118 -18.73 -63.62 -9.47
CA VAL B 118 -18.36 -65.03 -9.35
C VAL B 118 -19.54 -65.87 -8.85
N LEU B 119 -20.15 -65.47 -7.74
CA LEU B 119 -21.25 -66.25 -7.19
C LEU B 119 -22.44 -66.34 -8.13
N ASP B 120 -22.42 -65.57 -9.21
CA ASP B 120 -23.51 -65.57 -10.17
C ASP B 120 -23.23 -66.30 -11.48
N GLN B 121 -21.95 -66.48 -11.82
CA GLN B 121 -21.60 -67.12 -13.08
C GLN B 121 -20.79 -68.41 -12.91
N ALA B 122 -20.23 -68.60 -11.73
CA ALA B 122 -19.40 -69.76 -11.45
C ALA B 122 -19.96 -71.12 -11.90
N GLU B 123 -21.09 -71.52 -11.36
CA GLU B 123 -21.67 -72.80 -11.73
C GLU B 123 -21.92 -72.89 -13.23
N THR B 124 -22.60 -71.89 -13.78
CA THR B 124 -22.90 -71.85 -15.20
C THR B 124 -21.63 -71.92 -16.03
N ALA B 125 -20.54 -71.38 -15.50
CA ALA B 125 -19.26 -71.39 -16.20
C ALA B 125 -18.58 -72.76 -16.11
N GLY B 126 -19.13 -73.65 -15.29
CA GLY B 126 -18.56 -74.97 -15.18
C GLY B 126 -17.63 -75.21 -14.00
N ALA B 127 -17.62 -74.29 -13.05
CA ALA B 127 -16.76 -74.43 -11.88
C ALA B 127 -17.45 -75.34 -10.87
N ARG B 128 -16.67 -76.18 -10.20
CA ARG B 128 -17.23 -77.08 -9.22
C ARG B 128 -17.15 -76.54 -7.82
N LEU B 129 -16.17 -75.68 -7.58
CA LEU B 129 -15.98 -75.11 -6.25
C LEU B 129 -15.60 -73.64 -6.18
N VAL B 130 -16.38 -72.87 -5.42
CA VAL B 130 -16.06 -71.46 -5.22
C VAL B 130 -15.64 -71.37 -3.76
N VAL B 131 -14.51 -70.73 -3.50
CA VAL B 131 -14.01 -70.59 -2.14
C VAL B 131 -13.91 -69.13 -1.69
N LEU B 132 -14.49 -68.83 -0.52
CA LEU B 132 -14.43 -67.49 0.03
C LEU B 132 -13.38 -67.49 1.15
N ALA B 133 -12.17 -66.97 0.86
CA ALA B 133 -11.10 -66.99 1.84
C ALA B 133 -10.76 -65.64 2.49
N THR B 134 -10.44 -65.69 3.78
CA THR B 134 -10.07 -64.49 4.56
C THR B 134 -9.59 -64.89 5.94
N ALA B 135 -8.81 -64.00 6.56
CA ALA B 135 -8.31 -64.25 7.91
C ALA B 135 -9.23 -63.52 8.89
N THR B 136 -10.15 -62.72 8.37
CA THR B 136 -11.04 -61.95 9.22
C THR B 136 -12.48 -61.99 8.73
N PRO B 137 -13.20 -63.09 9.00
CA PRO B 137 -14.59 -63.27 8.58
C PRO B 137 -15.51 -62.20 9.18
N PRO B 138 -16.63 -61.91 8.50
CA PRO B 138 -17.63 -60.91 8.91
C PRO B 138 -17.76 -60.58 10.40
N GLY B 139 -18.31 -61.49 11.19
CA GLY B 139 -18.44 -61.17 12.60
C GLY B 139 -17.33 -61.76 13.44
N SER B 140 -16.11 -61.24 13.30
CA SER B 140 -15.00 -61.77 14.08
C SER B 140 -14.20 -60.69 14.78
N VAL B 141 -13.71 -61.02 15.97
CA VAL B 141 -12.94 -60.10 16.78
C VAL B 141 -11.44 -60.36 16.57
N THR B 142 -10.64 -59.33 16.79
CA THR B 142 -9.20 -59.46 16.62
C THR B 142 -8.65 -60.48 17.61
N VAL B 143 -7.96 -61.49 17.09
CA VAL B 143 -7.40 -62.51 17.94
C VAL B 143 -5.86 -62.43 17.88
N PRO B 144 -5.19 -62.79 18.98
CA PRO B 144 -3.72 -62.76 19.03
C PRO B 144 -3.05 -63.56 17.92
N HIS B 145 -1.98 -63.01 17.37
CA HIS B 145 -1.25 -63.68 16.32
C HIS B 145 0.06 -64.20 16.91
N PRO B 146 0.33 -65.50 16.77
CA PRO B 146 1.56 -66.10 17.32
C PRO B 146 2.90 -65.50 16.91
N ASN B 147 2.99 -64.89 15.74
CA ASN B 147 4.25 -64.30 15.30
C ASN B 147 4.39 -62.82 15.55
N ILE B 148 3.35 -62.20 16.10
CA ILE B 148 3.36 -60.74 16.29
C ILE B 148 3.28 -60.17 17.70
N GLU B 149 4.32 -59.45 18.09
CA GLU B 149 4.34 -58.82 19.39
C GLU B 149 3.71 -57.44 19.17
N GLU B 150 2.71 -57.10 19.98
CA GLU B 150 2.03 -55.82 19.86
C GLU B 150 2.50 -54.83 20.91
N VAL B 151 3.25 -53.83 20.47
CA VAL B 151 3.80 -52.82 21.36
C VAL B 151 3.25 -51.43 21.08
N ALA B 152 2.54 -50.87 22.04
CA ALA B 152 1.99 -49.53 21.87
C ALA B 152 3.10 -48.50 21.76
N LEU B 153 2.80 -47.39 21.09
CA LEU B 153 3.74 -46.28 20.94
C LEU B 153 3.47 -45.31 22.09
N SER B 154 4.45 -44.48 22.42
CA SER B 154 4.30 -43.51 23.49
C SER B 154 4.55 -42.12 22.95
N SER B 155 4.76 -41.17 23.85
CA SER B 155 5.02 -39.80 23.45
C SER B 155 6.50 -39.58 23.24
N THR B 156 7.31 -40.57 23.62
CA THR B 156 8.76 -40.47 23.45
C THR B 156 9.12 -40.81 22.01
N GLY B 157 9.87 -39.92 21.38
CA GLY B 157 10.25 -40.18 20.00
C GLY B 157 10.44 -38.86 19.29
N GLU B 158 11.35 -38.85 18.32
CA GLU B 158 11.63 -37.64 17.57
C GLU B 158 10.68 -37.40 16.40
N ILE B 159 9.93 -38.43 16.01
CA ILE B 159 9.01 -38.30 14.90
C ILE B 159 7.57 -38.28 15.37
N PRO B 160 6.89 -37.15 15.18
CA PRO B 160 5.48 -36.99 15.59
C PRO B 160 4.61 -37.94 14.78
N PHE B 161 3.62 -38.55 15.41
CA PHE B 161 2.78 -39.51 14.69
C PHE B 161 1.39 -39.64 15.30
N TYR B 162 0.41 -39.00 14.68
CA TYR B 162 -0.98 -39.07 15.13
C TYR B 162 -1.17 -38.92 16.62
N GLY B 163 -0.51 -37.93 17.21
CA GLY B 163 -0.64 -37.73 18.64
C GLY B 163 0.44 -38.37 19.47
N LYS B 164 1.03 -39.45 18.97
CA LYS B 164 2.11 -40.15 19.66
C LYS B 164 3.41 -39.85 18.95
N ALA B 165 4.40 -40.73 19.11
CA ALA B 165 5.69 -40.51 18.47
C ALA B 165 6.40 -41.80 18.13
N ILE B 166 7.27 -41.73 17.13
CA ILE B 166 8.00 -42.91 16.71
C ILE B 166 9.48 -42.70 17.01
N PRO B 167 10.07 -43.61 17.79
CA PRO B 167 11.50 -43.50 18.12
C PRO B 167 12.33 -43.93 16.92
N ILE B 168 13.28 -43.10 16.50
CA ILE B 168 14.09 -43.46 15.35
C ILE B 168 14.76 -44.83 15.44
N GLU B 169 15.33 -45.16 16.60
CA GLU B 169 16.00 -46.45 16.72
C GLU B 169 15.04 -47.61 16.50
N THR B 170 13.75 -47.31 16.41
CA THR B 170 12.75 -48.35 16.22
C THR B 170 12.58 -48.72 14.75
N ILE B 171 13.08 -47.86 13.86
CA ILE B 171 12.96 -48.09 12.43
C ILE B 171 14.28 -47.84 11.69
N LYS B 172 15.35 -47.59 12.45
CA LYS B 172 16.69 -47.36 11.89
C LYS B 172 17.34 -48.70 11.60
N GLY B 173 17.22 -49.15 10.37
CA GLY B 173 17.79 -50.43 9.99
C GLY B 173 16.66 -51.45 9.98
N GLY B 174 16.65 -52.31 8.98
CA GLY B 174 15.61 -53.32 8.87
C GLY B 174 14.51 -52.86 7.92
N ARG B 175 13.49 -53.68 7.75
CA ARG B 175 12.38 -53.35 6.87
C ARG B 175 11.14 -53.06 7.71
N HIS B 176 10.51 -51.92 7.45
CA HIS B 176 9.33 -51.48 8.19
C HIS B 176 8.24 -50.86 7.33
N LEU B 177 7.00 -51.10 7.72
CA LEU B 177 5.84 -50.57 7.00
C LEU B 177 5.03 -49.64 7.93
N ILE B 178 4.82 -48.41 7.49
CA ILE B 178 4.04 -47.46 8.30
C ILE B 178 2.73 -47.06 7.60
N PHE B 179 1.62 -47.38 8.25
CA PHE B 179 0.31 -47.05 7.72
C PHE B 179 -0.18 -45.65 8.09
N CYS B 180 -0.56 -44.90 7.06
CA CYS B 180 -1.09 -43.54 7.23
C CYS B 180 -2.42 -43.49 6.49
N HIS B 181 -3.43 -42.91 7.13
CA HIS B 181 -4.75 -42.84 6.55
C HIS B 181 -4.89 -42.07 5.21
N SER B 182 -3.94 -41.21 4.86
CA SER B 182 -4.05 -40.46 3.61
C SER B 182 -2.74 -40.31 2.84
N LYS B 183 -2.82 -40.11 1.54
CA LYS B 183 -1.59 -39.95 0.74
C LYS B 183 -0.78 -38.74 1.17
N LYS B 184 -1.49 -37.69 1.58
CA LYS B 184 -0.81 -36.47 1.99
C LYS B 184 0.14 -36.76 3.15
N LYS B 185 -0.32 -37.47 4.18
CA LYS B 185 0.58 -37.77 5.28
C LYS B 185 1.67 -38.73 4.83
N CYS B 186 1.36 -39.69 3.96
CA CYS B 186 2.36 -40.62 3.47
C CYS B 186 3.53 -39.86 2.88
N ASP B 187 3.22 -38.83 2.11
CA ASP B 187 4.23 -38.01 1.47
C ASP B 187 5.08 -37.23 2.47
N GLU B 188 4.42 -36.54 3.40
CA GLU B 188 5.13 -35.76 4.41
C GLU B 188 6.01 -36.67 5.29
N LEU B 189 5.44 -37.73 5.83
CA LEU B 189 6.19 -38.64 6.67
C LEU B 189 7.41 -39.20 5.94
N ALA B 190 7.19 -39.77 4.76
CA ALA B 190 8.30 -40.32 3.98
C ALA B 190 9.39 -39.26 3.84
N ALA B 191 8.99 -38.03 3.58
CA ALA B 191 9.94 -36.94 3.43
C ALA B 191 10.67 -36.73 4.75
N LYS B 192 9.90 -36.54 5.81
CA LYS B 192 10.47 -36.33 7.13
C LYS B 192 11.54 -37.37 7.41
N LEU B 193 11.23 -38.64 7.11
CA LEU B 193 12.17 -39.73 7.35
C LEU B 193 13.38 -39.71 6.43
N SER B 194 13.18 -39.45 5.14
CA SER B 194 14.31 -39.41 4.22
C SER B 194 15.27 -38.31 4.64
N GLY B 195 14.71 -37.20 5.10
CA GLY B 195 15.52 -36.08 5.54
C GLY B 195 16.07 -36.35 6.93
N LEU B 196 16.35 -37.61 7.21
CA LEU B 196 16.90 -38.01 8.50
C LEU B 196 18.03 -39.00 8.25
N GLY B 197 18.10 -39.52 7.04
CA GLY B 197 19.13 -40.48 6.68
C GLY B 197 18.57 -41.87 6.50
N LEU B 198 17.25 -41.98 6.47
CA LEU B 198 16.60 -43.27 6.31
C LEU B 198 16.13 -43.51 4.89
N ASN B 199 16.20 -44.75 4.45
CA ASN B 199 15.75 -45.09 3.12
C ASN B 199 14.22 -45.22 3.17
N ALA B 200 13.53 -44.10 3.05
CA ALA B 200 12.07 -44.09 3.11
C ALA B 200 11.43 -43.90 1.75
N VAL B 201 10.25 -44.49 1.58
CA VAL B 201 9.49 -44.39 0.33
C VAL B 201 8.00 -44.44 0.64
N ALA B 202 7.20 -43.71 -0.13
CA ALA B 202 5.76 -43.71 0.06
C ALA B 202 5.08 -44.55 -1.02
N TYR B 203 3.94 -45.14 -0.69
CA TYR B 203 3.21 -45.95 -1.66
C TYR B 203 1.70 -45.94 -1.45
N TYR B 204 0.98 -45.77 -2.55
CA TYR B 204 -0.49 -45.78 -2.54
C TYR B 204 -1.01 -45.98 -3.95
N ARG B 205 -2.33 -46.12 -4.07
CA ARG B 205 -2.96 -46.30 -5.37
C ARG B 205 -2.51 -45.17 -6.30
N GLY B 206 -1.87 -45.53 -7.40
CA GLY B 206 -1.40 -44.52 -8.32
C GLY B 206 0.09 -44.61 -8.55
N LEU B 207 0.85 -44.97 -7.52
CA LEU B 207 2.30 -45.09 -7.68
C LEU B 207 2.62 -46.48 -8.22
N ASP B 208 3.90 -46.73 -8.51
CA ASP B 208 4.32 -48.02 -9.04
C ASP B 208 4.92 -48.95 -7.99
N VAL B 209 4.41 -50.17 -7.92
CA VAL B 209 4.88 -51.17 -6.96
C VAL B 209 6.39 -51.36 -6.92
N SER B 210 7.08 -50.94 -7.97
CA SER B 210 8.53 -51.07 -8.05
C SER B 210 9.26 -50.21 -7.03
N VAL B 211 8.59 -49.19 -6.54
CA VAL B 211 9.18 -48.30 -5.56
C VAL B 211 9.57 -49.05 -4.29
N ILE B 212 8.99 -50.22 -4.08
CA ILE B 212 9.33 -50.99 -2.90
C ILE B 212 10.42 -52.01 -3.17
N PRO B 213 11.64 -51.79 -2.64
CA PRO B 213 12.74 -52.73 -2.86
C PRO B 213 12.44 -54.14 -2.35
N THR B 214 12.91 -55.14 -3.08
CA THR B 214 12.69 -56.53 -2.72
C THR B 214 13.44 -56.86 -1.45
N SER B 215 14.56 -56.16 -1.22
CA SER B 215 15.34 -56.40 -0.03
C SER B 215 16.11 -55.18 0.38
N GLY B 216 16.83 -55.29 1.49
CA GLY B 216 17.59 -54.17 2.01
C GLY B 216 16.74 -53.38 2.99
N ASP B 217 17.38 -52.57 3.83
CA ASP B 217 16.64 -51.77 4.80
C ASP B 217 15.73 -50.82 4.02
N VAL B 218 14.51 -50.64 4.52
CA VAL B 218 13.57 -49.72 3.90
C VAL B 218 12.39 -49.43 4.82
N ILE B 219 11.84 -48.23 4.66
CA ILE B 219 10.68 -47.84 5.43
C ILE B 219 9.66 -47.38 4.43
N VAL B 220 8.59 -48.15 4.31
CA VAL B 220 7.51 -47.84 3.41
C VAL B 220 6.36 -47.18 4.16
N VAL B 221 5.93 -46.00 3.70
CA VAL B 221 4.80 -45.28 4.31
C VAL B 221 3.66 -45.42 3.31
N ALA B 222 2.61 -46.14 3.67
CA ALA B 222 1.53 -46.37 2.73
C ALA B 222 0.13 -46.29 3.30
N THR B 223 -0.84 -46.32 2.40
CA THR B 223 -2.25 -46.29 2.74
C THR B 223 -2.74 -47.74 2.73
N ASP B 224 -4.05 -47.92 2.81
CA ASP B 224 -4.60 -49.27 2.79
C ASP B 224 -4.31 -50.00 1.46
N ALA B 225 -3.47 -49.38 0.63
CA ALA B 225 -3.08 -49.98 -0.64
C ALA B 225 -2.28 -51.24 -0.31
N LEU B 226 -1.60 -51.23 0.83
CA LEU B 226 -0.81 -52.39 1.26
C LEU B 226 -1.47 -53.04 2.47
N MET B 227 -2.78 -52.92 2.59
CA MET B 227 -3.44 -53.49 3.74
C MET B 227 -3.69 -54.97 3.68
N THR B 228 -4.09 -55.47 2.52
CA THR B 228 -4.40 -56.88 2.40
C THR B 228 -3.60 -57.65 1.37
N GLY B 229 -3.43 -58.93 1.64
CA GLY B 229 -2.74 -59.82 0.73
C GLY B 229 -1.24 -59.70 0.56
N PHE B 230 -0.73 -58.48 0.60
CA PHE B 230 0.69 -58.22 0.39
C PHE B 230 1.69 -58.74 1.44
N THR B 231 2.83 -59.23 0.95
CA THR B 231 3.92 -59.70 1.80
C THR B 231 5.13 -58.89 1.40
N GLY B 232 5.63 -58.07 2.31
CA GLY B 232 6.79 -57.27 1.99
C GLY B 232 7.99 -57.61 2.85
N ASP B 233 7.92 -58.72 3.59
CA ASP B 233 8.99 -59.16 4.47
C ASP B 233 9.34 -58.04 5.48
N PHE B 234 8.34 -57.48 6.14
CA PHE B 234 8.58 -56.41 7.10
C PHE B 234 8.91 -56.90 8.50
N ASP B 235 9.89 -56.28 9.15
CA ASP B 235 10.22 -56.69 10.51
C ASP B 235 9.17 -56.13 11.46
N SER B 236 8.55 -55.01 11.09
CA SER B 236 7.53 -54.38 11.92
C SER B 236 6.48 -53.59 11.12
N VAL B 237 5.41 -53.24 11.82
CA VAL B 237 4.34 -52.43 11.26
C VAL B 237 3.94 -51.40 12.31
N ILE B 238 3.74 -50.16 11.87
CA ILE B 238 3.32 -49.07 12.74
C ILE B 238 2.02 -48.60 12.11
N ASP B 239 0.96 -48.70 12.90
CA ASP B 239 -0.39 -48.40 12.45
C ASP B 239 -0.99 -47.16 13.15
N CYS B 240 -1.50 -46.22 12.35
CA CYS B 240 -2.12 -44.99 12.86
C CYS B 240 -3.49 -45.31 13.42
N ASN B 241 -3.99 -46.50 13.10
CA ASN B 241 -5.28 -46.94 13.60
C ASN B 241 -6.48 -46.15 13.11
N THR B 242 -6.26 -45.27 12.13
CA THR B 242 -7.37 -44.50 11.58
C THR B 242 -7.52 -44.87 10.10
N CYS B 243 -8.71 -44.69 9.56
CA CYS B 243 -8.97 -45.01 8.15
C CYS B 243 -9.98 -44.05 7.55
N VAL B 244 -9.98 -43.96 6.22
CA VAL B 244 -10.92 -43.09 5.52
C VAL B 244 -12.09 -43.94 5.00
N THR B 245 -13.31 -43.52 5.32
CA THR B 245 -14.50 -44.25 4.88
C THR B 245 -15.51 -43.27 4.29
N GLN B 246 -16.57 -43.81 3.70
CA GLN B 246 -17.60 -42.99 3.11
C GLN B 246 -18.95 -43.35 3.63
N THR B 247 -19.80 -42.34 3.73
CA THR B 247 -21.15 -42.55 4.24
C THR B 247 -22.15 -41.84 3.35
N VAL B 248 -23.37 -42.36 3.31
CA VAL B 248 -24.38 -41.71 2.53
C VAL B 248 -25.45 -41.23 3.48
N ASP B 249 -25.87 -39.99 3.29
CA ASP B 249 -26.91 -39.42 4.11
C ASP B 249 -28.07 -38.96 3.23
N PHE B 250 -29.25 -39.51 3.49
CA PHE B 250 -30.44 -39.15 2.75
C PHE B 250 -31.05 -37.91 3.41
N SER B 251 -30.35 -36.78 3.26
CA SER B 251 -30.71 -35.49 3.81
C SER B 251 -31.78 -34.70 3.06
N LEU B 252 -32.31 -35.27 1.97
CA LEU B 252 -33.35 -34.64 1.16
C LEU B 252 -33.14 -33.12 1.01
N ASP B 253 -31.94 -32.72 0.58
CA ASP B 253 -31.62 -31.31 0.44
C ASP B 253 -30.78 -31.03 -0.80
N PRO B 254 -31.28 -31.37 -1.99
CA PRO B 254 -32.58 -32.00 -2.25
C PRO B 254 -32.66 -33.52 -2.16
N THR B 255 -31.56 -34.22 -2.43
CA THR B 255 -31.56 -35.68 -2.45
C THR B 255 -30.73 -36.36 -1.37
N PHE B 256 -29.53 -36.85 -1.71
CA PHE B 256 -28.68 -37.48 -0.71
C PHE B 256 -27.35 -36.78 -0.65
N THR B 257 -26.54 -37.13 0.34
CA THR B 257 -25.22 -36.54 0.49
C THR B 257 -24.23 -37.66 0.74
N ILE B 258 -23.13 -37.64 0.00
CA ILE B 258 -22.10 -38.64 0.19
C ILE B 258 -20.94 -37.91 0.83
N GLU B 259 -20.67 -38.29 2.07
CA GLU B 259 -19.60 -37.66 2.84
C GLU B 259 -18.46 -38.61 3.15
N THR B 260 -17.25 -38.11 2.96
CA THR B 260 -16.05 -38.88 3.24
C THR B 260 -15.62 -38.44 4.64
N THR B 261 -15.35 -39.41 5.50
CA THR B 261 -14.92 -39.11 6.87
C THR B 261 -13.72 -39.97 7.30
N THR B 262 -12.92 -39.46 8.24
CA THR B 262 -11.79 -40.18 8.80
C THR B 262 -12.23 -40.73 10.15
N VAL B 263 -12.21 -42.05 10.30
CA VAL B 263 -12.64 -42.65 11.55
C VAL B 263 -11.70 -43.73 12.08
N PRO B 264 -11.97 -44.27 13.29
CA PRO B 264 -11.15 -45.31 13.90
C PRO B 264 -11.31 -46.60 13.10
N GLN B 265 -10.21 -47.32 12.89
CA GLN B 265 -10.27 -48.56 12.11
C GLN B 265 -11.08 -49.61 12.85
N ASP B 266 -11.67 -50.51 12.07
CA ASP B 266 -12.46 -51.60 12.61
C ASP B 266 -11.53 -52.80 12.80
N ALA B 267 -12.08 -53.85 13.38
CA ALA B 267 -11.32 -55.07 13.64
C ALA B 267 -10.66 -55.62 12.38
N VAL B 268 -11.42 -55.74 11.31
CA VAL B 268 -10.86 -56.25 10.07
C VAL B 268 -9.59 -55.49 9.70
N SER B 269 -9.71 -54.16 9.65
CA SER B 269 -8.56 -53.34 9.31
C SER B 269 -7.35 -53.56 10.23
N ARG B 270 -7.59 -53.64 11.54
CA ARG B 270 -6.50 -53.81 12.49
C ARG B 270 -5.78 -55.13 12.29
N SER B 271 -6.54 -56.21 12.13
CA SER B 271 -5.94 -57.52 11.91
C SER B 271 -5.21 -57.61 10.57
N GLN B 272 -5.80 -57.03 9.53
CA GLN B 272 -5.16 -57.08 8.22
C GLN B 272 -3.88 -56.23 8.21
N ARG B 273 -3.95 -55.01 8.73
CA ARG B 273 -2.77 -54.15 8.75
C ARG B 273 -1.68 -54.79 9.59
N ARG B 274 -2.08 -55.31 10.75
CA ARG B 274 -1.13 -55.96 11.63
C ARG B 274 -0.53 -57.12 10.85
N GLY B 275 -1.39 -57.86 10.15
CA GLY B 275 -0.95 -58.99 9.36
C GLY B 275 0.08 -58.75 8.26
N ARG B 276 0.55 -57.51 8.06
CA ARG B 276 1.54 -57.28 7.02
C ARG B 276 2.91 -57.70 7.52
N THR B 277 3.03 -57.85 8.84
CA THR B 277 4.29 -58.29 9.44
C THR B 277 3.99 -59.66 10.02
N GLY B 278 5.01 -60.33 10.56
CA GLY B 278 4.80 -61.65 11.14
C GLY B 278 4.34 -62.68 10.12
N ARG B 279 4.91 -62.59 8.92
CA ARG B 279 4.54 -63.52 7.85
C ARG B 279 5.69 -64.52 7.60
N GLY B 280 5.62 -65.66 8.29
CA GLY B 280 6.67 -66.65 8.13
C GLY B 280 7.82 -66.41 9.09
N ARG B 281 7.61 -65.52 10.06
CA ARG B 281 8.63 -65.21 11.05
C ARG B 281 8.08 -64.18 12.04
N MET B 282 8.69 -64.08 13.21
CA MET B 282 8.21 -63.13 14.21
C MET B 282 8.31 -61.68 13.75
N GLY B 283 7.38 -60.87 14.22
CA GLY B 283 7.36 -59.47 13.85
C GLY B 283 6.78 -58.62 14.97
N ILE B 284 6.94 -57.31 14.82
CA ILE B 284 6.44 -56.37 15.80
C ILE B 284 5.35 -55.49 15.20
N TYR B 285 4.36 -55.15 16.01
CA TYR B 285 3.26 -54.30 15.57
C TYR B 285 3.12 -53.16 16.59
N ARG B 286 3.38 -51.93 16.15
CA ARG B 286 3.24 -50.77 17.03
C ARG B 286 2.01 -49.98 16.59
N PHE B 287 1.24 -49.51 17.57
CA PHE B 287 0.01 -48.78 17.32
C PHE B 287 -0.13 -47.51 18.15
N VAL B 288 -1.06 -46.66 17.72
CA VAL B 288 -1.34 -45.40 18.37
C VAL B 288 -2.48 -45.59 19.38
N THR B 289 -3.58 -46.17 18.91
CA THR B 289 -4.74 -46.41 19.74
C THR B 289 -5.08 -47.87 19.83
N PRO B 290 -5.46 -48.33 21.02
CA PRO B 290 -5.79 -49.75 21.18
C PRO B 290 -7.22 -49.99 20.77
N GLY B 291 -7.65 -51.25 20.86
CA GLY B 291 -9.01 -51.60 20.52
C GLY B 291 -9.47 -51.17 19.15
N GLU B 292 -10.76 -51.39 18.87
CA GLU B 292 -11.34 -51.05 17.58
C GLU B 292 -12.83 -51.35 17.54
N ARG B 293 -13.50 -50.92 16.47
CA ARG B 293 -14.92 -51.16 16.31
C ARG B 293 -15.22 -52.47 15.56
N PRO B 294 -16.36 -53.10 15.87
CA PRO B 294 -16.76 -54.36 15.23
C PRO B 294 -17.00 -54.21 13.73
N SER B 295 -16.91 -55.34 13.02
CA SER B 295 -17.11 -55.36 11.57
C SER B 295 -18.35 -56.19 11.22
N GLY B 296 -18.43 -56.63 9.97
CA GLY B 296 -19.56 -57.43 9.55
C GLY B 296 -20.61 -56.68 8.74
N MET B 297 -20.65 -55.35 8.86
CA MET B 297 -21.62 -54.57 8.11
C MET B 297 -21.00 -53.35 7.43
N PHE B 298 -21.44 -53.05 6.21
CA PHE B 298 -20.91 -51.89 5.49
C PHE B 298 -22.01 -50.91 5.05
N ASP B 299 -21.64 -49.65 4.90
CA ASP B 299 -22.62 -48.63 4.53
C ASP B 299 -23.20 -48.72 3.13
N SER B 300 -24.45 -48.30 3.04
CA SER B 300 -25.19 -48.28 1.78
C SER B 300 -24.41 -47.54 0.70
N SER B 301 -23.48 -46.68 1.12
CA SER B 301 -22.68 -45.92 0.16
C SER B 301 -21.81 -46.84 -0.69
N VAL B 302 -21.48 -48.00 -0.14
CA VAL B 302 -20.67 -48.93 -0.89
C VAL B 302 -21.49 -49.43 -2.08
N LEU B 303 -22.76 -49.73 -1.86
CA LEU B 303 -23.59 -50.19 -2.97
C LEU B 303 -23.62 -49.09 -4.03
N CYS B 304 -23.82 -47.85 -3.60
CA CYS B 304 -23.85 -46.73 -4.54
C CYS B 304 -22.58 -46.76 -5.36
N GLU B 305 -21.47 -46.97 -4.66
CA GLU B 305 -20.16 -47.03 -5.29
C GLU B 305 -20.08 -48.17 -6.34
N CYS B 306 -20.74 -49.30 -6.10
CA CYS B 306 -20.72 -50.40 -7.07
C CYS B 306 -21.40 -50.05 -8.39
N TYR B 307 -22.58 -49.44 -8.32
CA TYR B 307 -23.29 -49.04 -9.52
C TYR B 307 -22.44 -48.07 -10.27
N ASP B 308 -21.89 -47.09 -9.55
CA ASP B 308 -21.03 -46.09 -10.17
C ASP B 308 -19.84 -46.74 -10.89
N ALA B 309 -19.24 -47.76 -10.28
CA ALA B 309 -18.07 -48.44 -10.87
C ALA B 309 -18.53 -49.26 -12.06
N GLY B 310 -19.68 -49.89 -11.92
CA GLY B 310 -20.22 -50.68 -13.00
C GLY B 310 -20.44 -49.82 -14.23
N CYS B 311 -20.95 -48.60 -14.02
CA CYS B 311 -21.20 -47.69 -15.12
C CYS B 311 -19.97 -47.03 -15.65
N ALA B 312 -19.04 -46.71 -14.76
CA ALA B 312 -17.84 -46.03 -15.21
C ALA B 312 -16.68 -46.88 -15.67
N TRP B 313 -16.51 -48.06 -15.09
CA TRP B 313 -15.38 -48.92 -15.44
C TRP B 313 -15.63 -50.27 -16.07
N TYR B 314 -16.71 -50.94 -15.68
CA TYR B 314 -16.94 -52.28 -16.18
C TYR B 314 -18.04 -52.53 -17.19
N GLU B 315 -18.47 -51.47 -17.86
CA GLU B 315 -19.53 -51.52 -18.85
C GLU B 315 -20.70 -52.41 -18.42
N LEU B 316 -21.17 -52.19 -17.19
CA LEU B 316 -22.29 -52.94 -16.65
C LEU B 316 -23.48 -51.99 -16.47
N THR B 317 -24.64 -52.43 -16.90
CA THR B 317 -25.85 -51.63 -16.77
C THR B 317 -26.32 -51.81 -15.33
N PRO B 318 -27.02 -50.79 -14.79
CA PRO B 318 -27.51 -50.86 -13.42
C PRO B 318 -28.17 -52.20 -13.15
N ALA B 319 -29.01 -52.64 -14.08
CA ALA B 319 -29.72 -53.91 -13.95
C ALA B 319 -28.76 -55.08 -13.79
N GLU B 320 -27.70 -55.06 -14.59
CA GLU B 320 -26.70 -56.11 -14.56
C GLU B 320 -25.95 -56.07 -13.22
N THR B 321 -25.65 -54.88 -12.74
CA THR B 321 -24.98 -54.71 -11.46
C THR B 321 -25.84 -55.27 -10.34
N SER B 322 -27.16 -55.08 -10.44
CA SER B 322 -28.08 -55.57 -9.42
C SER B 322 -28.06 -57.09 -9.31
N VAL B 323 -28.02 -57.75 -10.46
CA VAL B 323 -28.00 -59.18 -10.48
C VAL B 323 -26.78 -59.71 -9.75
N ARG B 324 -25.67 -58.98 -9.84
CA ARG B 324 -24.44 -59.41 -9.19
C ARG B 324 -24.41 -59.11 -7.71
N LEU B 325 -24.88 -57.92 -7.30
CA LEU B 325 -24.90 -57.56 -5.89
C LEU B 325 -25.90 -58.45 -5.15
N ARG B 326 -26.95 -58.84 -5.86
CA ARG B 326 -27.98 -59.69 -5.29
C ARG B 326 -27.38 -61.04 -4.91
N ALA B 327 -26.56 -61.58 -5.79
CA ALA B 327 -25.93 -62.87 -5.53
C ALA B 327 -25.07 -62.75 -4.28
N TYR B 328 -24.38 -61.61 -4.15
CA TYR B 328 -23.52 -61.35 -3.00
C TYR B 328 -24.33 -61.28 -1.70
N LEU B 329 -25.29 -60.36 -1.66
CA LEU B 329 -26.13 -60.17 -0.48
C LEU B 329 -26.92 -61.41 -0.07
N ASN B 330 -27.17 -62.32 -1.00
CA ASN B 330 -27.92 -63.54 -0.69
C ASN B 330 -27.04 -64.71 -0.27
N THR B 331 -25.74 -64.52 -0.28
CA THR B 331 -24.81 -65.58 0.09
C THR B 331 -24.36 -65.44 1.54
N PRO B 332 -24.64 -66.45 2.36
CA PRO B 332 -24.27 -66.47 3.78
C PRO B 332 -22.76 -66.47 4.00
N GLY B 333 -22.32 -65.80 5.08
CA GLY B 333 -20.91 -65.79 5.41
C GLY B 333 -20.13 -64.58 4.94
N LEU B 334 -20.82 -63.65 4.29
CA LEU B 334 -20.18 -62.45 3.79
C LEU B 334 -20.64 -61.25 4.58
N PRO B 335 -20.01 -60.09 4.35
CA PRO B 335 -20.41 -58.87 5.05
C PRO B 335 -21.84 -58.49 4.62
N VAL B 336 -22.67 -58.08 5.57
CA VAL B 336 -24.05 -57.69 5.26
C VAL B 336 -24.22 -56.19 5.09
N CYS B 337 -25.32 -55.79 4.48
CA CYS B 337 -25.57 -54.39 4.24
C CYS B 337 -27.05 -54.19 3.95
N GLN B 338 -27.59 -53.00 4.26
CA GLN B 338 -29.00 -52.68 3.99
C GLN B 338 -29.33 -52.97 2.52
N ASP B 339 -30.45 -53.63 2.26
CA ASP B 339 -30.83 -53.94 0.89
C ASP B 339 -31.42 -52.71 0.19
N HIS B 340 -30.54 -51.91 -0.42
CA HIS B 340 -30.95 -50.70 -1.12
C HIS B 340 -30.71 -50.81 -2.62
N LEU B 341 -30.60 -52.05 -3.11
CA LEU B 341 -30.34 -52.28 -4.53
C LEU B 341 -31.36 -51.57 -5.42
N GLU B 342 -32.64 -51.86 -5.19
CA GLU B 342 -33.71 -51.24 -5.97
C GLU B 342 -33.52 -49.74 -6.03
N PHE B 343 -33.35 -49.12 -4.87
CA PHE B 343 -33.17 -47.70 -4.84
C PHE B 343 -31.98 -47.26 -5.70
N TRP B 344 -30.78 -47.71 -5.37
CA TRP B 344 -29.61 -47.29 -6.15
C TRP B 344 -29.73 -47.61 -7.64
N GLU B 345 -30.29 -48.77 -7.96
CA GLU B 345 -30.49 -49.14 -9.37
C GLU B 345 -31.38 -48.11 -10.07
N SER B 346 -32.50 -47.75 -9.46
CA SER B 346 -33.39 -46.78 -10.07
C SER B 346 -32.70 -45.43 -10.21
N VAL B 347 -31.81 -45.09 -9.27
CA VAL B 347 -31.11 -43.82 -9.36
C VAL B 347 -30.22 -43.78 -10.58
N PHE B 348 -29.31 -44.74 -10.69
CA PHE B 348 -28.38 -44.75 -11.81
C PHE B 348 -29.08 -44.97 -13.16
N THR B 349 -30.19 -45.71 -13.15
CA THR B 349 -30.90 -45.95 -14.40
C THR B 349 -31.32 -44.60 -15.05
N GLY B 350 -31.50 -43.58 -14.22
CA GLY B 350 -31.88 -42.28 -14.75
C GLY B 350 -30.73 -41.47 -15.31
N LEU B 351 -29.51 -41.72 -14.83
CA LEU B 351 -28.35 -40.96 -15.29
C LEU B 351 -27.84 -41.44 -16.66
N THR B 352 -28.46 -40.95 -17.73
CA THR B 352 -28.06 -41.39 -19.07
C THR B 352 -27.44 -40.29 -19.92
N HIS B 353 -26.74 -40.70 -20.95
CA HIS B 353 -26.11 -39.74 -21.85
C HIS B 353 -25.14 -38.82 -21.15
N ILE B 354 -24.24 -39.40 -20.37
CA ILE B 354 -23.24 -38.64 -19.64
C ILE B 354 -22.18 -38.16 -20.64
N ASP B 355 -21.51 -37.05 -20.37
CA ASP B 355 -20.47 -36.59 -21.27
C ASP B 355 -19.21 -37.45 -21.11
N ALA B 356 -18.84 -38.17 -22.17
CA ALA B 356 -17.67 -39.05 -22.16
C ALA B 356 -16.38 -38.34 -21.79
N HIS B 357 -16.24 -37.13 -22.29
CA HIS B 357 -15.05 -36.35 -22.00
C HIS B 357 -14.91 -36.07 -20.50
N PHE B 358 -16.03 -35.82 -19.83
CA PHE B 358 -16.06 -35.55 -18.40
C PHE B 358 -15.82 -36.85 -17.61
N LEU B 359 -16.47 -37.93 -18.03
CA LEU B 359 -16.33 -39.20 -17.35
C LEU B 359 -14.87 -39.58 -17.38
N SER B 360 -14.30 -39.54 -18.57
CA SER B 360 -12.92 -39.88 -18.75
C SER B 360 -12.04 -39.08 -17.80
N GLN B 361 -12.32 -37.79 -17.66
CA GLN B 361 -11.50 -36.94 -16.78
C GLN B 361 -11.58 -37.27 -15.30
N THR B 362 -12.78 -37.60 -14.81
CA THR B 362 -12.91 -37.93 -13.40
C THR B 362 -12.34 -39.30 -13.08
N LYS B 363 -12.28 -40.18 -14.07
CA LYS B 363 -11.72 -41.50 -13.84
C LYS B 363 -10.22 -41.37 -13.69
N GLN B 364 -9.60 -40.63 -14.61
CA GLN B 364 -8.16 -40.44 -14.60
C GLN B 364 -7.69 -39.57 -13.46
N ALA B 365 -8.61 -38.84 -12.84
CA ALA B 365 -8.24 -37.97 -11.74
C ALA B 365 -8.31 -38.76 -10.43
N GLY B 366 -8.85 -39.98 -10.51
CA GLY B 366 -8.98 -40.80 -9.32
C GLY B 366 -10.12 -40.41 -8.40
N ASP B 367 -11.02 -39.54 -8.87
CA ASP B 367 -12.16 -39.09 -8.07
C ASP B 367 -13.02 -40.26 -7.59
N ASN B 368 -13.59 -40.10 -6.40
CA ASN B 368 -14.47 -41.12 -5.85
C ASN B 368 -15.77 -40.87 -6.59
N PHE B 369 -16.54 -41.92 -6.87
CA PHE B 369 -17.79 -41.76 -7.59
C PHE B 369 -17.56 -40.94 -8.87
N PRO B 370 -16.64 -41.40 -9.73
CA PRO B 370 -16.38 -40.65 -10.97
C PRO B 370 -17.62 -40.45 -11.86
N TYR B 371 -18.51 -41.43 -11.87
CA TYR B 371 -19.71 -41.29 -12.67
C TYR B 371 -20.61 -40.16 -12.14
N LEU B 372 -20.97 -40.20 -10.84
CA LEU B 372 -21.80 -39.15 -10.29
C LEU B 372 -21.16 -37.78 -10.46
N VAL B 373 -19.87 -37.68 -10.21
CA VAL B 373 -19.22 -36.38 -10.37
C VAL B 373 -19.39 -35.91 -11.81
N ALA B 374 -18.97 -36.75 -12.75
CA ALA B 374 -19.08 -36.39 -14.16
C ALA B 374 -20.53 -36.14 -14.58
N TYR B 375 -21.47 -36.91 -14.06
CA TYR B 375 -22.84 -36.67 -14.48
C TYR B 375 -23.32 -35.28 -14.08
N GLN B 376 -23.00 -34.87 -12.85
CA GLN B 376 -23.36 -33.55 -12.36
C GLN B 376 -22.67 -32.48 -13.22
N ALA B 377 -21.47 -32.78 -13.69
CA ALA B 377 -20.75 -31.82 -14.53
C ALA B 377 -21.49 -31.70 -15.86
N THR B 378 -21.97 -32.84 -16.35
CA THR B 378 -22.69 -32.89 -17.62
C THR B 378 -23.96 -32.06 -17.57
N VAL B 379 -24.73 -32.27 -16.52
CA VAL B 379 -25.96 -31.55 -16.35
C VAL B 379 -25.70 -30.05 -16.29
N CYS B 380 -24.68 -29.65 -15.53
CA CYS B 380 -24.33 -28.25 -15.41
C CYS B 380 -24.02 -27.62 -16.77
N ALA B 381 -23.08 -28.22 -17.48
CA ALA B 381 -22.69 -27.73 -18.80
C ALA B 381 -23.91 -27.59 -19.72
N ARG B 382 -24.78 -28.60 -19.73
CA ARG B 382 -25.97 -28.55 -20.56
C ARG B 382 -26.92 -27.43 -20.18
N ALA B 383 -26.82 -26.97 -18.93
CA ALA B 383 -27.67 -25.88 -18.45
C ALA B 383 -26.85 -24.59 -18.41
N GLN B 384 -25.62 -24.66 -18.90
CA GLN B 384 -24.73 -23.51 -18.90
C GLN B 384 -24.65 -22.94 -17.49
N ALA B 385 -24.71 -23.83 -16.51
CA ALA B 385 -24.66 -23.45 -15.11
C ALA B 385 -23.32 -23.86 -14.53
N PRO B 386 -22.88 -23.16 -13.48
CA PRO B 386 -21.59 -23.50 -12.85
C PRO B 386 -21.77 -24.71 -11.94
N PRO B 387 -20.65 -25.37 -11.58
CA PRO B 387 -20.70 -26.54 -10.71
C PRO B 387 -20.98 -26.09 -9.27
N PRO B 388 -21.23 -27.05 -8.36
CA PRO B 388 -21.51 -26.75 -6.95
C PRO B 388 -20.50 -25.78 -6.31
N SER B 389 -19.26 -25.86 -6.75
CA SER B 389 -18.20 -25.01 -6.24
C SER B 389 -17.10 -25.00 -7.28
N TRP B 390 -15.99 -24.36 -6.97
CA TRP B 390 -14.88 -24.32 -7.91
C TRP B 390 -13.63 -25.01 -7.39
N ASP B 391 -13.80 -26.10 -6.67
CA ASP B 391 -12.65 -26.81 -6.16
C ASP B 391 -12.22 -27.89 -7.16
N GLN B 392 -11.06 -28.49 -6.89
CA GLN B 392 -10.48 -29.51 -7.78
C GLN B 392 -11.47 -30.47 -8.41
N MET B 393 -12.39 -30.97 -7.59
CA MET B 393 -13.40 -31.93 -8.03
C MET B 393 -14.13 -31.54 -9.33
N TRP B 394 -14.31 -30.23 -9.54
CA TRP B 394 -15.02 -29.73 -10.72
C TRP B 394 -14.14 -29.04 -11.77
N LYS B 395 -12.83 -29.25 -11.72
CA LYS B 395 -11.92 -28.61 -12.66
C LYS B 395 -12.28 -28.84 -14.13
N CYS B 396 -12.89 -29.98 -14.44
CA CYS B 396 -13.25 -30.30 -15.81
C CYS B 396 -14.22 -29.28 -16.42
N LEU B 397 -14.74 -28.38 -15.61
CA LEU B 397 -15.68 -27.36 -16.10
C LEU B 397 -15.08 -25.95 -16.11
N ILE B 398 -13.94 -25.77 -15.46
CA ILE B 398 -13.29 -24.46 -15.41
C ILE B 398 -13.19 -23.86 -16.81
N ARG B 399 -12.94 -24.73 -17.77
CA ARG B 399 -12.81 -24.36 -19.17
C ARG B 399 -14.07 -23.67 -19.74
N LEU B 400 -15.21 -23.81 -19.08
CA LEU B 400 -16.44 -23.18 -19.57
C LEU B 400 -16.85 -22.00 -18.71
N LYS B 401 -16.11 -21.79 -17.63
CA LYS B 401 -16.39 -20.70 -16.68
C LYS B 401 -16.99 -19.42 -17.28
N PRO B 402 -16.41 -18.90 -18.37
CA PRO B 402 -16.92 -17.68 -19.01
C PRO B 402 -18.37 -17.74 -19.51
N THR B 403 -18.84 -18.95 -19.83
CA THR B 403 -20.19 -19.13 -20.33
C THR B 403 -21.19 -19.56 -19.27
N LEU B 404 -20.71 -20.30 -18.27
CA LEU B 404 -21.58 -20.79 -17.21
C LEU B 404 -22.08 -19.64 -16.35
N HIS B 405 -23.34 -19.69 -15.96
CA HIS B 405 -23.93 -18.64 -15.13
C HIS B 405 -25.23 -19.13 -14.50
N GLY B 406 -25.64 -18.47 -13.42
CA GLY B 406 -26.87 -18.83 -12.74
C GLY B 406 -26.70 -19.83 -11.61
N PRO B 407 -27.80 -20.39 -11.11
CA PRO B 407 -27.72 -21.35 -10.02
C PRO B 407 -27.27 -22.74 -10.50
N THR B 408 -26.78 -23.55 -9.58
CA THR B 408 -26.34 -24.90 -9.92
C THR B 408 -27.48 -25.87 -9.82
N PRO B 409 -27.67 -26.73 -10.83
CA PRO B 409 -28.74 -27.72 -10.82
C PRO B 409 -28.22 -28.87 -9.96
N LEU B 410 -28.24 -28.69 -8.64
CA LEU B 410 -27.72 -29.71 -7.73
C LEU B 410 -28.47 -31.04 -7.81
N LEU B 411 -27.75 -32.10 -8.14
CA LEU B 411 -28.36 -33.42 -8.26
C LEU B 411 -28.31 -34.17 -6.96
N TYR B 412 -27.26 -33.90 -6.20
CA TYR B 412 -26.97 -34.52 -4.91
C TYR B 412 -25.74 -33.80 -4.40
N ARG B 413 -25.34 -34.09 -3.17
CA ARG B 413 -24.17 -33.42 -2.58
C ARG B 413 -23.01 -34.37 -2.47
N LEU B 414 -21.93 -34.02 -3.16
CA LEU B 414 -20.73 -34.86 -3.16
C LEU B 414 -19.62 -34.15 -2.40
N GLY B 415 -19.91 -32.91 -2.03
CA GLY B 415 -18.94 -32.12 -1.31
C GLY B 415 -19.55 -30.79 -0.93
N ALA B 416 -18.70 -29.80 -0.66
CA ALA B 416 -19.16 -28.49 -0.29
C ALA B 416 -19.84 -27.78 -1.46
N VAL B 417 -20.89 -27.05 -1.16
CA VAL B 417 -21.61 -26.32 -2.19
C VAL B 417 -21.52 -24.84 -1.84
N GLN B 418 -20.91 -24.07 -2.74
CA GLN B 418 -20.75 -22.65 -2.50
C GLN B 418 -21.64 -21.75 -3.34
N ASN B 419 -21.89 -22.17 -4.58
CA ASN B 419 -22.72 -21.40 -5.49
C ASN B 419 -24.22 -21.52 -5.18
N GLU B 420 -25.04 -20.63 -5.72
CA GLU B 420 -26.48 -20.71 -5.48
C GLU B 420 -26.96 -22.02 -6.07
N VAL B 421 -28.08 -22.51 -5.58
CA VAL B 421 -28.60 -23.79 -6.02
C VAL B 421 -30.08 -23.81 -6.42
N THR B 422 -30.37 -24.56 -7.48
CA THR B 422 -31.74 -24.74 -7.95
C THR B 422 -31.99 -26.25 -7.86
N THR B 423 -33.18 -26.62 -7.39
CA THR B 423 -33.55 -28.02 -7.23
C THR B 423 -34.65 -28.47 -8.18
N THR B 424 -34.82 -27.76 -9.29
CA THR B 424 -35.88 -28.08 -10.24
C THR B 424 -35.49 -28.93 -11.46
N HIS B 425 -34.22 -29.31 -11.57
CA HIS B 425 -33.79 -30.13 -12.71
C HIS B 425 -34.48 -31.50 -12.71
N PRO B 426 -34.95 -31.96 -13.88
CA PRO B 426 -35.64 -33.24 -14.06
C PRO B 426 -34.97 -34.37 -13.29
N ILE B 427 -33.66 -34.49 -13.44
CA ILE B 427 -32.95 -35.55 -12.75
C ILE B 427 -33.10 -35.39 -11.23
N THR B 428 -32.93 -34.18 -10.72
CA THR B 428 -33.11 -33.96 -9.29
C THR B 428 -34.49 -34.43 -8.83
N LYS B 429 -35.52 -34.00 -9.54
CA LYS B 429 -36.90 -34.39 -9.22
C LYS B 429 -37.02 -35.91 -9.28
N TYR B 430 -36.37 -36.51 -10.27
CA TYR B 430 -36.42 -37.96 -10.40
C TYR B 430 -35.77 -38.66 -9.20
N ILE B 431 -34.60 -38.18 -8.78
CA ILE B 431 -33.92 -38.77 -7.62
C ILE B 431 -34.81 -38.62 -6.38
N MET B 432 -35.36 -37.43 -6.15
CA MET B 432 -36.22 -37.22 -4.98
C MET B 432 -37.35 -38.22 -4.96
N ALA B 433 -37.94 -38.45 -6.13
CA ALA B 433 -39.06 -39.38 -6.25
C ALA B 433 -38.59 -40.80 -5.99
N CYS B 434 -37.34 -41.12 -6.35
CA CYS B 434 -36.84 -42.48 -6.08
C CYS B 434 -36.74 -42.69 -4.57
N MET B 435 -36.57 -41.58 -3.84
CA MET B 435 -36.43 -41.63 -2.38
C MET B 435 -37.75 -41.61 -1.62
N SER B 436 -38.73 -40.91 -2.18
CA SER B 436 -40.04 -40.79 -1.57
C SER B 436 -40.74 -42.15 -1.46
N ALA B 437 -40.42 -43.05 -2.39
CA ALA B 437 -41.00 -44.39 -2.40
C ALA B 437 -40.37 -45.29 -3.47
N SER C 1 16.40 -2.31 13.70
CA SER C 1 15.15 -2.72 14.40
C SER C 1 15.13 -4.22 14.74
N PRO C 2 15.45 -5.10 13.78
CA PRO C 2 15.44 -6.55 14.03
C PRO C 2 16.33 -6.97 15.20
N PRO C 3 15.79 -7.79 16.12
CA PRO C 3 16.52 -8.25 17.30
C PRO C 3 17.76 -9.06 16.89
N ALA C 4 18.89 -8.79 17.53
CA ALA C 4 20.12 -9.52 17.21
C ALA C 4 20.05 -10.94 17.75
N VAL C 5 20.59 -11.89 17.00
CA VAL C 5 20.57 -13.28 17.42
C VAL C 5 21.52 -13.50 18.60
N PRO C 6 20.97 -13.77 19.79
CA PRO C 6 21.78 -13.99 20.99
C PRO C 6 22.49 -15.35 21.00
N GLN C 7 23.40 -15.53 21.95
CA GLN C 7 24.15 -16.77 22.05
C GLN C 7 23.36 -17.82 22.84
N THR C 8 22.35 -17.35 23.57
CA THR C 8 21.48 -18.22 24.34
C THR C 8 20.03 -17.83 24.02
N PHE C 9 19.11 -18.78 24.18
CA PHE C 9 17.70 -18.54 23.88
C PHE C 9 17.17 -17.20 24.39
N GLN C 10 16.30 -16.59 23.59
CA GLN C 10 15.71 -15.31 23.91
C GLN C 10 14.52 -14.97 23.03
N VAL C 11 13.46 -14.45 23.64
CA VAL C 11 12.26 -14.06 22.91
C VAL C 11 12.23 -12.55 22.82
N ALA C 12 12.20 -12.03 21.60
CA ALA C 12 12.18 -10.58 21.40
C ALA C 12 10.96 -10.14 20.59
N HIS C 13 10.71 -8.84 20.56
CA HIS C 13 9.58 -8.27 19.84
C HIS C 13 10.05 -7.44 18.67
N LEU C 14 9.23 -7.39 17.62
CA LEU C 14 9.51 -6.58 16.44
C LEU C 14 8.20 -5.89 16.07
N HIS C 15 8.20 -4.56 16.13
CA HIS C 15 7.03 -3.75 15.82
C HIS C 15 7.35 -2.76 14.72
N ALA C 16 6.63 -2.85 13.62
CA ALA C 16 6.84 -1.94 12.49
C ALA C 16 5.53 -1.85 11.72
N PRO C 17 5.23 -0.67 11.14
CA PRO C 17 4.00 -0.46 10.37
C PRO C 17 3.68 -1.52 9.31
N THR C 18 2.43 -1.58 8.89
CA THR C 18 2.05 -2.55 7.87
C THR C 18 2.75 -2.24 6.55
N GLY C 19 3.26 -3.29 5.93
CA GLY C 19 3.95 -3.15 4.66
C GLY C 19 5.42 -2.78 4.76
N SER C 20 5.95 -2.60 5.98
CA SER C 20 7.36 -2.22 6.11
C SER C 20 8.32 -3.35 5.71
N GLY C 21 7.89 -4.61 5.83
CA GLY C 21 8.72 -5.73 5.44
C GLY C 21 9.10 -6.71 6.53
N LYS C 22 8.32 -6.76 7.61
CA LYS C 22 8.60 -7.64 8.72
C LYS C 22 8.56 -9.10 8.31
N SER C 23 7.72 -9.42 7.34
CA SER C 23 7.57 -10.80 6.90
C SER C 23 8.43 -11.18 5.71
N THR C 24 9.12 -10.21 5.13
CA THR C 24 9.94 -10.47 3.96
C THR C 24 11.39 -10.04 4.12
N LYS C 25 11.63 -8.73 4.23
CA LYS C 25 12.99 -8.25 4.38
C LYS C 25 13.68 -8.83 5.61
N VAL C 26 13.05 -8.69 6.78
CA VAL C 26 13.62 -9.20 8.02
C VAL C 26 14.10 -10.66 7.93
N PRO C 27 13.20 -11.60 7.63
CA PRO C 27 13.67 -12.99 7.55
C PRO C 27 14.78 -13.18 6.52
N ALA C 28 14.80 -12.34 5.49
CA ALA C 28 15.86 -12.46 4.48
C ALA C 28 17.18 -12.04 5.12
N ALA C 29 17.19 -10.88 5.75
CA ALA C 29 18.39 -10.37 6.40
C ALA C 29 18.98 -11.40 7.37
N TYR C 30 18.14 -12.14 8.07
CA TYR C 30 18.64 -13.15 8.99
C TYR C 30 19.29 -14.30 8.22
N ALA C 31 18.66 -14.69 7.11
CA ALA C 31 19.19 -15.76 6.30
C ALA C 31 20.56 -15.34 5.77
N ALA C 32 20.67 -14.07 5.42
CA ALA C 32 21.93 -13.54 4.91
C ALA C 32 23.08 -13.72 5.91
N GLN C 33 22.75 -13.78 7.20
CA GLN C 33 23.78 -13.95 8.22
C GLN C 33 24.07 -15.44 8.46
N GLY C 34 23.57 -16.29 7.57
CA GLY C 34 23.80 -17.72 7.71
C GLY C 34 22.92 -18.44 8.71
N TYR C 35 21.73 -17.89 8.94
CA TYR C 35 20.76 -18.47 9.88
C TYR C 35 19.62 -19.19 9.16
N LYS C 36 19.07 -20.20 9.82
CA LYS C 36 17.92 -20.94 9.29
C LYS C 36 16.68 -20.32 9.95
N VAL C 37 15.77 -19.78 9.14
CA VAL C 37 14.58 -19.11 9.68
C VAL C 37 13.21 -19.71 9.33
N LEU C 38 12.35 -19.84 10.34
CA LEU C 38 10.99 -20.33 10.15
C LEU C 38 10.06 -19.15 10.40
N VAL C 39 9.15 -18.88 9.46
CA VAL C 39 8.20 -17.78 9.60
C VAL C 39 6.79 -18.33 9.64
N LEU C 40 6.14 -18.19 10.80
CA LEU C 40 4.77 -18.67 10.99
C LEU C 40 3.78 -17.53 10.79
N ASN C 41 2.82 -17.72 9.89
CA ASN C 41 1.83 -16.72 9.59
C ASN C 41 0.43 -17.33 9.66
N PRO C 42 -0.54 -16.59 10.20
CA PRO C 42 -1.89 -17.18 10.27
C PRO C 42 -2.65 -17.30 8.94
N SER C 43 -2.25 -16.51 7.94
CA SER C 43 -2.92 -16.52 6.64
C SER C 43 -2.39 -17.51 5.59
N VAL C 44 -3.29 -18.28 4.99
CA VAL C 44 -2.86 -19.21 3.95
C VAL C 44 -2.58 -18.39 2.70
N ALA C 45 -3.40 -17.38 2.46
CA ALA C 45 -3.19 -16.52 1.29
C ALA C 45 -1.84 -15.81 1.38
N ALA C 46 -1.49 -15.30 2.55
CA ALA C 46 -0.22 -14.60 2.68
C ALA C 46 0.99 -15.56 2.53
N THR C 47 0.93 -16.69 3.23
CA THR C 47 1.99 -17.68 3.18
C THR C 47 2.32 -18.05 1.74
N LEU C 48 1.31 -18.47 0.97
CA LEU C 48 1.55 -18.84 -0.42
C LEU C 48 2.12 -17.63 -1.17
N GLY C 49 1.66 -16.44 -0.80
CA GLY C 49 2.12 -15.22 -1.43
C GLY C 49 3.60 -14.95 -1.24
N PHE C 50 4.15 -15.36 -0.09
CA PHE C 50 5.56 -15.15 0.15
C PHE C 50 6.40 -16.00 -0.82
N GLY C 51 5.86 -17.17 -1.18
CA GLY C 51 6.57 -18.05 -2.07
C GLY C 51 6.97 -17.37 -3.36
N ALA C 52 5.96 -16.88 -4.08
CA ALA C 52 6.19 -16.20 -5.34
C ALA C 52 7.00 -14.92 -5.18
N TYR C 53 6.59 -14.06 -4.25
CA TYR C 53 7.28 -12.79 -4.05
C TYR C 53 8.75 -12.91 -3.66
N MET C 54 9.05 -13.71 -2.64
CA MET C 54 10.42 -13.86 -2.20
C MET C 54 11.27 -14.40 -3.36
N SER C 55 10.61 -15.14 -4.25
CA SER C 55 11.28 -15.71 -5.42
C SER C 55 11.79 -14.62 -6.36
N LYS C 56 10.88 -13.83 -6.92
CA LYS C 56 11.27 -12.80 -7.87
C LYS C 56 11.67 -11.46 -7.29
N ALA C 57 11.81 -11.36 -5.97
CA ALA C 57 12.18 -10.07 -5.41
C ALA C 57 13.33 -10.18 -4.44
N HIS C 58 13.64 -11.40 -4.03
CA HIS C 58 14.74 -11.63 -3.10
C HIS C 58 15.56 -12.82 -3.55
N GLY C 59 15.28 -13.28 -4.77
CA GLY C 59 15.99 -14.42 -5.33
C GLY C 59 16.22 -15.57 -4.37
N ILE C 60 15.16 -16.04 -3.74
CA ILE C 60 15.30 -17.14 -2.81
C ILE C 60 13.99 -17.89 -2.69
N ASP C 61 13.91 -19.06 -3.30
CA ASP C 61 12.68 -19.86 -3.22
C ASP C 61 12.62 -20.51 -1.85
N PRO C 62 11.74 -20.00 -0.98
CA PRO C 62 11.64 -20.57 0.36
C PRO C 62 10.78 -21.80 0.35
N ASN C 63 10.86 -22.54 1.44
CA ASN C 63 10.06 -23.72 1.64
C ASN C 63 8.69 -23.17 2.03
N ILE C 64 7.63 -23.79 1.54
CA ILE C 64 6.28 -23.36 1.85
C ILE C 64 5.50 -24.53 2.45
N ARG C 65 4.81 -24.27 3.56
CA ARG C 65 4.01 -25.29 4.22
C ARG C 65 2.64 -24.72 4.58
N THR C 66 1.60 -25.30 3.97
CA THR C 66 0.20 -24.90 4.22
C THR C 66 -0.63 -26.15 3.98
N GLY C 67 -1.92 -26.06 4.31
CA GLY C 67 -2.80 -27.20 4.11
C GLY C 67 -2.98 -27.52 2.63
N VAL C 68 -3.03 -26.46 1.84
CA VAL C 68 -3.21 -26.55 0.39
C VAL C 68 -1.95 -26.97 -0.37
N ARG C 69 -0.80 -26.38 -0.06
CA ARG C 69 0.41 -26.73 -0.79
C ARG C 69 1.67 -26.86 0.06
N THR C 70 2.63 -27.61 -0.46
CA THR C 70 3.89 -27.82 0.23
C THR C 70 5.05 -27.78 -0.77
N ILE C 71 6.07 -26.97 -0.50
CA ILE C 71 7.20 -26.90 -1.40
C ILE C 71 8.50 -26.93 -0.64
N THR C 72 9.22 -28.04 -0.76
CA THR C 72 10.51 -28.17 -0.08
C THR C 72 11.64 -27.95 -1.07
N THR C 73 12.25 -26.78 -1.00
CA THR C 73 13.34 -26.41 -1.88
C THR C 73 14.66 -26.62 -1.16
N GLY C 74 14.64 -26.48 0.15
CA GLY C 74 15.86 -26.65 0.92
C GLY C 74 16.50 -25.32 1.28
N ALA C 75 15.79 -24.24 0.99
CA ALA C 75 16.29 -22.90 1.29
C ALA C 75 16.39 -22.69 2.80
N PRO C 76 17.13 -21.66 3.24
CA PRO C 76 17.29 -21.36 4.66
C PRO C 76 16.07 -20.65 5.29
N ILE C 77 15.04 -20.41 4.48
CA ILE C 77 13.82 -19.76 4.98
C ILE C 77 12.61 -20.65 4.71
N THR C 78 11.74 -20.77 5.72
CA THR C 78 10.53 -21.55 5.57
C THR C 78 9.32 -20.74 6.04
N TYR C 79 8.30 -20.67 5.19
CA TYR C 79 7.07 -19.96 5.52
C TYR C 79 6.03 -21.02 5.75
N SER C 80 5.32 -20.91 6.86
CA SER C 80 4.28 -21.88 7.19
C SER C 80 3.14 -21.21 7.93
N THR C 81 1.94 -21.77 7.78
CA THR C 81 0.81 -21.22 8.52
C THR C 81 0.90 -21.86 9.90
N TYR C 82 0.29 -21.22 10.90
CA TYR C 82 0.31 -21.77 12.24
C TYR C 82 -0.41 -23.11 12.22
N GLY C 83 -1.49 -23.19 11.47
CA GLY C 83 -2.25 -24.42 11.37
C GLY C 83 -1.41 -25.58 10.87
N LYS C 84 -0.68 -25.37 9.79
CA LYS C 84 0.18 -26.41 9.24
C LYS C 84 1.30 -26.75 10.23
N PHE C 85 1.79 -25.74 10.94
CA PHE C 85 2.85 -25.95 11.92
C PHE C 85 2.35 -26.91 13.01
N LEU C 86 1.14 -26.68 13.52
CA LEU C 86 0.60 -27.56 14.56
C LEU C 86 0.32 -28.97 14.04
N ALA C 87 -0.24 -29.06 12.84
CA ALA C 87 -0.54 -30.37 12.29
C ALA C 87 0.73 -31.20 11.98
N ASP C 88 1.90 -30.55 11.97
CA ASP C 88 3.15 -31.27 11.71
C ASP C 88 3.87 -31.68 12.99
N GLY C 89 3.25 -31.42 14.13
CA GLY C 89 3.87 -31.79 15.40
C GLY C 89 4.64 -30.70 16.12
N GLY C 90 4.66 -29.50 15.56
CA GLY C 90 5.37 -28.41 16.21
C GLY C 90 6.82 -28.31 15.78
N CYS C 91 7.67 -27.94 16.74
CA CYS C 91 9.10 -27.76 16.48
C CYS C 91 9.89 -29.02 16.20
N SER C 92 10.82 -28.90 15.26
CA SER C 92 11.69 -29.99 14.88
C SER C 92 13.04 -29.80 15.55
N GLY C 93 13.67 -30.92 15.91
CA GLY C 93 14.96 -30.86 16.58
C GLY C 93 16.05 -30.23 15.72
N GLY C 94 16.58 -29.10 16.19
CA GLY C 94 17.63 -28.40 15.48
C GLY C 94 17.27 -28.10 14.04
N ALA C 95 16.00 -27.83 13.79
CA ALA C 95 15.52 -27.52 12.44
C ALA C 95 15.76 -26.05 12.07
N TYR C 96 15.66 -25.15 13.06
CA TYR C 96 15.84 -23.72 12.82
C TYR C 96 16.58 -22.97 13.94
N ASP C 97 17.25 -21.87 13.58
CA ASP C 97 17.98 -21.07 14.55
C ASP C 97 17.06 -19.97 15.06
N ILE C 98 16.22 -19.48 14.16
CA ILE C 98 15.28 -18.44 14.50
C ILE C 98 13.87 -18.81 14.06
N ILE C 99 12.91 -18.53 14.94
CA ILE C 99 11.52 -18.76 14.66
C ILE C 99 10.85 -17.41 14.83
N ILE C 100 10.19 -16.96 13.77
CA ILE C 100 9.49 -15.68 13.78
C ILE C 100 7.99 -15.92 13.84
N CYS C 101 7.38 -15.57 14.97
CA CYS C 101 5.93 -15.69 15.14
C CYS C 101 5.32 -14.42 14.57
N ASP C 102 4.98 -14.49 13.28
CA ASP C 102 4.41 -13.38 12.57
C ASP C 102 2.96 -13.10 12.93
N GLU C 103 2.54 -11.85 12.74
CA GLU C 103 1.17 -11.38 13.03
C GLU C 103 0.69 -11.85 14.40
N CYS C 104 1.56 -11.71 15.39
CA CYS C 104 1.25 -12.14 16.75
C CYS C 104 0.17 -11.30 17.45
N HIS C 105 -0.64 -10.60 16.66
CA HIS C 105 -1.73 -9.82 17.23
C HIS C 105 -2.99 -10.67 17.03
N SER C 106 -2.89 -11.67 16.15
CA SER C 106 -4.03 -12.54 15.88
C SER C 106 -4.53 -13.28 17.10
N THR C 107 -5.82 -13.15 17.38
CA THR C 107 -6.39 -13.82 18.52
C THR C 107 -7.26 -15.01 18.16
N ASP C 108 -6.94 -15.68 17.07
CA ASP C 108 -7.72 -16.86 16.72
C ASP C 108 -7.03 -18.03 17.43
N SER C 109 -7.81 -19.04 17.80
CA SER C 109 -7.27 -20.19 18.52
C SER C 109 -5.99 -20.79 17.93
N THR C 110 -5.95 -20.97 16.61
CA THR C 110 -4.77 -21.55 15.95
C THR C 110 -3.50 -20.72 16.14
N THR C 111 -3.60 -19.41 16.02
CA THR C 111 -2.44 -18.55 16.20
C THR C 111 -1.99 -18.61 17.67
N ILE C 112 -2.95 -18.53 18.61
CA ILE C 112 -2.63 -18.57 20.03
C ILE C 112 -1.96 -19.90 20.36
N LEU C 113 -2.56 -21.00 19.92
CA LEU C 113 -2.04 -22.35 20.14
C LEU C 113 -0.66 -22.49 19.52
N GLY C 114 -0.50 -21.93 18.33
CA GLY C 114 0.75 -22.01 17.62
C GLY C 114 1.87 -21.28 18.32
N ILE C 115 1.63 -20.01 18.67
CA ILE C 115 2.64 -19.22 19.35
C ILE C 115 2.97 -19.83 20.72
N GLY C 116 1.97 -20.36 21.40
CA GLY C 116 2.21 -20.97 22.70
C GLY C 116 3.15 -22.15 22.52
N THR C 117 2.87 -22.94 21.49
CA THR C 117 3.67 -24.11 21.19
C THR C 117 5.11 -23.67 20.98
N VAL C 118 5.30 -22.65 20.15
CA VAL C 118 6.64 -22.17 19.91
C VAL C 118 7.33 -21.75 21.21
N LEU C 119 6.68 -20.89 21.98
CA LEU C 119 7.28 -20.41 23.22
C LEU C 119 7.56 -21.53 24.22
N ASP C 120 7.04 -22.72 23.94
CA ASP C 120 7.23 -23.85 24.83
C ASP C 120 8.23 -24.90 24.35
N GLN C 121 8.52 -24.93 23.05
CA GLN C 121 9.44 -25.93 22.50
C GLN C 121 10.67 -25.34 21.85
N ALA C 122 10.61 -24.05 21.54
CA ALA C 122 11.71 -23.36 20.86
C ALA C 122 13.12 -23.62 21.40
N GLU C 123 13.35 -23.25 22.65
CA GLU C 123 14.67 -23.44 23.23
C GLU C 123 15.09 -24.91 23.20
N THR C 124 14.22 -25.78 23.70
CA THR C 124 14.49 -27.21 23.72
C THR C 124 14.77 -27.74 22.32
N ALA C 125 14.16 -27.12 21.31
CA ALA C 125 14.36 -27.54 19.93
C ALA C 125 15.68 -27.04 19.38
N GLY C 126 16.34 -26.16 20.13
CA GLY C 126 17.63 -25.64 19.68
C GLY C 126 17.63 -24.30 19.01
N ALA C 127 16.52 -23.57 19.13
CA ALA C 127 16.42 -22.26 18.52
C ALA C 127 17.06 -21.25 19.43
N ARG C 128 17.75 -20.27 18.85
CA ARG C 128 18.39 -19.25 19.66
C ARG C 128 17.55 -18.01 19.79
N LEU C 129 16.69 -17.76 18.81
CA LEU C 129 15.85 -16.58 18.84
C LEU C 129 14.41 -16.75 18.38
N VAL C 130 13.46 -16.36 19.22
CA VAL C 130 12.06 -16.40 18.86
C VAL C 130 11.65 -14.94 18.72
N VAL C 131 11.01 -14.60 17.61
CA VAL C 131 10.57 -13.22 17.37
C VAL C 131 9.06 -13.09 17.25
N LEU C 132 8.49 -12.14 18.01
CA LEU C 132 7.06 -11.89 17.97
C LEU C 132 6.84 -10.62 17.15
N ALA C 133 6.43 -10.76 15.88
CA ALA C 133 6.25 -9.59 15.01
C ALA C 133 4.80 -9.20 14.72
N THR C 134 4.56 -7.89 14.65
CA THR C 134 3.24 -7.34 14.35
C THR C 134 3.32 -5.83 14.16
N ALA C 135 2.35 -5.29 13.44
CA ALA C 135 2.31 -3.84 13.23
C ALA C 135 1.35 -3.24 14.26
N THR C 136 0.66 -4.10 14.99
CA THR C 136 -0.30 -3.63 15.97
C THR C 136 -0.19 -4.37 17.30
N PRO C 137 0.81 -4.00 18.12
CA PRO C 137 1.04 -4.64 19.43
C PRO C 137 -0.16 -4.48 20.37
N PRO C 138 -0.32 -5.41 21.32
CA PRO C 138 -1.42 -5.44 22.31
C PRO C 138 -2.08 -4.11 22.70
N GLY C 139 -1.38 -3.27 23.44
CA GLY C 139 -2.01 -2.01 23.81
C GLY C 139 -1.59 -0.87 22.92
N SER C 140 -2.04 -0.87 21.67
CA SER C 140 -1.65 0.21 20.77
C SER C 140 -2.85 0.82 20.04
N VAL C 141 -2.78 2.12 19.81
CA VAL C 141 -3.83 2.85 19.13
C VAL C 141 -3.50 2.99 17.65
N THR C 142 -4.53 3.15 16.83
CA THR C 142 -4.33 3.30 15.40
C THR C 142 -3.53 4.57 15.13
N VAL C 143 -2.42 4.43 14.42
CA VAL C 143 -1.59 5.58 14.08
C VAL C 143 -1.62 5.80 12.56
N PRO C 144 -1.49 7.06 12.13
CA PRO C 144 -1.50 7.40 10.71
C PRO C 144 -0.46 6.62 9.91
N HIS C 145 -0.83 6.21 8.71
CA HIS C 145 0.07 5.48 7.84
C HIS C 145 0.48 6.42 6.70
N PRO C 146 1.78 6.62 6.50
CA PRO C 146 2.28 7.51 5.45
C PRO C 146 1.81 7.26 4.00
N ASN C 147 1.48 6.03 3.66
CA ASN C 147 1.04 5.73 2.31
C ASN C 147 -0.48 5.69 2.12
N ILE C 148 -1.23 5.86 3.20
CA ILE C 148 -2.67 5.73 3.11
C ILE C 148 -3.55 6.94 3.42
N GLU C 149 -4.30 7.37 2.42
CA GLU C 149 -5.21 8.49 2.60
C GLU C 149 -6.52 7.86 3.10
N GLU C 150 -7.06 8.39 4.19
CA GLU C 150 -8.29 7.84 4.74
C GLU C 150 -9.48 8.74 4.40
N VAL C 151 -10.34 8.24 3.53
CA VAL C 151 -11.50 8.98 3.08
C VAL C 151 -12.80 8.30 3.47
N ALA C 152 -13.59 8.96 4.32
CA ALA C 152 -14.87 8.40 4.73
C ALA C 152 -15.82 8.30 3.53
N LEU C 153 -16.76 7.37 3.62
CA LEU C 153 -17.79 7.17 2.60
C LEU C 153 -19.00 8.01 3.03
N SER C 154 -19.84 8.36 2.06
CA SER C 154 -21.03 9.15 2.35
C SER C 154 -22.26 8.38 1.90
N SER C 155 -23.39 9.08 1.80
CA SER C 155 -24.64 8.45 1.39
C SER C 155 -24.76 8.49 -0.14
N THR C 156 -23.87 9.24 -0.79
CA THR C 156 -23.88 9.33 -2.25
C THR C 156 -23.22 8.10 -2.84
N GLY C 157 -23.91 7.45 -3.75
CA GLY C 157 -23.36 6.26 -4.38
C GLY C 157 -24.47 5.34 -4.79
N GLU C 158 -24.24 4.59 -5.85
CA GLU C 158 -25.25 3.68 -6.35
C GLU C 158 -25.24 2.32 -5.66
N ILE C 159 -24.17 2.02 -4.93
CA ILE C 159 -24.07 0.74 -4.24
C ILE C 159 -24.24 0.90 -2.75
N PRO C 160 -25.32 0.33 -2.19
CA PRO C 160 -25.60 0.42 -0.75
C PRO C 160 -24.51 -0.33 0.03
N PHE C 161 -24.09 0.20 1.16
CA PHE C 161 -23.02 -0.44 1.92
C PHE C 161 -23.07 -0.10 3.39
N TYR C 162 -23.56 -1.03 4.19
CA TYR C 162 -23.64 -0.85 5.64
C TYR C 162 -24.13 0.51 6.09
N GLY C 163 -25.19 0.99 5.49
CA GLY C 163 -25.72 2.28 5.88
C GLY C 163 -25.25 3.43 5.03
N LYS C 164 -24.07 3.30 4.42
CA LYS C 164 -23.52 4.32 3.55
C LYS C 164 -23.61 3.83 2.11
N ALA C 165 -22.78 4.38 1.23
CA ALA C 165 -22.80 3.96 -0.16
C ALA C 165 -21.45 4.06 -0.84
N ILE C 166 -21.27 3.26 -1.88
CA ILE C 166 -20.02 3.27 -2.59
C ILE C 166 -20.25 3.79 -3.99
N PRO C 167 -19.52 4.85 -4.36
CA PRO C 167 -19.68 5.43 -5.71
C PRO C 167 -18.96 4.53 -6.72
N ILE C 168 -19.64 4.14 -7.79
CA ILE C 168 -19.03 3.28 -8.78
C ILE C 168 -17.69 3.80 -9.32
N GLU C 169 -17.60 5.09 -9.63
CA GLU C 169 -16.36 5.61 -10.18
C GLU C 169 -15.20 5.47 -9.20
N THR C 170 -15.51 5.06 -7.97
CA THR C 170 -14.49 4.89 -6.96
C THR C 170 -13.79 3.53 -7.05
N ILE C 171 -14.43 2.59 -7.75
CA ILE C 171 -13.88 1.25 -7.88
C ILE C 171 -13.92 0.75 -9.34
N LYS C 172 -14.31 1.63 -10.27
CA LYS C 172 -14.37 1.31 -11.69
C LYS C 172 -12.99 1.46 -12.29
N GLY C 173 -12.27 0.35 -12.38
CA GLY C 173 -10.92 0.38 -12.90
C GLY C 173 -9.96 0.36 -11.74
N GLY C 174 -8.90 -0.42 -11.85
CA GLY C 174 -7.92 -0.51 -10.78
C GLY C 174 -8.19 -1.73 -9.93
N ARG C 175 -7.37 -1.92 -8.90
CA ARG C 175 -7.52 -3.06 -8.01
C ARG C 175 -8.04 -2.56 -6.65
N HIS C 176 -9.10 -3.18 -6.16
CA HIS C 176 -9.72 -2.79 -4.89
C HIS C 176 -10.16 -3.97 -4.03
N LEU C 177 -10.06 -3.77 -2.72
CA LEU C 177 -10.45 -4.81 -1.77
C LEU C 177 -11.57 -4.29 -0.86
N ILE C 178 -12.69 -5.02 -0.82
CA ILE C 178 -13.81 -4.60 0.03
C ILE C 178 -14.08 -5.60 1.15
N PHE C 179 -13.95 -5.13 2.39
CA PHE C 179 -14.19 -5.98 3.54
C PHE C 179 -15.64 -6.02 4.00
N CYS C 180 -16.16 -7.24 4.12
CA CYS C 180 -17.52 -7.49 4.58
C CYS C 180 -17.44 -8.46 5.75
N HIS C 181 -18.19 -8.18 6.81
CA HIS C 181 -18.16 -9.01 7.99
C HIS C 181 -18.60 -10.48 7.83
N SER C 182 -19.34 -10.81 6.76
CA SER C 182 -19.80 -12.20 6.59
C SER C 182 -19.73 -12.69 5.15
N LYS C 183 -19.67 -14.00 4.96
CA LYS C 183 -19.59 -14.56 3.60
C LYS C 183 -20.84 -14.25 2.80
N LYS C 184 -21.99 -14.23 3.49
CA LYS C 184 -23.24 -13.95 2.84
C LYS C 184 -23.19 -12.59 2.14
N LYS C 185 -22.73 -11.54 2.83
CA LYS C 185 -22.67 -10.25 2.18
C LYS C 185 -21.60 -10.25 1.08
N CYS C 186 -20.50 -10.95 1.31
CA CYS C 186 -19.45 -11.02 0.30
C CYS C 186 -20.03 -11.51 -1.01
N ASP C 187 -20.87 -12.52 -0.92
CA ASP C 187 -21.51 -13.12 -2.09
C ASP C 187 -22.45 -12.14 -2.80
N GLU C 188 -23.35 -11.53 -2.03
CA GLU C 188 -24.31 -10.59 -2.59
C GLU C 188 -23.60 -9.40 -3.23
N LEU C 189 -22.69 -8.77 -2.48
CA LEU C 189 -21.98 -7.62 -3.00
C LEU C 189 -21.25 -7.97 -4.29
N ALA C 190 -20.44 -9.02 -4.26
CA ALA C 190 -19.70 -9.42 -5.45
C ALA C 190 -20.67 -9.56 -6.63
N ALA C 191 -21.83 -10.15 -6.36
CA ALA C 191 -22.82 -10.34 -7.40
C ALA C 191 -23.29 -8.97 -7.88
N LYS C 192 -23.76 -8.16 -6.94
CA LYS C 192 -24.23 -6.82 -7.25
C LYS C 192 -23.24 -6.12 -8.19
N LEU C 193 -21.95 -6.20 -7.85
CA LEU C 193 -20.93 -5.55 -8.66
C LEU C 193 -20.71 -6.20 -10.01
N SER C 194 -20.67 -7.53 -10.07
CA SER C 194 -20.48 -8.19 -11.36
C SER C 194 -21.62 -7.84 -12.30
N GLY C 195 -22.82 -7.75 -11.73
CA GLY C 195 -23.99 -7.39 -12.53
C GLY C 195 -24.02 -5.90 -12.79
N LEU C 196 -22.84 -5.31 -12.93
CA LEU C 196 -22.72 -3.88 -13.20
C LEU C 196 -21.67 -3.68 -14.28
N GLY C 197 -20.89 -4.72 -14.54
CA GLY C 197 -19.86 -4.64 -15.55
C GLY C 197 -18.47 -4.62 -14.93
N LEU C 198 -18.39 -4.90 -13.64
CA LEU C 198 -17.12 -4.90 -12.94
C LEU C 198 -16.59 -6.31 -12.73
N ASN C 199 -15.27 -6.45 -12.80
CA ASN C 199 -14.65 -7.74 -12.58
C ASN C 199 -14.57 -7.97 -11.07
N ALA C 200 -15.66 -8.47 -10.48
CA ALA C 200 -15.72 -8.69 -9.05
C ALA C 200 -15.63 -10.16 -8.68
N VAL C 201 -15.04 -10.44 -7.52
CA VAL C 201 -14.89 -11.80 -7.02
C VAL C 201 -14.95 -11.79 -5.50
N ALA C 202 -15.51 -12.83 -4.90
CA ALA C 202 -15.60 -12.94 -3.45
C ALA C 202 -14.55 -13.93 -2.93
N TYR C 203 -14.07 -13.71 -1.72
CA TYR C 203 -13.07 -14.60 -1.13
C TYR C 203 -13.18 -14.72 0.38
N TYR C 204 -13.10 -15.96 0.87
CA TYR C 204 -13.15 -16.23 2.31
C TYR C 204 -12.66 -17.65 2.57
N ARG C 205 -12.53 -17.99 3.85
CA ARG C 205 -12.08 -19.31 4.24
C ARG C 205 -12.97 -20.34 3.54
N GLY C 206 -12.35 -21.20 2.74
CA GLY C 206 -13.11 -22.20 2.04
C GLY C 206 -12.96 -22.11 0.54
N LEU C 207 -12.77 -20.90 0.02
CA LEU C 207 -12.61 -20.74 -1.42
C LEU C 207 -11.12 -20.89 -1.75
N ASP C 208 -10.78 -20.86 -3.03
CA ASP C 208 -9.39 -21.02 -3.46
C ASP C 208 -8.71 -19.69 -3.79
N VAL C 209 -7.54 -19.47 -3.18
CA VAL C 209 -6.77 -18.24 -3.39
C VAL C 209 -6.56 -17.86 -4.85
N SER C 210 -6.72 -18.82 -5.75
CA SER C 210 -6.53 -18.58 -7.18
C SER C 210 -7.57 -17.65 -7.76
N VAL C 211 -8.70 -17.53 -7.09
CA VAL C 211 -9.77 -16.66 -7.55
C VAL C 211 -9.31 -15.21 -7.63
N ILE C 212 -8.22 -14.87 -6.95
CA ILE C 212 -7.73 -13.50 -7.00
C ILE C 212 -6.64 -13.34 -8.06
N PRO C 213 -6.95 -12.63 -9.15
CA PRO C 213 -5.97 -12.42 -10.22
C PRO C 213 -4.71 -11.70 -9.73
N THR C 214 -3.56 -12.10 -10.26
CA THR C 214 -2.28 -11.49 -9.88
C THR C 214 -2.22 -10.05 -10.36
N SER C 215 -2.92 -9.77 -11.45
CA SER C 215 -2.94 -8.42 -11.98
C SER C 215 -4.21 -8.14 -12.75
N GLY C 216 -4.33 -6.90 -13.24
CA GLY C 216 -5.51 -6.50 -13.97
C GLY C 216 -6.53 -5.90 -13.00
N ASP C 217 -7.48 -5.14 -13.52
CA ASP C 217 -8.49 -4.54 -12.67
C ASP C 217 -9.28 -5.65 -12.00
N VAL C 218 -9.59 -5.47 -10.71
CA VAL C 218 -10.37 -6.44 -9.98
C VAL C 218 -10.89 -5.85 -8.68
N ILE C 219 -12.02 -6.37 -8.22
CA ILE C 219 -12.61 -5.95 -6.98
C ILE C 219 -12.87 -7.20 -6.20
N VAL C 220 -12.13 -7.35 -5.13
CA VAL C 220 -12.24 -8.51 -4.26
C VAL C 220 -13.09 -8.15 -3.04
N VAL C 221 -14.14 -8.94 -2.78
CA VAL C 221 -15.01 -8.73 -1.62
C VAL C 221 -14.70 -9.89 -0.68
N ALA C 222 -14.09 -9.60 0.47
CA ALA C 222 -13.70 -10.66 1.38
C ALA C 222 -13.95 -10.42 2.85
N THR C 223 -13.74 -11.48 3.63
CA THR C 223 -13.88 -11.42 5.07
C THR C 223 -12.48 -11.22 5.66
N ASP C 224 -12.35 -11.37 6.96
CA ASP C 224 -11.04 -11.20 7.59
C ASP C 224 -10.04 -12.25 7.10
N ALA C 225 -10.42 -13.02 6.09
CA ALA C 225 -9.54 -14.02 5.51
C ALA C 225 -8.38 -13.28 4.87
N LEU C 226 -8.63 -12.05 4.41
CA LEU C 226 -7.58 -11.24 3.81
C LEU C 226 -7.23 -10.07 4.72
N MET C 227 -7.42 -10.23 6.02
CA MET C 227 -7.13 -9.15 6.93
C MET C 227 -5.66 -8.94 7.27
N THR C 228 -4.94 -10.03 7.47
CA THR C 228 -3.53 -9.91 7.85
C THR C 228 -2.54 -10.57 6.93
N GLY C 229 -1.34 -10.00 6.89
CA GLY C 229 -0.25 -10.54 6.11
C GLY C 229 -0.29 -10.44 4.60
N PHE C 230 -1.47 -10.56 4.02
CA PHE C 230 -1.64 -10.54 2.57
C PHE C 230 -1.34 -9.23 1.83
N THR C 231 -0.73 -9.37 0.65
CA THR C 231 -0.43 -8.23 -0.21
C THR C 231 -1.11 -8.55 -1.53
N GLY C 232 -2.10 -7.73 -1.91
CA GLY C 232 -2.78 -7.99 -3.16
C GLY C 232 -2.61 -6.86 -4.15
N ASP C 233 -1.70 -5.92 -3.85
CA ASP C 233 -1.44 -4.78 -4.72
C ASP C 233 -2.73 -3.98 -4.96
N PHE C 234 -3.46 -3.67 -3.89
CA PHE C 234 -4.71 -2.94 -4.03
C PHE C 234 -4.52 -1.43 -4.04
N ASP C 235 -5.25 -0.74 -4.92
CA ASP C 235 -5.14 0.71 -4.97
C ASP C 235 -5.94 1.30 -3.81
N SER C 236 -6.94 0.56 -3.33
CA SER C 236 -7.78 1.03 -2.23
C SER C 236 -8.40 -0.10 -1.42
N VAL C 237 -8.93 0.26 -0.25
CA VAL C 237 -9.61 -0.66 0.63
C VAL C 237 -10.86 0.05 1.15
N ILE C 238 -11.97 -0.68 1.18
CA ILE C 238 -13.24 -0.16 1.67
C ILE C 238 -13.58 -1.11 2.79
N ASP C 239 -13.72 -0.55 3.98
CA ASP C 239 -13.95 -1.30 5.20
C ASP C 239 -15.33 -1.02 5.85
N CYS C 240 -16.08 -2.08 6.12
CA CYS C 240 -17.40 -1.99 6.74
C CYS C 240 -17.24 -1.64 8.22
N ASN C 241 -16.02 -1.81 8.73
CA ASN C 241 -15.73 -1.49 10.12
C ASN C 241 -16.44 -2.37 11.14
N THR C 242 -17.07 -3.45 10.68
CA THR C 242 -17.72 -4.36 11.61
C THR C 242 -17.03 -5.73 11.50
N CYS C 243 -17.12 -6.52 12.56
CA CYS C 243 -16.50 -7.85 12.58
C CYS C 243 -17.34 -8.84 13.39
N VAL C 244 -17.12 -10.12 13.14
CA VAL C 244 -17.84 -11.16 13.87
C VAL C 244 -16.92 -11.71 14.97
N THR C 245 -17.44 -11.75 16.19
CA THR C 245 -16.67 -12.24 17.33
C THR C 245 -17.51 -13.20 18.15
N GLN C 246 -16.88 -13.86 19.11
CA GLN C 246 -17.58 -14.81 19.95
C GLN C 246 -17.39 -14.49 21.40
N THR C 247 -18.41 -14.80 22.19
CA THR C 247 -18.35 -14.53 23.60
C THR C 247 -18.86 -15.74 24.37
N VAL C 248 -18.39 -15.89 25.59
CA VAL C 248 -18.88 -16.99 26.39
C VAL C 248 -19.60 -16.39 27.59
N ASP C 249 -20.77 -16.93 27.88
CA ASP C 249 -21.54 -16.46 29.01
C ASP C 249 -21.82 -17.63 29.94
N PHE C 250 -21.39 -17.47 31.20
CA PHE C 250 -21.60 -18.50 32.20
C PHE C 250 -22.97 -18.25 32.82
N SER C 251 -24.00 -18.51 32.04
CA SER C 251 -25.40 -18.32 32.41
C SER C 251 -26.02 -19.44 33.27
N LEU C 252 -25.24 -20.44 33.61
CA LEU C 252 -25.70 -21.57 34.43
C LEU C 252 -27.14 -22.00 34.10
N ASP C 253 -27.39 -22.25 32.81
CA ASP C 253 -28.73 -22.63 32.36
C ASP C 253 -28.71 -23.71 31.29
N PRO C 254 -28.12 -24.87 31.59
CA PRO C 254 -27.49 -25.25 32.86
C PRO C 254 -26.03 -24.87 33.07
N THR C 255 -25.28 -24.74 31.97
CA THR C 255 -23.83 -24.44 32.08
C THR C 255 -23.39 -23.11 31.51
N PHE C 256 -22.80 -23.11 30.31
CA PHE C 256 -22.39 -21.84 29.71
C PHE C 256 -23.06 -21.66 28.37
N THR C 257 -22.88 -20.49 27.77
CA THR C 257 -23.46 -20.20 26.48
C THR C 257 -22.41 -19.52 25.63
N ILE C 258 -22.24 -20.02 24.42
CA ILE C 258 -21.28 -19.41 23.51
C ILE C 258 -22.10 -18.74 22.44
N GLU C 259 -22.02 -17.42 22.43
CA GLU C 259 -22.77 -16.60 21.49
C GLU C 259 -21.89 -15.88 20.49
N THR C 260 -22.30 -15.94 19.24
CA THR C 260 -21.59 -15.25 18.18
C THR C 260 -22.30 -13.93 17.98
N THR C 261 -21.54 -12.83 17.94
CA THR C 261 -22.12 -11.51 17.75
C THR C 261 -21.34 -10.67 16.73
N THR C 262 -22.03 -9.73 16.10
CA THR C 262 -21.42 -8.81 15.13
C THR C 262 -21.20 -7.49 15.85
N VAL C 263 -19.95 -7.05 15.94
CA VAL C 263 -19.67 -5.81 16.64
C VAL C 263 -18.71 -4.90 15.89
N PRO C 264 -18.46 -3.69 16.43
CA PRO C 264 -17.56 -2.72 15.80
C PRO C 264 -16.12 -3.24 15.90
N GLN C 265 -15.33 -3.05 14.84
CA GLN C 265 -13.97 -3.54 14.83
C GLN C 265 -13.13 -2.79 15.85
N ASP C 266 -12.10 -3.46 16.34
CA ASP C 266 -11.17 -2.86 17.30
C ASP C 266 -10.02 -2.24 16.50
N ALA C 267 -9.14 -1.56 17.22
CA ALA C 267 -8.00 -0.91 16.60
C ALA C 267 -7.16 -1.87 15.76
N VAL C 268 -6.82 -3.03 16.31
CA VAL C 268 -6.03 -3.98 15.58
C VAL C 268 -6.66 -4.25 14.21
N SER C 269 -7.94 -4.60 14.20
CA SER C 269 -8.65 -4.87 12.97
C SER C 269 -8.61 -3.71 11.98
N ARG C 270 -8.83 -2.49 12.47
CA ARG C 270 -8.85 -1.32 11.59
C ARG C 270 -7.49 -1.10 10.93
N SER C 271 -6.42 -1.17 11.72
CA SER C 271 -5.08 -0.98 11.20
C SER C 271 -4.67 -2.09 10.23
N GLN C 272 -5.02 -3.32 10.57
CA GLN C 272 -4.68 -4.44 9.72
C GLN C 272 -5.45 -4.38 8.39
N ARG C 273 -6.77 -4.17 8.46
CA ARG C 273 -7.58 -4.09 7.25
C ARG C 273 -7.12 -2.93 6.40
N ARG C 274 -6.87 -1.80 7.04
CA ARG C 274 -6.41 -0.64 6.31
C ARG C 274 -5.09 -1.01 5.65
N GLY C 275 -4.24 -1.70 6.41
CA GLY C 275 -2.94 -2.12 5.91
C GLY C 275 -2.91 -3.01 4.68
N ARG C 276 -4.06 -3.39 4.12
CA ARG C 276 -4.03 -4.22 2.94
C ARG C 276 -3.69 -3.38 1.70
N THR C 277 -3.83 -2.07 1.84
CA THR C 277 -3.51 -1.14 0.76
C THR C 277 -2.30 -0.35 1.25
N GLY C 278 -1.74 0.51 0.39
CA GLY C 278 -0.59 1.30 0.80
C GLY C 278 0.63 0.47 1.13
N ARG C 279 0.82 -0.61 0.36
CA ARG C 279 1.96 -1.50 0.57
C ARG C 279 3.01 -1.30 -0.53
N GLY C 280 3.97 -0.42 -0.26
CA GLY C 280 4.99 -0.15 -1.24
C GLY C 280 4.57 0.95 -2.21
N ARG C 281 3.48 1.64 -1.88
CA ARG C 281 2.99 2.73 -2.72
C ARG C 281 1.75 3.34 -2.07
N MET C 282 1.41 4.56 -2.45
CA MET C 282 0.25 5.22 -1.86
C MET C 282 -1.06 4.50 -2.15
N GLY C 283 -1.98 4.58 -1.20
CA GLY C 283 -3.25 3.92 -1.34
C GLY C 283 -4.35 4.69 -0.63
N ILE C 284 -5.59 4.30 -0.90
CA ILE C 284 -6.74 4.94 -0.28
C ILE C 284 -7.49 3.96 0.60
N TYR C 285 -8.03 4.47 1.70
CA TYR C 285 -8.79 3.66 2.63
C TYR C 285 -10.14 4.36 2.88
N ARG C 286 -11.23 3.71 2.48
CA ARG C 286 -12.56 4.29 2.68
C ARG C 286 -13.26 3.47 3.75
N PHE C 287 -13.95 4.15 4.66
CA PHE C 287 -14.64 3.50 5.76
C PHE C 287 -16.07 4.00 5.96
N VAL C 288 -16.83 3.23 6.72
CA VAL C 288 -18.21 3.53 7.04
C VAL C 288 -18.28 4.31 8.36
N THR C 289 -17.66 3.75 9.39
CA THR C 289 -17.64 4.38 10.71
C THR C 289 -16.23 4.71 11.15
N PRO C 290 -16.06 5.88 11.77
CA PRO C 290 -14.72 6.27 12.23
C PRO C 290 -14.43 5.64 13.57
N GLY C 291 -13.24 5.92 14.10
CA GLY C 291 -12.85 5.40 15.40
C GLY C 291 -12.97 3.90 15.56
N GLU C 292 -12.74 3.43 16.78
CA GLU C 292 -12.78 2.01 17.09
C GLU C 292 -12.53 1.73 18.57
N ARG C 293 -12.72 0.49 18.98
CA ARG C 293 -12.49 0.09 20.37
C ARG C 293 -11.07 -0.39 20.60
N PRO C 294 -10.54 -0.21 21.82
CA PRO C 294 -9.18 -0.62 22.19
C PRO C 294 -9.01 -2.13 22.13
N SER C 295 -7.75 -2.55 22.00
CA SER C 295 -7.41 -3.97 21.93
C SER C 295 -6.56 -4.38 23.13
N GLY C 296 -5.85 -5.49 23.00
CA GLY C 296 -5.00 -5.95 24.08
C GLY C 296 -5.58 -7.09 24.92
N MET C 297 -6.90 -7.27 24.88
CA MET C 297 -7.52 -8.36 25.64
C MET C 297 -8.54 -9.14 24.82
N PHE C 298 -8.58 -10.45 24.99
CA PHE C 298 -9.53 -11.28 24.26
C PHE C 298 -10.41 -12.12 25.18
N ASP C 299 -11.60 -12.46 24.71
CA ASP C 299 -12.53 -13.22 25.53
C ASP C 299 -12.15 -14.66 25.85
N SER C 300 -12.56 -15.10 27.03
CA SER C 300 -12.32 -16.45 27.50
C SER C 300 -12.80 -17.50 26.49
N SER C 301 -13.69 -17.09 25.59
CA SER C 301 -14.22 -18.01 24.58
C SER C 301 -13.10 -18.45 23.62
N VAL C 302 -12.09 -17.60 23.49
CA VAL C 302 -10.97 -17.94 22.63
C VAL C 302 -10.25 -19.14 23.22
N LEU C 303 -10.04 -19.14 24.55
CA LEU C 303 -9.38 -20.26 25.19
C LEU C 303 -10.20 -21.52 24.94
N CYS C 304 -11.52 -21.41 25.12
CA CYS C 304 -12.39 -22.56 24.89
C CYS C 304 -12.15 -23.09 23.48
N GLU C 305 -12.06 -22.15 22.56
CA GLU C 305 -11.85 -22.47 21.17
C GLU C 305 -10.51 -23.23 20.97
N CYS C 306 -9.46 -22.88 21.73
CA CYS C 306 -8.17 -23.57 21.62
C CYS C 306 -8.24 -25.04 22.00
N TYR C 307 -8.89 -25.34 23.13
CA TYR C 307 -9.02 -26.71 23.58
C TYR C 307 -9.77 -27.48 22.54
N ASP C 308 -10.87 -26.90 22.06
CA ASP C 308 -11.70 -27.54 21.04
C ASP C 308 -10.87 -27.84 19.77
N ALA C 309 -10.02 -26.90 19.35
CA ALA C 309 -9.18 -27.09 18.16
C ALA C 309 -8.12 -28.16 18.43
N GLY C 310 -7.57 -28.13 19.65
CA GLY C 310 -6.57 -29.09 20.04
C GLY C 310 -7.15 -30.50 19.95
N CYS C 311 -8.37 -30.65 20.41
CA CYS C 311 -9.02 -31.95 20.40
C CYS C 311 -9.51 -32.35 19.04
N ALA C 312 -10.01 -31.40 18.27
CA ALA C 312 -10.55 -31.74 16.96
C ALA C 312 -9.57 -31.76 15.79
N TRP C 313 -8.56 -30.92 15.82
CA TRP C 313 -7.62 -30.85 14.70
C TRP C 313 -6.15 -31.23 14.93
N TYR C 314 -5.61 -30.90 16.09
CA TYR C 314 -4.19 -31.15 16.34
C TYR C 314 -3.78 -32.27 17.25
N GLU C 315 -4.67 -33.23 17.46
CA GLU C 315 -4.42 -34.38 18.32
C GLU C 315 -3.69 -34.00 19.61
N LEU C 316 -4.19 -32.97 20.28
CA LEU C 316 -3.61 -32.50 21.53
C LEU C 316 -4.60 -32.77 22.66
N THR C 317 -4.10 -33.32 23.76
CA THR C 317 -4.94 -33.60 24.91
C THR C 317 -5.12 -32.29 25.64
N PRO C 318 -6.25 -32.13 26.36
CA PRO C 318 -6.49 -30.90 27.11
C PRO C 318 -5.26 -30.49 27.91
N ALA C 319 -4.64 -31.46 28.57
CA ALA C 319 -3.45 -31.20 29.39
C ALA C 319 -2.34 -30.60 28.55
N GLU C 320 -2.14 -31.17 27.38
CA GLU C 320 -1.10 -30.72 26.47
C GLU C 320 -1.41 -29.29 25.98
N THR C 321 -2.69 -29.03 25.71
CA THR C 321 -3.10 -27.70 25.26
C THR C 321 -2.81 -26.68 26.36
N SER C 322 -3.03 -27.07 27.62
CA SER C 322 -2.80 -26.18 28.76
C SER C 322 -1.35 -25.75 28.86
N VAL C 323 -0.45 -26.70 28.63
CA VAL C 323 0.96 -26.41 28.72
C VAL C 323 1.34 -25.36 27.68
N ARG C 324 0.68 -25.39 26.53
CA ARG C 324 0.98 -24.43 25.48
C ARG C 324 0.36 -23.06 25.72
N LEU C 325 -0.89 -23.03 26.18
CA LEU C 325 -1.58 -21.75 26.43
C LEU C 325 -0.90 -21.05 27.60
N ARG C 326 -0.38 -21.85 28.54
CA ARG C 326 0.29 -21.34 29.71
C ARG C 326 1.54 -20.56 29.29
N ALA C 327 2.30 -21.13 28.36
CA ALA C 327 3.49 -20.47 27.87
C ALA C 327 3.13 -19.13 27.25
N TYR C 328 2.00 -19.11 26.53
CA TYR C 328 1.52 -17.91 25.88
C TYR C 328 1.13 -16.85 26.91
N LEU C 329 0.21 -17.19 27.80
CA LEU C 329 -0.26 -16.26 28.83
C LEU C 329 0.84 -15.76 29.76
N ASN C 330 1.92 -16.51 29.90
CA ASN C 330 3.02 -16.11 30.78
C ASN C 330 4.09 -15.28 30.07
N THR C 331 3.93 -15.07 28.78
CA THR C 331 4.92 -14.29 28.03
C THR C 331 4.46 -12.85 27.84
N PRO C 332 5.27 -11.91 28.33
CA PRO C 332 4.97 -10.47 28.24
C PRO C 332 4.96 -9.95 26.80
N GLY C 333 4.09 -8.99 26.53
CA GLY C 333 4.03 -8.38 25.20
C GLY C 333 2.97 -8.94 24.26
N LEU C 334 2.21 -9.91 24.75
CA LEU C 334 1.16 -10.51 23.94
C LEU C 334 -0.20 -10.11 24.47
N PRO C 335 -1.26 -10.45 23.73
CA PRO C 335 -2.62 -10.11 24.17
C PRO C 335 -2.93 -10.89 25.47
N VAL C 336 -3.57 -10.23 26.43
CA VAL C 336 -3.91 -10.89 27.70
C VAL C 336 -5.34 -11.40 27.72
N CYS C 337 -5.62 -12.29 28.65
CA CYS C 337 -6.94 -12.86 28.76
C CYS C 337 -7.11 -13.48 30.14
N GLN C 338 -8.34 -13.55 30.65
CA GLN C 338 -8.63 -14.15 31.96
C GLN C 338 -8.03 -15.56 32.02
N ASP C 339 -7.37 -15.89 33.13
CA ASP C 339 -6.78 -17.21 33.25
C ASP C 339 -7.83 -18.26 33.60
N HIS C 340 -8.45 -18.84 32.59
CA HIS C 340 -9.48 -19.85 32.79
C HIS C 340 -9.02 -21.22 32.27
N LEU C 341 -7.71 -21.39 32.14
CA LEU C 341 -7.15 -22.65 31.65
C LEU C 341 -7.66 -23.85 32.43
N GLU C 342 -7.49 -23.82 33.75
CA GLU C 342 -7.94 -24.92 34.61
C GLU C 342 -9.39 -25.27 34.31
N PHE C 343 -10.24 -24.25 34.32
CA PHE C 343 -11.63 -24.49 34.04
C PHE C 343 -11.84 -25.17 32.68
N TRP C 344 -11.43 -24.52 31.60
CA TRP C 344 -11.63 -25.12 30.28
C TRP C 344 -11.01 -26.51 30.15
N GLU C 345 -9.82 -26.68 30.72
CA GLU C 345 -9.16 -27.97 30.67
C GLU C 345 -10.02 -29.04 31.35
N SER C 346 -10.54 -28.75 32.53
CA SER C 346 -11.37 -29.73 33.21
C SER C 346 -12.65 -30.01 32.42
N VAL C 347 -13.16 -29.02 31.70
CA VAL C 347 -14.36 -29.22 30.91
C VAL C 347 -14.09 -30.24 29.80
N PHE C 348 -13.11 -29.93 28.94
CA PHE C 348 -12.82 -30.84 27.84
C PHE C 348 -12.32 -32.21 28.28
N THR C 349 -11.64 -32.28 29.42
CA THR C 349 -11.16 -33.57 29.89
C THR C 349 -12.32 -34.55 30.09
N GLY C 350 -13.50 -34.01 30.35
CA GLY C 350 -14.66 -34.87 30.54
C GLY C 350 -15.30 -35.35 29.25
N LEU C 351 -15.13 -34.60 28.17
CA LEU C 351 -15.74 -34.98 26.89
C LEU C 351 -14.95 -36.09 26.17
N THR C 352 -15.20 -37.33 26.53
CA THR C 352 -14.47 -38.44 25.92
C THR C 352 -15.33 -39.36 25.10
N HIS C 353 -14.69 -40.12 24.23
CA HIS C 353 -15.41 -41.07 23.39
C HIS C 353 -16.43 -40.39 22.48
N ILE C 354 -16.01 -39.33 21.81
CA ILE C 354 -16.88 -38.62 20.90
C ILE C 354 -17.10 -39.47 19.65
N ASP C 355 -18.22 -39.29 18.97
CA ASP C 355 -18.45 -40.06 17.74
C ASP C 355 -17.62 -39.48 16.60
N ALA C 356 -16.67 -40.27 16.09
CA ALA C 356 -15.78 -39.83 15.01
C ALA C 356 -16.52 -39.38 13.77
N HIS C 357 -17.60 -40.07 13.45
CA HIS C 357 -18.39 -39.74 12.28
C HIS C 357 -19.00 -38.34 12.41
N PHE C 358 -19.41 -37.97 13.62
CA PHE C 358 -19.99 -36.66 13.88
C PHE C 358 -18.91 -35.59 13.89
N LEU C 359 -17.78 -35.88 14.54
CA LEU C 359 -16.69 -34.94 14.61
C LEU C 359 -16.28 -34.59 13.20
N SER C 360 -16.03 -35.64 12.42
CA SER C 360 -15.62 -35.46 11.06
C SER C 360 -16.59 -34.55 10.32
N GLN C 361 -17.89 -34.74 10.53
CA GLN C 361 -18.89 -33.93 9.83
C GLN C 361 -18.90 -32.44 10.20
N THR C 362 -18.72 -32.14 11.49
CA THR C 362 -18.72 -30.75 11.91
C THR C 362 -17.44 -30.05 11.50
N LYS C 363 -16.36 -30.80 11.33
CA LYS C 363 -15.11 -30.18 10.90
C LYS C 363 -15.22 -29.77 9.45
N GLN C 364 -15.72 -30.69 8.63
CA GLN C 364 -15.87 -30.43 7.21
C GLN C 364 -16.96 -29.43 6.90
N ALA C 365 -17.84 -29.18 7.85
CA ALA C 365 -18.91 -28.23 7.64
C ALA C 365 -18.42 -26.83 8.01
N GLY C 366 -17.25 -26.74 8.62
CA GLY C 366 -16.72 -25.45 9.01
C GLY C 366 -17.35 -24.88 10.29
N ASP C 367 -18.10 -25.71 11.02
CA ASP C 367 -18.74 -25.26 12.25
C ASP C 367 -17.74 -24.72 13.26
N ASN C 368 -18.18 -23.72 14.04
CA ASN C 368 -17.33 -23.16 15.07
C ASN C 368 -17.44 -24.18 16.20
N PHE C 369 -16.36 -24.39 16.96
CA PHE C 369 -16.41 -25.36 18.04
C PHE C 369 -16.90 -26.70 17.52
N PRO C 370 -16.25 -27.23 16.49
CA PRO C 370 -16.70 -28.53 15.96
C PRO C 370 -16.71 -29.66 16.98
N TYR C 371 -15.78 -29.63 17.92
CA TYR C 371 -15.78 -30.67 18.94
C TYR C 371 -17.01 -30.58 19.85
N LEU C 372 -17.27 -29.41 20.42
CA LEU C 372 -18.43 -29.27 21.29
C LEU C 372 -19.72 -29.60 20.54
N VAL C 373 -19.85 -29.13 19.31
CA VAL C 373 -21.07 -29.44 18.55
C VAL C 373 -21.20 -30.95 18.42
N ALA C 374 -20.17 -31.58 17.89
CA ALA C 374 -20.20 -33.03 17.70
C ALA C 374 -20.38 -33.78 19.03
N TYR C 375 -19.79 -33.28 20.11
CA TYR C 375 -19.96 -34.01 21.35
C TYR C 375 -21.42 -34.03 21.80
N GLN C 376 -22.08 -32.88 21.68
CA GLN C 376 -23.49 -32.76 22.04
C GLN C 376 -24.32 -33.69 21.13
N ALA C 377 -23.92 -33.81 19.87
CA ALA C 377 -24.62 -34.70 18.95
C ALA C 377 -24.46 -36.13 19.41
N THR C 378 -23.25 -36.45 19.88
CA THR C 378 -22.93 -37.79 20.36
C THR C 378 -23.78 -38.18 21.55
N VAL C 379 -23.84 -37.28 22.52
CA VAL C 379 -24.60 -37.51 23.71
C VAL C 379 -26.07 -37.73 23.35
N CYS C 380 -26.62 -36.88 22.48
CA CYS C 380 -28.01 -37.01 22.06
C CYS C 380 -28.29 -38.38 21.46
N ALA C 381 -27.52 -38.74 20.44
CA ALA C 381 -27.69 -40.03 19.78
C ALA C 381 -27.66 -41.17 20.80
N ARG C 382 -26.71 -41.14 21.71
CA ARG C 382 -26.60 -42.20 22.72
C ARG C 382 -27.79 -42.26 23.65
N ALA C 383 -28.52 -41.15 23.74
CA ALA C 383 -29.70 -41.09 24.58
C ALA C 383 -30.95 -41.16 23.70
N GLN C 384 -30.74 -41.35 22.40
CA GLN C 384 -31.84 -41.44 21.45
C GLN C 384 -32.71 -40.19 21.60
N ALA C 385 -32.06 -39.08 21.92
CA ALA C 385 -32.74 -37.81 22.09
C ALA C 385 -32.44 -36.90 20.92
N PRO C 386 -33.35 -35.95 20.64
CA PRO C 386 -33.12 -35.02 19.53
C PRO C 386 -32.16 -33.92 19.94
N PRO C 387 -31.56 -33.23 18.97
CA PRO C 387 -30.62 -32.14 19.25
C PRO C 387 -31.38 -30.93 19.77
N PRO C 388 -30.66 -29.90 20.24
CA PRO C 388 -31.27 -28.68 20.77
C PRO C 388 -32.32 -28.07 19.83
N SER C 389 -32.11 -28.23 18.54
CA SER C 389 -33.03 -27.71 17.53
C SER C 389 -32.78 -28.49 16.26
N TRP C 390 -33.44 -28.10 15.18
CA TRP C 390 -33.24 -28.80 13.92
C TRP C 390 -32.65 -27.92 12.84
N ASP C 391 -31.77 -27.01 13.22
CA ASP C 391 -31.15 -26.16 12.24
C ASP C 391 -29.86 -26.78 11.70
N GLN C 392 -29.31 -26.18 10.66
CA GLN C 392 -28.11 -26.69 9.99
C GLN C 392 -27.05 -27.29 10.92
N MET C 393 -26.76 -26.58 12.01
CA MET C 393 -25.76 -27.00 12.98
C MET C 393 -25.88 -28.47 13.43
N TRP C 394 -27.10 -28.99 13.47
CA TRP C 394 -27.35 -30.37 13.91
C TRP C 394 -27.77 -31.33 12.80
N LYS C 395 -27.53 -30.98 11.54
CA LYS C 395 -27.92 -31.84 10.43
C LYS C 395 -27.38 -33.27 10.54
N CYS C 396 -26.21 -33.43 11.15
CA CYS C 396 -25.62 -34.76 11.27
C CYS C 396 -26.48 -35.75 12.02
N LEU C 397 -27.56 -35.27 12.64
CA LEU C 397 -28.48 -36.13 13.39
C LEU C 397 -29.83 -36.34 12.70
N ILE C 398 -30.12 -35.53 11.69
CA ILE C 398 -31.39 -35.62 10.97
C ILE C 398 -31.66 -37.07 10.57
N ARG C 399 -30.58 -37.76 10.21
CA ARG C 399 -30.63 -39.15 9.79
C ARG C 399 -31.21 -40.09 10.87
N LEU C 400 -31.25 -39.66 12.12
CA LEU C 400 -31.79 -40.51 13.19
C LEU C 400 -33.15 -40.02 13.67
N LYS C 401 -33.58 -38.88 13.14
CA LYS C 401 -34.85 -38.27 13.51
C LYS C 401 -35.98 -39.24 13.90
N PRO C 402 -36.23 -40.27 13.08
CA PRO C 402 -37.30 -41.24 13.38
C PRO C 402 -37.16 -41.99 14.70
N THR C 403 -35.92 -42.12 15.19
CA THR C 403 -35.67 -42.85 16.44
C THR C 403 -35.50 -41.94 17.65
N LEU C 404 -35.01 -40.73 17.41
CA LEU C 404 -34.79 -39.78 18.49
C LEU C 404 -36.12 -39.29 19.06
N HIS C 405 -36.18 -39.16 20.38
CA HIS C 405 -37.40 -38.71 21.04
C HIS C 405 -37.10 -38.28 22.47
N GLY C 406 -38.00 -37.46 23.02
CA GLY C 406 -37.82 -36.98 24.39
C GLY C 406 -37.11 -35.63 24.50
N PRO C 407 -36.70 -35.26 25.71
CA PRO C 407 -36.01 -33.98 25.90
C PRO C 407 -34.55 -34.07 25.47
N THR C 408 -33.93 -32.92 25.21
CA THR C 408 -32.55 -32.86 24.81
C THR C 408 -31.65 -32.79 26.02
N PRO C 409 -30.59 -33.61 26.08
CA PRO C 409 -29.65 -33.61 27.19
C PRO C 409 -28.71 -32.44 26.93
N LEU C 410 -29.17 -31.22 27.18
CA LEU C 410 -28.38 -30.02 26.91
C LEU C 410 -27.08 -29.97 27.72
N LEU C 411 -25.96 -29.92 27.04
CA LEU C 411 -24.65 -29.87 27.72
C LEU C 411 -24.21 -28.44 27.95
N TYR C 412 -24.61 -27.57 27.03
CA TYR C 412 -24.29 -26.16 27.04
C TYR C 412 -25.09 -25.57 25.88
N ARG C 413 -25.05 -24.25 25.72
CA ARG C 413 -25.81 -23.58 24.66
C ARG C 413 -24.88 -23.05 23.60
N LEU C 414 -25.03 -23.58 22.39
CA LEU C 414 -24.20 -23.16 21.27
C LEU C 414 -25.02 -22.37 20.29
N GLY C 415 -26.31 -22.32 20.54
CA GLY C 415 -27.22 -21.61 19.68
C GLY C 415 -28.62 -21.65 20.26
N ALA C 416 -29.61 -21.46 19.40
CA ALA C 416 -30.99 -21.47 19.83
C ALA C 416 -31.43 -22.87 20.22
N VAL C 417 -32.24 -22.95 21.27
CA VAL C 417 -32.75 -24.23 21.72
C VAL C 417 -34.26 -24.20 21.60
N GLN C 418 -34.80 -25.10 20.78
CA GLN C 418 -36.23 -25.14 20.56
C GLN C 418 -36.93 -26.31 21.22
N ASN C 419 -36.26 -27.46 21.27
CA ASN C 419 -36.84 -28.67 21.85
C ASN C 419 -36.82 -28.63 23.38
N GLU C 420 -37.60 -29.51 24.03
CA GLU C 420 -37.61 -29.54 25.49
C GLU C 420 -36.21 -29.93 25.94
N VAL C 421 -35.86 -29.56 27.15
CA VAL C 421 -34.54 -29.82 27.68
C VAL C 421 -34.47 -30.48 29.05
N THR C 422 -33.52 -31.40 29.19
CA THR C 422 -33.28 -32.09 30.45
C THR C 422 -31.84 -31.73 30.83
N THR C 423 -31.61 -31.43 32.10
CA THR C 423 -30.28 -31.05 32.59
C THR C 423 -29.67 -32.09 33.52
N THR C 424 -30.11 -33.33 33.43
CA THR C 424 -29.62 -34.39 34.31
C THR C 424 -28.51 -35.30 33.77
N HIS C 425 -28.06 -35.06 32.54
CA HIS C 425 -27.01 -35.90 31.95
C HIS C 425 -25.70 -35.73 32.72
N PRO C 426 -25.00 -36.85 33.00
CA PRO C 426 -23.72 -36.87 33.73
C PRO C 426 -22.77 -35.78 33.29
N ILE C 427 -22.59 -35.64 31.99
CA ILE C 427 -21.70 -34.60 31.50
C ILE C 427 -22.19 -33.22 31.92
N THR C 428 -23.49 -32.96 31.80
CA THR C 428 -24.02 -31.67 32.20
C THR C 428 -23.71 -31.40 33.67
N LYS C 429 -24.01 -32.38 34.51
CA LYS C 429 -23.73 -32.26 35.96
C LYS C 429 -22.24 -32.02 36.17
N TYR C 430 -21.41 -32.71 35.38
CA TYR C 430 -19.96 -32.53 35.51
C TYR C 430 -19.54 -31.11 35.15
N ILE C 431 -20.07 -30.57 34.05
CA ILE C 431 -19.74 -29.21 33.65
C ILE C 431 -20.19 -28.23 34.73
N MET C 432 -21.41 -28.38 35.24
CA MET C 432 -21.89 -27.47 36.26
C MET C 432 -20.95 -27.47 37.46
N ALA C 433 -20.50 -28.64 37.85
CA ALA C 433 -19.58 -28.78 38.97
C ALA C 433 -18.23 -28.14 38.66
N CYS C 434 -17.81 -28.16 37.40
CA CYS C 434 -16.54 -27.52 37.05
C CYS C 434 -16.68 -26.01 37.24
N MET C 435 -17.91 -25.52 37.15
CA MET C 435 -18.19 -24.08 37.28
C MET C 435 -18.40 -23.62 38.71
N SER C 436 -19.00 -24.49 39.52
CA SER C 436 -19.28 -24.20 40.92
C SER C 436 -18.00 -23.94 41.71
N ALA C 437 -16.91 -24.58 41.29
CA ALA C 437 -15.61 -24.41 41.94
C ALA C 437 -14.49 -25.12 41.18
N SER D 1 53.39 10.57 20.26
CA SER D 1 51.96 10.97 20.27
C SER D 1 51.06 9.96 19.53
N PRO D 2 51.43 9.56 18.30
CA PRO D 2 50.62 8.60 17.52
C PRO D 2 50.35 7.30 18.27
N PRO D 3 49.08 6.85 18.29
CA PRO D 3 48.69 5.61 18.98
C PRO D 3 49.39 4.40 18.36
N ALA D 4 49.90 3.51 19.21
CA ALA D 4 50.59 2.33 18.71
C ALA D 4 49.58 1.33 18.16
N VAL D 5 49.94 0.65 17.07
CA VAL D 5 49.05 -0.33 16.46
C VAL D 5 48.90 -1.55 17.34
N PRO D 6 47.73 -1.76 17.93
CA PRO D 6 47.47 -2.91 18.80
C PRO D 6 47.33 -4.23 18.04
N GLN D 7 47.31 -5.34 18.78
CA GLN D 7 47.19 -6.65 18.16
C GLN D 7 45.72 -6.99 17.89
N THR D 8 44.83 -6.26 18.56
CA THR D 8 43.39 -6.43 18.40
C THR D 8 42.79 -5.05 18.17
N PHE D 9 41.64 -5.01 17.49
CA PHE D 9 40.96 -3.75 17.19
C PHE D 9 40.93 -2.74 18.34
N GLN D 10 41.09 -1.48 18.00
CA GLN D 10 41.08 -0.41 18.99
C GLN D 10 40.95 0.96 18.35
N VAL D 11 40.13 1.81 18.96
CA VAL D 11 39.90 3.16 18.47
C VAL D 11 40.63 4.12 19.41
N ALA D 12 41.56 4.90 18.85
CA ALA D 12 42.32 5.84 19.65
C ALA D 12 42.16 7.27 19.14
N HIS D 13 42.61 8.25 19.94
CA HIS D 13 42.52 9.65 19.57
C HIS D 13 43.90 10.25 19.36
N LEU D 14 43.97 11.25 18.50
CA LEU D 14 45.21 11.95 18.21
C LEU D 14 44.85 13.43 18.17
N HIS D 15 45.42 14.20 19.09
CA HIS D 15 45.18 15.63 19.19
C HIS D 15 46.49 16.40 19.10
N ALA D 16 46.60 17.27 18.10
CA ALA D 16 47.81 18.08 17.93
C ALA D 16 47.42 19.34 17.19
N PRO D 17 48.09 20.46 17.49
CA PRO D 17 47.80 21.74 16.86
C PRO D 17 47.71 21.73 15.32
N THR D 18 47.08 22.75 14.74
CA THR D 18 46.98 22.82 13.30
C THR D 18 48.34 22.98 12.66
N GLY D 19 48.58 22.22 11.62
CA GLY D 19 49.85 22.28 10.92
C GLY D 19 50.95 21.41 11.49
N SER D 20 50.68 20.69 12.58
CA SER D 20 51.72 19.85 13.18
C SER D 20 52.09 18.64 12.31
N GLY D 21 51.15 18.16 11.50
CA GLY D 21 51.43 17.04 10.62
C GLY D 21 50.61 15.79 10.84
N LYS D 22 49.43 15.93 11.45
CA LYS D 22 48.58 14.79 11.72
C LYS D 22 48.12 14.08 10.44
N SER D 23 47.97 14.85 9.37
CA SER D 23 47.48 14.30 8.12
C SER D 23 48.59 13.91 7.15
N THR D 24 49.84 14.22 7.48
CA THR D 24 50.95 13.89 6.60
C THR D 24 52.03 13.05 7.26
N LYS D 25 52.72 13.61 8.26
CA LYS D 25 53.78 12.88 8.94
C LYS D 25 53.26 11.58 9.56
N VAL D 26 52.23 11.69 10.40
CA VAL D 26 51.67 10.52 11.06
C VAL D 26 51.37 9.34 10.13
N PRO D 27 50.51 9.55 9.11
CA PRO D 27 50.23 8.41 8.23
C PRO D 27 51.49 7.88 7.54
N ALA D 28 52.48 8.73 7.34
CA ALA D 28 53.72 8.28 6.72
C ALA D 28 54.44 7.35 7.71
N ALA D 29 54.62 7.81 8.93
CA ALA D 29 55.28 7.01 9.96
C ALA D 29 54.66 5.61 10.10
N TYR D 30 53.34 5.52 9.95
CA TYR D 30 52.67 4.22 10.05
C TYR D 30 53.03 3.36 8.85
N ALA D 31 53.09 3.98 7.68
CA ALA D 31 53.43 3.26 6.46
C ALA D 31 54.84 2.71 6.60
N ALA D 32 55.72 3.52 7.20
CA ALA D 32 57.09 3.12 7.40
C ALA D 32 57.21 1.83 8.22
N GLN D 33 56.21 1.56 9.06
CA GLN D 33 56.23 0.35 9.87
C GLN D 33 55.61 -0.83 9.11
N GLY D 34 55.40 -0.66 7.82
CA GLY D 34 54.83 -1.72 7.01
C GLY D 34 53.31 -1.87 7.11
N TYR D 35 52.63 -0.78 7.42
CA TYR D 35 51.18 -0.78 7.55
C TYR D 35 50.48 -0.12 6.36
N LYS D 36 49.26 -0.58 6.07
CA LYS D 36 48.45 0.00 5.00
C LYS D 36 47.53 1.02 5.68
N VAL D 37 47.62 2.28 5.27
CA VAL D 37 46.82 3.32 5.90
C VAL D 37 45.83 4.08 5.00
N LEU D 38 44.61 4.26 5.50
CA LEU D 38 43.58 5.01 4.80
C LEU D 38 43.33 6.29 5.60
N VAL D 39 43.38 7.44 4.93
CA VAL D 39 43.15 8.72 5.59
C VAL D 39 41.92 9.39 5.00
N LEU D 40 40.88 9.50 5.82
CA LEU D 40 39.63 10.13 5.40
C LEU D 40 39.60 11.60 5.83
N ASN D 41 39.40 12.49 4.87
CA ASN D 41 39.36 13.92 5.14
C ASN D 41 38.07 14.53 4.54
N PRO D 42 37.45 15.47 5.25
CA PRO D 42 36.23 16.04 4.68
C PRO D 42 36.45 16.99 3.49
N SER D 43 37.64 17.56 3.37
CA SER D 43 37.94 18.50 2.29
C SER D 43 38.45 17.92 0.99
N VAL D 44 37.87 18.35 -0.14
CA VAL D 44 38.32 17.86 -1.44
C VAL D 44 39.61 18.59 -1.76
N ALA D 45 39.64 19.88 -1.42
CA ALA D 45 40.85 20.66 -1.67
C ALA D 45 42.05 20.08 -0.89
N ALA D 46 41.83 19.70 0.36
CA ALA D 46 42.93 19.16 1.15
C ALA D 46 43.39 17.78 0.63
N THR D 47 42.44 16.89 0.39
CA THR D 47 42.74 15.56 -0.12
C THR D 47 43.62 15.63 -1.37
N LEU D 48 43.19 16.39 -2.39
CA LEU D 48 43.99 16.51 -3.60
C LEU D 48 45.36 17.10 -3.24
N GLY D 49 45.37 17.99 -2.27
CA GLY D 49 46.60 18.62 -1.84
C GLY D 49 47.62 17.65 -1.26
N PHE D 50 47.15 16.61 -0.60
CA PHE D 50 48.06 15.64 -0.02
C PHE D 50 48.78 14.88 -1.15
N GLY D 51 48.10 14.69 -2.28
CA GLY D 51 48.70 13.98 -3.39
C GLY D 51 50.03 14.59 -3.81
N ALA D 52 49.99 15.85 -4.20
CA ALA D 52 51.18 16.55 -4.63
C ALA D 52 52.22 16.67 -3.52
N TYR D 53 51.80 17.13 -2.34
CA TYR D 53 52.72 17.32 -1.24
C TYR D 53 53.44 16.06 -0.78
N MET D 54 52.68 15.01 -0.48
CA MET D 54 53.29 13.77 -0.03
C MET D 54 54.28 13.27 -1.09
N SER D 55 54.02 13.64 -2.33
CA SER D 55 54.88 13.25 -3.45
C SER D 55 56.27 13.87 -3.34
N LYS D 56 56.34 15.19 -3.39
CA LYS D 56 57.63 15.87 -3.32
C LYS D 56 58.16 16.17 -1.94
N ALA D 57 57.55 15.65 -0.88
CA ALA D 57 58.06 15.95 0.45
C ALA D 57 58.23 14.70 1.29
N HIS D 58 57.64 13.60 0.83
CA HIS D 58 57.74 12.34 1.54
C HIS D 58 58.00 11.20 0.58
N GLY D 59 58.33 11.57 -0.66
CA GLY D 59 58.60 10.59 -1.70
C GLY D 59 57.67 9.39 -1.71
N ILE D 60 56.38 9.64 -1.75
CA ILE D 60 55.43 8.55 -1.77
C ILE D 60 54.13 9.00 -2.41
N ASP D 61 53.88 8.57 -3.65
CA ASP D 61 52.65 8.95 -4.33
C ASP D 61 51.51 8.11 -3.78
N PRO D 62 50.66 8.73 -2.96
CA PRO D 62 49.56 7.98 -2.40
C PRO D 62 48.40 7.86 -3.37
N ASN D 63 47.49 6.95 -3.04
CA ASN D 63 46.30 6.75 -3.81
C ASN D 63 45.40 7.92 -3.39
N ILE D 64 44.71 8.50 -4.36
CA ILE D 64 43.81 9.60 -4.09
C ILE D 64 42.40 9.25 -4.57
N ARG D 65 41.41 9.49 -3.70
CA ARG D 65 40.02 9.21 -4.04
C ARG D 65 39.13 10.40 -3.65
N THR D 66 38.54 11.04 -4.66
CA THR D 66 37.63 12.18 -4.46
C THR D 66 36.64 12.12 -5.61
N GLY D 67 35.61 12.97 -5.54
CA GLY D 67 34.62 12.98 -6.60
C GLY D 67 35.21 13.46 -7.91
N VAL D 68 36.11 14.43 -7.79
CA VAL D 68 36.78 15.03 -8.94
C VAL D 68 37.89 14.17 -9.55
N ARG D 69 38.75 13.58 -8.74
CA ARG D 69 39.83 12.77 -9.29
C ARG D 69 40.12 11.48 -8.54
N THR D 70 40.73 10.53 -9.24
CA THR D 70 41.08 9.25 -8.65
C THR D 70 42.46 8.81 -9.15
N ILE D 71 43.37 8.47 -8.23
CA ILE D 71 44.69 8.03 -8.64
C ILE D 71 45.11 6.79 -7.88
N THR D 72 45.16 5.66 -8.56
CA THR D 72 45.57 4.43 -7.92
C THR D 72 47.01 4.11 -8.31
N THR D 73 47.91 4.34 -7.37
CA THR D 73 49.32 4.10 -7.57
C THR D 73 49.72 2.77 -6.95
N GLY D 74 49.01 2.38 -5.91
CA GLY D 74 49.30 1.13 -5.25
C GLY D 74 50.13 1.34 -3.99
N ALA D 75 50.33 2.60 -3.60
CA ALA D 75 51.10 2.92 -2.41
C ALA D 75 50.38 2.43 -1.16
N PRO D 76 51.10 2.33 -0.03
CA PRO D 76 50.52 1.87 1.24
C PRO D 76 49.66 2.94 1.94
N ILE D 77 49.56 4.13 1.34
CA ILE D 77 48.73 5.20 1.91
C ILE D 77 47.66 5.64 0.91
N THR D 78 46.45 5.82 1.41
CA THR D 78 45.35 6.29 0.57
C THR D 78 44.63 7.45 1.24
N TYR D 79 44.48 8.54 0.49
CA TYR D 79 43.77 9.72 0.96
C TYR D 79 42.44 9.76 0.24
N SER D 80 41.37 9.91 1.01
CA SER D 80 40.03 9.95 0.43
C SER D 80 39.14 10.91 1.21
N THR D 81 38.15 11.48 0.52
CA THR D 81 37.21 12.36 1.22
C THR D 81 36.19 11.40 1.82
N TYR D 82 35.49 11.87 2.85
CA TYR D 82 34.48 11.03 3.48
C TYR D 82 33.39 10.74 2.45
N GLY D 83 33.07 11.75 1.65
CA GLY D 83 32.05 11.59 0.63
C GLY D 83 32.38 10.47 -0.34
N LYS D 84 33.59 10.48 -0.87
CA LYS D 84 34.01 9.46 -1.81
C LYS D 84 34.05 8.08 -1.12
N PHE D 85 34.41 8.08 0.17
CA PHE D 85 34.47 6.84 0.93
C PHE D 85 33.07 6.22 1.00
N LEU D 86 32.06 7.04 1.31
CA LEU D 86 30.69 6.53 1.40
C LEU D 86 30.17 6.07 0.04
N ALA D 87 30.42 6.86 -1.00
CA ALA D 87 29.96 6.49 -2.34
C ALA D 87 30.61 5.21 -2.86
N ASP D 88 31.70 4.76 -2.24
CA ASP D 88 32.37 3.53 -2.68
C ASP D 88 31.93 2.31 -1.90
N GLY D 89 30.96 2.49 -1.00
CA GLY D 89 30.49 1.36 -0.21
C GLY D 89 31.08 1.20 1.18
N GLY D 90 31.97 2.10 1.56
CA GLY D 90 32.57 2.01 2.88
C GLY D 90 33.85 1.19 2.90
N CYS D 91 34.04 0.44 3.99
CA CYS D 91 35.23 -0.38 4.17
C CYS D 91 35.35 -1.59 3.27
N SER D 92 36.57 -1.84 2.83
CA SER D 92 36.88 -2.97 1.98
C SER D 92 37.49 -4.07 2.84
N GLY D 93 37.19 -5.32 2.49
CA GLY D 93 37.72 -6.45 3.23
C GLY D 93 39.23 -6.55 3.22
N GLY D 94 39.83 -6.42 4.40
CA GLY D 94 41.27 -6.49 4.52
C GLY D 94 42.01 -5.53 3.61
N ALA D 95 41.42 -4.36 3.39
CA ALA D 95 42.01 -3.35 2.53
C ALA D 95 43.06 -2.51 3.26
N TYR D 96 42.82 -2.27 4.56
CA TYR D 96 43.73 -1.46 5.36
C TYR D 96 43.94 -1.95 6.81
N ASP D 97 45.10 -1.65 7.39
CA ASP D 97 45.40 -2.05 8.77
C ASP D 97 44.98 -0.93 9.70
N ILE D 98 45.16 0.30 9.22
CA ILE D 98 44.81 1.47 9.98
C ILE D 98 43.94 2.44 9.16
N ILE D 99 42.91 2.95 9.82
CA ILE D 99 42.03 3.93 9.21
C ILE D 99 42.09 5.14 10.11
N ILE D 100 42.46 6.26 9.52
CA ILE D 100 42.57 7.51 10.24
C ILE D 100 41.42 8.44 9.86
N CYS D 101 40.51 8.66 10.81
CA CYS D 101 39.38 9.57 10.60
C CYS D 101 39.88 10.97 10.91
N ASP D 102 40.37 11.64 9.88
CA ASP D 102 40.91 12.97 9.99
C ASP D 102 39.83 14.04 10.19
N GLU D 103 40.23 15.16 10.78
CA GLU D 103 39.36 16.30 11.07
C GLU D 103 38.02 15.87 11.67
N CYS D 104 38.08 14.96 12.63
CA CYS D 104 36.90 14.44 13.29
C CYS D 104 36.15 15.46 14.16
N HIS D 105 36.39 16.74 13.92
CA HIS D 105 35.68 17.78 14.65
C HIS D 105 34.56 18.25 13.72
N SER D 106 34.67 17.92 12.43
CA SER D 106 33.67 18.31 11.45
C SER D 106 32.29 17.76 11.77
N THR D 107 31.32 18.66 11.83
CA THR D 107 29.96 18.26 12.13
C THR D 107 29.04 18.31 10.93
N ASP D 108 29.57 18.07 9.74
CA ASP D 108 28.71 18.06 8.57
C ASP D 108 28.24 16.61 8.43
N SER D 109 27.04 16.44 7.89
CA SER D 109 26.46 15.11 7.76
C SER D 109 27.39 14.04 7.15
N THR D 110 28.11 14.39 6.07
CA THR D 110 29.01 13.45 5.42
C THR D 110 30.16 12.95 6.33
N THR D 111 30.75 13.85 7.09
CA THR D 111 31.81 13.46 8.00
C THR D 111 31.23 12.58 9.11
N ILE D 112 30.08 12.97 9.68
CA ILE D 112 29.45 12.18 10.74
C ILE D 112 29.10 10.80 10.22
N LEU D 113 28.44 10.74 9.07
CA LEU D 113 28.06 9.49 8.44
C LEU D 113 29.28 8.63 8.13
N GLY D 114 30.34 9.29 7.66
CA GLY D 114 31.56 8.61 7.31
C GLY D 114 32.23 7.97 8.51
N ILE D 115 32.47 8.78 9.55
CA ILE D 115 33.11 8.28 10.76
C ILE D 115 32.25 7.18 11.42
N GLY D 116 30.94 7.34 11.39
CA GLY D 116 30.09 6.32 11.98
C GLY D 116 30.27 5.01 11.23
N THR D 117 30.33 5.12 9.91
CA THR D 117 30.51 3.97 9.04
C THR D 117 31.81 3.27 9.43
N VAL D 118 32.89 4.04 9.53
CA VAL D 118 34.15 3.45 9.91
C VAL D 118 34.04 2.74 11.28
N LEU D 119 33.55 3.44 12.29
CA LEU D 119 33.45 2.84 13.61
C LEU D 119 32.55 1.62 13.65
N ASP D 120 31.82 1.37 12.57
CA ASP D 120 30.91 0.23 12.51
C ASP D 120 31.39 -0.93 11.64
N GLN D 121 32.33 -0.68 10.73
CA GLN D 121 32.80 -1.73 9.83
C GLN D 121 34.29 -2.02 9.96
N ALA D 122 35.02 -1.10 10.57
CA ALA D 122 36.47 -1.23 10.73
C ALA D 122 36.98 -2.58 11.20
N GLU D 123 36.59 -2.98 12.40
CA GLU D 123 37.06 -4.25 12.94
C GLU D 123 36.69 -5.41 12.01
N THR D 124 35.42 -5.49 11.65
CA THR D 124 34.92 -6.55 10.76
C THR D 124 35.69 -6.56 9.45
N ALA D 125 36.15 -5.39 9.01
CA ALA D 125 36.88 -5.28 7.76
C ALA D 125 38.34 -5.72 7.93
N GLY D 126 38.75 -5.94 9.17
CA GLY D 126 40.11 -6.40 9.41
C GLY D 126 41.11 -5.34 9.80
N ALA D 127 40.63 -4.17 10.17
CA ALA D 127 41.52 -3.10 10.58
C ALA D 127 41.88 -3.29 12.04
N ARG D 128 43.11 -2.97 12.38
CA ARG D 128 43.55 -3.13 13.76
C ARG D 128 43.47 -1.83 14.54
N LEU D 129 43.57 -0.72 13.83
CA LEU D 129 43.55 0.58 14.47
C LEU D 129 42.75 1.68 13.76
N VAL D 130 41.81 2.29 14.48
CA VAL D 130 41.06 3.41 13.94
C VAL D 130 41.52 4.62 14.73
N VAL D 131 41.89 5.68 14.04
CA VAL D 131 42.37 6.89 14.69
C VAL D 131 41.46 8.10 14.43
N LEU D 132 41.07 8.80 15.50
CA LEU D 132 40.24 9.99 15.38
C LEU D 132 41.15 11.21 15.58
N ALA D 133 41.56 11.87 14.49
CA ALA D 133 42.46 13.01 14.59
C ALA D 133 41.84 14.39 14.37
N THR D 134 42.33 15.38 15.13
CA THR D 134 41.85 16.76 15.06
C THR D 134 42.70 17.65 15.94
N ALA D 135 42.71 18.94 15.61
CA ALA D 135 43.46 19.90 16.41
C ALA D 135 42.49 20.58 17.38
N THR D 136 41.20 20.28 17.24
CA THR D 136 40.20 20.90 18.09
C THR D 136 39.17 19.90 18.58
N PRO D 137 39.53 19.10 19.60
CA PRO D 137 38.64 18.08 20.17
C PRO D 137 37.36 18.69 20.75
N PRO D 138 36.28 17.89 20.80
CA PRO D 138 34.96 18.30 21.30
C PRO D 138 34.90 19.42 22.35
N GLY D 139 35.32 19.16 23.57
CA GLY D 139 35.25 20.21 24.56
C GLY D 139 36.57 20.92 24.75
N SER D 140 36.99 21.71 23.76
CA SER D 140 38.27 22.40 23.88
C SER D 140 38.16 23.87 23.54
N VAL D 141 38.95 24.68 24.23
CA VAL D 141 38.96 26.13 24.03
C VAL D 141 40.11 26.52 23.10
N THR D 142 39.96 27.65 22.44
CA THR D 142 40.99 28.12 21.53
C THR D 142 42.25 28.41 22.30
N VAL D 143 43.35 27.77 21.90
CA VAL D 143 44.63 27.99 22.55
C VAL D 143 45.59 28.70 21.59
N PRO D 144 46.50 29.51 22.13
CA PRO D 144 47.48 30.25 21.31
C PRO D 144 48.29 29.33 20.42
N HIS D 145 48.54 29.80 19.20
CA HIS D 145 49.33 29.03 18.24
C HIS D 145 50.68 29.72 18.09
N PRO D 146 51.78 28.98 18.32
CA PRO D 146 53.13 29.53 18.23
C PRO D 146 53.53 30.24 16.92
N ASN D 147 52.95 29.86 15.80
CA ASN D 147 53.30 30.49 14.53
C ASN D 147 52.37 31.61 14.10
N ILE D 148 51.31 31.87 14.87
CA ILE D 148 50.32 32.86 14.48
C ILE D 148 50.10 34.09 15.34
N GLU D 149 50.39 35.26 14.77
CA GLU D 149 50.17 36.50 15.47
C GLU D 149 48.71 36.90 15.17
N GLU D 150 47.93 37.19 16.21
CA GLU D 150 46.54 37.55 16.06
C GLU D 150 46.34 39.05 16.19
N VAL D 151 46.04 39.69 15.07
CA VAL D 151 45.86 41.13 15.02
C VAL D 151 44.44 41.52 14.63
N ALA D 152 43.73 42.17 15.54
CA ALA D 152 42.37 42.60 15.24
C ALA D 152 42.36 43.65 14.15
N LEU D 153 41.25 43.73 13.42
CA LEU D 153 41.07 44.73 12.36
C LEU D 153 40.39 45.94 13.01
N SER D 154 40.54 47.10 12.39
CA SER D 154 39.93 48.32 12.90
C SER D 154 39.00 48.91 11.86
N SER D 155 38.63 50.17 12.04
CA SER D 155 37.73 50.83 11.10
C SER D 155 38.55 51.50 10.01
N THR D 156 39.86 51.55 10.18
CA THR D 156 40.75 52.15 9.18
C THR D 156 40.98 51.15 8.05
N GLY D 157 40.74 51.61 6.82
CA GLY D 157 40.93 50.73 5.69
C GLY D 157 39.98 51.13 4.58
N GLU D 158 40.42 50.90 3.35
CA GLU D 158 39.62 51.26 2.20
C GLU D 158 38.60 50.19 1.81
N ILE D 159 38.76 48.98 2.34
CA ILE D 159 37.85 47.90 2.01
C ILE D 159 36.94 47.57 3.17
N PRO D 160 35.63 47.80 3.01
CA PRO D 160 34.64 47.52 4.08
C PRO D 160 34.59 46.02 4.33
N PHE D 161 34.47 45.62 5.59
CA PHE D 161 34.45 44.20 5.91
C PHE D 161 33.72 43.90 7.21
N TYR D 162 32.50 43.39 7.08
CA TYR D 162 31.69 43.03 8.23
C TYR D 162 31.71 44.01 9.37
N GLY D 163 31.59 45.29 9.06
CA GLY D 163 31.58 46.29 10.11
C GLY D 163 32.92 46.97 10.33
N LYS D 164 34.00 46.26 10.01
CA LYS D 164 35.35 46.80 10.16
C LYS D 164 35.89 47.10 8.78
N ALA D 165 37.22 47.15 8.64
CA ALA D 165 37.81 47.43 7.34
C ALA D 165 39.16 46.74 7.15
N ILE D 166 39.52 46.52 5.89
CA ILE D 166 40.78 45.88 5.60
C ILE D 166 41.67 46.87 4.89
N PRO D 167 42.87 47.13 5.44
CA PRO D 167 43.81 48.07 4.81
C PRO D 167 44.47 47.40 3.61
N ILE D 168 44.45 48.05 2.46
CA ILE D 168 45.04 47.46 1.28
C ILE D 168 46.49 47.01 1.45
N GLU D 169 47.32 47.82 2.11
CA GLU D 169 48.72 47.44 2.27
C GLU D 169 48.85 46.17 3.09
N THR D 170 47.76 45.71 3.67
CA THR D 170 47.80 44.50 4.48
C THR D 170 47.68 43.23 3.63
N ILE D 171 47.24 43.38 2.38
CA ILE D 171 47.06 42.24 1.49
C ILE D 171 47.66 42.50 0.09
N LYS D 172 48.33 43.65 -0.06
CA LYS D 172 48.96 44.02 -1.33
C LYS D 172 50.32 43.34 -1.43
N GLY D 173 50.34 42.18 -2.08
CA GLY D 173 51.57 41.44 -2.21
C GLY D 173 51.53 40.31 -1.21
N GLY D 174 51.96 39.13 -1.62
CA GLY D 174 51.96 37.99 -0.72
C GLY D 174 50.73 37.13 -0.95
N ARG D 175 50.60 36.05 -0.18
CA ARG D 175 49.46 35.17 -0.31
C ARG D 175 48.56 35.33 0.91
N HIS D 176 47.27 35.55 0.68
CA HIS D 176 46.30 35.76 1.75
C HIS D 176 44.97 35.06 1.52
N LEU D 177 44.35 34.62 2.61
CA LEU D 177 43.07 33.93 2.57
C LEU D 177 42.03 34.72 3.37
N ILE D 178 40.91 35.08 2.72
CA ILE D 178 39.86 35.81 3.41
C ILE D 178 38.58 35.00 3.52
N PHE D 179 38.17 34.74 4.76
CA PHE D 179 36.95 33.98 5.00
C PHE D 179 35.68 34.83 5.03
N CYS D 180 34.70 34.42 4.23
CA CYS D 180 33.39 35.09 4.17
C CYS D 180 32.33 34.03 4.38
N HIS D 181 31.35 34.33 5.22
CA HIS D 181 30.30 33.38 5.53
C HIS D 181 29.42 32.90 4.36
N SER D 182 29.38 33.61 3.23
CA SER D 182 28.54 33.19 2.11
C SER D 182 29.20 33.37 0.75
N LYS D 183 28.77 32.59 -0.24
CA LYS D 183 29.35 32.71 -1.59
C LYS D 183 29.09 34.10 -2.19
N LYS D 184 27.94 34.67 -1.87
CA LYS D 184 27.59 35.97 -2.38
C LYS D 184 28.65 37.00 -1.98
N LYS D 185 29.03 37.04 -0.72
CA LYS D 185 30.05 38.01 -0.33
C LYS D 185 31.41 37.64 -0.93
N CYS D 186 31.70 36.35 -1.04
CA CYS D 186 32.97 35.92 -1.63
C CYS D 186 33.12 36.52 -3.02
N ASP D 187 32.03 36.49 -3.78
CA ASP D 187 32.01 37.02 -5.13
C ASP D 187 32.20 38.54 -5.17
N GLU D 188 31.44 39.26 -4.35
CA GLU D 188 31.54 40.71 -4.31
C GLU D 188 32.93 41.15 -3.87
N LEU D 189 33.40 40.60 -2.76
CA LEU D 189 34.73 40.97 -2.24
C LEU D 189 35.80 40.71 -3.28
N ALA D 190 35.85 39.49 -3.81
CA ALA D 190 36.85 39.15 -4.82
C ALA D 190 36.81 40.20 -5.93
N ALA D 191 35.60 40.58 -6.34
CA ALA D 191 35.45 41.57 -7.39
C ALA D 191 36.04 42.88 -6.92
N LYS D 192 35.55 43.36 -5.78
CA LYS D 192 36.03 44.61 -5.21
C LYS D 192 37.55 44.65 -5.25
N LEU D 193 38.19 43.56 -4.83
CA LEU D 193 39.65 43.51 -4.81
C LEU D 193 40.29 43.46 -6.19
N SER D 194 39.74 42.67 -7.10
CA SER D 194 40.30 42.61 -8.45
C SER D 194 40.24 43.98 -9.10
N GLY D 195 39.15 44.69 -8.84
CA GLY D 195 38.97 46.02 -9.39
C GLY D 195 39.79 47.02 -8.61
N LEU D 196 40.95 46.58 -8.10
CA LEU D 196 41.83 47.45 -7.33
C LEU D 196 43.25 47.23 -7.81
N GLY D 197 43.45 46.14 -8.53
CA GLY D 197 44.77 45.80 -9.04
C GLY D 197 45.36 44.60 -8.34
N LEU D 198 44.54 43.90 -7.56
CA LEU D 198 45.00 42.74 -6.83
C LEU D 198 44.59 41.43 -7.51
N ASN D 199 45.46 40.44 -7.42
CA ASN D 199 45.14 39.16 -8.00
C ASN D 199 44.22 38.42 -7.03
N ALA D 200 42.93 38.69 -7.12
CA ALA D 200 41.95 38.06 -6.24
C ALA D 200 41.13 36.98 -6.93
N VAL D 201 40.73 35.98 -6.16
CA VAL D 201 39.93 34.88 -6.67
C VAL D 201 39.01 34.36 -5.56
N ALA D 202 37.82 33.92 -5.93
CA ALA D 202 36.87 33.39 -4.96
C ALA D 202 36.81 31.88 -5.05
N TYR D 203 36.53 31.21 -3.93
CA TYR D 203 36.46 29.75 -3.92
C TYR D 203 35.46 29.22 -2.90
N TYR D 204 34.67 28.23 -3.33
CA TYR D 204 33.67 27.58 -2.48
C TYR D 204 33.21 26.30 -3.14
N ARG D 205 32.40 25.53 -2.41
CA ARG D 205 31.87 24.28 -2.93
C ARG D 205 31.20 24.56 -4.28
N GLY D 206 31.70 23.89 -5.32
CA GLY D 206 31.12 24.10 -6.64
C GLY D 206 32.15 24.58 -7.63
N LEU D 207 33.11 25.38 -7.18
CA LEU D 207 34.13 25.88 -8.09
C LEU D 207 35.26 24.84 -8.17
N ASP D 208 36.24 25.08 -9.03
CA ASP D 208 37.36 24.15 -9.19
C ASP D 208 38.61 24.58 -8.44
N VAL D 209 39.15 23.65 -7.64
CA VAL D 209 40.35 23.91 -6.84
C VAL D 209 41.52 24.52 -7.62
N SER D 210 41.49 24.38 -8.94
CA SER D 210 42.56 24.92 -9.78
C SER D 210 42.63 26.43 -9.78
N VAL D 211 41.53 27.06 -9.40
CA VAL D 211 41.46 28.51 -9.37
C VAL D 211 42.49 29.08 -8.40
N ILE D 212 42.97 28.25 -7.47
CA ILE D 212 43.96 28.73 -6.52
C ILE D 212 45.39 28.44 -6.98
N PRO D 213 46.14 29.48 -7.37
CA PRO D 213 47.51 29.29 -7.83
C PRO D 213 48.41 28.65 -6.78
N THR D 214 49.32 27.77 -7.22
CA THR D 214 50.24 27.08 -6.33
C THR D 214 51.21 28.07 -5.72
N SER D 215 51.49 29.14 -6.44
CA SER D 215 52.41 30.14 -5.94
C SER D 215 52.12 31.51 -6.53
N GLY D 216 52.89 32.50 -6.10
CA GLY D 216 52.69 33.85 -6.57
C GLY D 216 51.73 34.59 -5.65
N ASP D 217 51.73 35.91 -5.70
CA ASP D 217 50.83 36.69 -4.86
C ASP D 217 49.40 36.34 -5.24
N VAL D 218 48.53 36.21 -4.25
CA VAL D 218 47.13 35.90 -4.48
C VAL D 218 46.29 36.15 -3.25
N ILE D 219 45.04 36.51 -3.47
CA ILE D 219 44.11 36.73 -2.38
C ILE D 219 42.91 35.87 -2.68
N VAL D 220 42.72 34.85 -1.88
CA VAL D 220 41.61 33.93 -2.03
C VAL D 220 40.51 34.31 -1.05
N VAL D 221 39.28 34.49 -1.56
CA VAL D 221 38.11 34.82 -0.73
C VAL D 221 37.27 33.56 -0.75
N ALA D 222 37.13 32.90 0.39
CA ALA D 222 36.38 31.64 0.41
C ALA D 222 35.47 31.43 1.60
N THR D 223 34.69 30.36 1.51
CA THR D 223 33.79 29.97 2.57
C THR D 223 34.49 28.87 3.38
N ASP D 224 33.75 28.20 4.25
CA ASP D 224 34.34 27.15 5.05
C ASP D 224 34.81 25.98 4.18
N ALA D 225 34.80 26.18 2.87
CA ALA D 225 35.26 25.17 1.95
C ALA D 225 36.75 24.99 2.18
N LEU D 226 37.41 26.06 2.61
CA LEU D 226 38.83 26.03 2.88
C LEU D 226 39.09 26.13 4.38
N MET D 227 38.13 25.69 5.19
CA MET D 227 38.30 25.79 6.63
C MET D 227 39.19 24.76 7.26
N THR D 228 39.06 23.51 6.83
CA THR D 228 39.85 22.45 7.44
C THR D 228 40.75 21.67 6.50
N GLY D 229 41.84 21.17 7.05
CA GLY D 229 42.78 20.35 6.32
C GLY D 229 43.68 21.00 5.29
N PHE D 230 43.16 21.98 4.56
CA PHE D 230 43.89 22.65 3.51
C PHE D 230 45.11 23.48 3.88
N THR D 231 46.15 23.40 3.04
CA THR D 231 47.38 24.17 3.21
C THR D 231 47.53 24.94 1.92
N GLY D 232 47.48 26.26 1.99
CA GLY D 232 47.62 27.06 0.79
C GLY D 232 48.82 27.98 0.85
N ASP D 233 49.69 27.78 1.86
CA ASP D 233 50.88 28.60 2.03
C ASP D 233 50.51 30.08 2.14
N PHE D 234 49.55 30.39 3.00
CA PHE D 234 49.12 31.77 3.17
C PHE D 234 49.94 32.54 4.19
N ASP D 235 50.28 33.79 3.87
CA ASP D 235 51.04 34.60 4.82
C ASP D 235 50.09 35.11 5.91
N SER D 236 48.80 35.21 5.59
CA SER D 236 47.82 35.69 6.56
C SER D 236 46.41 35.15 6.29
N VAL D 237 45.54 35.32 7.29
CA VAL D 237 44.14 34.93 7.20
C VAL D 237 43.33 36.06 7.83
N ILE D 238 42.23 36.42 7.17
CA ILE D 238 41.32 37.46 7.65
C ILE D 238 40.00 36.72 7.78
N ASP D 239 39.48 36.72 9.00
CA ASP D 239 38.28 35.98 9.34
C ASP D 239 37.11 36.90 9.75
N CYS D 240 35.95 36.70 9.12
CA CYS D 240 34.73 37.49 9.39
C CYS D 240 34.15 37.03 10.73
N ASN D 241 34.59 35.87 11.20
CA ASN D 241 34.14 35.35 12.47
C ASN D 241 32.67 34.95 12.53
N THR D 242 32.02 34.93 11.37
CA THR D 242 30.62 34.52 11.33
C THR D 242 30.52 33.26 10.47
N CYS D 243 29.49 32.45 10.71
CA CYS D 243 29.30 31.22 9.95
C CYS D 243 27.81 30.93 9.74
N VAL D 244 27.51 30.12 8.75
CA VAL D 244 26.13 29.75 8.46
C VAL D 244 25.87 28.37 9.05
N THR D 245 24.79 28.26 9.84
CA THR D 245 24.44 27.00 10.47
C THR D 245 22.95 26.73 10.28
N GLN D 246 22.51 25.54 10.65
CA GLN D 246 21.12 25.16 10.52
C GLN D 246 20.56 24.67 11.82
N THR D 247 19.27 24.95 12.02
CA THR D 247 18.61 24.54 13.24
C THR D 247 17.27 23.92 12.91
N VAL D 248 16.81 23.04 13.78
CA VAL D 248 15.51 22.44 13.56
C VAL D 248 14.62 22.86 14.70
N ASP D 249 13.42 23.29 14.35
CA ASP D 249 12.46 23.70 15.34
C ASP D 249 11.19 22.87 15.20
N PHE D 250 10.83 22.19 16.28
CA PHE D 250 9.63 21.36 16.30
C PHE D 250 8.45 22.26 16.68
N SER D 251 8.10 23.14 15.75
CA SER D 251 7.02 24.11 15.89
C SER D 251 5.59 23.59 15.67
N LEU D 252 5.47 22.29 15.39
CA LEU D 252 4.16 21.65 15.17
C LEU D 252 3.19 22.55 14.37
N ASP D 253 3.65 23.05 13.23
CA ASP D 253 2.83 23.95 12.43
C ASP D 253 2.96 23.68 10.93
N PRO D 254 2.66 22.47 10.48
CA PRO D 254 2.18 21.34 11.28
C PRO D 254 3.22 20.43 11.94
N THR D 255 4.43 20.37 11.36
CA THR D 255 5.47 19.46 11.89
C THR D 255 6.71 20.16 12.44
N PHE D 256 7.80 20.19 11.67
CA PHE D 256 9.00 20.86 12.14
C PHE D 256 9.42 21.92 11.15
N THR D 257 10.40 22.73 11.54
CA THR D 257 10.89 23.78 10.67
C THR D 257 12.42 23.74 10.68
N ILE D 258 13.01 23.77 9.50
CA ILE D 258 14.45 23.77 9.42
C ILE D 258 14.84 25.15 8.94
N GLU D 259 15.50 25.87 9.82
CA GLU D 259 15.90 27.24 9.54
C GLU D 259 17.40 27.41 9.45
N THR D 260 17.82 28.14 8.43
CA THR D 260 19.24 28.42 8.23
C THR D 260 19.47 29.79 8.83
N THR D 261 20.51 29.91 9.65
CA THR D 261 20.83 31.19 10.29
C THR D 261 22.33 31.50 10.24
N THR D 262 22.66 32.79 10.28
CA THR D 262 24.05 33.24 10.29
C THR D 262 24.39 33.61 11.72
N VAL D 263 25.37 32.93 12.30
CA VAL D 263 25.73 33.20 13.69
C VAL D 263 27.24 33.34 13.91
N PRO D 264 27.64 33.69 15.15
CA PRO D 264 29.06 33.86 15.50
C PRO D 264 29.73 32.49 15.48
N GLN D 265 30.96 32.41 14.97
CA GLN D 265 31.67 31.15 14.88
C GLN D 265 32.00 30.62 16.27
N ASP D 266 32.10 29.31 16.38
CA ASP D 266 32.44 28.66 17.63
C ASP D 266 33.95 28.49 17.66
N ALA D 267 34.45 28.00 18.78
CA ALA D 267 35.88 27.79 18.97
C ALA D 267 36.50 26.94 17.87
N VAL D 268 35.89 25.79 17.59
CA VAL D 268 36.41 24.93 16.54
C VAL D 268 36.65 25.72 15.26
N SER D 269 35.62 26.42 14.80
CA SER D 269 35.74 27.23 13.58
C SER D 269 36.87 28.25 13.65
N ARG D 270 37.00 28.95 14.77
CA ARG D 270 38.03 29.98 14.89
C ARG D 270 39.43 29.40 14.81
N SER D 271 39.65 28.29 15.51
CA SER D 271 40.95 27.64 15.50
C SER D 271 41.27 27.04 14.13
N GLN D 272 40.27 26.42 13.50
CA GLN D 272 40.50 25.83 12.19
C GLN D 272 40.76 26.91 11.15
N ARG D 273 39.93 27.96 11.11
CA ARG D 273 40.14 29.02 10.13
C ARG D 273 41.46 29.69 10.35
N ARG D 274 41.77 29.96 11.60
CA ARG D 274 43.05 30.59 11.93
C ARG D 274 44.15 29.66 11.44
N GLY D 275 43.95 28.36 11.68
CA GLY D 275 44.93 27.36 11.27
C GLY D 275 45.25 27.25 9.79
N ARG D 276 44.65 28.08 8.93
CA ARG D 276 44.97 27.98 7.51
C ARG D 276 46.28 28.69 7.24
N THR D 277 46.69 29.53 8.18
CA THR D 277 47.96 30.24 8.06
C THR D 277 48.87 29.67 9.17
N GLY D 278 50.12 30.09 9.21
CA GLY D 278 51.05 29.60 10.22
C GLY D 278 51.30 28.10 10.12
N ARG D 279 51.39 27.60 8.89
CA ARG D 279 51.61 26.18 8.66
C ARG D 279 53.05 25.95 8.17
N GLY D 280 53.95 25.69 9.12
CA GLY D 280 55.33 25.47 8.77
C GLY D 280 56.11 26.78 8.71
N ARG D 281 55.49 27.85 9.21
CA ARG D 281 56.14 29.16 9.24
C ARG D 281 55.22 30.17 9.90
N MET D 282 55.76 31.29 10.35
CA MET D 282 54.95 32.29 11.02
C MET D 282 53.89 32.89 10.10
N GLY D 283 52.76 33.25 10.69
CA GLY D 283 51.67 33.84 9.92
C GLY D 283 50.87 34.81 10.76
N ILE D 284 50.03 35.59 10.08
CA ILE D 284 49.19 36.57 10.74
C ILE D 284 47.72 36.18 10.62
N TYR D 285 46.94 36.48 11.65
CA TYR D 285 45.52 36.19 11.66
C TYR D 285 44.80 37.47 12.06
N ARG D 286 44.00 38.03 11.15
CA ARG D 286 43.24 39.24 11.44
C ARG D 286 41.77 38.87 11.57
N PHE D 287 41.10 39.44 12.56
CA PHE D 287 39.70 39.13 12.80
C PHE D 287 38.84 40.37 13.02
N VAL D 288 37.53 40.18 12.95
CA VAL D 288 36.55 41.24 13.12
C VAL D 288 36.09 41.27 14.58
N THR D 289 35.67 40.11 15.08
CA THR D 289 35.20 39.99 16.45
C THR D 289 36.05 39.02 17.25
N PRO D 290 36.34 39.37 18.50
CA PRO D 290 37.15 38.48 19.33
C PRO D 290 36.28 37.40 19.95
N GLY D 291 36.92 36.51 20.72
CA GLY D 291 36.18 35.46 21.39
C GLY D 291 35.32 34.60 20.50
N GLU D 292 34.56 33.70 21.12
CA GLU D 292 33.70 32.78 20.40
C GLU D 292 32.89 31.90 21.34
N ARG D 293 31.95 31.14 20.78
CA ARG D 293 31.13 30.25 21.59
C ARG D 293 31.74 28.84 21.68
N PRO D 294 31.46 28.14 22.79
CA PRO D 294 31.98 26.78 23.02
C PRO D 294 31.44 25.77 22.02
N SER D 295 32.17 24.67 21.86
CA SER D 295 31.80 23.60 20.94
C SER D 295 31.49 22.32 21.69
N GLY D 296 31.53 21.19 20.99
CA GLY D 296 31.27 19.91 21.63
C GLY D 296 29.88 19.35 21.37
N MET D 297 28.93 20.20 20.99
CA MET D 297 27.58 19.73 20.72
C MET D 297 27.00 20.30 19.42
N PHE D 298 26.28 19.46 18.66
CA PHE D 298 25.68 19.93 17.42
C PHE D 298 24.17 19.70 17.38
N ASP D 299 23.48 20.53 16.60
CA ASP D 299 22.02 20.46 16.53
C ASP D 299 21.43 19.22 15.87
N SER D 300 20.28 18.81 16.37
CA SER D 300 19.55 17.66 15.87
C SER D 300 19.34 17.75 14.36
N SER D 301 19.44 18.96 13.81
CA SER D 301 19.26 19.16 12.38
C SER D 301 20.36 18.44 11.59
N VAL D 302 21.51 18.27 12.22
CA VAL D 302 22.60 17.58 11.56
C VAL D 302 22.19 16.13 11.35
N LEU D 303 21.57 15.51 12.35
CA LEU D 303 21.14 14.12 12.19
C LEU D 303 20.16 14.07 11.02
N CYS D 304 19.20 15.00 11.00
CA CYS D 304 18.22 15.03 9.93
C CYS D 304 18.96 15.06 8.60
N GLU D 305 19.96 15.91 8.53
CA GLU D 305 20.78 16.06 7.34
C GLU D 305 21.47 14.71 6.95
N CYS D 306 21.87 13.89 7.92
CA CYS D 306 22.51 12.61 7.61
C CYS D 306 21.55 11.64 6.92
N TYR D 307 20.34 11.51 7.43
CA TYR D 307 19.36 10.61 6.83
C TYR D 307 19.11 11.09 5.41
N ASP D 308 18.91 12.39 5.26
CA ASP D 308 18.66 12.99 3.95
C ASP D 308 19.80 12.67 2.97
N ALA D 309 21.05 12.76 3.43
CA ALA D 309 22.21 12.48 2.59
C ALA D 309 22.28 10.99 2.27
N GLY D 310 21.97 10.18 3.27
CA GLY D 310 21.98 8.74 3.10
C GLY D 310 21.00 8.34 2.02
N CYS D 311 19.83 8.96 2.02
CA CYS D 311 18.80 8.67 1.03
C CYS D 311 19.08 9.27 -0.31
N ALA D 312 19.63 10.48 -0.32
CA ALA D 312 19.87 11.14 -1.59
C ALA D 312 21.18 10.85 -2.30
N TRP D 313 22.25 10.62 -1.54
CA TRP D 313 23.56 10.39 -2.14
C TRP D 313 24.24 9.04 -1.95
N TYR D 314 24.06 8.41 -0.80
CA TYR D 314 24.78 7.17 -0.54
C TYR D 314 24.02 5.86 -0.55
N GLU D 315 22.85 5.87 -1.17
CA GLU D 315 22.01 4.68 -1.26
C GLU D 315 21.92 3.92 0.05
N LEU D 316 21.68 4.64 1.13
CA LEU D 316 21.55 4.05 2.46
C LEU D 316 20.10 4.18 2.93
N THR D 317 19.55 3.09 3.44
CA THR D 317 18.19 3.11 3.96
C THR D 317 18.25 3.75 5.34
N PRO D 318 17.16 4.39 5.75
CA PRO D 318 17.12 5.03 7.06
C PRO D 318 17.68 4.10 8.15
N ALA D 319 17.25 2.84 8.10
CA ALA D 319 17.71 1.85 9.08
C ALA D 319 19.21 1.70 9.06
N GLU D 320 19.77 1.66 7.86
CA GLU D 320 21.21 1.52 7.68
C GLU D 320 21.92 2.76 8.22
N THR D 321 21.35 3.93 7.96
CA THR D 321 21.92 5.18 8.45
C THR D 321 21.95 5.19 9.97
N SER D 322 20.90 4.65 10.59
CA SER D 322 20.81 4.60 12.05
C SER D 322 21.92 3.77 12.67
N VAL D 323 22.23 2.64 12.04
CA VAL D 323 23.26 1.78 12.54
C VAL D 323 24.60 2.51 12.54
N ARG D 324 24.80 3.38 11.57
CA ARG D 324 26.05 4.12 11.49
C ARG D 324 26.13 5.30 12.45
N LEU D 325 25.03 6.04 12.59
CA LEU D 325 25.01 7.20 13.50
C LEU D 325 25.11 6.70 14.94
N ARG D 326 24.55 5.52 15.17
CA ARG D 326 24.56 4.92 16.50
C ARG D 326 25.99 4.63 16.93
N ALA D 327 26.79 4.10 16.01
CA ALA D 327 28.18 3.80 16.29
C ALA D 327 28.89 5.10 16.65
N TYR D 328 28.56 6.18 15.95
CA TYR D 328 29.16 7.48 16.18
C TYR D 328 28.80 8.02 17.57
N LEU D 329 27.50 8.14 17.83
CA LEU D 329 27.01 8.66 19.11
C LEU D 329 27.45 7.83 20.32
N ASN D 330 27.75 6.55 20.11
CA ASN D 330 28.17 5.68 21.22
C ASN D 330 29.68 5.66 21.44
N THR D 331 30.42 6.38 20.61
CA THR D 331 31.87 6.41 20.74
C THR D 331 32.34 7.67 21.48
N PRO D 332 33.03 7.48 22.61
CA PRO D 332 33.53 8.57 23.43
C PRO D 332 34.58 9.41 22.73
N GLY D 333 34.61 10.71 23.02
CA GLY D 333 35.61 11.60 22.43
C GLY D 333 35.19 12.36 21.19
N LEU D 334 33.94 12.17 20.78
CA LEU D 334 33.42 12.85 19.61
C LEU D 334 32.38 13.87 20.02
N PRO D 335 31.95 14.69 19.06
CA PRO D 335 30.93 15.70 19.36
C PRO D 335 29.62 14.98 19.74
N VAL D 336 28.91 15.49 20.75
CA VAL D 336 27.65 14.88 21.18
C VAL D 336 26.44 15.60 20.60
N CYS D 337 25.30 14.93 20.66
CA CYS D 337 24.08 15.50 20.13
C CYS D 337 22.90 14.73 20.69
N GLN D 338 21.73 15.40 20.79
CA GLN D 338 20.51 14.76 21.30
C GLN D 338 20.24 13.46 20.52
N ASP D 339 19.89 12.39 21.23
CA ASP D 339 19.63 11.14 20.55
C ASP D 339 18.23 11.14 19.93
N HIS D 340 18.14 11.60 18.69
CA HIS D 340 16.87 11.67 17.98
C HIS D 340 16.84 10.73 16.79
N LEU D 341 17.73 9.72 16.81
CA LEU D 341 17.80 8.76 15.73
C LEU D 341 16.46 8.12 15.41
N GLU D 342 15.83 7.52 16.41
CA GLU D 342 14.52 6.89 16.24
C GLU D 342 13.56 7.83 15.53
N PHE D 343 13.45 9.04 16.06
CA PHE D 343 12.55 10.00 15.45
C PHE D 343 12.88 10.23 13.98
N TRP D 344 14.08 10.73 13.68
CA TRP D 344 14.44 11.00 12.29
C TRP D 344 14.32 9.77 11.39
N GLU D 345 14.69 8.61 11.91
CA GLU D 345 14.59 7.38 11.13
C GLU D 345 13.13 7.12 10.76
N SER D 346 12.22 7.23 11.73
CA SER D 346 10.82 6.99 11.44
C SER D 346 10.28 8.03 10.44
N VAL D 347 10.80 9.24 10.49
CA VAL D 347 10.36 10.26 9.56
C VAL D 347 10.72 9.87 8.13
N PHE D 348 12.02 9.69 7.87
CA PHE D 348 12.43 9.34 6.52
C PHE D 348 11.89 7.99 6.03
N THR D 349 11.65 7.06 6.94
CA THR D 349 11.13 5.76 6.52
C THR D 349 9.78 5.93 5.81
N GLY D 350 9.07 7.02 6.13
CA GLY D 350 7.79 7.28 5.50
C GLY D 350 7.88 7.90 4.12
N LEU D 351 8.94 8.65 3.87
CA LEU D 351 9.12 9.31 2.58
C LEU D 351 9.57 8.36 1.46
N THR D 352 8.62 7.64 0.87
CA THR D 352 8.96 6.68 -0.18
C THR D 352 8.44 7.06 -1.54
N HIS D 353 9.03 6.46 -2.58
CA HIS D 353 8.60 6.72 -3.93
C HIS D 353 8.74 8.17 -4.33
N ILE D 354 9.90 8.76 -4.06
CA ILE D 354 10.15 10.14 -4.40
C ILE D 354 10.34 10.25 -5.92
N ASP D 355 10.06 11.42 -6.50
CA ASP D 355 10.26 11.57 -7.93
C ASP D 355 11.76 11.73 -8.23
N ALA D 356 12.33 10.77 -8.94
CA ALA D 356 13.75 10.78 -9.30
C ALA D 356 14.17 12.03 -10.03
N HIS D 357 13.32 12.51 -10.92
CA HIS D 357 13.61 13.70 -11.68
C HIS D 357 13.78 14.93 -10.78
N PHE D 358 12.96 15.00 -9.72
CA PHE D 358 13.01 16.09 -8.76
C PHE D 358 14.23 15.95 -7.87
N LEU D 359 14.48 14.74 -7.39
CA LEU D 359 15.61 14.49 -6.51
C LEU D 359 16.87 14.91 -7.24
N SER D 360 17.00 14.41 -8.45
CA SER D 360 18.15 14.71 -9.27
C SER D 360 18.34 16.22 -9.38
N GLN D 361 17.26 16.96 -9.59
CA GLN D 361 17.37 18.41 -9.73
C GLN D 361 17.81 19.16 -8.48
N THR D 362 17.33 18.75 -7.31
CA THR D 362 17.71 19.43 -6.08
C THR D 362 19.15 19.08 -5.69
N LYS D 363 19.63 17.90 -6.11
CA LYS D 363 21.00 17.54 -5.78
C LYS D 363 21.94 18.40 -6.60
N GLN D 364 21.66 18.51 -7.90
CA GLN D 364 22.51 19.30 -8.78
C GLN D 364 22.41 20.79 -8.55
N ALA D 365 21.38 21.21 -7.85
CA ALA D 365 21.21 22.62 -7.56
C ALA D 365 21.96 22.98 -6.28
N GLY D 366 22.44 21.97 -5.57
CA GLY D 366 23.17 22.20 -4.33
C GLY D 366 22.28 22.52 -3.15
N ASP D 367 20.97 22.31 -3.29
CA ASP D 367 20.02 22.58 -2.22
C ASP D 367 20.35 21.83 -0.93
N ASN D 368 20.07 22.44 0.21
CA ASN D 368 20.29 21.78 1.49
C ASN D 368 19.10 20.85 1.62
N PHE D 369 19.29 19.69 2.23
CA PHE D 369 18.19 18.74 2.38
C PHE D 369 17.54 18.48 1.01
N PRO D 370 18.34 18.07 0.01
CA PRO D 370 17.76 17.82 -1.30
C PRO D 370 16.63 16.78 -1.30
N TYR D 371 16.72 15.79 -0.43
CA TYR D 371 15.68 14.80 -0.39
C TYR D 371 14.35 15.40 0.12
N LEU D 372 14.38 16.09 1.27
CA LEU D 372 13.15 16.69 1.78
C LEU D 372 12.57 17.70 0.79
N VAL D 373 13.41 18.53 0.19
CA VAL D 373 12.90 19.48 -0.78
C VAL D 373 12.18 18.72 -1.91
N ALA D 374 12.90 17.79 -2.54
CA ALA D 374 12.32 17.02 -3.63
C ALA D 374 11.09 16.22 -3.20
N TYR D 375 11.08 15.69 -1.98
CA TYR D 375 9.92 14.91 -1.59
C TYR D 375 8.67 15.79 -1.52
N GLN D 376 8.82 17.00 -0.98
CA GLN D 376 7.72 17.95 -0.87
C GLN D 376 7.26 18.32 -2.29
N ALA D 377 8.20 18.41 -3.22
CA ALA D 377 7.86 18.73 -4.61
C ALA D 377 7.03 17.59 -5.18
N THR D 378 7.43 16.36 -4.86
CA THR D 378 6.76 15.17 -5.33
C THR D 378 5.32 15.12 -4.88
N VAL D 379 5.14 15.33 -3.58
CA VAL D 379 3.82 15.31 -2.99
C VAL D 379 2.93 16.37 -3.65
N CYS D 380 3.46 17.57 -3.82
CA CYS D 380 2.71 18.66 -4.47
C CYS D 380 2.24 18.26 -5.87
N ALA D 381 3.18 17.87 -6.71
CA ALA D 381 2.85 17.45 -8.07
C ALA D 381 1.77 16.38 -8.08
N ARG D 382 1.90 15.37 -7.23
CA ARG D 382 0.91 14.30 -7.18
C ARG D 382 -0.47 14.79 -6.74
N ALA D 383 -0.50 15.94 -6.07
CA ALA D 383 -1.77 16.51 -5.62
C ALA D 383 -2.14 17.69 -6.54
N GLN D 384 -1.33 17.89 -7.59
CA GLN D 384 -1.55 18.98 -8.52
C GLN D 384 -1.66 20.28 -7.74
N ALA D 385 -0.88 20.36 -6.66
CA ALA D 385 -0.87 21.54 -5.82
C ALA D 385 0.43 22.30 -6.01
N PRO D 386 0.41 23.60 -5.75
CA PRO D 386 1.64 24.40 -5.91
C PRO D 386 2.55 24.21 -4.71
N PRO D 387 3.82 24.56 -4.85
CA PRO D 387 4.79 24.41 -3.76
C PRO D 387 4.54 25.50 -2.72
N PRO D 388 5.22 25.43 -1.56
CA PRO D 388 5.06 26.40 -0.48
C PRO D 388 5.16 27.86 -0.95
N SER D 389 5.99 28.09 -1.95
CA SER D 389 6.18 29.42 -2.51
C SER D 389 6.74 29.24 -3.92
N TRP D 390 7.09 30.34 -4.57
CA TRP D 390 7.64 30.25 -5.91
C TRP D 390 9.07 30.74 -6.00
N ASP D 391 9.86 30.50 -4.96
CA ASP D 391 11.24 30.94 -5.01
C ASP D 391 12.13 29.84 -5.59
N GLN D 392 13.39 30.18 -5.85
CA GLN D 392 14.34 29.26 -6.46
C GLN D 392 14.25 27.81 -5.99
N MET D 393 14.13 27.63 -4.68
CA MET D 393 14.05 26.30 -4.07
C MET D 393 13.05 25.35 -4.75
N TRP D 394 11.96 25.91 -5.26
CA TRP D 394 10.91 25.10 -5.90
C TRP D 394 10.82 25.22 -7.43
N LYS D 395 11.87 25.74 -8.06
CA LYS D 395 11.86 25.90 -9.51
C LYS D 395 11.51 24.63 -10.28
N CYS D 396 11.87 23.47 -9.74
CA CYS D 396 11.61 22.21 -10.43
C CYS D 396 10.12 21.97 -10.68
N LEU D 397 9.25 22.80 -10.12
CA LEU D 397 7.81 22.67 -10.30
C LEU D 397 7.20 23.76 -11.18
N ILE D 398 7.96 24.83 -11.43
CA ILE D 398 7.47 25.94 -12.24
C ILE D 398 6.86 25.42 -13.54
N ARG D 399 7.48 24.37 -14.06
CA ARG D 399 7.05 23.73 -15.29
C ARG D 399 5.61 23.19 -15.24
N LEU D 400 5.05 23.01 -14.04
CA LEU D 400 3.69 22.51 -13.93
C LEU D 400 2.71 23.59 -13.49
N LYS D 401 3.25 24.77 -13.20
CA LYS D 401 2.46 25.91 -12.75
C LYS D 401 1.04 26.00 -13.30
N PRO D 402 0.86 25.87 -14.63
CA PRO D 402 -0.48 25.94 -15.24
C PRO D 402 -1.50 24.91 -14.74
N THR D 403 -1.00 23.77 -14.27
CA THR D 403 -1.88 22.70 -13.78
C THR D 403 -2.05 22.68 -12.27
N LEU D 404 -1.03 23.14 -11.55
CA LEU D 404 -1.07 23.15 -10.10
C LEU D 404 -2.07 24.18 -9.60
N HIS D 405 -2.82 23.82 -8.56
CA HIS D 405 -3.82 24.73 -8.00
C HIS D 405 -4.24 24.24 -6.62
N GLY D 406 -4.79 25.17 -5.82
CA GLY D 406 -5.24 24.83 -4.49
C GLY D 406 -4.22 25.07 -3.40
N PRO D 407 -4.48 24.57 -2.19
CA PRO D 407 -3.53 24.76 -1.09
C PRO D 407 -2.33 23.81 -1.20
N THR D 408 -1.24 24.17 -0.54
CA THR D 408 -0.04 23.35 -0.54
C THR D 408 -0.11 22.30 0.57
N PRO D 409 0.20 21.04 0.25
CA PRO D 409 0.18 19.96 1.24
C PRO D 409 1.52 20.08 1.99
N LEU D 410 1.61 21.06 2.89
CA LEU D 410 2.84 21.29 3.64
C LEU D 410 3.26 20.11 4.49
N LEU D 411 4.45 19.57 4.22
CA LEU D 411 4.97 18.43 4.97
C LEU D 411 5.79 18.88 6.16
N TYR D 412 6.45 20.01 5.99
CA TYR D 412 7.30 20.62 7.00
C TYR D 412 7.71 21.96 6.40
N ARG D 413 8.41 22.79 7.17
CA ARG D 413 8.82 24.10 6.68
C ARG D 413 10.31 24.14 6.44
N LEU D 414 10.67 24.39 5.19
CA LEU D 414 12.07 24.44 4.79
C LEU D 414 12.45 25.86 4.44
N GLY D 415 11.44 26.72 4.45
CA GLY D 415 11.65 28.11 4.11
C GLY D 415 10.35 28.87 4.25
N ALA D 416 10.28 30.02 3.60
CA ALA D 416 9.08 30.85 3.65
C ALA D 416 7.92 30.19 2.94
N VAL D 417 6.73 30.33 3.50
CA VAL D 417 5.55 29.76 2.89
C VAL D 417 4.62 30.91 2.55
N GLN D 418 4.31 31.05 1.27
CA GLN D 418 3.44 32.13 0.83
C GLN D 418 2.05 31.70 0.41
N ASN D 419 1.96 30.52 -0.20
CA ASN D 419 0.69 29.99 -0.66
C ASN D 419 -0.19 29.45 0.48
N GLU D 420 -1.48 29.25 0.23
CA GLU D 420 -2.34 28.71 1.27
C GLU D 420 -1.83 27.31 1.59
N VAL D 421 -2.16 26.83 2.78
CA VAL D 421 -1.68 25.54 3.23
C VAL D 421 -2.73 24.59 3.80
N THR D 422 -2.59 23.31 3.46
CA THR D 422 -3.47 22.28 3.97
C THR D 422 -2.54 21.33 4.74
N THR D 423 -2.99 20.86 5.90
CA THR D 423 -2.20 19.96 6.75
C THR D 423 -2.80 18.57 6.85
N THR D 424 -3.62 18.18 5.88
CA THR D 424 -4.28 16.88 5.93
C THR D 424 -3.63 15.74 5.13
N HIS D 425 -2.51 16.02 4.45
CA HIS D 425 -1.84 14.98 3.67
C HIS D 425 -1.33 13.84 4.57
N PRO D 426 -1.52 12.58 4.15
CA PRO D 426 -1.10 11.38 4.90
C PRO D 426 0.31 11.52 5.47
N ILE D 427 1.24 11.95 4.65
CA ILE D 427 2.60 12.10 5.13
C ILE D 427 2.66 13.13 6.26
N THR D 428 1.99 14.26 6.10
CA THR D 428 1.97 15.26 7.16
C THR D 428 1.44 14.66 8.48
N LYS D 429 0.32 13.97 8.39
CA LYS D 429 -0.26 13.34 9.57
C LYS D 429 0.72 12.33 10.15
N TYR D 430 1.43 11.61 9.28
CA TYR D 430 2.41 10.64 9.73
C TYR D 430 3.55 11.30 10.47
N ILE D 431 4.07 12.41 9.94
CA ILE D 431 5.16 13.13 10.60
C ILE D 431 4.67 13.63 11.97
N MET D 432 3.48 14.24 12.02
CA MET D 432 2.97 14.74 13.30
C MET D 432 2.92 13.64 14.33
N ALA D 433 2.47 12.46 13.90
CA ALA D 433 2.38 11.32 14.79
C ALA D 433 3.76 10.86 15.23
N CYS D 434 4.76 11.00 14.38
CA CYS D 434 6.12 10.60 14.78
C CYS D 434 6.61 11.53 15.89
N MET D 435 6.07 12.75 15.93
CA MET D 435 6.45 13.75 16.92
C MET D 435 5.68 13.66 18.24
N SER D 436 4.41 13.26 18.14
CA SER D 436 3.54 13.14 19.30
C SER D 436 4.07 12.07 20.28
N ALA D 437 4.77 11.07 19.74
CA ALA D 437 5.32 10.00 20.57
C ALA D 437 6.21 9.05 19.74
N SER E 1 16.83 71.91 -16.30
CA SER E 1 16.40 71.55 -14.92
C SER E 1 17.52 70.87 -14.10
N PRO E 2 18.19 69.84 -14.67
CA PRO E 2 19.28 69.15 -13.95
C PRO E 2 20.38 70.08 -13.47
N PRO E 3 20.77 69.96 -12.18
CA PRO E 3 21.81 70.80 -11.58
C PRO E 3 23.15 70.61 -12.30
N ALA E 4 23.84 71.71 -12.58
CA ALA E 4 25.13 71.63 -13.26
C ALA E 4 26.20 71.10 -12.31
N VAL E 5 27.10 70.27 -12.82
CA VAL E 5 28.16 69.73 -11.99
C VAL E 5 29.16 70.81 -11.61
N PRO E 6 29.20 71.19 -10.33
CA PRO E 6 30.12 72.21 -9.84
C PRO E 6 31.57 71.74 -9.76
N GLN E 7 32.49 72.67 -9.52
CA GLN E 7 33.91 72.33 -9.42
C GLN E 7 34.25 71.87 -8.01
N THR E 8 33.37 72.15 -7.07
CA THR E 8 33.54 71.76 -5.67
C THR E 8 32.24 71.13 -5.21
N PHE E 9 32.32 70.25 -4.22
CA PHE E 9 31.14 69.56 -3.71
C PHE E 9 29.91 70.43 -3.52
N GLN E 10 28.75 69.87 -3.83
CA GLN E 10 27.50 70.59 -3.71
C GLN E 10 26.29 69.66 -3.79
N VAL E 11 25.31 69.90 -2.93
CA VAL E 11 24.09 69.10 -2.90
C VAL E 11 22.99 69.93 -3.50
N ALA E 12 22.36 69.42 -4.55
CA ALA E 12 21.27 70.14 -5.23
C ALA E 12 19.99 69.31 -5.26
N HIS E 13 18.89 69.95 -5.62
CA HIS E 13 17.59 69.28 -5.70
C HIS E 13 17.10 69.23 -7.14
N LEU E 14 16.31 68.20 -7.43
CA LEU E 14 15.72 68.02 -8.75
C LEU E 14 14.28 67.59 -8.50
N HIS E 15 13.34 68.43 -8.95
CA HIS E 15 11.91 68.16 -8.79
C HIS E 15 11.22 68.17 -10.14
N ALA E 16 10.59 67.06 -10.49
CA ALA E 16 9.88 66.96 -11.76
C ALA E 16 8.81 65.89 -11.61
N PRO E 17 7.67 66.07 -12.28
CA PRO E 17 6.55 65.13 -12.22
C PRO E 17 6.90 63.65 -12.41
N THR E 18 6.02 62.75 -11.97
CA THR E 18 6.26 61.33 -12.14
C THR E 18 6.28 60.96 -13.62
N GLY E 19 7.27 60.18 -14.00
CA GLY E 19 7.40 59.74 -15.38
C GLY E 19 8.16 60.70 -16.28
N SER E 20 8.61 61.85 -15.77
CA SER E 20 9.32 62.80 -16.62
C SER E 20 10.70 62.29 -17.06
N GLY E 21 11.32 61.43 -16.26
CA GLY E 21 12.61 60.88 -16.62
C GLY E 21 13.77 61.21 -15.69
N LYS E 22 13.47 61.53 -14.43
CA LYS E 22 14.50 61.87 -13.46
C LYS E 22 15.45 60.71 -13.20
N SER E 23 14.95 59.49 -13.30
CA SER E 23 15.75 58.32 -13.03
C SER E 23 16.37 57.69 -14.27
N THR E 24 16.04 58.20 -15.45
CA THR E 24 16.58 57.64 -16.68
C THR E 24 17.26 58.67 -17.56
N LYS E 25 16.52 59.64 -18.09
CA LYS E 25 17.12 60.65 -18.95
C LYS E 25 18.22 61.42 -18.24
N VAL E 26 17.90 61.99 -17.08
CA VAL E 26 18.87 62.77 -16.32
C VAL E 26 20.23 62.06 -16.13
N PRO E 27 20.23 60.88 -15.48
CA PRO E 27 21.53 60.22 -15.30
C PRO E 27 22.24 59.94 -16.63
N ALA E 28 21.47 59.74 -17.70
CA ALA E 28 22.08 59.50 -19.00
C ALA E 28 22.79 60.78 -19.46
N ALA E 29 22.07 61.89 -19.42
CA ALA E 29 22.64 63.17 -19.83
C ALA E 29 23.96 63.48 -19.10
N TYR E 30 24.05 63.10 -17.82
CA TYR E 30 25.27 63.34 -17.06
C TYR E 30 26.39 62.45 -17.58
N ALA E 31 26.04 61.20 -17.89
CA ALA E 31 27.03 60.26 -18.40
C ALA E 31 27.56 60.80 -19.74
N ALA E 32 26.66 61.38 -20.53
CA ALA E 32 27.04 61.92 -21.81
C ALA E 32 28.12 63.01 -21.68
N GLN E 33 28.17 63.65 -20.53
CA GLN E 33 29.17 64.70 -20.31
C GLN E 33 30.47 64.12 -19.76
N GLY E 34 30.59 62.80 -19.82
CA GLY E 34 31.79 62.14 -19.34
C GLY E 34 31.88 61.97 -17.82
N TYR E 35 30.73 61.90 -17.16
CA TYR E 35 30.67 61.73 -15.71
C TYR E 35 30.27 60.31 -15.31
N LYS E 36 30.75 59.89 -14.14
CA LYS E 36 30.40 58.58 -13.59
C LYS E 36 29.24 58.83 -12.63
N VAL E 37 28.11 58.18 -12.87
CA VAL E 37 26.93 58.40 -12.03
C VAL E 37 26.36 57.19 -11.29
N LEU E 38 26.05 57.39 -10.02
CA LEU E 38 25.44 56.35 -9.18
C LEU E 38 24.00 56.80 -8.88
N VAL E 39 23.04 55.91 -9.12
CA VAL E 39 21.64 56.22 -8.88
C VAL E 39 21.09 55.28 -7.82
N LEU E 40 20.75 55.84 -6.67
CA LEU E 40 20.20 55.05 -5.57
C LEU E 40 18.68 55.14 -5.56
N ASN E 41 18.02 54.00 -5.59
CA ASN E 41 16.57 53.94 -5.60
C ASN E 41 16.09 53.00 -4.51
N PRO E 42 14.99 53.34 -3.83
CA PRO E 42 14.51 52.42 -2.78
C PRO E 42 13.86 51.12 -3.27
N SER E 43 13.38 51.11 -4.51
CA SER E 43 12.71 49.94 -5.06
C SER E 43 13.60 48.92 -5.77
N VAL E 44 13.42 47.64 -5.43
CA VAL E 44 14.18 46.59 -6.09
C VAL E 44 13.58 46.39 -7.46
N ALA E 45 12.25 46.44 -7.54
CA ALA E 45 11.57 46.28 -8.81
C ALA E 45 11.97 47.39 -9.79
N ALA E 46 12.05 48.62 -9.32
CA ALA E 46 12.44 49.70 -10.23
C ALA E 46 13.91 49.58 -10.68
N THR E 47 14.81 49.36 -9.72
CA THR E 47 16.23 49.22 -10.01
C THR E 47 16.46 48.18 -11.11
N LEU E 48 15.94 46.97 -10.94
CA LEU E 48 16.11 45.94 -11.96
C LEU E 48 15.52 46.42 -13.28
N GLY E 49 14.41 47.16 -13.17
CA GLY E 49 13.74 47.68 -14.34
C GLY E 49 14.58 48.65 -15.16
N PHE E 50 15.44 49.42 -14.49
CA PHE E 50 16.28 50.35 -15.23
C PHE E 50 17.28 49.58 -16.09
N GLY E 51 17.69 48.40 -15.62
CA GLY E 51 18.64 47.61 -16.36
C GLY E 51 18.19 47.34 -17.78
N ALA E 52 17.05 46.69 -17.90
CA ALA E 52 16.49 46.37 -19.20
C ALA E 52 16.15 47.62 -20.03
N TYR E 53 15.43 48.56 -19.41
CA TYR E 53 15.02 49.76 -20.13
C TYR E 53 16.16 50.61 -20.66
N MET E 54 17.11 50.95 -19.79
CA MET E 54 18.23 51.78 -20.22
C MET E 54 18.98 51.09 -21.35
N SER E 55 18.90 49.75 -21.36
CA SER E 55 19.56 48.95 -22.37
C SER E 55 18.96 49.20 -23.75
N LYS E 56 17.68 48.88 -23.93
CA LYS E 56 17.02 49.04 -25.23
C LYS E 56 16.44 50.41 -25.51
N ALA E 57 16.70 51.41 -24.69
CA ALA E 57 16.13 52.72 -24.96
C ALA E 57 17.16 53.82 -24.87
N HIS E 58 18.31 53.50 -24.30
CA HIS E 58 19.38 54.48 -24.17
C HIS E 58 20.72 53.85 -24.54
N GLY E 59 20.64 52.65 -25.11
CA GLY E 59 21.84 51.92 -25.52
C GLY E 59 22.99 51.99 -24.53
N ILE E 60 22.72 51.62 -23.29
CA ILE E 60 23.76 51.65 -22.28
C ILE E 60 23.42 50.68 -21.16
N ASP E 61 24.11 49.54 -21.12
CA ASP E 61 23.86 48.57 -20.06
C ASP E 61 24.53 49.05 -18.79
N PRO E 62 23.72 49.53 -17.85
CA PRO E 62 24.31 50.02 -16.61
C PRO E 62 24.61 48.89 -15.66
N ASN E 63 25.39 49.22 -14.64
CA ASN E 63 25.72 48.28 -13.59
C ASN E 63 24.48 48.25 -12.71
N ILE E 64 24.12 47.06 -12.25
CA ILE E 64 22.95 46.90 -11.39
C ILE E 64 23.38 46.24 -10.08
N ARG E 65 22.92 46.82 -8.98
CA ARG E 65 23.23 46.29 -7.65
C ARG E 65 21.96 46.23 -6.79
N THR E 66 21.55 45.01 -6.44
CA THR E 66 20.38 44.77 -5.59
C THR E 66 20.66 43.49 -4.82
N GLY E 67 19.80 43.18 -3.87
CA GLY E 67 19.98 41.96 -3.09
C GLY E 67 19.82 40.73 -3.95
N VAL E 68 18.88 40.82 -4.88
CA VAL E 68 18.57 39.73 -5.80
C VAL E 68 19.58 39.53 -6.94
N ARG E 69 20.00 40.61 -7.58
CA ARG E 69 20.93 40.47 -8.69
C ARG E 69 22.02 41.53 -8.74
N THR E 70 23.12 41.19 -9.41
CA THR E 70 24.25 42.09 -9.57
C THR E 70 24.82 41.98 -10.97
N ILE E 71 24.97 43.10 -11.66
CA ILE E 71 25.52 43.07 -13.01
C ILE E 71 26.58 44.14 -13.19
N THR E 72 27.83 43.74 -13.30
CA THR E 72 28.90 44.69 -13.49
C THR E 72 29.33 44.69 -14.96
N THR E 73 28.93 45.71 -15.68
CA THR E 73 29.24 45.86 -17.08
C THR E 73 30.41 46.81 -17.26
N GLY E 74 30.53 47.75 -16.33
CA GLY E 74 31.60 48.72 -16.42
C GLY E 74 31.15 50.03 -17.01
N ALA E 75 29.84 50.16 -17.22
CA ALA E 75 29.28 51.40 -17.78
C ALA E 75 29.47 52.55 -16.80
N PRO E 76 29.32 53.79 -17.28
CA PRO E 76 29.46 54.99 -16.45
C PRO E 76 28.24 55.27 -15.55
N ILE E 77 27.23 54.41 -15.63
CA ILE E 77 26.04 54.56 -14.79
C ILE E 77 25.80 53.31 -13.96
N THR E 78 25.48 53.50 -12.69
CA THR E 78 25.18 52.38 -11.81
C THR E 78 23.88 52.64 -11.06
N TYR E 79 22.99 51.65 -11.11
CA TYR E 79 21.72 51.71 -10.42
C TYR E 79 21.81 50.76 -9.26
N SER E 80 21.46 51.24 -8.07
CA SER E 80 21.50 50.40 -6.88
C SER E 80 20.38 50.77 -5.92
N THR E 81 19.93 49.79 -5.13
CA THR E 81 18.92 50.09 -4.14
C THR E 81 19.68 50.68 -2.95
N TYR E 82 18.99 51.40 -2.09
CA TYR E 82 19.63 51.99 -0.93
C TYR E 82 20.12 50.84 -0.05
N GLY E 83 19.30 49.80 0.05
CA GLY E 83 19.65 48.66 0.86
C GLY E 83 20.97 48.04 0.45
N LYS E 84 21.11 47.77 -0.85
CA LYS E 84 22.33 47.19 -1.35
C LYS E 84 23.51 48.15 -1.16
N PHE E 85 23.24 49.44 -1.28
CA PHE E 85 24.29 50.45 -1.11
C PHE E 85 24.84 50.38 0.32
N LEU E 86 23.95 50.30 1.31
CA LEU E 86 24.38 50.22 2.70
C LEU E 86 25.12 48.91 2.99
N ALA E 87 24.59 47.80 2.50
CA ALA E 87 25.23 46.52 2.73
C ALA E 87 26.62 46.42 2.07
N ASP E 88 26.95 47.32 1.16
CA ASP E 88 28.26 47.29 0.49
C ASP E 88 29.26 48.21 1.16
N GLY E 89 28.87 48.85 2.26
CA GLY E 89 29.78 49.74 2.95
C GLY E 89 29.64 51.22 2.63
N GLY E 90 28.69 51.57 1.78
CA GLY E 90 28.50 52.97 1.44
C GLY E 90 29.34 53.43 0.26
N CYS E 91 29.83 54.66 0.33
CA CYS E 91 30.61 55.25 -0.76
C CYS E 91 32.00 54.66 -0.95
N SER E 92 32.37 54.54 -2.22
CA SER E 92 33.68 54.04 -2.61
C SER E 92 34.57 55.22 -2.97
N GLY E 93 35.86 55.09 -2.67
CA GLY E 93 36.80 56.15 -2.95
C GLY E 93 36.94 56.45 -4.43
N GLY E 94 36.57 57.67 -4.80
CA GLY E 94 36.65 58.09 -6.20
C GLY E 94 35.93 57.16 -7.16
N ALA E 95 34.84 56.57 -6.69
CA ALA E 95 34.06 55.64 -7.51
C ALA E 95 33.09 56.38 -8.46
N TYR E 96 32.57 57.53 -8.01
CA TYR E 96 31.61 58.32 -8.80
C TYR E 96 31.79 59.84 -8.69
N ASP E 97 31.39 60.56 -9.74
CA ASP E 97 31.48 62.02 -9.74
C ASP E 97 30.16 62.58 -9.23
N ILE E 98 29.09 61.89 -9.58
CA ILE E 98 27.76 62.32 -9.17
C ILE E 98 26.99 61.16 -8.55
N ILE E 99 26.31 61.47 -7.46
CA ILE E 99 25.47 60.52 -6.76
C ILE E 99 24.08 61.13 -6.75
N ILE E 100 23.13 60.39 -7.31
CA ILE E 100 21.75 60.82 -7.35
C ILE E 100 20.91 60.03 -6.36
N CYS E 101 20.46 60.71 -5.31
CA CYS E 101 19.60 60.09 -4.30
C CYS E 101 18.16 60.19 -4.82
N ASP E 102 17.77 59.15 -5.55
CA ASP E 102 16.45 59.08 -6.13
C ASP E 102 15.34 58.82 -5.12
N GLU E 103 14.13 59.24 -5.48
CA GLU E 103 12.93 59.09 -4.66
C GLU E 103 13.18 59.49 -3.21
N CYS E 104 13.86 60.63 -3.03
CA CYS E 104 14.18 61.13 -1.71
C CYS E 104 12.99 61.60 -0.89
N HIS E 105 11.79 61.13 -1.24
CA HIS E 105 10.60 61.48 -0.49
C HIS E 105 10.31 60.27 0.40
N SER E 106 10.93 59.14 0.08
CA SER E 106 10.75 57.91 0.86
C SER E 106 11.17 58.06 2.31
N THR E 107 10.25 57.72 3.21
CA THR E 107 10.55 57.82 4.62
C THR E 107 10.74 56.48 5.29
N ASP E 108 11.25 55.50 4.56
CA ASP E 108 11.50 54.22 5.18
C ASP E 108 12.93 54.29 5.72
N SER E 109 13.20 53.58 6.80
CA SER E 109 14.51 53.63 7.44
C SER E 109 15.70 53.46 6.50
N THR E 110 15.62 52.49 5.57
CA THR E 110 16.71 52.26 4.63
C THR E 110 17.02 53.45 3.72
N THR E 111 15.98 54.11 3.22
CA THR E 111 16.20 55.28 2.37
C THR E 111 16.79 56.41 3.20
N ILE E 112 16.26 56.64 4.40
CA ILE E 112 16.75 57.70 5.29
C ILE E 112 18.22 57.43 5.62
N LEU E 113 18.51 56.21 6.06
CA LEU E 113 19.87 55.79 6.39
C LEU E 113 20.80 55.93 5.19
N GLY E 114 20.29 55.54 4.02
CA GLY E 114 21.06 55.60 2.80
C GLY E 114 21.41 57.02 2.40
N ILE E 115 20.41 57.89 2.35
CA ILE E 115 20.66 59.27 1.97
C ILE E 115 21.56 59.97 2.99
N GLY E 116 21.38 59.64 4.27
CA GLY E 116 22.22 60.26 5.28
C GLY E 116 23.66 59.86 5.05
N THR E 117 23.86 58.58 4.76
CA THR E 117 25.17 58.04 4.49
C THR E 117 25.79 58.82 3.34
N VAL E 118 25.06 58.97 2.25
CA VAL E 118 25.58 59.71 1.12
C VAL E 118 25.96 61.14 1.52
N LEU E 119 25.04 61.86 2.14
CA LEU E 119 25.33 63.24 2.53
C LEU E 119 26.49 63.36 3.50
N ASP E 120 26.94 62.24 4.03
CA ASP E 120 28.04 62.24 5.00
C ASP E 120 29.39 61.75 4.44
N GLN E 121 29.37 61.00 3.34
CA GLN E 121 30.61 60.47 2.78
C GLN E 121 30.90 60.95 1.36
N ALA E 122 29.89 61.48 0.69
CA ALA E 122 30.01 61.94 -0.68
C ALA E 122 31.24 62.79 -1.00
N GLU E 123 31.35 63.95 -0.36
CA GLU E 123 32.49 64.82 -0.64
C GLU E 123 33.81 64.11 -0.37
N THR E 124 33.94 63.53 0.82
CA THR E 124 35.14 62.81 1.20
C THR E 124 35.47 61.71 0.20
N ALA E 125 34.44 61.13 -0.39
CA ALA E 125 34.63 60.06 -1.36
C ALA E 125 35.05 60.60 -2.72
N GLY E 126 35.02 61.92 -2.88
CA GLY E 126 35.43 62.52 -4.13
C GLY E 126 34.34 62.87 -5.12
N ALA E 127 33.10 62.87 -4.66
CA ALA E 127 31.98 63.20 -5.52
C ALA E 127 31.86 64.71 -5.60
N ARG E 128 31.50 65.23 -6.77
CA ARG E 128 31.36 66.66 -6.93
C ARG E 128 29.93 67.11 -6.80
N LEU E 129 29.00 66.20 -7.10
CA LEU E 129 27.59 66.55 -7.02
C LEU E 129 26.66 65.49 -6.46
N VAL E 130 25.88 65.85 -5.46
CA VAL E 130 24.89 64.93 -4.89
C VAL E 130 23.56 65.53 -5.29
N VAL E 131 22.67 64.70 -5.84
CA VAL E 131 21.36 65.16 -6.27
C VAL E 131 20.21 64.48 -5.52
N LEU E 132 19.30 65.28 -4.98
CA LEU E 132 18.13 64.74 -4.27
C LEU E 132 16.93 64.86 -5.22
N ALA E 133 16.54 63.75 -5.85
CA ALA E 133 15.43 63.79 -6.80
C ALA E 133 14.11 63.16 -6.33
N THR E 134 13.01 63.79 -6.72
CA THR E 134 11.66 63.33 -6.38
C THR E 134 10.61 64.13 -7.11
N ALA E 135 9.43 63.54 -7.28
CA ALA E 135 8.33 64.24 -7.93
C ALA E 135 7.43 64.85 -6.83
N THR E 136 7.71 64.51 -5.59
CA THR E 136 6.91 65.00 -4.48
C THR E 136 7.75 65.48 -3.31
N PRO E 137 8.30 66.70 -3.42
CA PRO E 137 9.14 67.28 -2.37
C PRO E 137 8.39 67.46 -1.06
N PRO E 138 9.12 67.44 0.08
CA PRO E 138 8.58 67.58 1.43
C PRO E 138 7.25 68.33 1.62
N GLY E 139 7.25 69.65 1.47
CA GLY E 139 6.00 70.35 1.63
C GLY E 139 5.30 70.64 0.31
N SER E 140 4.78 69.60 -0.34
CA SER E 140 4.10 69.81 -1.62
C SER E 140 2.73 69.16 -1.67
N VAL E 141 1.81 69.81 -2.36
CA VAL E 141 0.45 69.32 -2.50
C VAL E 141 0.31 68.58 -3.83
N THR E 142 -0.66 67.66 -3.89
CA THR E 142 -0.89 66.90 -5.11
C THR E 142 -1.31 67.84 -6.23
N VAL E 143 -0.57 67.79 -7.33
CA VAL E 143 -0.89 68.62 -8.47
C VAL E 143 -1.35 67.74 -9.65
N PRO E 144 -2.24 68.26 -10.50
CA PRO E 144 -2.75 67.51 -11.65
C PRO E 144 -1.63 67.01 -12.57
N HIS E 145 -1.81 65.79 -13.06
CA HIS E 145 -0.82 65.21 -13.96
C HIS E 145 -1.43 65.19 -15.37
N PRO E 146 -0.72 65.79 -16.34
CA PRO E 146 -1.21 65.85 -17.73
C PRO E 146 -1.60 64.53 -18.41
N ASN E 147 -1.00 63.41 -18.01
CA ASN E 147 -1.32 62.13 -18.63
C ASN E 147 -2.34 61.29 -17.89
N ILE E 148 -2.79 61.78 -16.73
CA ILE E 148 -3.69 60.98 -15.91
C ILE E 148 -5.10 61.51 -15.64
N GLU E 149 -6.09 60.75 -16.06
CA GLU E 149 -7.47 61.12 -15.81
C GLU E 149 -7.82 60.46 -14.47
N GLU E 150 -8.33 61.26 -13.54
CA GLU E 150 -8.70 60.74 -12.23
C GLU E 150 -10.20 60.51 -12.11
N VAL E 151 -10.59 59.24 -12.07
CA VAL E 151 -11.98 58.86 -12.00
C VAL E 151 -12.32 58.12 -10.71
N ALA E 152 -13.16 58.70 -9.88
CA ALA E 152 -13.56 58.07 -8.64
C ALA E 152 -14.34 56.79 -8.91
N LEU E 153 -14.29 55.86 -7.96
CA LEU E 153 -15.03 54.61 -8.05
C LEU E 153 -16.37 54.82 -7.35
N SER E 154 -17.35 54.00 -7.69
CA SER E 154 -18.67 54.12 -7.08
C SER E 154 -19.03 52.81 -6.41
N SER E 155 -20.31 52.64 -6.08
CA SER E 155 -20.77 51.42 -5.44
C SER E 155 -21.16 50.39 -6.49
N THR E 156 -21.21 50.80 -7.75
CA THR E 156 -21.54 49.89 -8.83
C THR E 156 -20.32 49.07 -9.21
N GLY E 157 -20.49 47.76 -9.24
CA GLY E 157 -19.38 46.90 -9.58
C GLY E 157 -19.54 45.56 -8.89
N GLU E 158 -19.04 44.52 -9.53
CA GLU E 158 -19.15 43.18 -8.98
C GLU E 158 -18.05 42.84 -7.97
N ILE E 159 -16.98 43.63 -7.96
CA ILE E 159 -15.88 43.37 -7.05
C ILE E 159 -15.84 44.38 -5.91
N PRO E 160 -16.07 43.92 -4.67
CA PRO E 160 -16.06 44.80 -3.50
C PRO E 160 -14.65 45.35 -3.29
N PHE E 161 -14.54 46.61 -2.90
CA PHE E 161 -13.23 47.21 -2.74
C PHE E 161 -13.25 48.38 -1.76
N TYR E 162 -12.76 48.12 -0.55
CA TYR E 162 -12.69 49.15 0.49
C TYR E 162 -13.91 50.04 0.61
N GLY E 163 -15.08 49.43 0.61
CA GLY E 163 -16.29 50.22 0.73
C GLY E 163 -16.95 50.55 -0.59
N LYS E 164 -16.17 50.61 -1.66
CA LYS E 164 -16.69 50.90 -3.00
C LYS E 164 -16.66 49.62 -3.81
N ALA E 165 -16.64 49.75 -5.13
CA ALA E 165 -16.61 48.55 -5.99
C ALA E 165 -15.86 48.78 -7.29
N ILE E 166 -15.37 47.71 -7.86
CA ILE E 166 -14.64 47.82 -9.11
C ILE E 166 -15.43 47.09 -10.19
N PRO E 167 -15.77 47.81 -11.28
CA PRO E 167 -16.53 47.18 -12.38
C PRO E 167 -15.57 46.31 -13.20
N ILE E 168 -15.96 45.08 -13.44
CA ILE E 168 -15.09 44.19 -14.20
C ILE E 168 -14.66 44.74 -15.56
N GLU E 169 -15.57 45.35 -16.31
CA GLU E 169 -15.21 45.86 -17.63
C GLU E 169 -14.15 46.95 -17.52
N THR E 170 -13.86 47.39 -16.30
CA THR E 170 -12.86 48.43 -16.10
C THR E 170 -11.43 47.87 -16.06
N ILE E 171 -11.31 46.56 -15.88
CA ILE E 171 -10.01 45.90 -15.79
C ILE E 171 -9.94 44.63 -16.65
N LYS E 172 -11.00 44.38 -17.42
CA LYS E 172 -11.07 43.21 -18.30
C LYS E 172 -10.35 43.53 -19.61
N GLY E 173 -9.07 43.15 -19.67
CA GLY E 173 -8.28 43.43 -20.85
C GLY E 173 -7.42 44.63 -20.55
N GLY E 174 -6.16 44.58 -20.96
CA GLY E 174 -5.25 45.68 -20.70
C GLY E 174 -4.40 45.40 -19.48
N ARG E 175 -3.52 46.33 -19.14
CA ARG E 175 -2.65 46.18 -17.99
C ARG E 175 -3.11 47.14 -16.89
N HIS E 176 -3.30 46.59 -15.68
CA HIS E 176 -3.78 47.38 -14.54
C HIS E 176 -3.08 47.05 -13.23
N LEU E 177 -2.90 48.08 -12.41
CA LEU E 177 -2.26 47.93 -11.11
C LEU E 177 -3.23 48.32 -10.00
N ILE E 178 -3.46 47.41 -9.05
CA ILE E 178 -4.36 47.71 -7.93
C ILE E 178 -3.62 47.73 -6.59
N PHE E 179 -3.64 48.88 -5.95
CA PHE E 179 -3.00 49.04 -4.65
C PHE E 179 -3.86 48.65 -3.45
N CYS E 180 -3.33 47.76 -2.62
CA CYS E 180 -3.99 47.30 -1.41
C CYS E 180 -3.03 47.52 -0.25
N HIS E 181 -3.55 48.07 0.85
CA HIS E 181 -2.72 48.36 2.00
C HIS E 181 -2.00 47.16 2.67
N SER E 182 -2.45 45.93 2.45
CA SER E 182 -1.80 44.77 3.10
C SER E 182 -1.67 43.56 2.19
N LYS E 183 -0.70 42.69 2.47
CA LYS E 183 -0.50 41.49 1.65
C LYS E 183 -1.72 40.58 1.69
N LYS E 184 -2.38 40.54 2.84
CA LYS E 184 -3.55 39.69 3.00
C LYS E 184 -4.61 40.06 1.97
N LYS E 185 -4.92 41.34 1.82
CA LYS E 185 -5.92 41.71 0.83
C LYS E 185 -5.39 41.47 -0.59
N CYS E 186 -4.10 41.72 -0.81
CA CYS E 186 -3.53 41.48 -2.14
C CYS E 186 -3.80 40.06 -2.57
N ASP E 187 -3.63 39.13 -1.63
CA ASP E 187 -3.85 37.71 -1.91
C ASP E 187 -5.30 37.39 -2.22
N GLU E 188 -6.21 37.85 -1.36
CA GLU E 188 -7.63 37.60 -1.56
C GLU E 188 -8.12 38.22 -2.88
N LEU E 189 -7.82 39.50 -3.09
CA LEU E 189 -8.26 40.17 -4.31
C LEU E 189 -7.75 39.45 -5.55
N ALA E 190 -6.45 39.21 -5.61
CA ALA E 190 -5.87 38.52 -6.76
C ALA E 190 -6.64 37.22 -7.00
N ALA E 191 -6.95 36.51 -5.91
CA ALA E 191 -7.67 35.26 -6.03
C ALA E 191 -9.04 35.54 -6.62
N LYS E 192 -9.77 36.43 -5.96
CA LYS E 192 -11.11 36.80 -6.40
C LYS E 192 -11.11 37.05 -7.91
N LEU E 193 -10.13 37.83 -8.38
CA LEU E 193 -10.03 38.15 -9.79
C LEU E 193 -9.66 36.97 -10.67
N SER E 194 -8.70 36.16 -10.25
CA SER E 194 -8.32 34.99 -11.05
C SER E 194 -9.52 34.06 -11.22
N GLY E 195 -10.28 33.93 -10.14
CA GLY E 195 -11.47 33.09 -10.16
C GLY E 195 -12.61 33.79 -10.89
N LEU E 196 -12.26 34.59 -11.88
CA LEU E 196 -13.25 35.32 -12.67
C LEU E 196 -12.89 35.20 -14.15
N GLY E 197 -11.65 34.77 -14.39
CA GLY E 197 -11.18 34.62 -15.76
C GLY E 197 -10.16 35.66 -16.12
N LEU E 198 -9.68 36.40 -15.12
CA LEU E 198 -8.69 37.44 -15.35
C LEU E 198 -7.29 36.98 -14.99
N ASN E 199 -6.31 37.46 -15.76
CA ASN E 199 -4.93 37.11 -15.48
C ASN E 199 -4.45 38.01 -14.34
N ALA E 200 -4.74 37.61 -13.11
CA ALA E 200 -4.35 38.39 -11.94
C ALA E 200 -3.16 37.79 -11.20
N VAL E 201 -2.37 38.68 -10.59
CA VAL E 201 -1.19 38.26 -9.82
C VAL E 201 -0.96 39.25 -8.68
N ALA E 202 -0.48 38.75 -7.55
CA ALA E 202 -0.21 39.61 -6.39
C ALA E 202 1.29 39.84 -6.26
N TYR E 203 1.68 41.00 -5.74
CA TYR E 203 3.08 41.31 -5.55
C TYR E 203 3.38 42.20 -4.35
N TYR E 204 4.39 41.82 -3.58
CA TYR E 204 4.82 42.59 -2.41
C TYR E 204 6.20 42.14 -1.99
N ARG E 205 6.77 42.84 -1.01
CA ARG E 205 8.10 42.52 -0.50
C ARG E 205 8.11 41.04 -0.12
N GLY E 206 9.00 40.28 -0.75
CA GLY E 206 9.06 38.87 -0.45
C GLY E 206 8.85 38.01 -1.67
N LEU E 207 7.99 38.47 -2.58
CA LEU E 207 7.74 37.68 -3.79
C LEU E 207 8.80 38.06 -4.84
N ASP E 208 8.78 37.38 -5.98
CA ASP E 208 9.75 37.63 -7.04
C ASP E 208 9.21 38.52 -8.15
N VAL E 209 9.94 39.58 -8.48
CA VAL E 209 9.54 40.52 -9.52
C VAL E 209 9.15 39.89 -10.85
N SER E 210 9.57 38.65 -11.06
CA SER E 210 9.28 37.94 -12.30
C SER E 210 7.80 37.63 -12.46
N VAL E 211 7.07 37.63 -11.35
CA VAL E 211 5.65 37.35 -11.39
C VAL E 211 4.90 38.37 -12.26
N ILE E 212 5.51 39.51 -12.51
CA ILE E 212 4.86 40.52 -13.32
C ILE E 212 5.29 40.42 -14.79
N PRO E 213 4.38 39.97 -15.67
CA PRO E 213 4.71 39.85 -17.09
C PRO E 213 5.12 41.18 -17.72
N THR E 214 6.09 41.12 -18.63
CA THR E 214 6.58 42.31 -19.31
C THR E 214 5.51 42.87 -20.23
N SER E 215 4.63 42.01 -20.72
CA SER E 215 3.57 42.46 -21.60
C SER E 215 2.38 41.54 -21.52
N GLY E 216 1.32 41.90 -22.26
CA GLY E 216 0.10 41.11 -22.25
C GLY E 216 -0.84 41.65 -21.17
N ASP E 217 -2.12 41.32 -21.28
CA ASP E 217 -3.09 41.77 -20.29
C ASP E 217 -2.69 41.20 -18.93
N VAL E 218 -2.81 42.01 -17.90
CA VAL E 218 -2.50 41.57 -16.54
C VAL E 218 -3.06 42.53 -15.51
N ILE E 219 -3.37 41.99 -14.34
CA ILE E 219 -3.85 42.80 -13.24
C ILE E 219 -2.98 42.45 -12.06
N VAL E 220 -2.17 43.40 -11.66
CA VAL E 220 -1.27 43.25 -10.54
C VAL E 220 -1.87 43.88 -9.29
N VAL E 221 -2.00 43.11 -8.20
CA VAL E 221 -2.52 43.60 -6.92
C VAL E 221 -1.30 43.68 -6.01
N ALA E 222 -0.90 44.88 -5.63
CA ALA E 222 0.28 45.03 -4.81
C ALA E 222 0.20 46.04 -3.68
N THR E 223 1.25 46.03 -2.85
CA THR E 223 1.36 46.95 -1.73
C THR E 223 2.26 48.09 -2.20
N ASP E 224 2.70 48.93 -1.27
CA ASP E 224 3.57 50.03 -1.62
C ASP E 224 4.92 49.54 -2.18
N ALA E 225 5.02 48.24 -2.40
CA ALA E 225 6.23 47.66 -2.97
C ALA E 225 6.38 48.22 -4.38
N LEU E 226 5.25 48.53 -5.02
CA LEU E 226 5.28 49.10 -6.36
C LEU E 226 4.84 50.55 -6.33
N MET E 227 5.07 51.23 -5.21
CA MET E 227 4.63 52.60 -5.10
C MET E 227 5.54 53.62 -5.78
N THR E 228 6.84 53.44 -5.64
CA THR E 228 7.76 54.40 -6.23
C THR E 228 8.75 53.86 -7.24
N GLY E 229 9.14 54.72 -8.17
CA GLY E 229 10.12 54.38 -9.18
C GLY E 229 9.75 53.42 -10.30
N PHE E 230 8.93 52.43 -9.99
CA PHE E 230 8.56 51.41 -10.96
C PHE E 230 7.68 51.84 -12.14
N THR E 231 7.98 51.25 -13.31
CA THR E 231 7.22 51.49 -14.53
C THR E 231 6.76 50.13 -14.99
N GLY E 232 5.46 49.89 -15.00
CA GLY E 232 4.94 48.60 -15.41
C GLY E 232 4.06 48.71 -16.65
N ASP E 233 4.07 49.87 -17.30
CA ASP E 233 3.27 50.10 -18.49
C ASP E 233 1.78 49.82 -18.21
N PHE E 234 1.26 50.39 -17.13
CA PHE E 234 -0.13 50.17 -16.76
C PHE E 234 -1.10 51.14 -17.43
N ASP E 235 -2.23 50.63 -17.91
CA ASP E 235 -3.20 51.53 -18.53
C ASP E 235 -3.95 52.27 -17.44
N SER E 236 -4.04 51.67 -16.25
CA SER E 236 -4.73 52.31 -15.13
C SER E 236 -4.19 51.88 -13.76
N VAL E 237 -4.60 52.63 -12.74
CA VAL E 237 -4.24 52.36 -11.36
C VAL E 237 -5.50 52.55 -10.52
N ILE E 238 -5.74 51.63 -9.59
CA ILE E 238 -6.87 51.68 -8.69
C ILE E 238 -6.22 51.71 -7.31
N ASP E 239 -6.49 52.77 -6.57
CA ASP E 239 -5.89 53.02 -5.28
C ASP E 239 -6.92 52.99 -4.12
N CYS E 240 -6.61 52.19 -3.09
CA CYS E 240 -7.46 52.05 -1.91
C CYS E 240 -7.33 53.30 -1.06
N ASN E 241 -6.31 54.09 -1.32
CA ASN E 241 -6.10 55.33 -0.59
C ASN E 241 -5.75 55.18 0.88
N THR E 242 -5.50 53.94 1.31
CA THR E 242 -5.12 53.71 2.70
C THR E 242 -3.69 53.15 2.72
N CYS E 243 -2.99 53.34 3.84
CA CYS E 243 -1.63 52.84 3.97
C CYS E 243 -1.33 52.41 5.39
N VAL E 244 -0.33 51.57 5.55
CA VAL E 244 0.07 51.10 6.89
C VAL E 244 1.27 51.92 7.36
N THR E 245 1.17 52.47 8.56
CA THR E 245 2.25 53.28 9.12
C THR E 245 2.53 52.85 10.55
N GLN E 246 3.60 53.39 11.14
CA GLN E 246 3.95 53.06 12.50
C GLN E 246 4.11 54.30 13.33
N THR E 247 3.76 54.17 14.60
CA THR E 247 3.87 55.30 15.51
C THR E 247 4.52 54.85 16.80
N VAL E 248 5.19 55.78 17.47
CA VAL E 248 5.78 55.45 18.74
C VAL E 248 5.08 56.27 19.81
N ASP E 249 4.72 55.60 20.88
CA ASP E 249 4.06 56.27 21.99
C ASP E 249 4.89 56.07 23.27
N PHE E 250 5.30 57.17 23.87
CA PHE E 250 6.06 57.13 25.09
C PHE E 250 5.07 57.06 26.26
N SER E 251 4.42 55.91 26.37
CA SER E 251 3.42 55.64 27.39
C SER E 251 3.93 55.26 28.78
N LEU E 252 5.25 55.24 28.96
CA LEU E 252 5.88 54.91 30.23
C LEU E 252 5.17 53.77 30.98
N ASP E 253 4.93 52.65 30.28
CA ASP E 253 4.22 51.52 30.88
C ASP E 253 4.82 50.18 30.46
N PRO E 254 6.11 49.96 30.76
CA PRO E 254 7.03 50.86 31.45
C PRO E 254 7.77 51.89 30.62
N THR E 255 8.00 51.59 29.34
CA THR E 255 8.78 52.49 28.48
C THR E 255 8.02 53.11 27.31
N PHE E 256 8.20 52.59 26.11
CA PHE E 256 7.47 53.13 24.97
C PHE E 256 6.66 52.04 24.30
N THR E 257 5.82 52.44 23.36
CA THR E 257 4.99 51.48 22.64
C THR E 257 5.06 51.80 21.16
N ILE E 258 5.31 50.77 20.36
CA ILE E 258 5.37 50.98 18.92
C ILE E 258 4.14 50.30 18.37
N GLU E 259 3.26 51.12 17.83
CA GLU E 259 2.00 50.65 17.28
C GLU E 259 1.90 50.82 15.78
N THR E 260 1.44 49.78 15.12
CA THR E 260 1.24 49.80 13.69
C THR E 260 -0.23 50.13 13.48
N THR E 261 -0.51 51.10 12.61
CA THR E 261 -1.88 51.49 12.32
C THR E 261 -2.14 51.68 10.82
N THR E 262 -3.40 51.50 10.41
CA THR E 262 -3.81 51.69 9.02
C THR E 262 -4.48 53.06 8.95
N VAL E 263 -3.92 53.95 8.14
CA VAL E 263 -4.48 55.29 8.03
C VAL E 263 -4.62 55.78 6.58
N PRO E 264 -5.23 56.96 6.38
CA PRO E 264 -5.43 57.55 5.05
C PRO E 264 -4.08 57.96 4.49
N GLN E 265 -3.87 57.71 3.19
CA GLN E 265 -2.59 58.04 2.56
C GLN E 265 -2.38 59.55 2.55
N ASP E 266 -1.12 59.95 2.55
CA ASP E 266 -0.76 61.35 2.50
C ASP E 266 -0.56 61.72 1.03
N ALA E 267 -0.31 63.00 0.79
CA ALA E 267 -0.12 63.51 -0.56
C ALA E 267 0.97 62.76 -1.30
N VAL E 268 2.13 62.60 -0.68
CA VAL E 268 3.22 61.90 -1.33
C VAL E 268 2.74 60.55 -1.85
N SER E 269 2.11 59.76 -0.98
CA SER E 269 1.62 58.46 -1.39
C SER E 269 0.65 58.51 -2.56
N ARG E 270 -0.29 59.45 -2.53
CA ARG E 270 -1.29 59.56 -3.58
C ARG E 270 -0.66 59.89 -4.92
N SER E 271 0.25 60.85 -4.93
CA SER E 271 0.91 61.22 -6.17
C SER E 271 1.81 60.11 -6.71
N GLN E 272 2.54 59.44 -5.81
CA GLN E 272 3.42 58.37 -6.23
C GLN E 272 2.61 57.17 -6.75
N ARG E 273 1.59 56.75 -6.02
CA ARG E 273 0.78 55.62 -6.46
C ARG E 273 0.10 55.95 -7.79
N ARG E 274 -0.43 57.17 -7.88
CA ARG E 274 -1.08 57.60 -9.09
C ARG E 274 -0.04 57.53 -10.20
N GLY E 275 1.16 58.01 -9.89
CA GLY E 275 2.24 58.03 -10.86
C GLY E 275 2.68 56.70 -11.43
N ARG E 276 2.06 55.59 -11.05
CA ARG E 276 2.49 54.31 -11.62
C ARG E 276 1.90 54.15 -13.01
N THR E 277 0.89 54.96 -13.31
CA THR E 277 0.26 54.93 -14.63
C THR E 277 0.58 56.28 -15.26
N GLY E 278 0.19 56.49 -16.52
CA GLY E 278 0.48 57.76 -17.18
C GLY E 278 1.95 58.02 -17.34
N ARG E 279 2.71 56.97 -17.64
CA ARG E 279 4.16 57.11 -17.81
C ARG E 279 4.52 56.97 -19.29
N GLY E 280 4.60 58.11 -19.96
CA GLY E 280 4.92 58.10 -21.37
C GLY E 280 3.68 57.92 -22.23
N ARG E 281 2.50 58.05 -21.61
CA ARG E 281 1.24 57.93 -22.33
C ARG E 281 0.09 58.15 -21.37
N MET E 282 -1.09 58.46 -21.89
CA MET E 282 -2.24 58.73 -21.03
C MET E 282 -2.65 57.50 -20.21
N GLY E 283 -3.17 57.75 -19.03
CA GLY E 283 -3.59 56.68 -18.16
C GLY E 283 -4.74 57.12 -17.28
N ILE E 284 -5.36 56.14 -16.63
CA ILE E 284 -6.48 56.39 -15.75
C ILE E 284 -6.13 56.06 -14.30
N TYR E 285 -6.66 56.84 -13.37
CA TYR E 285 -6.43 56.63 -11.96
C TYR E 285 -7.79 56.60 -11.25
N ARG E 286 -8.15 55.45 -10.69
CA ARG E 286 -9.42 55.32 -9.97
C ARG E 286 -9.11 55.21 -8.48
N PHE E 287 -9.90 55.90 -7.68
CA PHE E 287 -9.70 55.93 -6.23
C PHE E 287 -10.98 55.72 -5.43
N VAL E 288 -10.81 55.41 -4.15
CA VAL E 288 -11.90 55.17 -3.23
C VAL E 288 -12.27 56.46 -2.51
N THR E 289 -11.27 57.12 -1.94
CA THR E 289 -11.47 58.35 -1.22
C THR E 289 -10.68 59.48 -1.83
N PRO E 290 -11.28 60.67 -1.90
CA PRO E 290 -10.58 61.81 -2.48
C PRO E 290 -9.68 62.47 -1.44
N GLY E 291 -8.99 63.52 -1.85
CA GLY E 291 -8.13 64.25 -0.93
C GLY E 291 -7.11 63.40 -0.20
N GLU E 292 -6.39 64.04 0.72
CA GLU E 292 -5.35 63.38 1.51
C GLU E 292 -4.73 64.31 2.53
N ARG E 293 -3.88 63.75 3.40
CA ARG E 293 -3.21 64.55 4.42
C ARG E 293 -1.86 65.06 3.95
N PRO E 294 -1.42 66.21 4.46
CA PRO E 294 -0.15 66.83 4.09
C PRO E 294 1.05 65.97 4.50
N SER E 295 2.17 66.20 3.83
CA SER E 295 3.41 65.47 4.09
C SER E 295 4.49 66.41 4.62
N GLY E 296 5.74 65.99 4.53
CA GLY E 296 6.84 66.82 5.00
C GLY E 296 7.41 66.43 6.36
N MET E 297 6.64 65.68 7.15
CA MET E 297 7.12 65.27 8.46
C MET E 297 6.85 63.78 8.74
N PHE E 298 7.81 63.09 9.36
CA PHE E 298 7.62 61.69 9.68
C PHE E 298 7.81 61.40 11.18
N ASP E 299 7.17 60.33 11.64
CA ASP E 299 7.22 59.99 13.06
C ASP E 299 8.56 59.51 13.59
N SER E 300 8.80 59.86 14.85
CA SER E 300 10.02 59.48 15.56
C SER E 300 10.26 57.97 15.47
N SER E 301 9.20 57.21 15.19
CA SER E 301 9.34 55.75 15.08
C SER E 301 10.24 55.37 13.91
N VAL E 302 10.31 56.25 12.92
CA VAL E 302 11.15 55.97 11.78
C VAL E 302 12.60 56.00 12.23
N LEU E 303 12.96 56.97 13.07
CA LEU E 303 14.33 57.03 13.56
C LEU E 303 14.62 55.73 14.32
N CYS E 304 13.70 55.33 15.17
CA CYS E 304 13.88 54.10 15.94
C CYS E 304 14.17 52.96 14.96
N GLU E 305 13.39 52.94 13.89
CA GLU E 305 13.53 51.93 12.87
C GLU E 305 14.94 51.96 12.22
N CYS E 306 15.53 53.15 12.06
CA CYS E 306 16.87 53.25 11.46
C CYS E 306 17.96 52.61 12.33
N TYR E 307 17.92 52.87 13.63
CA TYR E 307 18.90 52.30 14.54
C TYR E 307 18.74 50.80 14.49
N ASP E 308 17.49 50.34 14.57
CA ASP E 308 17.21 48.90 14.52
C ASP E 308 17.77 48.26 13.24
N ALA E 309 17.62 48.93 12.10
CA ALA E 309 18.11 48.40 10.82
C ALA E 309 19.62 48.44 10.79
N GLY E 310 20.19 49.52 11.34
CA GLY E 310 21.63 49.65 11.40
C GLY E 310 22.23 48.50 12.18
N CYS E 311 21.60 48.14 13.29
CA CYS E 311 22.07 47.06 14.13
C CYS E 311 21.79 45.70 13.56
N ALA E 312 20.64 45.54 12.93
CA ALA E 312 20.28 44.24 12.42
C ALA E 312 20.74 43.88 11.02
N TRP E 313 20.86 44.88 10.14
CA TRP E 313 21.24 44.60 8.76
C TRP E 313 22.52 45.19 8.21
N TYR E 314 22.87 46.40 8.65
CA TYR E 314 24.04 47.06 8.08
C TYR E 314 25.29 47.18 8.91
N GLU E 315 25.40 46.35 9.94
CA GLU E 315 26.55 46.35 10.84
C GLU E 315 27.01 47.75 11.22
N LEU E 316 26.06 48.59 11.61
CA LEU E 316 26.33 49.97 12.02
C LEU E 316 26.06 50.10 13.50
N THR E 317 26.98 50.72 14.22
CA THR E 317 26.82 50.93 15.65
C THR E 317 25.89 52.13 15.81
N PRO E 318 25.14 52.17 16.93
CA PRO E 318 24.23 53.28 17.16
C PRO E 318 24.91 54.61 16.88
N ALA E 319 26.14 54.76 17.37
CA ALA E 319 26.90 56.00 17.18
C ALA E 319 27.07 56.32 15.71
N GLU E 320 27.39 55.28 14.94
CA GLU E 320 27.62 55.43 13.51
C GLU E 320 26.31 55.81 12.82
N THR E 321 25.21 55.20 13.25
CA THR E 321 23.90 55.51 12.70
C THR E 321 23.56 56.97 12.95
N SER E 322 23.92 57.47 14.14
CA SER E 322 23.64 58.86 14.51
C SER E 322 24.32 59.84 13.58
N VAL E 323 25.57 59.55 13.25
CA VAL E 323 26.34 60.42 12.39
C VAL E 323 25.66 60.54 11.03
N ARG E 324 25.04 59.46 10.58
CA ARG E 324 24.36 59.47 9.29
C ARG E 324 23.00 60.16 9.33
N LEU E 325 22.20 59.90 10.36
CA LEU E 325 20.88 60.53 10.48
C LEU E 325 21.05 62.03 10.69
N ARG E 326 22.13 62.39 11.36
CA ARG E 326 22.42 63.79 11.65
C ARG E 326 22.64 64.55 10.33
N ALA E 327 23.39 63.93 9.42
CA ALA E 327 23.65 64.56 8.14
C ALA E 327 22.33 64.77 7.42
N TYR E 328 21.43 63.79 7.53
CA TYR E 328 20.12 63.86 6.90
C TYR E 328 19.28 65.01 7.48
N LEU E 329 19.04 64.96 8.79
CA LEU E 329 18.25 65.98 9.47
C LEU E 329 18.80 67.41 9.32
N ASN E 330 20.11 67.54 9.08
CA ASN E 330 20.72 68.86 8.94
C ASN E 330 20.72 69.38 7.50
N THR E 331 20.23 68.57 6.57
CA THR E 331 20.21 68.98 5.16
C THR E 331 18.84 69.51 4.76
N PRO E 332 18.79 70.78 4.32
CA PRO E 332 17.55 71.43 3.90
C PRO E 332 16.92 70.78 2.67
N GLY E 333 15.59 70.77 2.62
CA GLY E 333 14.88 70.23 1.47
C GLY E 333 14.40 68.80 1.60
N LEU E 334 14.65 68.20 2.76
CA LEU E 334 14.24 66.83 3.00
C LEU E 334 13.12 66.79 4.03
N PRO E 335 12.52 65.61 4.21
CA PRO E 335 11.44 65.48 5.20
C PRO E 335 12.01 65.73 6.60
N VAL E 336 11.29 66.47 7.44
CA VAL E 336 11.75 66.76 8.80
C VAL E 336 11.15 65.81 9.83
N CYS E 337 11.77 65.78 11.01
CA CYS E 337 11.30 64.90 12.06
C CYS E 337 11.88 65.37 13.39
N GLN E 338 11.19 65.09 14.48
CA GLN E 338 11.66 65.48 15.83
C GLN E 338 13.08 64.96 16.04
N ASP E 339 13.97 65.79 16.58
CA ASP E 339 15.34 65.36 16.82
C ASP E 339 15.45 64.50 18.07
N HIS E 340 15.25 63.20 17.90
CA HIS E 340 15.32 62.25 19.01
C HIS E 340 16.51 61.31 18.87
N LEU E 341 17.49 61.72 18.07
CA LEU E 341 18.68 60.89 17.85
C LEU E 341 19.33 60.45 19.16
N GLU E 342 19.68 61.43 20.01
CA GLU E 342 20.31 61.14 21.30
C GLU E 342 19.52 60.07 22.04
N PHE E 343 18.22 60.30 22.18
CA PHE E 343 17.40 59.33 22.87
C PHE E 343 17.52 57.93 22.24
N TRP E 344 17.13 57.79 20.98
CA TRP E 344 17.18 56.47 20.35
C TRP E 344 18.57 55.84 20.38
N GLU E 345 19.60 56.66 20.19
CA GLU E 345 20.97 56.16 20.23
C GLU E 345 21.27 55.56 21.62
N SER E 346 20.93 56.30 22.68
CA SER E 346 21.19 55.78 24.02
C SER E 346 20.38 54.51 24.29
N VAL E 347 19.20 54.40 23.69
CA VAL E 347 18.40 53.20 23.89
C VAL E 347 19.11 51.98 23.30
N PHE E 348 19.41 52.04 22.00
CA PHE E 348 20.04 50.90 21.35
C PHE E 348 21.45 50.61 21.87
N THR E 349 22.16 51.64 22.34
CA THR E 349 23.49 51.41 22.87
C THR E 349 23.44 50.42 24.06
N GLY E 350 22.30 50.37 24.74
CA GLY E 350 22.17 49.45 25.85
C GLY E 350 21.86 48.03 25.46
N LEU E 351 21.24 47.84 24.30
CA LEU E 351 20.86 46.49 23.85
C LEU E 351 22.06 45.71 23.27
N THR E 352 22.85 45.09 24.15
CA THR E 352 24.03 44.37 23.68
C THR E 352 23.96 42.87 23.91
N HIS E 353 24.78 42.15 23.18
CA HIS E 353 24.82 40.70 23.32
C HIS E 353 23.50 40.03 23.01
N ILE E 354 22.90 40.41 21.89
CA ILE E 354 21.63 39.83 21.49
C ILE E 354 21.87 38.40 21.01
N ASP E 355 20.86 37.54 21.11
CA ASP E 355 21.05 36.17 20.63
C ASP E 355 20.98 36.15 19.09
N ALA E 356 22.09 35.78 18.46
CA ALA E 356 22.19 35.73 16.99
C ALA E 356 21.14 34.84 16.36
N HIS E 357 20.87 33.72 16.99
CA HIS E 357 19.88 32.78 16.48
C HIS E 357 18.48 33.43 16.41
N PHE E 358 18.17 34.26 17.39
CA PHE E 358 16.89 34.95 17.46
C PHE E 358 16.86 36.09 16.44
N LEU E 359 17.95 36.85 16.37
CA LEU E 359 18.01 37.96 15.45
C LEU E 359 17.79 37.43 14.04
N SER E 360 18.55 36.40 13.71
CA SER E 360 18.46 35.79 12.41
C SER E 360 17.03 35.40 12.10
N GLN E 361 16.32 34.82 13.07
CA GLN E 361 14.94 34.40 12.84
C GLN E 361 13.94 35.53 12.60
N THR E 362 14.08 36.64 13.31
CA THR E 362 13.15 37.74 13.12
C THR E 362 13.43 38.48 11.81
N LYS E 363 14.68 38.42 11.34
CA LYS E 363 15.01 39.08 10.09
C LYS E 363 14.37 38.30 8.94
N GLN E 364 14.56 36.98 8.96
CA GLN E 364 14.01 36.13 7.92
C GLN E 364 12.50 36.02 7.96
N ALA E 365 11.91 36.40 9.08
CA ALA E 365 10.46 36.33 9.20
C ALA E 365 9.84 37.63 8.68
N GLY E 366 10.68 38.62 8.40
CA GLY E 366 10.19 39.90 7.91
C GLY E 366 9.60 40.79 8.99
N ASP E 367 9.81 40.43 10.26
CA ASP E 367 9.28 41.22 11.37
C ASP E 367 9.75 42.67 11.33
N ASN E 368 8.88 43.58 11.79
CA ASN E 368 9.23 44.99 11.84
C ASN E 368 10.09 45.07 13.10
N PHE E 369 11.08 45.95 13.12
CA PHE E 369 11.94 46.07 14.28
C PHE E 369 12.48 44.69 14.68
N PRO E 370 13.13 43.98 13.74
CA PRO E 370 13.66 42.65 14.09
C PRO E 370 14.63 42.65 15.25
N TYR E 371 15.40 43.73 15.41
CA TYR E 371 16.33 43.78 16.51
C TYR E 371 15.59 43.86 17.87
N LEU E 372 14.67 44.82 18.01
CA LEU E 372 13.94 44.95 19.26
C LEU E 372 13.18 43.67 19.57
N VAL E 373 12.54 43.08 18.57
CA VAL E 373 11.81 41.84 18.84
C VAL E 373 12.79 40.79 19.37
N ALA E 374 13.86 40.54 18.62
CA ALA E 374 14.82 39.53 19.04
C ALA E 374 15.47 39.88 20.37
N TYR E 375 15.73 41.15 20.63
CA TYR E 375 16.35 41.47 21.91
C TYR E 375 15.44 41.08 23.09
N GLN E 376 14.15 41.39 22.97
CA GLN E 376 13.18 41.05 24.01
C GLN E 376 13.13 39.54 24.16
N ALA E 377 13.27 38.82 23.05
CA ALA E 377 13.24 37.36 23.11
C ALA E 377 14.47 36.87 23.89
N THR E 378 15.60 37.53 23.64
CA THR E 378 16.85 37.19 24.29
C THR E 378 16.76 37.36 25.78
N VAL E 379 16.26 38.52 26.19
CA VAL E 379 16.12 38.82 27.59
C VAL E 379 15.23 37.78 28.26
N CYS E 380 14.10 37.46 27.62
CA CYS E 380 13.18 36.47 28.17
C CYS E 380 13.85 35.13 28.40
N ALA E 381 14.45 34.59 27.35
CA ALA E 381 15.14 33.31 27.44
C ALA E 381 16.17 33.31 28.57
N ARG E 382 16.95 34.39 28.69
CA ARG E 382 17.96 34.46 29.73
C ARG E 382 17.35 34.51 31.13
N ALA E 383 16.09 34.89 31.22
CA ALA E 383 15.39 34.95 32.49
C ALA E 383 14.45 33.75 32.61
N GLN E 384 14.50 32.86 31.61
CA GLN E 384 13.64 31.69 31.57
C GLN E 384 12.19 32.14 31.73
N ALA E 385 11.89 33.31 31.19
CA ALA E 385 10.55 33.86 31.24
C ALA E 385 9.90 33.77 29.87
N PRO E 386 8.56 33.73 29.84
CA PRO E 386 7.84 33.66 28.57
C PRO E 386 7.78 35.02 27.92
N PRO E 387 7.52 35.06 26.60
CA PRO E 387 7.43 36.32 25.87
C PRO E 387 6.14 37.04 26.24
N PRO E 388 5.97 38.30 25.80
CA PRO E 388 4.77 39.09 26.09
C PRO E 388 3.47 38.36 25.80
N SER E 389 3.48 37.51 24.78
CA SER E 389 2.32 36.73 24.40
C SER E 389 2.82 35.54 23.61
N TRP E 390 1.91 34.75 23.07
CA TRP E 390 2.31 33.59 22.30
C TRP E 390 1.88 33.67 20.84
N ASP E 391 1.91 34.87 20.27
CA ASP E 391 1.53 35.01 18.88
C ASP E 391 2.76 34.88 17.97
N GLN E 392 2.52 34.79 16.66
CA GLN E 392 3.57 34.60 15.67
C GLN E 392 4.88 35.34 15.95
N MET E 393 4.75 36.61 16.33
CA MET E 393 5.90 37.46 16.61
C MET E 393 6.95 36.84 17.54
N TRP E 394 6.50 35.99 18.47
CA TRP E 394 7.40 35.35 19.43
C TRP E 394 7.62 33.85 19.22
N LYS E 395 7.30 33.34 18.04
CA LYS E 395 7.46 31.91 17.76
C LYS E 395 8.86 31.38 18.05
N CYS E 396 9.87 32.22 17.88
CA CYS E 396 11.25 31.78 18.11
C CYS E 396 11.52 31.29 19.53
N LEU E 397 10.55 31.49 20.42
CA LEU E 397 10.68 31.05 21.82
C LEU E 397 9.79 29.86 22.17
N ILE E 398 8.83 29.53 21.30
CA ILE E 398 7.92 28.43 21.56
C ILE E 398 8.70 27.17 21.94
N ARG E 399 9.86 27.01 21.31
CA ARG E 399 10.75 25.89 21.55
C ARG E 399 11.21 25.77 23.00
N LEU E 400 11.11 26.85 23.78
CA LEU E 400 11.54 26.80 25.18
C LEU E 400 10.36 26.78 26.14
N LYS E 401 9.16 26.92 25.59
CA LYS E 401 7.93 26.95 26.37
C LYS E 401 7.92 26.12 27.66
N PRO E 402 8.36 24.84 27.59
CA PRO E 402 8.38 23.98 28.77
C PRO E 402 9.25 24.47 29.94
N THR E 403 10.27 25.27 29.62
CA THR E 403 11.17 25.79 30.65
C THR E 403 10.84 27.20 31.11
N LEU E 404 10.28 28.00 30.20
CA LEU E 404 9.93 29.37 30.52
C LEU E 404 8.80 29.43 31.53
N HIS E 405 8.90 30.35 32.47
CA HIS E 405 7.87 30.50 33.50
C HIS E 405 8.02 31.85 34.20
N GLY E 406 6.93 32.29 34.83
CA GLY E 406 6.94 33.55 35.54
C GLY E 406 6.48 34.75 34.72
N PRO E 407 6.71 35.97 35.23
CA PRO E 407 6.30 37.16 34.50
C PRO E 407 7.26 37.50 33.37
N THR E 408 6.80 38.29 32.41
CA THR E 408 7.63 38.69 31.30
C THR E 408 8.40 39.96 31.63
N PRO E 409 9.71 39.96 31.35
CA PRO E 409 10.54 41.15 31.62
C PRO E 409 10.30 42.11 30.45
N LEU E 410 9.14 42.77 30.46
CA LEU E 410 8.78 43.69 29.38
C LEU E 410 9.76 44.83 29.20
N LEU E 411 10.37 44.92 28.02
CA LEU E 411 11.33 45.99 27.74
C LEU E 411 10.64 47.21 27.15
N TYR E 412 9.59 46.94 26.39
CA TYR E 412 8.80 47.95 25.70
C TYR E 412 7.64 47.16 25.10
N ARG E 413 6.68 47.86 24.50
CA ARG E 413 5.52 47.19 23.92
C ARG E 413 5.56 47.24 22.41
N LEU E 414 5.62 46.06 21.80
CA LEU E 414 5.70 45.95 20.35
C LEU E 414 4.40 45.38 19.81
N GLY E 415 3.54 44.99 20.75
CA GLY E 415 2.26 44.43 20.37
C GLY E 415 1.45 44.15 21.61
N ALA E 416 0.49 43.24 21.50
CA ALA E 416 -0.37 42.89 22.61
C ALA E 416 0.42 42.12 23.66
N VAL E 417 0.11 42.40 24.92
CA VAL E 417 0.76 41.71 26.02
C VAL E 417 -0.29 40.94 26.80
N GLN E 418 -0.17 39.62 26.84
CA GLN E 418 -1.15 38.81 27.53
C GLN E 418 -0.67 38.22 28.83
N ASN E 419 0.62 37.86 28.90
CA ASN E 419 1.20 37.27 30.10
C ASN E 419 1.46 38.32 31.19
N GLU E 420 1.68 37.87 32.43
CA GLU E 420 1.95 38.81 33.52
C GLU E 420 3.25 39.51 33.17
N VAL E 421 3.44 40.70 33.74
CA VAL E 421 4.62 41.49 33.44
C VAL E 421 5.39 42.03 34.64
N THR E 422 6.71 42.01 34.53
CA THR E 422 7.59 42.55 35.55
C THR E 422 8.36 43.66 34.86
N THR E 423 8.54 44.79 35.54
CA THR E 423 9.24 45.95 35.00
C THR E 423 10.58 46.23 35.69
N THR E 424 11.14 45.22 36.35
CA THR E 424 12.40 45.41 37.09
C THR E 424 13.70 45.01 36.38
N HIS E 425 13.62 44.53 35.14
CA HIS E 425 14.82 44.13 34.41
C HIS E 425 15.72 45.34 34.16
N PRO E 426 17.04 45.17 34.36
CA PRO E 426 18.05 46.23 34.16
C PRO E 426 17.82 47.03 32.90
N ILE E 427 17.61 46.33 31.79
CA ILE E 427 17.39 47.03 30.54
C ILE E 427 16.15 47.91 30.63
N THR E 428 15.06 47.37 31.18
CA THR E 428 13.84 48.18 31.32
C THR E 428 14.13 49.45 32.11
N LYS E 429 14.80 49.29 33.26
CA LYS E 429 15.14 50.45 34.09
C LYS E 429 16.02 51.41 33.31
N TYR E 430 16.92 50.86 32.51
CA TYR E 430 17.80 51.70 31.70
C TYR E 430 17.01 52.50 30.66
N ILE E 431 16.07 51.85 29.97
CA ILE E 431 15.25 52.56 28.99
C ILE E 431 14.44 53.66 29.69
N MET E 432 13.80 53.34 30.81
CA MET E 432 13.01 54.35 31.51
C MET E 432 13.85 55.56 31.82
N ALA E 433 15.08 55.32 32.28
CA ALA E 433 15.98 56.41 32.62
C ALA E 433 16.38 57.20 31.38
N CYS E 434 16.45 56.55 30.22
CA CYS E 434 16.79 57.28 29.00
C CYS E 434 15.65 58.24 28.67
N MET E 435 14.45 57.91 29.12
CA MET E 435 13.26 58.72 28.86
C MET E 435 13.04 59.84 29.88
N SER E 436 13.42 59.58 31.12
CA SER E 436 13.26 60.56 32.20
C SER E 436 14.09 61.82 31.95
N ALA E 437 15.19 61.66 31.23
CA ALA E 437 16.07 62.78 30.90
C ALA E 437 17.20 62.38 29.95
N SER F 1 -35.75 16.59 8.42
CA SER F 1 -35.72 17.89 9.12
C SER F 1 -35.21 19.04 8.22
N PRO F 2 -34.08 18.85 7.52
CA PRO F 2 -33.53 19.89 6.65
C PRO F 2 -34.52 20.38 5.59
N PRO F 3 -34.68 21.72 5.47
CA PRO F 3 -35.60 22.32 4.50
C PRO F 3 -35.22 21.94 3.07
N ALA F 4 -36.21 21.56 2.26
CA ALA F 4 -35.94 21.19 0.88
C ALA F 4 -35.62 22.42 0.04
N VAL F 5 -34.68 22.29 -0.88
CA VAL F 5 -34.30 23.41 -1.73
C VAL F 5 -35.41 23.75 -2.72
N PRO F 6 -36.06 24.90 -2.54
CA PRO F 6 -37.15 25.33 -3.42
C PRO F 6 -36.67 25.81 -4.79
N GLN F 7 -37.60 26.01 -5.71
CA GLN F 7 -37.26 26.46 -7.05
C GLN F 7 -37.11 27.97 -7.09
N THR F 8 -37.65 28.64 -6.07
CA THR F 8 -37.56 30.10 -5.94
C THR F 8 -37.08 30.40 -4.54
N PHE F 9 -36.44 31.56 -4.37
CA PHE F 9 -35.91 31.97 -3.06
C PHE F 9 -36.84 31.71 -1.90
N GLN F 10 -36.25 31.31 -0.78
CA GLN F 10 -37.00 31.02 0.44
C GLN F 10 -36.11 30.90 1.65
N VAL F 11 -36.56 31.48 2.77
CA VAL F 11 -35.82 31.44 4.02
C VAL F 11 -36.52 30.46 4.95
N ALA F 12 -35.80 29.43 5.37
CA ALA F 12 -36.38 28.42 6.26
C ALA F 12 -35.60 28.31 7.57
N HIS F 13 -36.17 27.60 8.55
CA HIS F 13 -35.54 27.42 9.85
C HIS F 13 -35.18 25.96 10.06
N LEU F 14 -34.13 25.74 10.84
CA LEU F 14 -33.68 24.40 11.19
C LEU F 14 -33.35 24.43 12.67
N HIS F 15 -34.09 23.65 13.45
CA HIS F 15 -33.90 23.58 14.90
C HIS F 15 -33.62 22.14 15.33
N ALA F 16 -32.48 21.92 15.94
CA ALA F 16 -32.11 20.58 16.40
C ALA F 16 -31.15 20.75 17.57
N PRO F 17 -31.20 19.84 18.54
CA PRO F 17 -30.33 19.89 19.73
C PRO F 17 -28.83 20.08 19.44
N THR F 18 -28.08 20.52 20.45
CA THR F 18 -26.65 20.70 20.27
C THR F 18 -25.96 19.36 20.00
N GLY F 19 -25.07 19.38 19.02
CA GLY F 19 -24.34 18.19 18.65
C GLY F 19 -25.06 17.25 17.68
N SER F 20 -26.28 17.60 17.27
CA SER F 20 -27.00 16.71 16.35
C SER F 20 -26.38 16.67 14.94
N GLY F 21 -25.71 17.75 14.54
CA GLY F 21 -25.06 17.78 13.23
C GLY F 21 -25.55 18.83 12.26
N LYS F 22 -26.13 19.91 12.77
CA LYS F 22 -26.66 20.97 11.93
C LYS F 22 -25.57 21.65 11.12
N SER F 23 -24.37 21.71 11.69
CA SER F 23 -23.26 22.38 11.02
C SER F 23 -22.36 21.47 10.22
N THR F 24 -22.61 20.15 10.29
CA THR F 24 -21.77 19.20 9.57
C THR F 24 -22.56 18.27 8.65
N LYS F 25 -23.41 17.43 9.22
CA LYS F 25 -24.19 16.50 8.41
C LYS F 25 -25.06 17.24 7.41
N VAL F 26 -25.89 18.14 7.90
CA VAL F 26 -26.79 18.90 7.04
C VAL F 26 -26.11 19.50 5.80
N PRO F 27 -25.09 20.37 5.99
CA PRO F 27 -24.46 20.95 4.80
C PRO F 27 -23.87 19.88 3.88
N ALA F 28 -23.49 18.75 4.44
CA ALA F 28 -22.93 17.68 3.62
C ALA F 28 -24.05 17.12 2.75
N ALA F 29 -25.17 16.76 3.39
CA ALA F 29 -26.31 16.21 2.65
C ALA F 29 -26.73 17.11 1.48
N TYR F 30 -26.65 18.43 1.66
CA TYR F 30 -27.02 19.35 0.59
C TYR F 30 -26.01 19.25 -0.54
N ALA F 31 -24.73 19.17 -0.18
CA ALA F 31 -23.68 19.08 -1.18
C ALA F 31 -23.89 17.79 -1.98
N ALA F 32 -24.30 16.74 -1.29
CA ALA F 32 -24.53 15.46 -1.94
C ALA F 32 -25.59 15.57 -3.04
N GLN F 33 -26.48 16.56 -2.93
CA GLN F 33 -27.52 16.73 -3.94
C GLN F 33 -27.04 17.64 -5.07
N GLY F 34 -25.74 17.90 -5.10
CA GLY F 34 -25.17 18.74 -6.14
C GLY F 34 -25.34 20.23 -5.93
N TYR F 35 -25.44 20.65 -4.67
CA TYR F 35 -25.61 22.05 -4.33
C TYR F 35 -24.33 22.67 -3.78
N LYS F 36 -24.16 23.97 -3.99
CA LYS F 36 -23.02 24.71 -3.45
C LYS F 36 -23.50 25.35 -2.15
N VAL F 37 -22.86 25.02 -1.04
CA VAL F 37 -23.29 25.54 0.26
C VAL F 37 -22.28 26.40 1.03
N LEU F 38 -22.78 27.52 1.58
CA LEU F 38 -21.97 28.42 2.40
C LEU F 38 -22.50 28.32 3.83
N VAL F 39 -21.61 28.07 4.78
CA VAL F 39 -22.00 27.96 6.19
C VAL F 39 -21.33 29.06 7.00
N LEU F 40 -22.14 29.99 7.49
CA LEU F 40 -21.63 31.11 8.29
C LEU F 40 -21.76 30.80 9.77
N ASN F 41 -20.65 30.89 10.50
CA ASN F 41 -20.64 30.60 11.92
C ASN F 41 -19.96 31.75 12.67
N PRO F 42 -20.48 32.11 13.85
CA PRO F 42 -19.84 33.21 14.57
C PRO F 42 -18.48 32.89 15.21
N SER F 43 -18.21 31.61 15.46
CA SER F 43 -16.96 31.19 16.09
C SER F 43 -15.77 30.90 15.17
N VAL F 44 -14.62 31.47 15.48
CA VAL F 44 -13.43 31.22 14.68
C VAL F 44 -12.94 29.82 15.04
N ALA F 45 -13.02 29.48 16.31
CA ALA F 45 -12.58 28.16 16.74
C ALA F 45 -13.43 27.07 16.09
N ALA F 46 -14.75 27.27 16.00
CA ALA F 46 -15.58 26.25 15.38
C ALA F 46 -15.33 26.14 13.86
N THR F 47 -15.30 27.28 13.19
CA THR F 47 -15.06 27.31 11.75
C THR F 47 -13.80 26.52 11.39
N LEU F 48 -12.66 26.86 12.01
CA LEU F 48 -11.43 26.14 11.72
C LEU F 48 -11.62 24.65 12.03
N GLY F 49 -12.40 24.37 13.07
CA GLY F 49 -12.66 23.01 13.49
C GLY F 49 -13.40 22.19 12.44
N PHE F 50 -14.27 22.82 11.66
CA PHE F 50 -15.00 22.10 10.64
C PHE F 50 -14.03 21.64 9.55
N GLY F 51 -12.99 22.42 9.31
CA GLY F 51 -12.02 22.06 8.29
C GLY F 51 -11.45 20.67 8.49
N ALA F 52 -10.82 20.47 9.63
CA ALA F 52 -10.23 19.18 9.97
C ALA F 52 -11.28 18.08 10.05
N TYR F 53 -12.34 18.31 10.82
CA TYR F 53 -13.36 17.28 11.00
C TYR F 53 -14.04 16.82 9.72
N MET F 54 -14.56 17.77 8.93
CA MET F 54 -15.23 17.41 7.70
C MET F 54 -14.28 16.61 6.80
N SER F 55 -12.99 16.88 6.97
CA SER F 55 -11.95 16.21 6.20
C SER F 55 -11.90 14.71 6.50
N LYS F 56 -11.59 14.36 7.75
CA LYS F 56 -11.47 12.95 8.12
C LYS F 56 -12.77 12.26 8.55
N ALA F 57 -13.92 12.92 8.38
CA ALA F 57 -15.15 12.25 8.80
C ALA F 57 -16.21 12.30 7.72
N HIS F 58 -15.99 13.16 6.72
CA HIS F 58 -16.94 13.27 5.64
C HIS F 58 -16.21 13.32 4.30
N GLY F 59 -14.92 13.02 4.35
CA GLY F 59 -14.09 13.02 3.15
C GLY F 59 -14.34 14.18 2.20
N ILE F 60 -14.28 15.40 2.72
CA ILE F 60 -14.50 16.56 1.90
C ILE F 60 -13.83 17.78 2.49
N ASP F 61 -12.71 18.19 1.90
CA ASP F 61 -11.99 19.36 2.41
C ASP F 61 -12.73 20.60 1.97
N PRO F 62 -13.43 21.24 2.91
CA PRO F 62 -14.16 22.44 2.54
C PRO F 62 -13.27 23.65 2.50
N ASN F 63 -13.80 24.71 1.90
CA ASN F 63 -13.11 25.97 1.83
C ASN F 63 -13.30 26.57 3.23
N ILE F 64 -12.25 27.22 3.74
CA ILE F 64 -12.33 27.83 5.05
C ILE F 64 -11.97 29.31 4.95
N ARG F 65 -12.79 30.15 5.55
CA ARG F 65 -12.55 31.60 5.55
C ARG F 65 -12.72 32.17 6.95
N THR F 66 -11.62 32.69 7.50
CA THR F 66 -11.60 33.33 8.83
C THR F 66 -10.52 34.38 8.79
N GLY F 67 -10.45 35.19 9.83
CA GLY F 67 -9.44 36.23 9.89
C GLY F 67 -8.05 35.65 9.97
N VAL F 68 -7.94 34.54 10.70
CA VAL F 68 -6.69 33.84 10.91
C VAL F 68 -6.23 32.99 9.72
N ARG F 69 -7.12 32.22 9.13
CA ARG F 69 -6.71 31.37 8.00
C ARG F 69 -7.70 31.32 6.85
N THR F 70 -7.19 30.98 5.67
CA THR F 70 -8.01 30.87 4.48
C THR F 70 -7.58 29.65 3.65
N ILE F 71 -8.51 28.77 3.31
CA ILE F 71 -8.17 27.60 2.50
C ILE F 71 -9.14 27.41 1.38
N THR F 72 -8.69 27.64 0.16
CA THR F 72 -9.55 27.46 -1.00
C THR F 72 -9.21 26.16 -1.70
N THR F 73 -10.05 25.17 -1.50
CA THR F 73 -9.87 23.86 -2.08
C THR F 73 -10.73 23.72 -3.33
N GLY F 74 -11.84 24.43 -3.35
CA GLY F 74 -12.74 24.35 -4.50
C GLY F 74 -13.90 23.41 -4.24
N ALA F 75 -14.03 22.93 -3.01
CA ALA F 75 -15.11 22.02 -2.65
C ALA F 75 -16.45 22.74 -2.72
N PRO F 76 -17.55 21.98 -2.76
CA PRO F 76 -18.90 22.56 -2.82
C PRO F 76 -19.40 23.12 -1.47
N ILE F 77 -18.58 23.02 -0.43
CA ILE F 77 -18.95 23.54 0.89
C ILE F 77 -17.92 24.56 1.35
N THR F 78 -18.40 25.67 1.90
CA THR F 78 -17.51 26.70 2.43
C THR F 78 -17.95 27.10 3.82
N TYR F 79 -17.01 27.09 4.76
CA TYR F 79 -17.26 27.47 6.13
C TYR F 79 -16.58 28.81 6.32
N SER F 80 -17.33 29.77 6.87
CA SER F 80 -16.79 31.10 7.10
C SER F 80 -17.38 31.72 8.36
N THR F 81 -16.62 32.60 9.00
CA THR F 81 -17.16 33.27 10.18
C THR F 81 -17.96 34.44 9.59
N TYR F 82 -18.91 34.95 10.39
CA TYR F 82 -19.70 36.08 9.94
C TYR F 82 -18.77 37.27 9.71
N GLY F 83 -17.80 37.42 10.60
CA GLY F 83 -16.86 38.52 10.48
C GLY F 83 -16.13 38.51 9.16
N LYS F 84 -15.58 37.35 8.79
CA LYS F 84 -14.85 37.24 7.54
C LYS F 84 -15.81 37.45 6.35
N PHE F 85 -17.05 37.00 6.51
CA PHE F 85 -18.05 37.16 5.46
C PHE F 85 -18.27 38.65 5.19
N LEU F 86 -18.43 39.44 6.25
CA LEU F 86 -18.65 40.87 6.10
C LEU F 86 -17.43 41.58 5.53
N ALA F 87 -16.25 41.23 6.01
CA ALA F 87 -15.03 41.86 5.52
C ALA F 87 -14.76 41.53 4.04
N ASP F 88 -15.43 40.52 3.49
CA ASP F 88 -15.21 40.16 2.08
C ASP F 88 -16.23 40.81 1.15
N GLY F 89 -17.11 41.64 1.71
CA GLY F 89 -18.11 42.30 0.88
C GLY F 89 -19.49 41.66 0.86
N GLY F 90 -19.66 40.57 1.59
CA GLY F 90 -20.95 39.91 1.61
C GLY F 90 -21.11 38.85 0.54
N CYS F 91 -22.33 38.74 0.01
CA CYS F 91 -22.63 37.74 -1.01
C CYS F 91 -21.99 37.95 -2.36
N SER F 92 -21.57 36.83 -2.96
CA SER F 92 -20.96 36.83 -4.27
C SER F 92 -22.00 36.42 -5.30
N GLY F 93 -21.90 36.99 -6.50
CA GLY F 93 -22.85 36.68 -7.56
C GLY F 93 -22.81 35.22 -7.99
N GLY F 94 -23.93 34.53 -7.78
CA GLY F 94 -24.03 33.12 -8.16
C GLY F 94 -22.93 32.27 -7.58
N ALA F 95 -22.49 32.62 -6.37
CA ALA F 95 -21.43 31.88 -5.69
C ALA F 95 -21.97 30.62 -4.98
N TYR F 96 -23.19 30.70 -4.46
CA TYR F 96 -23.80 29.59 -3.72
C TYR F 96 -25.31 29.40 -3.97
N ASP F 97 -25.78 28.17 -3.83
CA ASP F 97 -27.20 27.87 -4.02
C ASP F 97 -27.89 27.97 -2.67
N ILE F 98 -27.17 27.57 -1.63
CA ILE F 98 -27.71 27.60 -0.29
C ILE F 98 -26.74 28.30 0.67
N ILE F 99 -27.31 29.14 1.51
CA ILE F 99 -26.54 29.85 2.53
C ILE F 99 -27.18 29.45 3.85
N ILE F 100 -26.36 28.88 4.72
CA ILE F 100 -26.82 28.47 6.04
C ILE F 100 -26.29 29.43 7.09
N CYS F 101 -27.21 30.20 7.70
CA CYS F 101 -26.85 31.12 8.78
C CYS F 101 -26.86 30.32 10.07
N ASP F 102 -25.69 29.78 10.41
CA ASP F 102 -25.53 28.95 11.59
C ASP F 102 -25.54 29.77 12.88
N GLU F 103 -25.91 29.09 13.97
CA GLU F 103 -25.97 29.67 15.31
C GLU F 103 -26.68 31.03 15.31
N CYS F 104 -27.80 31.10 14.60
CA CYS F 104 -28.58 32.32 14.50
C CYS F 104 -29.24 32.76 15.80
N HIS F 105 -28.75 32.27 16.94
CA HIS F 105 -29.28 32.69 18.22
C HIS F 105 -28.31 33.75 18.75
N SER F 106 -27.11 33.80 18.16
CA SER F 106 -26.10 34.76 18.58
C SER F 106 -26.55 36.20 18.43
N THR F 107 -26.45 36.94 19.52
CA THR F 107 -26.86 38.33 19.49
C THR F 107 -25.69 39.30 19.52
N ASP F 108 -24.57 38.92 18.95
CA ASP F 108 -23.45 39.84 18.90
C ASP F 108 -23.60 40.63 17.60
N SER F 109 -23.16 41.87 17.60
CA SER F 109 -23.30 42.73 16.43
C SER F 109 -22.89 42.08 15.11
N THR F 110 -21.74 41.39 15.07
CA THR F 110 -21.27 40.76 13.84
C THR F 110 -22.23 39.69 13.28
N THR F 111 -22.78 38.86 14.16
CA THR F 111 -23.73 37.85 13.70
C THR F 111 -25.00 38.52 13.18
N ILE F 112 -25.51 39.51 13.93
CA ILE F 112 -26.72 40.23 13.53
C ILE F 112 -26.50 40.90 12.18
N LEU F 113 -25.41 41.63 12.05
CA LEU F 113 -25.04 42.32 10.82
C LEU F 113 -24.87 41.33 9.67
N GLY F 114 -24.26 40.19 9.98
CA GLY F 114 -24.02 39.17 8.98
C GLY F 114 -25.30 38.55 8.47
N ILE F 115 -26.15 38.10 9.38
CA ILE F 115 -27.42 37.49 8.98
C ILE F 115 -28.31 38.51 8.25
N GLY F 116 -28.27 39.77 8.67
CA GLY F 116 -29.07 40.77 8.01
C GLY F 116 -28.60 40.91 6.57
N THR F 117 -27.28 40.96 6.41
CA THR F 117 -26.66 41.07 5.11
C THR F 117 -27.15 39.93 4.23
N VAL F 118 -27.07 38.71 4.73
CA VAL F 118 -27.54 37.57 3.97
C VAL F 118 -29.00 37.74 3.57
N LEU F 119 -29.87 38.00 4.53
CA LEU F 119 -31.28 38.13 4.23
C LEU F 119 -31.60 39.27 3.28
N ASP F 120 -30.60 40.10 3.00
CA ASP F 120 -30.79 41.23 2.10
C ASP F 120 -30.15 41.07 0.71
N GLN F 121 -29.18 40.17 0.57
CA GLN F 121 -28.50 40.00 -0.70
C GLN F 121 -28.64 38.60 -1.29
N ALA F 122 -29.05 37.65 -0.46
CA ALA F 122 -29.18 36.26 -0.88
C ALA F 122 -29.91 36.01 -2.20
N GLU F 123 -31.18 36.40 -2.27
CA GLU F 123 -31.94 36.17 -3.48
C GLU F 123 -31.28 36.85 -4.69
N THR F 124 -30.96 38.13 -4.54
CA THR F 124 -30.32 38.89 -5.60
C THR F 124 -29.01 38.24 -6.04
N ALA F 125 -28.34 37.59 -5.10
CA ALA F 125 -27.07 36.92 -5.39
C ALA F 125 -27.29 35.60 -6.11
N GLY F 126 -28.54 35.15 -6.17
CA GLY F 126 -28.82 33.91 -6.87
C GLY F 126 -28.98 32.68 -6.01
N ALA F 127 -29.13 32.87 -4.72
CA ALA F 127 -29.29 31.75 -3.80
C ALA F 127 -30.75 31.33 -3.79
N ARG F 128 -30.98 30.04 -3.71
CA ARG F 128 -32.36 29.55 -3.70
C ARG F 128 -32.87 29.29 -2.29
N LEU F 129 -31.94 29.02 -1.38
CA LEU F 129 -32.32 28.72 -0.02
C LEU F 129 -31.43 29.31 1.08
N VAL F 130 -32.04 30.04 2.01
CA VAL F 130 -31.29 30.58 3.14
C VAL F 130 -31.82 29.81 4.33
N VAL F 131 -30.91 29.28 5.15
CA VAL F 131 -31.29 28.51 6.33
C VAL F 131 -30.83 29.14 7.63
N LEU F 132 -31.75 29.30 8.59
CA LEU F 132 -31.42 29.87 9.89
C LEU F 132 -31.36 28.69 10.87
N ALA F 133 -30.15 28.25 11.22
CA ALA F 133 -29.99 27.11 12.12
C ALA F 133 -29.53 27.43 13.54
N THR F 134 -30.07 26.70 14.52
CA THR F 134 -29.73 26.86 15.93
C THR F 134 -30.39 25.78 16.78
N ALA F 135 -29.81 25.54 17.94
CA ALA F 135 -30.38 24.53 18.85
C ALA F 135 -31.23 25.26 19.89
N THR F 136 -31.16 26.59 19.87
CA THR F 136 -31.91 27.38 20.84
C THR F 136 -32.62 28.56 20.20
N PRO F 137 -33.76 28.31 19.55
CA PRO F 137 -34.56 29.36 18.89
C PRO F 137 -35.04 30.43 19.86
N PRO F 138 -35.26 31.66 19.36
CA PRO F 138 -35.70 32.82 20.14
C PRO F 138 -36.51 32.56 21.42
N GLY F 139 -37.76 32.12 21.29
CA GLY F 139 -38.52 31.89 22.50
C GLY F 139 -38.52 30.44 22.92
N SER F 140 -37.38 29.93 23.39
CA SER F 140 -37.33 28.53 23.79
C SER F 140 -36.70 28.34 25.17
N VAL F 141 -37.21 27.36 25.89
CA VAL F 141 -36.74 27.06 27.23
C VAL F 141 -35.71 25.92 27.18
N THR F 142 -34.83 25.87 28.17
CA THR F 142 -33.82 24.83 28.22
C THR F 142 -34.49 23.47 28.36
N VAL F 143 -34.20 22.57 27.44
CA VAL F 143 -34.76 21.23 27.48
C VAL F 143 -33.65 20.22 27.76
N PRO F 144 -34.00 19.11 28.43
CA PRO F 144 -33.02 18.07 28.76
C PRO F 144 -32.30 17.52 27.54
N HIS F 145 -31.00 17.27 27.69
CA HIS F 145 -30.21 16.74 26.60
C HIS F 145 -29.90 15.28 26.93
N PRO F 146 -30.24 14.35 26.02
CA PRO F 146 -30.00 12.92 26.24
C PRO F 146 -28.58 12.46 26.58
N ASN F 147 -27.56 13.20 26.14
CA ASN F 147 -26.19 12.82 26.43
C ASN F 147 -25.56 13.51 27.62
N ILE F 148 -26.29 14.43 28.25
CA ILE F 148 -25.72 15.20 29.34
C ILE F 148 -26.34 15.08 30.74
N GLU F 149 -25.54 14.61 31.68
CA GLU F 149 -25.98 14.50 33.05
C GLU F 149 -25.66 15.86 33.70
N GLU F 150 -26.65 16.47 34.34
CA GLU F 150 -26.44 17.77 34.97
C GLU F 150 -26.28 17.63 36.47
N VAL F 151 -25.07 17.87 36.95
CA VAL F 151 -24.75 17.74 38.36
C VAL F 151 -24.33 19.07 38.96
N ALA F 152 -25.10 19.56 39.92
CA ALA F 152 -24.77 20.82 40.59
C ALA F 152 -23.46 20.66 41.38
N LEU F 153 -22.78 21.79 41.57
CA LEU F 153 -21.54 21.83 42.35
C LEU F 153 -21.95 22.18 43.78
N SER F 154 -21.09 21.83 44.75
CA SER F 154 -21.39 22.13 46.15
C SER F 154 -20.27 22.99 46.72
N SER F 155 -20.22 23.07 48.05
CA SER F 155 -19.19 23.87 48.71
C SER F 155 -17.95 23.00 48.97
N THR F 156 -18.08 21.69 48.75
CA THR F 156 -16.96 20.78 48.93
C THR F 156 -16.04 20.83 47.72
N GLY F 157 -14.76 21.06 47.97
CA GLY F 157 -13.83 21.14 46.88
C GLY F 157 -12.68 22.06 47.25
N GLU F 158 -11.51 21.77 46.71
CA GLU F 158 -10.33 22.55 47.02
C GLU F 158 -10.18 23.81 46.15
N ILE F 159 -10.94 23.86 45.06
CA ILE F 159 -10.85 25.02 44.17
C ILE F 159 -12.08 25.88 44.28
N PRO F 160 -11.92 27.12 44.76
CA PRO F 160 -13.04 28.06 44.91
C PRO F 160 -13.59 28.42 43.53
N PHE F 161 -14.91 28.53 43.42
CA PHE F 161 -15.50 28.84 42.12
C PHE F 161 -16.85 29.52 42.24
N TYR F 162 -16.86 30.82 42.01
CA TYR F 162 -18.09 31.62 42.06
C TYR F 162 -19.01 31.30 43.22
N GLY F 163 -18.45 31.19 44.41
CA GLY F 163 -19.27 30.90 45.56
C GLY F 163 -19.33 29.44 45.94
N LYS F 164 -19.11 28.56 44.97
CA LYS F 164 -19.12 27.12 45.20
C LYS F 164 -17.69 26.61 45.12
N ALA F 165 -17.51 25.33 44.83
CA ALA F 165 -16.17 24.77 44.73
C ALA F 165 -16.09 23.61 43.74
N ILE F 166 -14.90 23.41 43.20
CA ILE F 166 -14.70 22.34 42.25
C ILE F 166 -13.77 21.30 42.88
N PRO F 167 -14.24 20.04 42.97
CA PRO F 167 -13.41 18.98 43.54
C PRO F 167 -12.36 18.56 42.51
N ILE F 168 -11.10 18.51 42.92
CA ILE F 168 -10.03 18.14 42.00
C ILE F 168 -10.26 16.81 41.28
N GLU F 169 -10.71 15.78 42.00
CA GLU F 169 -10.91 14.50 41.35
C GLU F 169 -11.97 14.56 40.25
N THR F 170 -12.64 15.70 40.16
CA THR F 170 -13.68 15.88 39.16
C THR F 170 -13.12 16.31 37.81
N ILE F 171 -11.88 16.80 37.82
CA ILE F 171 -11.22 17.28 36.59
C ILE F 171 -9.80 16.74 36.46
N LYS F 172 -9.40 15.85 37.37
CA LYS F 172 -8.07 15.23 37.35
C LYS F 172 -8.07 14.07 36.37
N GLY F 173 -7.65 14.34 35.14
CA GLY F 173 -7.64 13.32 34.13
C GLY F 173 -8.86 13.52 33.25
N GLY F 174 -8.67 13.39 31.94
CA GLY F 174 -9.77 13.57 31.02
C GLY F 174 -9.75 14.97 30.44
N ARG F 175 -10.73 15.27 29.58
CA ARG F 175 -10.81 16.58 28.96
C ARG F 175 -12.00 17.33 29.54
N HIS F 176 -11.76 18.57 29.99
CA HIS F 176 -12.78 19.39 30.62
C HIS F 176 -12.74 20.85 30.21
N LEU F 177 -13.92 21.46 30.13
CA LEU F 177 -14.04 22.86 29.76
C LEU F 177 -14.69 23.67 30.89
N ILE F 178 -14.02 24.71 31.34
CA ILE F 178 -14.59 25.54 32.41
C ILE F 178 -14.88 26.95 31.94
N PHE F 179 -16.15 27.33 32.02
CA PHE F 179 -16.57 28.66 31.61
C PHE F 179 -16.48 29.71 32.72
N CYS F 180 -15.79 30.81 32.40
CA CYS F 180 -15.64 31.93 33.32
C CYS F 180 -16.09 33.18 32.58
N HIS F 181 -16.87 34.02 33.26
CA HIS F 181 -17.38 35.22 32.65
C HIS F 181 -16.35 36.26 32.15
N SER F 182 -15.11 36.22 32.64
CA SER F 182 -14.12 37.21 32.20
C SER F 182 -12.73 36.64 31.97
N LYS F 183 -11.92 37.29 31.15
CA LYS F 183 -10.57 36.80 30.88
C LYS F 183 -9.72 36.78 32.14
N LYS F 184 -9.93 37.76 33.00
CA LYS F 184 -9.18 37.86 34.23
C LYS F 184 -9.33 36.57 35.05
N LYS F 185 -10.57 36.11 35.25
CA LYS F 185 -10.73 34.88 36.01
C LYS F 185 -10.17 33.68 35.25
N CYS F 186 -10.31 33.68 33.93
CA CYS F 186 -9.79 32.58 33.14
C CYS F 186 -8.31 32.40 33.41
N ASP F 187 -7.60 33.52 33.49
CA ASP F 187 -6.18 33.53 33.74
C ASP F 187 -5.82 33.01 35.13
N GLU F 188 -6.49 33.54 36.15
CA GLU F 188 -6.25 33.13 37.52
C GLU F 188 -6.56 31.65 37.72
N LEU F 189 -7.75 31.23 37.29
CA LEU F 189 -8.15 29.83 37.45
C LEU F 189 -7.15 28.90 36.76
N ALA F 190 -6.87 29.15 35.49
CA ALA F 190 -5.94 28.32 34.75
C ALA F 190 -4.63 28.20 35.55
N ALA F 191 -4.19 29.33 36.11
CA ALA F 191 -2.96 29.35 36.89
C ALA F 191 -3.14 28.46 38.10
N LYS F 192 -4.18 28.75 38.88
CA LYS F 192 -4.47 27.99 40.08
C LYS F 192 -4.39 26.49 39.77
N LEU F 193 -5.00 26.07 38.66
CA LEU F 193 -5.01 24.67 38.28
C LEU F 193 -3.64 24.15 37.85
N SER F 194 -2.92 24.92 37.04
CA SER F 194 -1.60 24.47 36.59
C SER F 194 -0.69 24.28 37.80
N GLY F 195 -0.83 25.19 38.77
CA GLY F 195 -0.04 25.10 39.97
C GLY F 195 -0.58 24.04 40.90
N LEU F 196 -1.12 22.97 40.33
CA LEU F 196 -1.69 21.88 41.10
C LEU F 196 -1.24 20.57 40.47
N GLY F 197 -0.71 20.67 39.25
CA GLY F 197 -0.25 19.49 38.53
C GLY F 197 -1.17 19.11 37.39
N LEU F 198 -2.09 20.02 37.06
CA LEU F 198 -3.03 19.76 35.97
C LEU F 198 -2.64 20.48 34.70
N ASN F 199 -2.90 19.84 33.56
CA ASN F 199 -2.59 20.45 32.29
C ASN F 199 -3.72 21.45 31.97
N ALA F 200 -3.60 22.67 32.51
CA ALA F 200 -4.61 23.69 32.29
C ALA F 200 -4.17 24.77 31.31
N VAL F 201 -5.14 25.31 30.59
CA VAL F 201 -4.88 26.37 29.62
C VAL F 201 -6.08 27.29 29.53
N ALA F 202 -5.84 28.58 29.31
CA ALA F 202 -6.93 29.55 29.21
C ALA F 202 -7.14 29.94 27.74
N TYR F 203 -8.38 30.27 27.39
CA TYR F 203 -8.69 30.65 26.02
C TYR F 203 -9.82 31.67 25.91
N TYR F 204 -9.59 32.68 25.08
CA TYR F 204 -10.59 33.74 24.83
C TYR F 204 -10.21 34.52 23.58
N ARG F 205 -11.10 35.41 23.16
CA ARG F 205 -10.86 36.23 21.99
C ARG F 205 -9.50 36.91 22.14
N GLY F 206 -8.60 36.64 21.21
CA GLY F 206 -7.29 37.25 21.28
C GLY F 206 -6.18 36.22 21.34
N LEU F 207 -6.44 35.08 21.97
CA LEU F 207 -5.43 34.04 22.05
C LEU F 207 -5.53 33.17 20.79
N ASP F 208 -4.61 32.21 20.63
CA ASP F 208 -4.60 31.34 19.46
C ASP F 208 -5.22 29.97 19.73
N VAL F 209 -6.17 29.59 18.87
CA VAL F 209 -6.87 28.31 19.00
C VAL F 209 -5.97 27.09 19.17
N SER F 210 -4.70 27.24 18.81
CA SER F 210 -3.74 26.15 18.91
C SER F 210 -3.44 25.77 20.35
N VAL F 211 -3.71 26.68 21.28
CA VAL F 211 -3.47 26.43 22.69
C VAL F 211 -4.28 25.23 23.18
N ILE F 212 -5.33 24.87 22.45
CA ILE F 212 -6.15 23.74 22.86
C ILE F 212 -5.71 22.45 22.17
N PRO F 213 -5.10 21.53 22.93
CA PRO F 213 -4.66 20.25 22.36
C PRO F 213 -5.79 19.44 21.74
N THR F 214 -5.51 18.78 20.61
CA THR F 214 -6.50 17.97 19.92
C THR F 214 -6.88 16.76 20.77
N SER F 215 -5.94 16.31 21.59
CA SER F 215 -6.22 15.16 22.44
C SER F 215 -5.37 15.20 23.70
N GLY F 216 -5.58 14.20 24.56
CA GLY F 216 -4.85 14.13 25.81
C GLY F 216 -5.64 14.86 26.90
N ASP F 217 -5.33 14.57 28.16
CA ASP F 217 -6.01 15.22 29.26
C ASP F 217 -5.74 16.73 29.16
N VAL F 218 -6.77 17.53 29.43
CA VAL F 218 -6.64 18.98 29.41
C VAL F 218 -7.82 19.65 30.07
N ILE F 219 -7.57 20.82 30.63
CA ILE F 219 -8.61 21.60 31.26
C ILE F 219 -8.51 22.97 30.66
N VAL F 220 -9.52 23.32 29.87
CA VAL F 220 -9.59 24.60 29.22
C VAL F 220 -10.49 25.55 30.00
N VAL F 221 -9.99 26.73 30.35
CA VAL F 221 -10.77 27.73 31.07
C VAL F 221 -11.01 28.84 30.06
N ALA F 222 -12.26 29.03 29.67
CA ALA F 222 -12.55 30.02 28.64
C ALA F 222 -13.79 30.86 28.86
N THR F 223 -13.93 31.88 28.01
CA THR F 223 -15.08 32.76 28.03
C THR F 223 -16.07 32.26 26.98
N ASP F 224 -17.08 33.06 26.68
CA ASP F 224 -18.05 32.66 25.68
C ASP F 224 -17.42 32.49 24.29
N ALA F 225 -16.09 32.57 24.23
CA ALA F 225 -15.37 32.40 22.99
C ALA F 225 -15.60 30.96 22.53
N LEU F 226 -15.79 30.06 23.49
CA LEU F 226 -16.03 28.65 23.18
C LEU F 226 -17.48 28.28 23.51
N MET F 227 -18.38 29.26 23.46
CA MET F 227 -19.75 28.97 23.81
C MET F 227 -20.56 28.29 22.72
N THR F 228 -20.38 28.70 21.48
CA THR F 228 -21.17 28.13 20.40
C THR F 228 -20.38 27.48 19.28
N GLY F 229 -21.00 26.48 18.67
CA GLY F 229 -20.41 25.80 17.53
C GLY F 229 -19.25 24.85 17.76
N PHE F 230 -18.37 25.21 18.67
CA PHE F 230 -17.18 24.42 18.95
C PHE F 230 -17.34 23.03 19.54
N THR F 231 -16.52 22.09 19.08
CA THR F 231 -16.50 20.72 19.57
C THR F 231 -15.07 20.48 20.02
N GLY F 232 -14.88 20.26 21.32
CA GLY F 232 -13.54 20.03 21.83
C GLY F 232 -13.39 18.66 22.45
N ASP F 233 -14.38 17.79 22.24
CA ASP F 233 -14.36 16.44 22.80
C ASP F 233 -14.20 16.47 24.32
N PHE F 234 -15.00 17.29 24.99
CA PHE F 234 -14.90 17.40 26.44
C PHE F 234 -15.73 16.36 27.19
N ASP F 235 -15.17 15.78 28.24
CA ASP F 235 -15.92 14.80 29.01
C ASP F 235 -16.91 15.55 29.91
N SER F 236 -16.60 16.80 30.24
CA SER F 236 -17.49 17.59 31.10
C SER F 236 -17.36 19.09 30.87
N VAL F 237 -18.33 19.82 31.41
CA VAL F 237 -18.35 21.28 31.34
C VAL F 237 -18.76 21.79 32.72
N ILE F 238 -18.09 22.83 33.18
CA ILE F 238 -18.37 23.46 34.46
C ILE F 238 -18.67 24.89 34.08
N ASP F 239 -19.88 25.32 34.42
CA ASP F 239 -20.40 26.63 34.06
C ASP F 239 -20.65 27.55 35.27
N CYS F 240 -20.08 28.76 35.22
CA CYS F 240 -20.24 29.75 36.29
C CYS F 240 -21.65 30.33 36.24
N ASN F 241 -22.33 30.10 35.13
CA ASN F 241 -23.70 30.57 34.97
C ASN F 241 -23.86 32.09 34.92
N THR F 242 -22.75 32.80 34.84
CA THR F 242 -22.83 34.27 34.74
C THR F 242 -22.24 34.69 33.39
N CYS F 243 -22.65 35.85 32.90
CA CYS F 243 -22.15 36.37 31.63
C CYS F 243 -22.04 37.88 31.64
N VAL F 244 -21.25 38.42 30.74
CA VAL F 244 -21.07 39.87 30.63
C VAL F 244 -21.96 40.37 29.50
N THR F 245 -22.76 41.39 29.77
CA THR F 245 -23.65 41.97 28.78
C THR F 245 -23.54 43.48 28.81
N GLN F 246 -24.17 44.13 27.84
CA GLN F 246 -24.14 45.58 27.76
C GLN F 246 -25.52 46.14 27.68
N THR F 247 -25.70 47.33 28.24
CA THR F 247 -27.00 47.96 28.23
C THR F 247 -26.84 49.43 27.88
N VAL F 248 -27.87 50.00 27.31
CA VAL F 248 -27.81 51.41 26.98
C VAL F 248 -28.87 52.11 27.80
N ASP F 249 -28.47 53.21 28.41
CA ASP F 249 -29.39 54.00 29.21
C ASP F 249 -29.45 55.42 28.67
N PHE F 250 -30.65 55.85 28.30
CA PHE F 250 -30.86 57.18 27.77
C PHE F 250 -31.08 58.12 28.96
N SER F 251 -30.00 58.35 29.71
CA SER F 251 -29.98 59.18 30.90
C SER F 251 -29.91 60.68 30.69
N LEU F 252 -29.90 61.11 29.43
CA LEU F 252 -29.84 62.53 29.08
C LEU F 252 -28.91 63.33 30.00
N ASP F 253 -27.68 62.87 30.16
CA ASP F 253 -26.73 63.53 31.06
C ASP F 253 -25.32 63.55 30.49
N PRO F 254 -25.13 64.14 29.30
CA PRO F 254 -26.14 64.79 28.47
C PRO F 254 -26.94 63.93 27.50
N THR F 255 -26.35 62.82 27.06
CA THR F 255 -27.02 61.95 26.06
C THR F 255 -27.39 60.56 26.55
N PHE F 256 -26.61 59.54 26.19
CA PHE F 256 -26.91 58.19 26.65
C PHE F 256 -25.71 57.63 27.39
N THR F 257 -25.90 56.47 27.99
CA THR F 257 -24.83 55.82 28.74
C THR F 257 -24.81 54.36 28.37
N ILE F 258 -23.63 53.86 28.04
CA ILE F 258 -23.51 52.45 27.72
C ILE F 258 -22.76 51.83 28.86
N GLU F 259 -23.46 50.95 29.57
CA GLU F 259 -22.91 50.28 30.73
C GLU F 259 -22.75 48.79 30.53
N THR F 260 -21.59 48.29 30.94
CA THR F 260 -21.31 46.88 30.86
C THR F 260 -21.62 46.31 32.24
N THR F 261 -22.37 45.22 32.28
CA THR F 261 -22.73 44.59 33.55
C THR F 261 -22.58 43.07 33.50
N THR F 262 -22.36 42.47 34.66
CA THR F 262 -22.23 41.01 34.79
C THR F 262 -23.57 40.51 35.34
N VAL F 263 -24.24 39.65 34.60
CA VAL F 263 -25.53 39.14 35.03
C VAL F 263 -25.69 37.63 34.87
N PRO F 264 -26.82 37.07 35.33
CA PRO F 264 -27.09 35.64 35.23
C PRO F 264 -27.33 35.27 33.77
N GLN F 265 -26.79 34.13 33.33
CA GLN F 265 -26.94 33.72 31.94
C GLN F 265 -28.42 33.42 31.64
N ASP F 266 -28.77 33.59 30.37
CA ASP F 266 -30.12 33.31 29.91
C ASP F 266 -30.14 31.86 29.42
N ALA F 267 -31.33 31.41 29.04
CA ALA F 267 -31.52 30.05 28.56
C ALA F 267 -30.59 29.71 27.40
N VAL F 268 -30.54 30.58 26.40
CA VAL F 268 -29.69 30.33 25.25
C VAL F 268 -28.27 30.01 25.71
N SER F 269 -27.70 30.88 26.54
CA SER F 269 -26.35 30.68 27.05
C SER F 269 -26.18 29.35 27.79
N ARG F 270 -27.14 29.01 28.65
CA ARG F 270 -27.03 27.77 29.42
C ARG F 270 -27.03 26.55 28.53
N SER F 271 -27.94 26.52 27.56
CA SER F 271 -28.01 25.39 26.65
C SER F 271 -26.79 25.30 25.73
N GLN F 272 -26.32 26.43 25.25
CA GLN F 272 -25.15 26.42 24.38
C GLN F 272 -23.90 26.02 25.16
N ARG F 273 -23.68 26.62 26.33
CA ARG F 273 -22.50 26.26 27.12
C ARG F 273 -22.55 24.80 27.52
N ARG F 274 -23.72 24.35 27.92
CA ARG F 274 -23.88 22.97 28.31
C ARG F 274 -23.55 22.11 27.08
N GLY F 275 -24.04 22.56 25.93
CA GLY F 275 -23.83 21.86 24.68
C GLY F 275 -22.38 21.67 24.23
N ARG F 276 -21.39 22.15 24.98
CA ARG F 276 -20.02 21.96 24.55
C ARG F 276 -19.58 20.53 24.88
N THR F 277 -20.32 19.87 25.76
CA THR F 277 -20.02 18.50 26.14
C THR F 277 -21.18 17.68 25.60
N GLY F 278 -21.10 16.35 25.73
CA GLY F 278 -22.17 15.50 25.25
C GLY F 278 -22.38 15.58 23.75
N ARG F 279 -21.28 15.69 23.02
CA ARG F 279 -21.33 15.79 21.57
C ARG F 279 -20.85 14.47 20.93
N GLY F 280 -21.81 13.58 20.66
CA GLY F 280 -21.46 12.30 20.08
C GLY F 280 -21.13 11.28 21.15
N ARG F 281 -21.43 11.60 22.40
CA ARG F 281 -21.19 10.69 23.52
C ARG F 281 -21.65 11.32 24.81
N MET F 282 -21.88 10.52 25.84
CA MET F 282 -22.36 11.06 27.11
C MET F 282 -21.34 12.01 27.75
N GLY F 283 -21.87 13.00 28.47
CA GLY F 283 -21.05 13.99 29.12
C GLY F 283 -21.69 14.51 30.39
N ILE F 284 -20.90 15.23 31.18
CA ILE F 284 -21.38 15.78 32.42
C ILE F 284 -21.36 17.31 32.37
N TYR F 285 -22.35 17.93 33.02
CA TYR F 285 -22.44 19.37 33.07
C TYR F 285 -22.60 19.77 34.55
N ARG F 286 -21.61 20.50 35.07
CA ARG F 286 -21.68 20.96 36.46
C ARG F 286 -21.90 22.46 36.45
N PHE F 287 -22.78 22.93 37.33
CA PHE F 287 -23.12 24.34 37.40
C PHE F 287 -23.12 24.89 38.84
N VAL F 288 -23.09 26.21 38.93
CA VAL F 288 -23.09 26.93 40.19
C VAL F 288 -24.53 27.27 40.59
N THR F 289 -25.26 27.90 39.67
CA THR F 289 -26.65 28.28 39.91
C THR F 289 -27.59 27.60 38.95
N PRO F 290 -28.75 27.17 39.45
CA PRO F 290 -29.71 26.50 38.58
C PRO F 290 -30.55 27.53 37.84
N GLY F 291 -31.47 27.05 37.01
CA GLY F 291 -32.36 27.95 36.28
C GLY F 291 -31.67 29.03 35.49
N GLU F 292 -32.48 29.92 34.92
CA GLU F 292 -31.98 31.01 34.09
C GLU F 292 -33.10 31.91 33.61
N ARG F 293 -32.73 33.04 33.00
CA ARG F 293 -33.72 33.98 32.46
C ARG F 293 -34.08 33.68 31.01
N PRO F 294 -35.31 34.02 30.60
CA PRO F 294 -35.78 33.78 29.23
C PRO F 294 -35.02 34.59 28.19
N SER F 295 -35.06 34.12 26.95
CA SER F 295 -34.37 34.78 25.84
C SER F 295 -35.38 35.30 24.82
N GLY F 296 -34.91 35.56 23.60
CA GLY F 296 -35.80 36.04 22.57
C GLY F 296 -35.71 37.53 22.28
N MET F 297 -35.19 38.30 23.25
CA MET F 297 -35.06 39.74 23.05
C MET F 297 -33.68 40.28 23.46
N PHE F 298 -33.14 41.21 22.69
CA PHE F 298 -31.84 41.78 23.04
C PHE F 298 -31.88 43.30 23.16
N ASP F 299 -30.97 43.87 23.95
CA ASP F 299 -30.95 45.30 24.18
C ASP F 299 -30.57 46.17 23.00
N SER F 300 -31.16 47.36 22.98
CA SER F 300 -30.92 48.34 21.94
C SER F 300 -29.42 48.64 21.80
N SER F 301 -28.64 48.31 22.83
CA SER F 301 -27.20 48.54 22.78
C SER F 301 -26.55 47.68 21.71
N VAL F 302 -27.17 46.55 21.41
CA VAL F 302 -26.63 45.68 20.37
C VAL F 302 -26.73 46.41 19.03
N LEU F 303 -27.85 47.07 18.76
CA LEU F 303 -27.97 47.82 17.51
C LEU F 303 -26.88 48.87 17.46
N CYS F 304 -26.70 49.60 18.55
CA CYS F 304 -25.66 50.63 18.60
C CYS F 304 -24.33 49.99 18.21
N GLU F 305 -24.09 48.82 18.77
CA GLU F 305 -22.86 48.08 18.51
C GLU F 305 -22.72 47.74 17.00
N CYS F 306 -23.82 47.41 16.32
CA CYS F 306 -23.76 47.11 14.88
C CYS F 306 -23.29 48.30 14.04
N TYR F 307 -23.84 49.48 14.30
CA TYR F 307 -23.46 50.66 13.55
C TYR F 307 -22.00 50.91 13.78
N ASP F 308 -21.59 50.83 15.05
CA ASP F 308 -20.20 51.05 15.43
C ASP F 308 -19.27 50.06 14.68
N ALA F 309 -19.67 48.79 14.58
CA ALA F 309 -18.87 47.78 13.90
C ALA F 309 -18.84 48.06 12.40
N GLY F 310 -20.01 48.45 11.87
CA GLY F 310 -20.12 48.78 10.47
C GLY F 310 -19.15 49.88 10.11
N CYS F 311 -19.07 50.90 10.96
CA CYS F 311 -18.19 52.02 10.72
C CYS F 311 -16.74 51.73 10.99
N ALA F 312 -16.47 50.93 12.01
CA ALA F 312 -15.09 50.65 12.36
C ALA F 312 -14.43 49.47 11.66
N TRP F 313 -15.20 48.43 11.34
CA TRP F 313 -14.61 47.25 10.72
C TRP F 313 -15.03 46.86 9.30
N TYR F 314 -16.31 47.07 8.96
CA TYR F 314 -16.78 46.63 7.67
C TYR F 314 -17.06 47.65 6.58
N GLU F 315 -16.48 48.83 6.72
CA GLU F 315 -16.64 49.92 5.77
C GLU F 315 -18.09 50.08 5.30
N LEU F 316 -19.01 50.08 6.25
CA LEU F 316 -20.43 50.23 5.96
C LEU F 316 -20.90 51.58 6.50
N THR F 317 -21.64 52.31 5.67
CA THR F 317 -22.17 53.60 6.09
C THR F 317 -23.39 53.31 6.96
N PRO F 318 -23.71 54.21 7.89
CA PRO F 318 -24.86 54.01 8.76
C PRO F 318 -26.08 53.60 7.94
N ALA F 319 -26.30 54.29 6.82
CA ALA F 319 -27.45 54.00 5.96
C ALA F 319 -27.42 52.55 5.48
N GLU F 320 -26.23 52.11 5.08
CA GLU F 320 -26.06 50.75 4.59
C GLU F 320 -26.31 49.74 5.72
N THR F 321 -25.85 50.07 6.92
CA THR F 321 -26.06 49.21 8.08
C THR F 321 -27.55 49.08 8.36
N SER F 322 -28.30 50.18 8.21
CA SER F 322 -29.75 50.19 8.45
C SER F 322 -30.47 49.22 7.53
N VAL F 323 -30.08 49.22 6.27
CA VAL F 323 -30.72 48.35 5.30
C VAL F 323 -30.54 46.90 5.71
N ARG F 324 -29.40 46.58 6.30
CA ARG F 324 -29.15 45.21 6.72
C ARG F 324 -29.85 44.81 8.01
N LEU F 325 -29.87 45.72 9.00
CA LEU F 325 -30.53 45.43 10.27
C LEU F 325 -32.04 45.34 10.05
N ARG F 326 -32.52 46.12 9.08
CA ARG F 326 -33.94 46.15 8.76
C ARG F 326 -34.37 44.77 8.25
N ALA F 327 -33.54 44.19 7.39
CA ALA F 327 -33.86 42.88 6.85
C ALA F 327 -33.94 41.87 7.98
N TYR F 328 -33.04 42.02 8.97
CA TYR F 328 -33.00 41.14 10.12
C TYR F 328 -34.26 41.29 10.98
N LEU F 329 -34.52 42.50 11.44
CA LEU F 329 -35.69 42.77 12.27
C LEU F 329 -37.03 42.44 11.61
N ASN F 330 -37.06 42.43 10.28
CA ASN F 330 -38.31 42.13 9.57
C ASN F 330 -38.49 40.65 9.25
N THR F 331 -37.52 39.83 9.61
CA THR F 331 -37.60 38.40 9.35
C THR F 331 -38.07 37.64 10.58
N PRO F 332 -39.19 36.93 10.45
CA PRO F 332 -39.77 36.14 11.55
C PRO F 332 -38.88 34.97 11.98
N GLY F 333 -38.91 34.66 13.27
CA GLY F 333 -38.13 33.54 13.79
C GLY F 333 -36.78 33.87 14.38
N LEU F 334 -36.44 35.15 14.39
CA LEU F 334 -35.18 35.60 14.94
C LEU F 334 -35.40 36.36 16.23
N PRO F 335 -34.31 36.68 16.94
CA PRO F 335 -34.44 37.44 18.18
C PRO F 335 -34.98 38.84 17.87
N VAL F 336 -35.90 39.33 18.69
CA VAL F 336 -36.47 40.67 18.47
C VAL F 336 -35.79 41.74 19.32
N CYS F 337 -36.01 42.99 18.94
CA CYS F 337 -35.40 44.09 19.65
C CYS F 337 -36.13 45.38 19.30
N GLN F 338 -36.13 46.35 20.20
CA GLN F 338 -36.79 47.65 19.98
C GLN F 338 -36.29 48.25 18.65
N ASP F 339 -37.20 48.76 17.84
CA ASP F 339 -36.80 49.35 16.57
C ASP F 339 -36.23 50.75 16.77
N HIS F 340 -34.93 50.82 17.00
CA HIS F 340 -34.24 52.09 17.21
C HIS F 340 -33.27 52.41 16.09
N LEU F 341 -33.46 51.76 14.94
CA LEU F 341 -32.58 51.96 13.79
C LEU F 341 -32.44 53.44 13.43
N GLU F 342 -33.57 54.10 13.17
CA GLU F 342 -33.55 55.52 12.83
C GLU F 342 -32.69 56.29 13.81
N PHE F 343 -32.97 56.13 15.09
CA PHE F 343 -32.22 56.83 16.09
C PHE F 343 -30.71 56.56 15.97
N TRP F 344 -30.30 55.31 16.11
CA TRP F 344 -28.87 55.00 16.03
C TRP F 344 -28.24 55.44 14.72
N GLU F 345 -28.96 55.28 13.62
CA GLU F 345 -28.44 55.70 12.32
C GLU F 345 -28.18 57.21 12.32
N SER F 346 -29.12 58.00 12.83
CA SER F 346 -28.91 59.44 12.85
C SER F 346 -27.75 59.81 13.78
N VAL F 347 -27.55 59.03 14.83
CA VAL F 347 -26.44 59.31 15.74
C VAL F 347 -25.12 59.14 15.02
N PHE F 348 -24.87 57.95 14.48
CA PHE F 348 -23.60 57.72 13.80
C PHE F 348 -23.39 58.55 12.56
N THR F 349 -24.47 58.92 11.88
CA THR F 349 -24.34 59.75 10.69
C THR F 349 -23.65 61.08 11.02
N GLY F 350 -23.78 61.51 12.27
CA GLY F 350 -23.14 62.75 12.68
C GLY F 350 -21.66 62.62 13.01
N LEU F 351 -21.23 61.43 13.41
CA LEU F 351 -19.82 61.21 13.79
C LEU F 351 -18.91 61.05 12.56
N THR F 352 -18.48 62.18 11.98
CA THR F 352 -17.64 62.12 10.79
C THR F 352 -16.23 62.65 11.01
N HIS F 353 -15.33 62.26 10.12
CA HIS F 353 -13.96 62.72 10.20
C HIS F 353 -13.29 62.30 11.50
N ILE F 354 -13.42 61.03 11.84
CA ILE F 354 -12.80 60.51 13.05
C ILE F 354 -11.28 60.41 12.82
N ASP F 355 -10.50 60.49 13.89
CA ASP F 355 -9.05 60.35 13.72
C ASP F 355 -8.68 58.87 13.49
N ALA F 356 -8.15 58.58 12.30
CA ALA F 356 -7.77 57.21 11.93
C ALA F 356 -6.80 56.57 12.89
N HIS F 357 -5.85 57.37 13.37
CA HIS F 357 -4.86 56.88 14.30
C HIS F 357 -5.50 56.40 15.61
N PHE F 358 -6.54 57.11 16.05
CA PHE F 358 -7.26 56.76 17.28
C PHE F 358 -8.14 55.53 17.04
N LEU F 359 -8.83 55.51 15.90
CA LEU F 359 -9.72 54.40 15.58
C LEU F 359 -8.89 53.14 15.57
N SER F 360 -7.79 53.21 14.83
CA SER F 360 -6.91 52.08 14.71
C SER F 360 -6.50 51.58 16.09
N GLN F 361 -6.17 52.48 17.00
CA GLN F 361 -5.75 52.09 18.33
C GLN F 361 -6.81 51.40 19.19
N THR F 362 -8.06 51.88 19.11
CA THR F 362 -9.11 51.28 19.92
C THR F 362 -9.53 49.93 19.34
N LYS F 363 -9.34 49.74 18.03
CA LYS F 363 -9.68 48.46 17.43
C LYS F 363 -8.69 47.40 17.89
N GLN F 364 -7.41 47.75 17.81
CA GLN F 364 -6.36 46.83 18.21
C GLN F 364 -6.30 46.58 19.70
N ALA F 365 -6.94 47.44 20.46
CA ALA F 365 -6.94 47.28 21.91
C ALA F 365 -8.10 46.39 22.32
N GLY F 366 -8.98 46.08 21.38
CA GLY F 366 -10.13 45.24 21.68
C GLY F 366 -11.26 45.97 22.41
N ASP F 367 -11.19 47.30 22.47
CA ASP F 367 -12.22 48.10 23.15
C ASP F 367 -13.60 47.84 22.58
N ASN F 368 -14.62 47.90 23.45
CA ASN F 368 -15.99 47.73 23.02
C ASN F 368 -16.33 49.08 22.41
N PHE F 369 -17.17 49.11 21.38
CA PHE F 369 -17.52 50.37 20.75
C PHE F 369 -16.25 51.15 20.39
N PRO F 370 -15.34 50.54 19.63
CA PRO F 370 -14.11 51.26 19.26
C PRO F 370 -14.35 52.57 18.53
N TYR F 371 -15.40 52.62 17.73
CA TYR F 371 -15.67 53.86 17.01
C TYR F 371 -16.08 54.99 17.98
N LEU F 372 -17.06 54.73 18.84
CA LEU F 372 -17.48 55.76 19.80
C LEU F 372 -16.33 56.18 20.69
N VAL F 373 -15.54 55.23 21.17
CA VAL F 373 -14.41 55.59 22.02
C VAL F 373 -13.48 56.53 21.25
N ALA F 374 -13.03 56.07 20.09
CA ALA F 374 -12.13 56.88 19.27
C ALA F 374 -12.75 58.20 18.86
N TYR F 375 -14.05 58.24 18.60
CA TYR F 375 -14.62 59.51 18.19
C TYR F 375 -14.53 60.54 19.32
N GLN F 376 -14.83 60.10 20.54
CA GLN F 376 -14.76 60.97 21.71
C GLN F 376 -13.31 61.44 21.90
N ALA F 377 -12.37 60.56 21.59
CA ALA F 377 -10.96 60.93 21.73
C ALA F 377 -10.64 62.02 20.72
N THR F 378 -11.18 61.86 19.51
CA THR F 378 -10.98 62.81 18.42
C THR F 378 -11.47 64.19 18.78
N VAL F 379 -12.70 64.22 19.28
CA VAL F 379 -13.31 65.47 19.65
C VAL F 379 -12.48 66.17 20.73
N CYS F 380 -12.06 65.40 21.74
CA CYS F 380 -11.23 65.95 22.83
C CYS F 380 -9.96 66.59 22.29
N ALA F 381 -9.19 65.81 21.54
CA ALA F 381 -7.95 66.31 20.97
C ALA F 381 -8.17 67.60 20.18
N ARG F 382 -9.21 67.62 19.36
CA ARG F 382 -9.49 68.81 18.56
C ARG F 382 -9.85 70.03 19.42
N ALA F 383 -10.30 69.76 20.64
CA ALA F 383 -10.65 70.84 21.56
C ALA F 383 -9.53 71.01 22.60
N GLN F 384 -8.46 70.26 22.42
CA GLN F 384 -7.32 70.31 23.34
C GLN F 384 -7.83 70.09 24.75
N ALA F 385 -8.85 69.23 24.85
CA ALA F 385 -9.44 68.91 26.14
C ALA F 385 -9.06 67.50 26.54
N PRO F 386 -9.06 67.21 27.84
CA PRO F 386 -8.71 65.87 28.31
C PRO F 386 -9.90 64.94 28.15
N PRO F 387 -9.65 63.63 28.16
CA PRO F 387 -10.73 62.64 28.03
C PRO F 387 -11.55 62.58 29.31
N PRO F 388 -12.67 61.85 29.30
CA PRO F 388 -13.54 61.73 30.47
C PRO F 388 -12.79 61.34 31.75
N SER F 389 -11.74 60.56 31.60
CA SER F 389 -10.93 60.13 32.72
C SER F 389 -9.57 59.72 32.16
N TRP F 390 -8.70 59.19 33.01
CA TRP F 390 -7.40 58.78 32.55
C TRP F 390 -7.16 57.28 32.70
N ASP F 391 -8.21 56.49 32.47
CA ASP F 391 -8.05 55.05 32.58
C ASP F 391 -7.66 54.46 31.21
N GLN F 392 -7.31 53.18 31.21
CA GLN F 392 -6.87 52.48 30.00
C GLN F 392 -7.63 52.85 28.72
N MET F 393 -8.95 52.91 28.82
CA MET F 393 -9.81 53.23 27.69
C MET F 393 -9.38 54.46 26.88
N TRP F 394 -8.79 55.45 27.55
CA TRP F 394 -8.35 56.68 26.89
C TRP F 394 -6.83 56.85 26.76
N LYS F 395 -6.08 55.75 26.88
CA LYS F 395 -4.62 55.83 26.77
C LYS F 395 -4.12 56.50 25.50
N CYS F 396 -4.87 56.36 24.41
CA CYS F 396 -4.46 56.94 23.14
C CYS F 396 -4.30 58.45 23.18
N LEU F 397 -4.72 59.07 24.28
CA LEU F 397 -4.60 60.53 24.44
C LEU F 397 -3.55 60.95 25.46
N ILE F 398 -3.05 59.99 26.26
CA ILE F 398 -2.05 60.29 27.28
C ILE F 398 -0.90 61.08 26.67
N ARG F 399 -0.58 60.74 25.43
CA ARG F 399 0.49 61.38 24.68
C ARG F 399 0.30 62.90 24.49
N LEU F 400 -0.93 63.40 24.69
CA LEU F 400 -1.18 64.83 24.52
C LEU F 400 -1.42 65.52 25.86
N LYS F 401 -1.45 64.72 26.92
CA LYS F 401 -1.69 65.21 28.27
C LYS F 401 -1.16 66.63 28.57
N PRO F 402 0.11 66.92 28.23
CA PRO F 402 0.69 68.24 28.49
C PRO F 402 -0.03 69.42 27.82
N THR F 403 -0.72 69.15 26.71
CA THR F 403 -1.43 70.20 25.98
C THR F 403 -2.91 70.27 26.29
N LEU F 404 -3.50 69.12 26.62
CA LEU F 404 -4.93 69.06 26.92
C LEU F 404 -5.23 69.79 28.22
N HIS F 405 -6.34 70.53 28.24
CA HIS F 405 -6.74 71.27 29.43
C HIS F 405 -8.20 71.68 29.33
N GLY F 406 -8.81 71.96 30.48
CA GLY F 406 -10.19 72.38 30.52
C GLY F 406 -11.18 71.26 30.73
N PRO F 407 -12.48 71.53 30.52
CA PRO F 407 -13.49 70.49 30.71
C PRO F 407 -13.54 69.53 29.52
N THR F 408 -14.11 68.35 29.73
CA THR F 408 -14.23 67.37 28.67
C THR F 408 -15.52 67.56 27.91
N PRO F 409 -15.44 67.56 26.57
CA PRO F 409 -16.63 67.74 25.73
C PRO F 409 -17.30 66.37 25.68
N LEU F 410 -18.00 66.01 26.76
CA LEU F 410 -18.64 64.70 26.85
C LEU F 410 -19.71 64.48 25.78
N LEU F 411 -19.51 63.45 24.95
CA LEU F 411 -20.47 63.14 23.89
C LEU F 411 -21.53 62.18 24.36
N TYR F 412 -21.12 61.30 25.26
CA TYR F 412 -21.96 60.27 25.84
C TYR F 412 -21.10 59.62 26.92
N ARG F 413 -21.67 58.71 27.70
CA ARG F 413 -20.93 58.06 28.77
C ARG F 413 -20.64 56.62 28.44
N LEU F 414 -19.36 56.30 28.35
CA LEU F 414 -18.91 54.95 28.01
C LEU F 414 -18.28 54.30 29.23
N GLY F 415 -18.12 55.11 30.27
CA GLY F 415 -17.54 54.62 31.50
C GLY F 415 -17.55 55.71 32.54
N ALA F 416 -16.69 55.59 33.53
CA ALA F 416 -16.60 56.57 34.60
C ALA F 416 -16.06 57.89 34.09
N VAL F 417 -16.62 58.98 34.60
CA VAL F 417 -16.16 60.30 34.20
C VAL F 417 -15.63 61.00 35.45
N GLN F 418 -14.35 61.36 35.41
CA GLN F 418 -13.73 61.98 36.56
C GLN F 418 -13.44 63.46 36.38
N ASN F 419 -13.07 63.85 35.15
CA ASN F 419 -12.75 65.23 34.86
C ASN F 419 -14.01 66.11 34.74
N GLU F 420 -13.85 67.44 34.80
CA GLU F 420 -15.00 68.34 34.66
C GLU F 420 -15.56 68.11 33.26
N VAL F 421 -16.84 68.41 33.12
CA VAL F 421 -17.53 68.21 31.85
C VAL F 421 -18.30 69.39 31.28
N THR F 422 -18.23 69.55 29.97
CA THR F 422 -18.94 70.60 29.26
C THR F 422 -19.86 69.86 28.29
N THR F 423 -21.10 70.31 28.18
CA THR F 423 -22.10 69.67 27.30
C THR F 423 -22.49 70.56 26.11
N THR F 424 -21.64 71.50 25.74
CA THR F 424 -21.95 72.42 24.65
C THR F 424 -21.37 72.09 23.26
N HIS F 425 -20.63 70.98 23.15
CA HIS F 425 -20.05 70.61 21.86
C HIS F 425 -21.15 70.28 20.83
N PRO F 426 -20.99 70.77 19.59
CA PRO F 426 -21.95 70.56 18.49
C PRO F 426 -22.45 69.13 18.42
N ILE F 427 -21.53 68.17 18.47
CA ILE F 427 -21.94 66.80 18.40
C ILE F 427 -22.83 66.44 19.58
N THR F 428 -22.48 66.87 20.78
CA THR F 428 -23.32 66.59 21.95
C THR F 428 -24.73 67.13 21.74
N LYS F 429 -24.82 68.39 21.30
CA LYS F 429 -26.12 69.02 21.05
C LYS F 429 -26.85 68.23 19.97
N TYR F 430 -26.12 67.76 18.96
CA TYR F 430 -26.74 66.99 17.90
C TYR F 430 -27.31 65.66 18.42
N ILE F 431 -26.55 64.97 19.27
CA ILE F 431 -27.03 63.71 19.84
C ILE F 431 -28.28 63.97 20.69
N MET F 432 -28.24 65.00 21.53
CA MET F 432 -29.40 65.29 22.37
C MET F 432 -30.63 65.50 21.52
N ALA F 433 -30.47 66.22 20.42
CA ALA F 433 -31.57 66.51 19.51
C ALA F 433 -32.06 65.23 18.85
N CYS F 434 -31.16 64.27 18.59
CA CYS F 434 -31.60 63.01 17.99
C CYS F 434 -32.49 62.27 18.97
N MET F 435 -32.30 62.54 20.26
CA MET F 435 -33.06 61.88 21.32
C MET F 435 -34.39 62.56 21.66
N SER F 436 -34.41 63.89 21.53
CA SER F 436 -35.59 64.68 21.83
C SER F 436 -36.75 64.33 20.88
N ALA F 437 -36.40 63.90 19.67
CA ALA F 437 -37.41 63.52 18.68
C ALA F 437 -36.76 62.92 17.42
#